data_4QWT
#
_entry.id   4QWT
#
_cell.length_a   104.030
_cell.length_b   170.670
_cell.length_c   104.720
_cell.angle_alpha   90.00
_cell.angle_beta   95.36
_cell.angle_gamma   90.00
#
_symmetry.space_group_name_H-M   'P 1 21 1'
#
loop_
_entity.id
_entity.type
_entity.pdbx_description
1 polymer 'Allene oxide synthase-lipoxygenase protein'
2 non-polymer 'FE (II) ION'
3 non-polymer 'CALCIUM ION'
4 non-polymer 'ACETATE ION'
5 non-polymer GLYCEROL
6 non-polymer 'CHLORIDE ION'
7 non-polymer 'ARACHIDONIC ACID'
8 water water
#
_entity_poly.entity_id   1
_entity_poly.type   'polypeptide(L)'
_entity_poly.pdbx_seq_one_letter_code
;MHHHHHAIYNVEVETGDREHAGTDATITIRITGAKGRTDYLKLDKGSFEAGSKEQYTVQGFDVGDIQLIELHSDGGGYWS
GDPDWFVNRVIIISSTQDRVYSFPCFRWVIKDMVLFPGEATLPFNEVPAIVSEQRQKELEQRKLTYQWDYVSDDMPGNIK
AKTHDDLPRDVQFTDEKSRSYQESRKAALVNLGIGSLFTMFENWDSYDDYHILYRNWILGGTPNMADRWHEDRWFGYQFL
NGANPVILTRCDALPSNFPVTNEHVNASLDRGKNLDEEIKDGHIYIVDFKVLVGAKSYGGPVLEDIGYKVPDHLKHDEAD
IRYCAAPLALFYVNKLGHLMPIAIQINQEPGPENPIWTPHEENEHDWMMAKFWLGVAESNFHQLNTHLLRTHLTTESFAL
STWRNLASAHPIFKLLQPHIYGVLAIDTIGRKELIGSGGIVDQSLSLGGGGHVTFMEKCFKEVNLQDYHLPNALKKRGVD
DPSKLPGFYYRDDGLALWEAIETFIGEIIAIFYKNDDDVKRDNEIQSWIYDVHKNGWRVNPGHQDHGVPASFESREQLKE
VLTSLVFTFSCQHAAVNFSQKDHYGFTPNAPAILRHPPPKKKGEATLQSILSTLPSKSQAAKAIATVYILTKFSEDERYL
GNYSATAWEDKDALDAINRFQDKLEDISKKIKQRNENLEVPYIYLLPERIPNGTAI
;
_entity_poly.pdbx_strand_id   A,B,C,D
#
# COMPACT_ATOMS: atom_id res chain seq x y z
N HIS A 6 54.60 47.57 -12.36
CA HIS A 6 53.57 46.56 -12.13
C HIS A 6 52.24 46.94 -12.75
N ALA A 7 51.26 46.05 -12.60
CA ALA A 7 49.89 46.30 -12.99
C ALA A 7 48.96 45.87 -11.87
N ILE A 8 47.81 46.51 -11.79
CA ILE A 8 46.77 46.04 -10.90
C ILE A 8 45.70 45.35 -11.74
N TYR A 9 45.28 44.16 -11.33
CA TYR A 9 44.28 43.44 -12.09
C TYR A 9 43.00 43.30 -11.27
N ASN A 10 41.91 43.80 -11.80
CA ASN A 10 40.60 43.60 -11.18
C ASN A 10 40.01 42.34 -11.78
N VAL A 11 39.77 41.35 -10.92
CA VAL A 11 39.32 40.06 -11.41
C VAL A 11 37.93 39.77 -10.89
N GLU A 12 36.99 39.50 -11.79
CA GLU A 12 35.66 39.10 -11.37
C GLU A 12 35.31 37.72 -11.91
N VAL A 13 34.91 36.83 -11.02
CA VAL A 13 34.61 35.46 -11.39
C VAL A 13 33.12 35.19 -11.16
N GLU A 14 32.45 34.67 -12.19
CA GLU A 14 31.05 34.29 -12.03
CA GLU A 14 31.05 34.30 -12.07
C GLU A 14 30.93 32.77 -11.95
N THR A 15 30.45 32.29 -10.81
CA THR A 15 30.29 30.85 -10.60
C THR A 15 28.89 30.45 -11.04
N GLY A 16 28.76 29.32 -11.75
CA GLY A 16 27.45 28.86 -12.18
C GLY A 16 26.47 28.63 -11.04
N ASP A 17 25.17 28.72 -11.32
CA ASP A 17 24.12 28.55 -10.31
C ASP A 17 23.76 27.11 -10.00
N ARG A 18 24.21 26.17 -10.83
CA ARG A 18 23.83 24.77 -10.64
C ARG A 18 24.37 24.24 -9.32
N GLU A 19 23.72 23.19 -8.81
CA GLU A 19 24.11 22.61 -7.53
C GLU A 19 25.55 22.13 -7.56
N HIS A 20 26.25 22.39 -6.46
CA HIS A 20 27.68 22.02 -6.25
C HIS A 20 28.63 22.77 -7.17
N ALA A 21 28.14 23.80 -7.84
CA ALA A 21 29.01 24.61 -8.68
C ALA A 21 30.09 25.33 -7.87
N GLY A 22 29.82 25.57 -6.59
CA GLY A 22 30.72 26.33 -5.73
C GLY A 22 31.94 25.55 -5.33
N THR A 23 32.89 26.21 -4.67
CA THR A 23 34.06 25.49 -4.17
C THR A 23 34.64 26.16 -2.93
N ASP A 24 35.32 25.39 -2.09
CA ASP A 24 36.13 26.01 -1.03
C ASP A 24 37.59 25.65 -1.22
N ALA A 25 37.94 25.14 -2.39
CA ALA A 25 39.35 24.90 -2.70
C ALA A 25 40.06 26.24 -2.70
N THR A 26 41.38 26.22 -2.54
CA THR A 26 42.14 27.46 -2.68
C THR A 26 42.34 27.71 -4.16
N ILE A 27 41.96 28.89 -4.61
CA ILE A 27 42.02 29.22 -6.03
C ILE A 27 43.08 30.27 -6.30
N THR A 28 43.87 30.03 -7.35
CA THR A 28 44.84 31.01 -7.81
C THR A 28 44.65 31.24 -9.30
N ILE A 29 45.14 32.38 -9.78
CA ILE A 29 45.04 32.71 -11.20
C ILE A 29 46.38 33.21 -11.71
N ARG A 30 46.80 32.70 -12.86
CA ARG A 30 48.02 33.17 -13.49
C ARG A 30 47.61 33.87 -14.76
N ILE A 31 48.10 35.09 -14.95
CA ILE A 31 47.72 35.89 -16.11
C ILE A 31 48.87 36.01 -17.10
N THR A 32 48.63 35.68 -18.36
CA THR A 32 49.66 35.73 -19.38
C THR A 32 49.32 36.78 -20.44
N GLY A 33 50.33 37.53 -20.86
CA GLY A 33 50.14 38.53 -21.89
C GLY A 33 51.35 38.69 -22.78
N ALA A 34 51.31 39.71 -23.64
CA ALA A 34 52.37 39.94 -24.61
C ALA A 34 53.75 40.16 -23.98
N LYS A 35 53.79 40.74 -22.78
CA LYS A 35 55.08 41.10 -22.19
C LYS A 35 55.67 40.03 -21.25
N GLY A 36 54.86 39.04 -20.89
CA GLY A 36 55.32 38.01 -19.96
C GLY A 36 54.13 37.44 -19.23
N ARG A 37 54.33 36.96 -18.01
CA ARG A 37 53.19 36.49 -17.24
C ARG A 37 53.43 36.66 -15.74
N THR A 38 52.32 36.74 -15.01
CA THR A 38 52.38 36.88 -13.57
C THR A 38 52.70 35.52 -12.98
N ASP A 39 52.94 35.47 -11.68
CA ASP A 39 52.92 34.20 -10.94
C ASP A 39 51.47 33.83 -10.70
N TYR A 40 51.22 32.68 -10.08
CA TYR A 40 49.85 32.38 -9.62
C TYR A 40 49.46 33.32 -8.47
N LEU A 41 48.40 34.09 -8.68
CA LEU A 41 47.94 35.05 -7.68
C LEU A 41 46.69 34.53 -6.98
N LYS A 42 46.67 34.67 -5.66
CA LYS A 42 45.58 34.16 -4.84
C LYS A 42 44.26 34.90 -5.04
N LEU A 43 43.18 34.14 -5.15
CA LEU A 43 41.83 34.69 -5.02
C LEU A 43 41.25 34.10 -3.74
N ASP A 44 41.59 34.71 -2.60
CA ASP A 44 41.43 34.05 -1.30
C ASP A 44 40.28 34.58 -0.44
N LYS A 45 40.08 35.89 -0.48
CA LYS A 45 39.09 36.54 0.38
C LYS A 45 37.65 36.18 -0.01
N GLY A 46 36.92 35.54 0.89
CA GLY A 46 35.51 35.27 0.68
C GLY A 46 35.24 33.93 0.01
N SER A 47 33.97 33.58 -0.10
CA SER A 47 33.55 32.29 -0.64
CA SER A 47 33.58 32.28 -0.65
C SER A 47 33.30 32.33 -2.15
N PHE A 48 33.23 31.15 -2.75
CA PHE A 48 32.78 30.93 -4.11
C PHE A 48 31.52 30.07 -4.05
N GLU A 49 30.37 30.67 -3.73
CA GLU A 49 29.11 29.94 -3.73
C GLU A 49 28.54 29.85 -5.14
N ALA A 50 27.65 28.89 -5.35
CA ALA A 50 26.95 28.76 -6.63
C ALA A 50 26.20 30.05 -6.95
N GLY A 51 26.26 30.49 -8.21
CA GLY A 51 25.58 31.72 -8.63
C GLY A 51 26.24 33.03 -8.21
N SER A 52 27.35 32.96 -7.49
CA SER A 52 27.98 34.18 -6.99
C SER A 52 28.78 34.91 -8.06
N LYS A 53 28.91 36.22 -7.92
CA LYS A 53 29.83 37.01 -8.72
C LYS A 53 30.82 37.68 -7.79
N GLU A 54 32.07 37.21 -7.79
CA GLU A 54 33.01 37.63 -6.77
C GLU A 54 34.16 38.45 -7.36
N GLN A 55 34.57 39.51 -6.65
CA GLN A 55 35.60 40.42 -7.13
C GLN A 55 36.89 40.33 -6.32
N TYR A 56 38.01 40.49 -7.01
CA TYR A 56 39.34 40.40 -6.41
C TYR A 56 40.20 41.47 -7.03
N THR A 57 41.16 41.97 -6.27
CA THR A 57 42.14 42.91 -6.80
C THR A 57 43.52 42.34 -6.52
N VAL A 58 44.25 42.01 -7.58
CA VAL A 58 45.57 41.45 -7.39
C VAL A 58 46.58 42.23 -8.21
N GLN A 59 47.82 42.20 -7.74
CA GLN A 59 48.89 42.98 -8.35
C GLN A 59 50.02 42.05 -8.75
N GLY A 60 50.64 42.33 -9.87
CA GLY A 60 51.80 41.57 -10.29
C GLY A 60 52.45 42.22 -11.48
N PHE A 61 53.37 41.50 -12.09
CA PHE A 61 54.00 41.91 -13.34
C PHE A 61 52.96 42.41 -14.35
N ASP A 62 53.25 43.53 -14.99
CA ASP A 62 52.41 44.04 -16.05
C ASP A 62 52.63 43.25 -17.33
N VAL A 63 51.69 42.38 -17.68
CA VAL A 63 51.84 41.53 -18.87
C VAL A 63 51.45 42.25 -20.16
N GLY A 64 51.10 43.53 -20.07
CA GLY A 64 50.62 44.23 -21.26
C GLY A 64 49.28 43.67 -21.71
N ASP A 65 49.08 43.54 -23.02
CA ASP A 65 47.84 43.00 -23.56
C ASP A 65 47.65 41.55 -23.09
N ILE A 66 46.57 41.28 -22.36
CA ILE A 66 46.34 39.94 -21.81
C ILE A 66 45.93 38.96 -22.90
N GLN A 67 46.59 37.79 -22.93
CA GLN A 67 46.35 36.83 -24.00
C GLN A 67 45.65 35.55 -23.53
N LEU A 68 45.94 35.11 -22.31
CA LEU A 68 45.22 33.99 -21.72
C LEU A 68 45.35 34.03 -20.22
N ILE A 69 44.50 33.27 -19.54
CA ILE A 69 44.64 33.08 -18.11
C ILE A 69 44.58 31.60 -17.74
N GLU A 70 45.12 31.29 -16.57
CA GLU A 70 45.07 29.94 -16.05
C GLU A 70 44.54 29.97 -14.62
N LEU A 71 43.46 29.26 -14.39
CA LEU A 71 42.94 29.06 -13.05
C LEU A 71 43.53 27.79 -12.49
N HIS A 72 43.95 27.82 -11.24
CA HIS A 72 44.38 26.60 -10.55
C HIS A 72 43.62 26.42 -9.24
N SER A 73 43.16 25.20 -9.00
CA SER A 73 42.51 24.83 -7.75
C SER A 73 43.36 23.81 -6.99
N ASP A 74 43.53 23.97 -5.68
CA ASP A 74 44.32 23.00 -4.94
C ASP A 74 43.49 21.75 -4.61
N GLY A 75 42.26 21.72 -5.10
CA GLY A 75 41.40 20.55 -4.95
C GLY A 75 40.88 20.35 -3.53
N GLY A 76 40.90 21.41 -2.74
CA GLY A 76 40.29 21.37 -1.42
C GLY A 76 41.18 20.73 -0.37
N GLY A 77 40.78 20.85 0.89
CA GLY A 77 41.48 20.25 1.99
C GLY A 77 40.70 19.07 2.56
N TYR A 78 41.02 18.69 3.80
CA TYR A 78 40.43 17.52 4.44
C TYR A 78 38.90 17.59 4.51
N TRP A 79 38.37 18.77 4.76
CA TRP A 79 36.93 18.93 4.97
C TRP A 79 36.15 19.32 3.73
N SER A 80 36.80 19.37 2.57
CA SER A 80 36.13 19.80 1.35
C SER A 80 35.25 18.70 0.79
N GLY A 81 33.95 18.98 0.67
CA GLY A 81 32.99 18.01 0.17
C GLY A 81 32.97 17.87 -1.35
N ASP A 82 33.00 18.99 -2.06
CA ASP A 82 32.99 18.96 -3.53
C ASP A 82 33.82 20.11 -4.08
N PRO A 83 35.15 19.92 -4.14
CA PRO A 83 36.12 20.91 -4.63
C PRO A 83 35.84 21.39 -6.06
N ASP A 84 35.36 20.50 -6.93
CA ASP A 84 35.09 20.88 -8.32
C ASP A 84 34.23 22.14 -8.42
N TRP A 85 34.54 22.98 -9.40
CA TRP A 85 34.08 24.35 -9.43
C TRP A 85 33.54 24.67 -10.82
N PHE A 86 32.27 25.05 -10.93
CA PHE A 86 31.73 25.34 -12.25
C PHE A 86 31.74 26.83 -12.50
N VAL A 87 32.60 27.26 -13.42
CA VAL A 87 32.79 28.67 -13.66
C VAL A 87 32.07 29.10 -14.93
N ASN A 88 31.18 30.08 -14.82
CA ASN A 88 30.56 30.64 -16.01
C ASN A 88 31.57 31.46 -16.81
N ARG A 89 32.17 32.46 -16.17
CA ARG A 89 33.17 33.28 -16.84
C ARG A 89 34.02 34.09 -15.88
N VAL A 90 35.14 34.58 -16.41
CA VAL A 90 36.03 35.49 -15.69
C VAL A 90 36.12 36.79 -16.46
N ILE A 91 36.08 37.90 -15.74
CA ILE A 91 36.24 39.21 -16.35
C ILE A 91 37.44 39.89 -15.70
N ILE A 92 38.34 40.40 -16.52
CA ILE A 92 39.52 41.05 -15.99
C ILE A 92 39.74 42.41 -16.59
N ILE A 93 40.09 43.37 -15.74
CA ILE A 93 40.55 44.68 -16.18
C ILE A 93 41.98 44.92 -15.68
N SER A 94 42.89 45.22 -16.60
CA SER A 94 44.25 45.57 -16.24
C SER A 94 44.38 47.09 -16.16
N SER A 95 45.06 47.57 -15.13
CA SER A 95 45.28 48.99 -14.94
C SER A 95 46.10 49.62 -16.09
N THR A 96 46.73 48.79 -16.91
CA THR A 96 47.57 49.32 -17.97
C THR A 96 46.97 49.14 -19.36
N GLN A 97 45.77 48.54 -19.43
CA GLN A 97 45.13 48.30 -20.72
C GLN A 97 43.74 48.93 -20.78
N ASP A 98 43.44 49.60 -21.88
CA ASP A 98 42.15 50.27 -22.05
C ASP A 98 41.13 49.33 -22.70
N ARG A 99 40.66 48.37 -21.93
CA ARG A 99 39.91 47.23 -22.47
C ARG A 99 39.38 46.34 -21.35
N VAL A 100 38.23 45.71 -21.60
CA VAL A 100 37.70 44.74 -20.67
C VAL A 100 37.89 43.35 -21.27
N TYR A 101 38.60 42.48 -20.56
CA TYR A 101 38.82 41.13 -21.07
C TYR A 101 37.79 40.18 -20.49
N SER A 102 37.10 39.47 -21.38
CA SER A 102 36.03 38.55 -20.97
C SER A 102 36.36 37.11 -21.39
N PHE A 103 36.36 36.20 -20.42
CA PHE A 103 36.77 34.81 -20.63
C PHE A 103 35.65 33.84 -20.33
N PRO A 104 34.87 33.47 -21.36
CA PRO A 104 33.78 32.51 -21.12
C PRO A 104 34.33 31.13 -20.78
N CYS A 105 33.67 30.43 -19.86
CA CYS A 105 34.09 29.07 -19.53
C CYS A 105 32.93 28.07 -19.69
N PHE A 106 31.98 28.13 -18.76
CA PHE A 106 30.84 27.22 -18.70
C PHE A 106 31.26 25.75 -18.74
N ARG A 107 32.28 25.44 -17.95
CA ARG A 107 32.79 24.09 -17.80
C ARG A 107 33.26 23.90 -16.37
N TRP A 108 33.42 22.65 -15.96
CA TRP A 108 33.89 22.36 -14.61
C TRP A 108 35.39 22.57 -14.42
N VAL A 109 35.77 23.25 -13.34
CA VAL A 109 37.18 23.40 -13.01
C VAL A 109 37.56 22.37 -11.97
N ILE A 110 38.47 21.49 -12.34
CA ILE A 110 38.91 20.42 -11.46
C ILE A 110 40.21 20.82 -10.76
N LYS A 111 41.30 20.84 -11.51
CA LYS A 111 42.58 21.29 -10.96
C LYS A 111 43.07 22.53 -11.70
N ASP A 112 43.06 22.45 -13.03
CA ASP A 112 43.62 23.50 -13.88
C ASP A 112 42.67 23.84 -15.00
N MET A 113 42.55 25.12 -15.33
CA MET A 113 41.70 25.52 -16.46
C MET A 113 42.35 26.68 -17.19
N VAL A 114 42.58 26.50 -18.49
CA VAL A 114 43.08 27.57 -19.34
C VAL A 114 41.91 28.26 -20.08
N LEU A 115 41.84 29.59 -20.02
CA LEU A 115 40.80 30.33 -20.73
C LEU A 115 41.37 31.42 -21.65
N PHE A 116 40.71 31.62 -22.80
CA PHE A 116 41.06 32.69 -23.74
C PHE A 116 40.03 33.82 -23.69
N PRO A 117 40.47 35.07 -23.90
CA PRO A 117 39.54 36.21 -23.91
C PRO A 117 38.86 36.42 -25.27
N GLY A 118 37.64 36.93 -25.26
CA GLY A 118 37.03 37.38 -26.50
C GLY A 118 36.30 36.33 -27.33
N GLU A 119 36.19 36.59 -28.63
CA GLU A 119 35.32 35.81 -29.51
C GLU A 119 35.90 34.44 -29.85
N ALA A 120 35.01 33.51 -30.15
CA ALA A 120 35.38 32.22 -30.68
C ALA A 120 36.26 32.36 -31.93
N THR A 121 37.09 31.37 -32.18
CA THR A 121 37.95 31.40 -33.36
C THR A 121 38.06 30.02 -34.02
N LEU A 122 38.34 30.03 -35.32
CA LEU A 122 38.70 28.83 -36.04
C LEU A 122 40.18 28.63 -35.75
N PRO A 123 40.69 27.40 -35.87
CA PRO A 123 42.08 27.11 -35.49
C PRO A 123 43.14 27.90 -36.29
N PHE A 124 42.83 28.31 -37.52
CA PHE A 124 43.78 29.06 -38.34
C PHE A 124 43.62 30.59 -38.20
N ASN A 125 42.60 31.07 -37.49
CA ASN A 125 42.49 32.51 -37.26
C ASN A 125 43.72 32.98 -36.48
N GLU A 126 44.18 34.20 -36.75
CA GLU A 126 45.46 34.63 -36.19
C GLU A 126 45.31 34.95 -34.70
N VAL A 127 46.08 34.23 -33.88
CA VAL A 127 46.13 34.42 -32.43
C VAL A 127 47.60 34.29 -31.99
N PRO A 128 47.94 34.76 -30.77
CA PRO A 128 49.30 34.54 -30.25
C PRO A 128 49.67 33.06 -30.25
N ALA A 129 50.94 32.77 -30.49
CA ALA A 129 51.42 31.39 -30.57
C ALA A 129 51.12 30.59 -29.31
N ILE A 130 51.15 31.27 -28.16
CA ILE A 130 50.92 30.58 -26.91
C ILE A 130 49.44 30.13 -26.81
N VAL A 131 48.54 30.89 -27.45
CA VAL A 131 47.13 30.52 -27.50
C VAL A 131 46.95 29.28 -28.38
N SER A 132 47.57 29.25 -29.56
CA SER A 132 47.49 28.06 -30.41
C SER A 132 48.07 26.83 -29.72
N GLU A 133 49.19 26.99 -29.03
CA GLU A 133 49.79 25.85 -28.31
C GLU A 133 48.84 25.28 -27.28
N GLN A 134 48.21 26.15 -26.51
CA GLN A 134 47.30 25.70 -25.47
C GLN A 134 46.06 25.06 -26.08
N ARG A 135 45.66 25.57 -27.24
CA ARG A 135 44.50 25.02 -27.93
C ARG A 135 44.79 23.59 -28.35
N GLN A 136 45.96 23.39 -28.93
CA GLN A 136 46.42 22.06 -29.31
C GLN A 136 46.50 21.16 -28.08
N LYS A 137 47.04 21.68 -26.99
CA LYS A 137 47.12 20.88 -25.78
C LYS A 137 45.74 20.49 -25.27
N GLU A 138 44.77 21.40 -25.35
CA GLU A 138 43.41 21.06 -24.94
C GLU A 138 42.91 19.86 -25.72
N LEU A 139 43.05 19.92 -27.05
CA LEU A 139 42.54 18.84 -27.89
C LEU A 139 43.25 17.51 -27.65
N GLU A 140 44.55 17.54 -27.38
CA GLU A 140 45.28 16.32 -27.04
C GLU A 140 44.69 15.67 -25.80
N GLN A 141 44.41 16.50 -24.80
CA GLN A 141 43.82 16.01 -23.56
CA GLN A 141 43.82 16.02 -23.56
C GLN A 141 42.41 15.47 -23.78
N ARG A 142 41.65 16.10 -24.69
CA ARG A 142 40.28 15.64 -24.97
C ARG A 142 40.30 14.19 -25.47
N LYS A 143 41.28 13.90 -26.32
CA LYS A 143 41.42 12.56 -26.91
C LYS A 143 41.65 11.49 -25.86
N LEU A 144 42.27 11.87 -24.76
CA LEU A 144 42.53 10.93 -23.68
C LEU A 144 41.28 10.73 -22.84
N THR A 145 40.55 11.82 -22.61
CA THR A 145 39.37 11.79 -21.75
C THR A 145 38.15 11.19 -22.46
N TYR A 146 37.99 11.51 -23.74
CA TYR A 146 36.80 11.12 -24.49
C TYR A 146 37.15 10.06 -25.53
N GLN A 147 36.80 8.81 -25.25
CA GLN A 147 37.23 7.69 -26.07
C GLN A 147 36.05 6.89 -26.63
N TRP A 148 36.24 6.37 -27.84
CA TRP A 148 35.22 5.53 -28.48
C TRP A 148 35.07 4.21 -27.74
N ASP A 149 33.85 3.68 -27.72
CA ASP A 149 33.57 2.30 -27.37
C ASP A 149 32.36 1.85 -28.16
N TYR A 150 32.09 0.54 -28.16
CA TYR A 150 31.04 -0.01 -29.00
C TYR A 150 30.28 -1.16 -28.33
N VAL A 151 28.97 -1.16 -28.49
CA VAL A 151 28.18 -2.32 -28.06
C VAL A 151 28.52 -3.53 -28.94
N SER A 152 28.74 -3.28 -30.23
CA SER A 152 29.10 -4.34 -31.18
C SER A 152 29.57 -3.70 -32.48
N ASP A 153 29.96 -4.54 -33.45
CA ASP A 153 30.37 -4.06 -34.76
C ASP A 153 29.24 -3.36 -35.51
N ASP A 154 28.02 -3.66 -35.10
CA ASP A 154 26.83 -3.18 -35.81
C ASP A 154 26.07 -2.08 -35.06
N MET A 155 26.75 -1.40 -34.14
CA MET A 155 26.13 -0.30 -33.40
C MET A 155 26.99 0.97 -33.52
N PRO A 156 26.34 2.14 -33.49
CA PRO A 156 27.09 3.39 -33.59
C PRO A 156 27.98 3.57 -32.38
N GLY A 157 29.14 4.20 -32.56
CA GLY A 157 30.08 4.38 -31.45
C GLY A 157 29.47 5.17 -30.31
N ASN A 158 29.85 4.82 -29.09
CA ASN A 158 29.42 5.53 -27.89
C ASN A 158 30.62 5.92 -27.04
N ILE A 159 30.38 6.66 -25.96
CA ILE A 159 31.48 7.04 -25.07
C ILE A 159 31.91 5.87 -24.18
N LYS A 160 33.23 5.69 -24.07
CA LYS A 160 33.75 4.69 -23.17
C LYS A 160 33.57 5.16 -21.72
N ALA A 161 32.73 4.45 -20.97
CA ALA A 161 32.44 4.75 -19.57
C ALA A 161 31.64 3.61 -18.95
N LYS A 162 32.09 3.06 -17.83
CA LYS A 162 31.39 1.94 -17.21
C LYS A 162 30.08 2.40 -16.55
N THR A 163 30.16 3.46 -15.76
CA THR A 163 28.98 4.06 -15.14
C THR A 163 28.93 5.55 -15.36
N HIS A 164 27.80 6.14 -14.99
CA HIS A 164 27.61 7.58 -15.11
C HIS A 164 28.71 8.34 -14.40
N ASP A 165 29.06 7.91 -13.20
CA ASP A 165 30.03 8.66 -12.41
C ASP A 165 31.47 8.47 -12.94
N ASP A 166 31.65 7.57 -13.91
CA ASP A 166 32.93 7.47 -14.61
C ASP A 166 33.04 8.52 -15.72
N LEU A 167 31.93 9.16 -16.06
CA LEU A 167 31.96 10.17 -17.11
C LEU A 167 32.70 11.41 -16.62
N PRO A 168 33.35 12.13 -17.54
CA PRO A 168 33.86 13.46 -17.21
C PRO A 168 32.71 14.32 -16.70
N ARG A 169 32.98 15.19 -15.74
CA ARG A 169 31.88 15.90 -15.12
C ARG A 169 31.17 16.79 -16.12
N ASP A 170 31.90 17.26 -17.14
CA ASP A 170 31.29 18.15 -18.15
C ASP A 170 30.14 17.49 -18.92
N VAL A 171 30.10 16.16 -18.93
CA VAL A 171 29.06 15.46 -19.69
C VAL A 171 28.16 14.59 -18.80
N GLN A 172 28.30 14.74 -17.49
CA GLN A 172 27.38 14.11 -16.54
C GLN A 172 26.11 14.93 -16.49
N PHE A 173 25.02 14.33 -16.01
CA PHE A 173 23.83 15.10 -15.61
C PHE A 173 24.24 16.19 -14.62
N THR A 174 23.57 17.33 -14.65
CA THR A 174 23.58 18.21 -13.48
C THR A 174 23.03 17.44 -12.27
N ASP A 175 23.35 17.89 -11.07
CA ASP A 175 22.81 17.21 -9.90
C ASP A 175 21.28 17.33 -9.86
N GLU A 176 20.77 18.43 -10.39
CA GLU A 176 19.32 18.60 -10.51
C GLU A 176 18.71 17.50 -11.38
N LYS A 177 19.33 17.19 -12.51
CA LYS A 177 18.83 16.16 -13.41
CA LYS A 177 18.78 16.17 -13.38
C LYS A 177 19.01 14.77 -12.82
N SER A 178 20.15 14.56 -12.15
CA SER A 178 20.36 13.28 -11.47
C SER A 178 19.24 13.04 -10.46
N ARG A 179 18.86 14.10 -9.74
CA ARG A 179 17.80 13.99 -8.73
C ARG A 179 16.43 13.77 -9.38
N SER A 180 16.13 14.55 -10.42
CA SER A 180 14.91 14.38 -11.20
C SER A 180 14.75 12.92 -11.64
N TYR A 181 15.83 12.36 -12.17
CA TYR A 181 15.85 10.98 -12.63
C TYR A 181 15.67 9.99 -11.49
N GLN A 182 16.53 10.07 -10.48
CA GLN A 182 16.50 9.11 -9.37
C GLN A 182 15.17 9.18 -8.63
N GLU A 183 14.66 10.39 -8.40
CA GLU A 183 13.38 10.52 -7.71
C GLU A 183 12.24 9.96 -8.55
N SER A 184 12.40 10.01 -9.87
CA SER A 184 11.34 9.51 -10.75
C SER A 184 11.31 7.99 -10.68
N ARG A 185 12.49 7.37 -10.53
CA ARG A 185 12.58 5.93 -10.37
CA ARG A 185 12.53 5.93 -10.40
C ARG A 185 11.92 5.48 -9.08
N LYS A 186 12.15 6.24 -8.01
CA LYS A 186 11.56 5.93 -6.70
C LYS A 186 10.03 6.05 -6.73
N ALA A 187 9.55 7.17 -7.27
CA ALA A 187 8.12 7.42 -7.40
C ALA A 187 7.45 6.31 -8.21
N ALA A 188 8.12 5.89 -9.28
CA ALA A 188 7.59 4.83 -10.12
C ALA A 188 7.39 3.56 -9.30
N LEU A 189 8.41 3.21 -8.51
CA LEU A 189 8.37 2.03 -7.68
C LEU A 189 7.22 2.11 -6.68
N VAL A 190 7.02 3.29 -6.11
CA VAL A 190 5.96 3.49 -5.14
C VAL A 190 4.59 3.40 -5.83
N ASN A 191 4.43 4.07 -6.97
CA ASN A 191 3.15 4.05 -7.69
C ASN A 191 2.82 2.65 -8.16
N LEU A 192 3.83 1.89 -8.59
CA LEU A 192 3.63 0.51 -8.99
C LEU A 192 3.19 -0.36 -7.81
N GLY A 193 3.84 -0.18 -6.66
CA GLY A 193 3.50 -0.93 -5.47
C GLY A 193 2.09 -0.64 -4.99
N ILE A 194 1.71 0.64 -4.99
CA ILE A 194 0.40 1.06 -4.53
C ILE A 194 -0.66 0.58 -5.50
N GLY A 195 -0.41 0.76 -6.78
CA GLY A 195 -1.30 0.25 -7.81
C GLY A 195 -1.43 -1.27 -7.76
N SER A 196 -0.32 -1.96 -7.51
CA SER A 196 -0.37 -3.42 -7.38
C SER A 196 -1.30 -3.87 -6.26
N LEU A 197 -1.22 -3.20 -5.11
CA LEU A 197 -2.12 -3.49 -3.99
C LEU A 197 -3.57 -3.23 -4.38
N PHE A 198 -3.81 -2.09 -5.02
CA PHE A 198 -5.17 -1.68 -5.33
C PHE A 198 -5.87 -2.64 -6.28
N THR A 199 -5.12 -3.16 -7.26
CA THR A 199 -5.72 -3.96 -8.33
C THR A 199 -5.41 -5.44 -8.21
N MET A 200 -4.87 -5.82 -7.05
CA MET A 200 -4.29 -7.15 -6.85
C MET A 200 -5.23 -8.31 -7.19
N PHE A 201 -6.49 -8.18 -6.84
CA PHE A 201 -7.45 -9.26 -7.08
C PHE A 201 -8.51 -8.89 -8.11
N GLU A 202 -8.19 -7.94 -9.00
CA GLU A 202 -9.17 -7.55 -10.01
C GLU A 202 -9.31 -8.61 -11.10
N ASN A 203 -10.55 -8.85 -11.51
CA ASN A 203 -10.81 -9.71 -12.66
C ASN A 203 -10.69 -8.87 -13.91
N TRP A 204 -9.67 -9.12 -14.71
CA TRP A 204 -9.51 -8.28 -15.89
C TRP A 204 -10.24 -8.85 -17.08
N ASP A 205 -11.31 -8.16 -17.47
CA ASP A 205 -12.29 -8.65 -18.41
C ASP A 205 -12.82 -7.54 -19.30
N SER A 206 -12.15 -6.39 -19.28
CA SER A 206 -12.59 -5.24 -20.06
C SER A 206 -11.39 -4.40 -20.51
N TYR A 207 -11.51 -3.76 -21.68
CA TYR A 207 -10.50 -2.79 -22.10
C TYR A 207 -10.38 -1.68 -21.06
N ASP A 208 -11.53 -1.29 -20.49
CA ASP A 208 -11.62 -0.14 -19.60
C ASP A 208 -10.96 -0.40 -18.25
N ASP A 209 -10.63 -1.66 -17.97
CA ASP A 209 -9.85 -1.99 -16.78
C ASP A 209 -8.47 -1.36 -16.80
N TYR A 210 -7.91 -1.17 -17.99
CA TYR A 210 -6.57 -0.62 -18.14
C TYR A 210 -6.50 0.87 -17.74
N HIS A 211 -7.64 1.55 -17.70
CA HIS A 211 -7.64 2.96 -17.29
C HIS A 211 -7.14 3.14 -15.87
N ILE A 212 -7.34 2.13 -15.03
CA ILE A 212 -6.96 2.25 -13.63
C ILE A 212 -5.45 2.41 -13.51
N LEU A 213 -4.71 1.93 -14.51
CA LEU A 213 -3.26 1.85 -14.39
C LEU A 213 -2.53 3.20 -14.51
N TYR A 214 -3.19 4.23 -15.03
CA TYR A 214 -2.52 5.52 -15.09
C TYR A 214 -3.12 6.49 -14.07
N ARG A 215 -4.16 6.05 -13.37
CA ARG A 215 -4.89 6.93 -12.49
C ARG A 215 -4.06 7.48 -11.34
N ASN A 216 -3.23 6.66 -10.70
CA ASN A 216 -2.42 7.15 -9.59
C ASN A 216 -1.06 7.66 -10.05
N TRP A 217 -0.97 8.13 -11.29
CA TRP A 217 0.28 8.69 -11.78
C TRP A 217 0.12 10.16 -12.17
N ILE A 218 1.15 10.94 -11.87
CA ILE A 218 1.23 12.33 -12.30
C ILE A 218 1.82 12.37 -13.70
N LEU A 219 0.97 12.45 -14.71
CA LEU A 219 1.42 12.34 -16.09
C LEU A 219 1.24 13.65 -16.85
N GLY A 220 0.67 14.64 -16.18
CA GLY A 220 0.37 15.90 -16.83
C GLY A 220 -1.03 15.91 -17.44
N GLY A 221 -1.83 14.90 -17.11
CA GLY A 221 -3.19 14.78 -17.64
C GLY A 221 -3.47 13.36 -18.13
N THR A 222 -4.75 12.98 -18.16
CA THR A 222 -5.17 11.71 -18.74
C THR A 222 -4.60 11.61 -20.19
N PRO A 223 -4.05 10.45 -20.56
CA PRO A 223 -3.64 10.24 -21.96
C PRO A 223 -4.75 10.68 -22.92
N ASN A 224 -4.43 11.55 -23.88
CA ASN A 224 -5.48 12.19 -24.64
C ASN A 224 -6.13 11.25 -25.64
N MET A 225 -5.62 10.03 -25.74
CA MET A 225 -6.24 9.02 -26.58
C MET A 225 -7.11 8.06 -25.76
N ALA A 226 -7.12 8.26 -24.44
CA ALA A 226 -7.83 7.33 -23.56
C ALA A 226 -9.32 7.19 -23.87
N ASP A 227 -9.95 8.27 -24.31
CA ASP A 227 -11.38 8.24 -24.58
C ASP A 227 -11.73 7.95 -26.04
N ARG A 228 -10.72 7.75 -26.89
CA ARG A 228 -11.00 7.62 -28.33
C ARG A 228 -10.13 6.60 -29.07
N TRP A 229 -9.32 5.85 -28.34
CA TRP A 229 -8.37 4.87 -28.89
C TRP A 229 -9.02 3.84 -29.82
N HIS A 230 -10.29 3.55 -29.57
CA HIS A 230 -10.97 2.45 -30.22
C HIS A 230 -11.59 2.87 -31.54
N GLU A 231 -11.60 4.17 -31.79
CA GLU A 231 -12.20 4.69 -33.01
C GLU A 231 -11.18 4.69 -34.15
N ASP A 232 -11.56 4.18 -35.32
CA ASP A 232 -10.63 4.07 -36.44
C ASP A 232 -9.98 5.41 -36.78
N ARG A 233 -10.77 6.48 -36.75
CA ARG A 233 -10.25 7.79 -37.10
CA ARG A 233 -10.27 7.82 -37.07
C ARG A 233 -9.07 8.19 -36.19
N TRP A 234 -9.20 7.89 -34.90
CA TRP A 234 -8.17 8.30 -33.94
C TRP A 234 -7.02 7.30 -33.92
N PHE A 235 -7.31 6.07 -34.31
CA PHE A 235 -6.26 5.09 -34.53
C PHE A 235 -5.38 5.58 -35.68
N GLY A 236 -6.01 5.97 -36.78
CA GLY A 236 -5.29 6.47 -37.93
C GLY A 236 -4.55 7.77 -37.64
N TYR A 237 -5.20 8.66 -36.91
CA TYR A 237 -4.66 9.96 -36.54
C TYR A 237 -3.23 9.87 -36.00
N GLN A 238 -2.98 8.82 -35.22
CA GLN A 238 -1.75 8.73 -34.47
C GLN A 238 -0.56 8.35 -35.33
N PHE A 239 -0.80 7.89 -36.56
CA PHE A 239 0.31 7.65 -37.48
C PHE A 239 0.85 8.97 -38.04
N LEU A 240 0.09 10.04 -37.83
CA LEU A 240 0.53 11.38 -38.18
C LEU A 240 1.01 12.15 -36.96
N ASN A 241 0.31 11.98 -35.84
CA ASN A 241 0.49 12.89 -34.71
C ASN A 241 0.79 12.20 -33.39
N GLY A 242 1.04 10.90 -33.42
CA GLY A 242 1.38 10.14 -32.24
C GLY A 242 2.88 10.06 -32.04
N ALA A 243 3.33 9.04 -31.32
CA ALA A 243 4.74 8.95 -30.95
C ALA A 243 5.65 8.51 -32.10
N ASN A 244 5.08 7.89 -33.13
CA ASN A 244 5.88 7.33 -34.23
C ASN A 244 5.50 7.86 -35.62
N PRO A 245 5.58 9.19 -35.84
CA PRO A 245 5.10 9.81 -37.08
C PRO A 245 6.07 9.66 -38.27
N VAL A 246 6.86 8.60 -38.28
CA VAL A 246 8.01 8.55 -39.20
C VAL A 246 7.92 7.47 -40.27
N ILE A 247 6.94 6.58 -40.20
CA ILE A 247 6.97 5.42 -41.10
C ILE A 247 5.88 5.41 -42.22
N LEU A 248 4.77 6.09 -41.97
CA LEU A 248 3.74 6.26 -43.01
C LEU A 248 4.33 6.86 -44.29
N THR A 249 4.03 6.26 -45.43
CA THR A 249 4.42 6.82 -46.73
C THR A 249 3.24 6.82 -47.69
N ARG A 250 3.33 7.66 -48.72
CA ARG A 250 2.31 7.68 -49.75
C ARG A 250 2.41 6.39 -50.55
N CYS A 251 1.27 5.77 -50.79
CA CYS A 251 1.26 4.52 -51.53
C CYS A 251 0.94 4.82 -52.98
N ASP A 252 1.88 4.51 -53.87
CA ASP A 252 1.66 4.73 -55.29
C ASP A 252 1.35 3.43 -56.03
N ALA A 253 1.52 2.31 -55.33
CA ALA A 253 1.08 0.99 -55.80
C ALA A 253 1.16 0.04 -54.63
N LEU A 254 0.18 -0.86 -54.51
CA LEU A 254 0.22 -1.86 -53.46
C LEU A 254 1.45 -2.74 -53.62
N PRO A 255 2.12 -3.06 -52.51
CA PRO A 255 3.17 -4.07 -52.59
C PRO A 255 2.60 -5.39 -53.09
N SER A 256 3.45 -6.16 -53.76
CA SER A 256 3.03 -7.42 -54.36
C SER A 256 2.58 -8.39 -53.28
N ASN A 257 3.18 -8.31 -52.09
CA ASN A 257 2.82 -9.21 -50.99
C ASN A 257 1.67 -8.70 -50.10
N PHE A 258 0.95 -7.68 -50.58
CA PHE A 258 -0.12 -7.05 -49.81
C PHE A 258 -1.28 -6.86 -50.80
N PRO A 259 -1.97 -7.95 -51.15
CA PRO A 259 -2.89 -7.94 -52.29
C PRO A 259 -4.25 -7.36 -51.95
N VAL A 260 -4.26 -6.10 -51.54
CA VAL A 260 -5.52 -5.41 -51.27
C VAL A 260 -6.20 -5.06 -52.60
N THR A 261 -7.47 -5.42 -52.71
CA THR A 261 -8.26 -5.10 -53.88
C THR A 261 -9.34 -4.06 -53.56
N ASN A 262 -9.85 -3.40 -54.59
CA ASN A 262 -10.97 -2.49 -54.42
C ASN A 262 -12.12 -3.17 -53.68
N GLU A 263 -12.34 -4.47 -53.93
CA GLU A 263 -13.39 -5.19 -53.21
C GLU A 263 -13.17 -5.20 -51.70
N HIS A 264 -11.91 -5.34 -51.26
CA HIS A 264 -11.59 -5.33 -49.83
C HIS A 264 -12.02 -4.04 -49.14
N VAL A 265 -11.77 -2.91 -49.80
CA VAL A 265 -11.84 -1.62 -49.13
C VAL A 265 -12.91 -0.66 -49.66
N ASN A 266 -13.66 -1.11 -50.65
CA ASN A 266 -14.66 -0.26 -51.28
C ASN A 266 -15.60 0.41 -50.28
N ALA A 267 -15.98 -0.33 -49.23
CA ALA A 267 -16.92 0.20 -48.24
C ALA A 267 -16.32 1.34 -47.41
N SER A 268 -14.99 1.49 -47.43
CA SER A 268 -14.29 2.54 -46.69
C SER A 268 -14.04 3.81 -47.49
N LEU A 269 -14.03 3.70 -48.81
CA LEU A 269 -13.80 4.88 -49.65
C LEU A 269 -15.08 5.72 -49.65
N ASP A 270 -14.95 7.04 -49.75
CA ASP A 270 -16.12 7.90 -49.63
C ASP A 270 -16.00 9.18 -50.44
N ARG A 271 -15.15 9.20 -51.45
CA ARG A 271 -15.06 10.37 -52.32
C ARG A 271 -15.62 10.11 -53.72
N GLY A 272 -16.18 8.93 -53.93
CA GLY A 272 -16.76 8.61 -55.22
C GLY A 272 -15.85 7.85 -56.17
N LYS A 273 -14.68 7.46 -55.70
CA LYS A 273 -13.68 6.81 -56.56
C LYS A 273 -13.26 5.46 -56.01
N ASN A 274 -12.78 4.58 -56.88
CA ASN A 274 -12.30 3.26 -56.49
CA ASN A 274 -12.33 3.27 -56.44
C ASN A 274 -10.87 3.33 -55.97
N LEU A 275 -10.36 2.23 -55.43
CA LEU A 275 -9.03 2.21 -54.84
C LEU A 275 -7.94 2.70 -55.79
N ASP A 276 -7.97 2.22 -57.02
CA ASP A 276 -6.94 2.56 -57.99
CA ASP A 276 -6.96 2.57 -58.02
C ASP A 276 -6.89 4.06 -58.21
N GLU A 277 -8.05 4.69 -58.29
CA GLU A 277 -8.12 6.13 -58.48
C GLU A 277 -7.63 6.90 -57.26
N GLU A 278 -7.95 6.40 -56.06
CA GLU A 278 -7.53 7.11 -54.86
C GLU A 278 -6.01 7.02 -54.71
N ILE A 279 -5.45 5.91 -55.14
CA ILE A 279 -4.00 5.79 -55.14
C ILE A 279 -3.40 6.87 -56.03
N LYS A 280 -3.95 7.02 -57.23
CA LYS A 280 -3.44 8.03 -58.16
C LYS A 280 -3.68 9.44 -57.64
N ASP A 281 -4.78 9.64 -56.90
CA ASP A 281 -5.07 10.97 -56.36
C ASP A 281 -4.26 11.30 -55.09
N GLY A 282 -3.48 10.35 -54.61
CA GLY A 282 -2.59 10.62 -53.48
C GLY A 282 -3.29 10.62 -52.14
N HIS A 283 -4.36 9.85 -52.04
CA HIS A 283 -5.14 9.80 -50.81
C HIS A 283 -4.96 8.48 -50.09
N ILE A 284 -4.03 7.66 -50.58
CA ILE A 284 -3.78 6.33 -50.01
C ILE A 284 -2.36 6.23 -49.45
N TYR A 285 -2.24 5.77 -48.21
CA TYR A 285 -0.97 5.77 -47.48
C TYR A 285 -0.77 4.40 -46.88
N ILE A 286 0.47 4.09 -46.54
CA ILE A 286 0.82 2.75 -46.13
C ILE A 286 1.95 2.74 -45.12
N VAL A 287 1.93 1.76 -44.20
CA VAL A 287 3.07 1.47 -43.35
C VAL A 287 3.48 0.03 -43.61
N ASP A 288 4.79 -0.20 -43.62
CA ASP A 288 5.32 -1.53 -43.85
C ASP A 288 6.42 -1.80 -42.83
N PHE A 289 6.12 -2.71 -41.91
CA PHE A 289 7.05 -3.05 -40.82
C PHE A 289 7.93 -4.24 -41.12
N LYS A 290 8.29 -4.42 -42.39
CA LYS A 290 9.04 -5.61 -42.80
C LYS A 290 10.38 -5.75 -42.07
N VAL A 291 10.94 -4.65 -41.56
CA VAL A 291 12.24 -4.75 -40.90
C VAL A 291 12.15 -5.65 -39.65
N LEU A 292 10.94 -5.85 -39.13
CA LEU A 292 10.78 -6.70 -37.96
C LEU A 292 10.80 -8.21 -38.27
N VAL A 293 10.72 -8.59 -39.54
CA VAL A 293 10.88 -10.01 -39.88
C VAL A 293 12.19 -10.52 -39.28
N GLY A 294 12.16 -11.71 -38.68
CA GLY A 294 13.35 -12.27 -38.06
C GLY A 294 13.57 -11.88 -36.61
N ALA A 295 12.76 -10.96 -36.09
CA ALA A 295 12.95 -10.49 -34.71
C ALA A 295 12.75 -11.64 -33.73
N LYS A 296 13.64 -11.73 -32.75
CA LYS A 296 13.50 -12.71 -31.69
C LYS A 296 12.88 -12.09 -30.46
N SER A 297 11.73 -12.59 -30.05
CA SER A 297 11.05 -12.03 -28.90
C SER A 297 11.25 -12.89 -27.67
N TYR A 298 10.92 -12.31 -26.52
CA TYR A 298 11.12 -12.92 -25.21
C TYR A 298 10.48 -14.30 -25.13
N GLY A 299 11.26 -15.27 -24.66
CA GLY A 299 10.75 -16.62 -24.51
C GLY A 299 11.00 -17.49 -25.71
N GLY A 300 11.60 -16.93 -26.77
CA GLY A 300 12.01 -17.75 -27.89
C GLY A 300 11.43 -17.58 -29.30
N PRO A 301 10.18 -17.08 -29.42
CA PRO A 301 9.64 -16.99 -30.79
C PRO A 301 10.46 -16.16 -31.77
N VAL A 302 10.67 -16.70 -32.96
CA VAL A 302 11.35 -15.97 -34.02
C VAL A 302 10.36 -15.68 -35.14
N LEU A 303 10.17 -14.39 -35.44
CA LEU A 303 9.17 -13.98 -36.41
C LEU A 303 9.60 -14.33 -37.83
N GLU A 304 8.69 -14.93 -38.60
CA GLU A 304 8.97 -15.29 -39.97
C GLU A 304 8.11 -14.46 -40.91
N ASP A 305 8.33 -14.59 -42.21
CA ASP A 305 7.48 -13.94 -43.20
CA ASP A 305 7.48 -13.93 -43.19
C ASP A 305 6.02 -14.38 -43.05
N ILE A 306 5.80 -15.60 -42.60
CA ILE A 306 4.44 -16.15 -42.45
C ILE A 306 3.86 -15.91 -41.05
N GLY A 307 4.63 -15.27 -40.18
CA GLY A 307 4.24 -15.13 -38.79
C GLY A 307 5.03 -16.10 -37.94
N TYR A 308 4.35 -16.98 -37.21
CA TYR A 308 5.04 -17.94 -36.36
C TYR A 308 4.69 -19.40 -36.65
N LYS A 309 5.65 -20.28 -36.42
CA LYS A 309 5.42 -21.72 -36.51
C LYS A 309 5.17 -22.30 -35.11
N ASP A 320 6.28 -16.81 -19.75
CA ASP A 320 6.45 -15.49 -20.33
C ASP A 320 6.97 -15.62 -21.75
N ILE A 321 6.03 -15.80 -22.69
CA ILE A 321 6.36 -15.93 -24.10
C ILE A 321 5.69 -14.79 -24.86
N ARG A 322 6.48 -13.99 -25.57
CA ARG A 322 5.94 -12.79 -26.21
C ARG A 322 6.08 -12.85 -27.73
N TYR A 323 5.26 -12.05 -28.42
CA TYR A 323 5.20 -12.10 -29.86
C TYR A 323 5.20 -10.71 -30.47
N CYS A 324 5.75 -10.58 -31.68
CA CYS A 324 5.64 -9.34 -32.43
C CYS A 324 5.05 -9.66 -33.80
N ALA A 325 5.11 -8.69 -34.71
CA ALA A 325 4.59 -8.91 -36.06
C ALA A 325 5.32 -7.99 -37.02
N ALA A 326 5.22 -8.29 -38.31
CA ALA A 326 5.77 -7.41 -39.35
C ALA A 326 4.66 -7.08 -40.35
N PRO A 327 3.67 -6.29 -39.92
CA PRO A 327 2.46 -6.04 -40.70
C PRO A 327 2.63 -5.00 -41.79
N LEU A 328 1.69 -5.03 -42.73
CA LEU A 328 1.47 -3.91 -43.61
C LEU A 328 0.08 -3.39 -43.30
N ALA A 329 -0.09 -2.07 -43.36
CA ALA A 329 -1.40 -1.46 -43.14
C ALA A 329 -1.63 -0.37 -44.16
N LEU A 330 -2.87 -0.29 -44.65
CA LEU A 330 -3.24 0.68 -45.66
C LEU A 330 -4.18 1.72 -45.07
N PHE A 331 -3.97 2.98 -45.44
CA PHE A 331 -4.74 4.10 -44.90
C PHE A 331 -5.32 4.94 -46.00
N TYR A 332 -6.41 5.63 -45.68
CA TYR A 332 -7.13 6.41 -46.68
C TYR A 332 -7.52 7.76 -46.10
N VAL A 333 -7.17 8.82 -46.80
CA VAL A 333 -7.60 10.14 -46.39
C VAL A 333 -9.02 10.35 -46.90
N ASN A 334 -10.01 10.30 -45.99
CA ASN A 334 -11.40 10.39 -46.40
C ASN A 334 -11.79 11.82 -46.73
N LYS A 335 -13.06 12.02 -47.07
CA LYS A 335 -13.54 13.27 -47.63
C LYS A 335 -13.51 14.39 -46.57
N LEU A 336 -13.49 14.01 -45.29
CA LEU A 336 -13.33 14.98 -44.21
C LEU A 336 -11.86 15.27 -43.85
N GLY A 337 -10.93 14.60 -44.53
CA GLY A 337 -9.51 14.81 -44.30
C GLY A 337 -8.96 13.95 -43.17
N HIS A 338 -9.72 12.95 -42.74
CA HIS A 338 -9.27 12.01 -41.71
C HIS A 338 -8.49 10.86 -42.34
N LEU A 339 -7.38 10.49 -41.73
CA LEU A 339 -6.63 9.33 -42.17
C LEU A 339 -7.22 8.08 -41.53
N MET A 340 -7.86 7.24 -42.34
CA MET A 340 -8.58 6.05 -41.86
C MET A 340 -7.81 4.76 -42.17
N PRO A 341 -7.68 3.86 -41.19
CA PRO A 341 -7.12 2.53 -41.45
C PRO A 341 -8.08 1.69 -42.28
N ILE A 342 -7.70 1.21 -43.46
CA ILE A 342 -8.68 0.49 -44.28
C ILE A 342 -8.32 -0.97 -44.55
N ALA A 343 -7.08 -1.36 -44.26
CA ALA A 343 -6.70 -2.77 -44.42
C ALA A 343 -5.43 -3.05 -43.63
N ILE A 344 -5.39 -4.23 -43.01
CA ILE A 344 -4.19 -4.65 -42.29
C ILE A 344 -3.89 -6.10 -42.65
N GLN A 345 -2.62 -6.40 -42.89
CA GLN A 345 -2.16 -7.77 -43.02
C GLN A 345 -1.07 -7.97 -41.98
N ILE A 346 -1.27 -8.91 -41.07
CA ILE A 346 -0.48 -8.94 -39.85
C ILE A 346 0.97 -9.29 -40.12
N ASN A 347 1.23 -10.17 -41.09
CA ASN A 347 2.62 -10.45 -41.43
C ASN A 347 2.89 -10.33 -42.93
N GLN A 348 4.13 -10.61 -43.33
CA GLN A 348 4.61 -10.20 -44.65
C GLN A 348 4.10 -11.07 -45.82
N GLU A 349 3.97 -12.38 -45.59
CA GLU A 349 3.63 -13.31 -46.67
C GLU A 349 2.14 -13.61 -46.71
N PRO A 350 1.48 -13.15 -47.77
CA PRO A 350 0.01 -13.21 -47.81
C PRO A 350 -0.49 -14.63 -48.04
N GLY A 351 -1.67 -14.92 -47.52
CA GLY A 351 -2.31 -16.20 -47.76
C GLY A 351 -3.50 -16.35 -46.85
N PRO A 352 -4.18 -17.49 -46.93
CA PRO A 352 -5.35 -17.77 -46.10
C PRO A 352 -5.03 -17.73 -44.62
N GLU A 353 -3.81 -18.07 -44.24
CA GLU A 353 -3.46 -18.10 -42.82
C GLU A 353 -2.88 -16.76 -42.35
N ASN A 354 -2.77 -15.83 -43.30
CA ASN A 354 -2.31 -14.47 -43.04
C ASN A 354 -3.11 -13.52 -43.93
N PRO A 355 -4.42 -13.38 -43.64
CA PRO A 355 -5.31 -12.72 -44.59
C PRO A 355 -5.35 -11.21 -44.43
N ILE A 356 -6.15 -10.57 -45.26
CA ILE A 356 -6.34 -9.13 -45.16
C ILE A 356 -7.54 -8.83 -44.27
N TRP A 357 -7.29 -8.09 -43.20
CA TRP A 357 -8.35 -7.66 -42.27
C TRP A 357 -8.77 -6.24 -42.59
N THR A 358 -10.07 -5.96 -42.49
CA THR A 358 -10.58 -4.61 -42.75
C THR A 358 -11.56 -4.17 -41.66
N PRO A 359 -11.89 -2.87 -41.58
CA PRO A 359 -12.91 -2.46 -40.58
C PRO A 359 -14.26 -3.18 -40.74
N HIS A 360 -14.49 -3.83 -41.88
CA HIS A 360 -15.81 -4.43 -42.14
C HIS A 360 -15.83 -5.92 -41.87
N GLU A 361 -14.85 -6.40 -41.10
CA GLU A 361 -14.83 -7.79 -40.64
C GLU A 361 -16.19 -8.18 -40.10
N GLU A 362 -16.63 -9.40 -40.44
CA GLU A 362 -17.89 -9.92 -39.94
C GLU A 362 -17.82 -10.03 -38.43
N ASN A 363 -16.70 -10.55 -37.92
CA ASN A 363 -16.42 -10.55 -36.48
C ASN A 363 -15.62 -9.30 -36.09
N GLU A 364 -16.28 -8.37 -35.41
CA GLU A 364 -15.68 -7.07 -35.07
C GLU A 364 -14.37 -7.23 -34.28
N HIS A 365 -14.32 -8.28 -33.45
CA HIS A 365 -13.15 -8.52 -32.61
C HIS A 365 -11.91 -8.85 -33.45
N ASP A 366 -12.14 -9.38 -34.65
CA ASP A 366 -11.04 -9.66 -35.56
C ASP A 366 -10.38 -8.37 -36.05
N TRP A 367 -11.20 -7.35 -36.32
CA TRP A 367 -10.64 -6.06 -36.74
C TRP A 367 -9.88 -5.40 -35.60
N MET A 368 -10.48 -5.38 -34.42
CA MET A 368 -9.77 -4.88 -33.25
C MET A 368 -8.44 -5.61 -33.05
N MET A 369 -8.45 -6.93 -33.15
CA MET A 369 -7.23 -7.70 -32.91
C MET A 369 -6.13 -7.35 -33.93
N ALA A 370 -6.54 -7.07 -35.17
CA ALA A 370 -5.61 -6.73 -36.24
C ALA A 370 -4.94 -5.40 -35.89
N LYS A 371 -5.72 -4.47 -35.36
CA LYS A 371 -5.19 -3.19 -34.95
C LYS A 371 -4.19 -3.34 -33.80
N PHE A 372 -4.45 -4.29 -32.90
CA PHE A 372 -3.51 -4.53 -31.81
C PHE A 372 -2.19 -5.10 -32.33
N TRP A 373 -2.26 -6.00 -33.31
CA TRP A 373 -1.05 -6.56 -33.90
C TRP A 373 -0.24 -5.47 -34.59
N LEU A 374 -0.93 -4.54 -35.25
CA LEU A 374 -0.27 -3.41 -35.87
C LEU A 374 0.38 -2.56 -34.76
N GLY A 375 -0.32 -2.40 -33.66
CA GLY A 375 0.19 -1.64 -32.53
C GLY A 375 1.46 -2.22 -31.91
N VAL A 376 1.51 -3.53 -31.72
CA VAL A 376 2.68 -4.12 -31.09
C VAL A 376 3.90 -3.95 -31.99
N ALA A 377 3.72 -4.02 -33.30
CA ALA A 377 4.84 -3.84 -34.22
C ALA A 377 5.33 -2.40 -34.14
N GLU A 378 4.39 -1.46 -34.22
CA GLU A 378 4.70 -0.04 -34.07
C GLU A 378 5.43 0.28 -32.77
N SER A 379 4.97 -0.28 -31.66
CA SER A 379 5.57 -0.01 -30.36
C SER A 379 7.04 -0.41 -30.34
N ASN A 380 7.34 -1.60 -30.83
CA ASN A 380 8.71 -2.10 -30.75
C ASN A 380 9.61 -1.39 -31.77
N PHE A 381 9.06 -1.09 -32.94
CA PHE A 381 9.72 -0.28 -33.95
C PHE A 381 10.02 1.12 -33.40
N HIS A 382 9.01 1.74 -32.81
CA HIS A 382 9.14 3.08 -32.28
C HIS A 382 10.19 3.17 -31.18
N GLN A 383 10.10 2.31 -30.18
CA GLN A 383 10.97 2.47 -29.02
C GLN A 383 12.43 2.18 -29.35
N LEU A 384 12.67 1.12 -30.13
CA LEU A 384 14.03 0.66 -30.42
C LEU A 384 14.69 1.37 -31.61
N ASN A 385 13.93 1.56 -32.68
CA ASN A 385 14.46 2.17 -33.89
C ASN A 385 14.31 3.69 -33.88
N THR A 386 13.07 4.14 -33.92
CA THR A 386 12.74 5.56 -34.02
C THR A 386 13.30 6.35 -32.83
N HIS A 387 13.17 5.79 -31.63
CA HIS A 387 13.52 6.55 -30.43
C HIS A 387 14.94 6.24 -29.99
N LEU A 388 15.19 5.03 -29.48
CA LEU A 388 16.49 4.74 -28.88
C LEU A 388 17.65 4.81 -29.89
N LEU A 389 17.54 4.10 -31.02
CA LEU A 389 18.62 4.14 -32.00
C LEU A 389 18.73 5.49 -32.72
N ARG A 390 17.64 5.97 -33.31
CA ARG A 390 17.76 7.09 -34.25
C ARG A 390 17.78 8.46 -33.60
N THR A 391 17.57 8.54 -32.29
CA THR A 391 17.88 9.81 -31.63
C THR A 391 19.09 9.53 -30.73
N HIS A 392 18.85 9.04 -29.51
CA HIS A 392 19.92 8.72 -28.56
C HIS A 392 21.24 8.16 -29.11
N LEU A 393 21.23 6.90 -29.53
CA LEU A 393 22.51 6.18 -29.74
C LEU A 393 23.29 6.69 -30.95
N THR A 394 22.59 7.07 -32.01
CA THR A 394 23.27 7.54 -33.20
C THR A 394 23.80 8.97 -33.04
N THR A 395 23.01 9.87 -32.45
CA THR A 395 23.50 11.24 -32.25
C THR A 395 24.56 11.31 -31.15
N GLU A 396 24.59 10.30 -30.28
CA GLU A 396 25.60 10.25 -29.25
C GLU A 396 27.01 10.24 -29.87
N SER A 397 27.15 9.58 -31.03
CA SER A 397 28.43 9.56 -31.75
C SER A 397 28.90 10.98 -32.07
N PHE A 398 27.96 11.83 -32.49
CA PHE A 398 28.30 13.20 -32.81
C PHE A 398 28.64 14.00 -31.55
N ALA A 399 27.94 13.71 -30.45
CA ALA A 399 28.22 14.42 -29.21
C ALA A 399 29.66 14.11 -28.76
N LEU A 400 30.02 12.83 -28.79
CA LEU A 400 31.37 12.39 -28.45
C LEU A 400 32.41 13.04 -29.35
N SER A 401 32.14 13.08 -30.66
CA SER A 401 33.11 13.65 -31.58
C SER A 401 33.29 15.14 -31.31
N THR A 402 32.23 15.80 -30.86
CA THR A 402 32.32 17.22 -30.54
C THR A 402 33.36 17.44 -29.44
N TRP A 403 33.28 16.63 -28.39
CA TRP A 403 34.22 16.74 -27.28
C TRP A 403 35.63 16.31 -27.73
N ARG A 404 35.72 15.33 -28.62
CA ARG A 404 37.05 14.83 -29.04
C ARG A 404 37.77 15.87 -29.89
N ASN A 405 37.04 16.58 -30.73
CA ASN A 405 37.67 17.26 -31.85
C ASN A 405 37.53 18.78 -31.96
N LEU A 406 36.56 19.36 -31.26
CA LEU A 406 36.35 20.80 -31.35
C LEU A 406 36.83 21.47 -30.07
N ALA A 407 37.72 22.45 -30.21
CA ALA A 407 38.28 23.14 -29.05
C ALA A 407 37.18 23.98 -28.45
N SER A 408 37.26 24.23 -27.14
CA SER A 408 36.27 25.05 -26.46
CA SER A 408 36.24 25.03 -26.49
C SER A 408 36.16 26.43 -27.08
N ALA A 409 37.24 26.89 -27.72
CA ALA A 409 37.23 28.19 -28.39
C ALA A 409 36.53 28.15 -29.75
N HIS A 410 36.25 26.96 -30.27
CA HIS A 410 35.65 26.84 -31.61
C HIS A 410 34.19 27.27 -31.58
N PRO A 411 33.76 28.12 -32.54
CA PRO A 411 32.36 28.57 -32.59
C PRO A 411 31.36 27.43 -32.71
N ILE A 412 31.74 26.33 -33.35
CA ILE A 412 30.80 25.22 -33.51
C ILE A 412 30.76 24.37 -32.24
N PHE A 413 31.82 24.41 -31.43
CA PHE A 413 31.72 23.83 -30.09
C PHE A 413 30.69 24.64 -29.27
N LYS A 414 30.80 25.96 -29.34
CA LYS A 414 29.87 26.82 -28.60
C LYS A 414 28.43 26.60 -29.06
N LEU A 415 28.25 26.45 -30.37
CA LEU A 415 26.93 26.18 -30.93
C LEU A 415 26.34 24.88 -30.42
N LEU A 416 27.15 23.82 -30.41
CA LEU A 416 26.65 22.48 -30.12
C LEU A 416 26.55 22.18 -28.63
N GLN A 417 27.31 22.90 -27.80
CA GLN A 417 27.36 22.61 -26.36
C GLN A 417 25.96 22.49 -25.71
N PRO A 418 25.07 23.47 -25.92
CA PRO A 418 23.76 23.31 -25.26
C PRO A 418 22.96 22.15 -25.82
N HIS A 419 23.25 21.74 -27.04
CA HIS A 419 22.44 20.72 -27.70
C HIS A 419 22.96 19.31 -27.49
N ILE A 420 24.24 19.16 -27.13
CA ILE A 420 24.80 17.84 -26.90
C ILE A 420 24.72 17.43 -25.44
N TYR A 421 24.39 18.38 -24.55
CA TYR A 421 24.28 18.02 -23.15
CA TYR A 421 24.20 18.08 -23.13
C TYR A 421 23.25 16.92 -22.93
N GLY A 422 23.56 16.03 -22.00
CA GLY A 422 22.65 14.98 -21.60
C GLY A 422 22.81 13.63 -22.25
N VAL A 423 23.15 13.60 -23.54
CA VAL A 423 22.96 12.36 -24.29
C VAL A 423 23.98 11.32 -23.88
N LEU A 424 25.20 11.79 -23.61
CA LEU A 424 26.26 10.93 -23.12
C LEU A 424 25.87 10.38 -21.74
N ALA A 425 25.28 11.23 -20.92
CA ALA A 425 24.88 10.82 -19.56
C ALA A 425 23.74 9.81 -19.58
N ILE A 426 22.63 10.13 -20.23
CA ILE A 426 21.49 9.21 -20.20
C ILE A 426 21.81 7.90 -20.93
N ASP A 427 22.62 7.95 -21.98
CA ASP A 427 22.94 6.74 -22.73
C ASP A 427 23.84 5.81 -21.93
N THR A 428 24.76 6.40 -21.17
CA THR A 428 25.64 5.61 -20.31
C THR A 428 24.81 4.93 -19.23
N ILE A 429 23.88 5.68 -18.65
CA ILE A 429 22.94 5.10 -17.69
C ILE A 429 22.13 4.00 -18.35
N GLY A 430 21.66 4.29 -19.56
CA GLY A 430 20.77 3.38 -20.27
C GLY A 430 21.38 2.08 -20.77
N ARG A 431 22.66 2.08 -21.08
CA ARG A 431 23.29 0.87 -21.60
C ARG A 431 23.21 -0.22 -20.54
N LYS A 432 23.11 0.19 -19.28
CA LYS A 432 22.85 -0.75 -18.20
C LYS A 432 21.34 -0.95 -17.99
N GLU A 433 20.70 0.11 -17.49
CA GLU A 433 19.32 0.07 -17.00
C GLU A 433 18.23 -0.18 -18.05
N LEU A 434 18.46 0.23 -19.29
CA LEU A 434 17.42 0.15 -20.32
C LEU A 434 17.51 -1.13 -21.15
N ILE A 435 18.67 -1.38 -21.73
CA ILE A 435 18.81 -2.51 -22.64
C ILE A 435 19.71 -3.64 -22.13
N GLY A 436 20.23 -3.49 -20.90
CA GLY A 436 21.00 -4.56 -20.29
C GLY A 436 20.10 -5.72 -19.90
N SER A 437 20.70 -6.88 -19.58
CA SER A 437 19.91 -8.06 -19.21
C SER A 437 19.08 -7.79 -17.95
N GLY A 438 17.80 -8.16 -18.00
CA GLY A 438 16.89 -7.89 -16.90
C GLY A 438 16.47 -6.43 -16.85
N GLY A 439 16.91 -5.65 -17.83
CA GLY A 439 16.60 -4.24 -17.88
C GLY A 439 15.16 -3.93 -18.26
N ILE A 440 14.88 -2.65 -18.48
CA ILE A 440 13.53 -2.19 -18.76
C ILE A 440 12.92 -2.83 -20.00
N VAL A 441 13.70 -2.84 -21.08
CA VAL A 441 13.26 -3.46 -22.33
C VAL A 441 12.92 -4.93 -22.13
N ASP A 442 13.77 -5.66 -21.42
CA ASP A 442 13.50 -7.05 -21.10
C ASP A 442 12.15 -7.23 -20.42
N GLN A 443 11.68 -6.17 -19.74
CA GLN A 443 10.46 -6.26 -18.97
C GLN A 443 9.20 -5.76 -19.69
N SER A 444 9.37 -4.89 -20.69
CA SER A 444 8.20 -4.18 -21.22
C SER A 444 7.98 -4.27 -22.74
N LEU A 445 8.95 -4.79 -23.49
CA LEU A 445 8.79 -4.95 -24.93
C LEU A 445 8.76 -6.42 -25.33
N SER A 446 7.97 -6.77 -26.35
CA SER A 446 8.03 -8.12 -26.90
C SER A 446 9.46 -8.50 -27.27
N LEU A 447 10.22 -7.55 -27.81
CA LEU A 447 11.56 -7.89 -28.30
C LEU A 447 12.60 -7.90 -27.16
N GLY A 448 12.17 -7.60 -25.95
CA GLY A 448 13.04 -7.73 -24.79
C GLY A 448 13.61 -9.12 -24.65
N GLY A 449 14.75 -9.23 -23.96
CA GLY A 449 15.36 -10.52 -23.70
C GLY A 449 16.58 -10.78 -24.55
N GLY A 450 16.90 -9.85 -25.44
CA GLY A 450 18.07 -10.00 -26.27
C GLY A 450 17.87 -9.65 -27.73
N GLY A 451 16.68 -9.98 -28.25
CA GLY A 451 16.36 -9.67 -29.64
C GLY A 451 16.33 -8.17 -29.91
N HIS A 452 16.12 -7.38 -28.87
CA HIS A 452 16.06 -5.93 -29.03
C HIS A 452 17.38 -5.36 -29.55
N VAL A 453 18.49 -5.93 -29.12
CA VAL A 453 19.80 -5.44 -29.56
C VAL A 453 20.06 -5.84 -31.01
N THR A 454 19.71 -7.08 -31.35
CA THR A 454 19.88 -7.57 -32.71
C THR A 454 19.00 -6.74 -33.66
N PHE A 455 17.82 -6.36 -33.19
CA PHE A 455 16.91 -5.57 -34.01
C PHE A 455 17.49 -4.19 -34.28
N MET A 456 18.05 -3.55 -33.25
CA MET A 456 18.64 -2.23 -33.44
C MET A 456 19.85 -2.32 -34.37
N GLU A 457 20.63 -3.38 -34.21
CA GLU A 457 21.74 -3.63 -35.13
C GLU A 457 21.22 -3.71 -36.56
N LYS A 458 20.15 -4.48 -36.75
CA LYS A 458 19.57 -4.62 -38.08
C LYS A 458 19.14 -3.28 -38.63
N CYS A 459 18.45 -2.49 -37.79
CA CYS A 459 18.03 -1.15 -38.18
C CYS A 459 19.22 -0.25 -38.49
N PHE A 460 20.27 -0.31 -37.66
CA PHE A 460 21.40 0.59 -37.88
C PHE A 460 22.09 0.37 -39.22
N LYS A 461 22.13 -0.87 -39.69
CA LYS A 461 22.75 -1.18 -40.98
C LYS A 461 22.11 -0.39 -42.14
N GLU A 462 20.87 0.04 -41.95
CA GLU A 462 20.15 0.82 -42.96
C GLU A 462 20.20 2.32 -42.70
N VAL A 463 20.69 2.73 -41.53
CA VAL A 463 20.66 4.15 -41.15
C VAL A 463 21.51 5.01 -42.07
N ASN A 464 20.94 6.13 -42.53
CA ASN A 464 21.66 7.11 -43.32
C ASN A 464 21.50 8.50 -42.75
N LEU A 465 22.56 9.31 -42.79
CA LEU A 465 22.47 10.66 -42.23
C LEU A 465 21.38 11.48 -42.94
N GLN A 466 21.13 11.15 -44.21
CA GLN A 466 20.07 11.84 -44.95
C GLN A 466 18.68 11.61 -44.35
N ASP A 467 18.50 10.53 -43.59
CA ASP A 467 17.22 10.29 -42.89
C ASP A 467 16.90 11.40 -41.89
N TYR A 468 17.93 12.11 -41.43
CA TYR A 468 17.80 13.09 -40.35
C TYR A 468 17.47 14.48 -40.89
N HIS A 469 17.34 14.57 -42.21
CA HIS A 469 16.97 15.80 -42.88
C HIS A 469 15.45 15.83 -43.04
N LEU A 470 14.76 16.59 -42.19
CA LEU A 470 13.29 16.45 -42.15
C LEU A 470 12.58 16.78 -43.48
N PRO A 471 12.88 17.95 -44.10
CA PRO A 471 12.15 18.20 -45.37
C PRO A 471 12.42 17.15 -46.42
N ASN A 472 13.67 16.71 -46.54
CA ASN A 472 14.01 15.69 -47.54
C ASN A 472 13.31 14.36 -47.24
N ALA A 473 13.30 13.95 -45.98
CA ALA A 473 12.63 12.71 -45.57
C ALA A 473 11.10 12.76 -45.78
N LEU A 474 10.46 13.87 -45.39
CA LEU A 474 9.02 14.00 -45.64
C LEU A 474 8.70 13.96 -47.14
N LYS A 475 9.56 14.59 -47.94
CA LYS A 475 9.41 14.57 -49.39
C LYS A 475 9.52 13.15 -49.91
N LYS A 476 10.61 12.48 -49.53
CA LYS A 476 10.88 11.10 -49.93
C LYS A 476 9.73 10.17 -49.59
N ARG A 477 9.13 10.36 -48.41
CA ARG A 477 7.97 9.56 -47.98
C ARG A 477 6.67 9.94 -48.71
N GLY A 478 6.68 11.05 -49.43
CA GLY A 478 5.50 11.55 -50.10
C GLY A 478 4.42 12.05 -49.16
N VAL A 479 4.81 12.53 -47.97
CA VAL A 479 3.83 12.98 -47.00
C VAL A 479 3.85 14.49 -46.76
N ASP A 480 4.47 15.26 -47.65
CA ASP A 480 4.60 16.68 -47.34
C ASP A 480 3.61 17.57 -48.08
N ASP A 481 2.61 16.97 -48.74
CA ASP A 481 1.58 17.77 -49.44
C ASP A 481 0.31 17.88 -48.60
N PRO A 482 0.08 19.06 -48.01
CA PRO A 482 -1.05 19.24 -47.10
C PRO A 482 -2.41 19.13 -47.80
N SER A 483 -2.45 19.31 -49.11
CA SER A 483 -3.72 19.19 -49.83
C SER A 483 -4.12 17.73 -49.98
N LYS A 484 -3.14 16.84 -50.05
CA LYS A 484 -3.44 15.40 -50.14
C LYS A 484 -3.47 14.75 -48.75
N LEU A 485 -2.64 15.24 -47.84
CA LEU A 485 -2.56 14.66 -46.49
C LEU A 485 -2.67 15.77 -45.44
N PRO A 486 -3.91 16.10 -45.03
CA PRO A 486 -4.12 17.17 -44.06
C PRO A 486 -3.98 16.70 -42.61
N GLY A 487 -3.93 17.66 -41.68
CA GLY A 487 -3.95 17.33 -40.27
C GLY A 487 -2.71 16.58 -39.80
N PHE A 488 -1.56 16.99 -40.33
CA PHE A 488 -0.27 16.36 -40.01
C PHE A 488 0.59 17.41 -39.29
N TYR A 489 0.45 17.52 -37.96
CA TYR A 489 1.04 18.66 -37.24
C TYR A 489 2.51 18.44 -36.89
N TYR A 490 2.93 17.19 -36.73
CA TYR A 490 4.37 16.89 -36.64
C TYR A 490 5.09 17.48 -37.84
N ARG A 491 4.50 17.28 -39.02
CA ARG A 491 5.05 17.85 -40.24
C ARG A 491 5.07 19.38 -40.19
N ASP A 492 3.91 19.97 -39.96
CA ASP A 492 3.81 21.44 -40.04
C ASP A 492 4.75 22.09 -39.01
N ASP A 493 4.68 21.66 -37.75
CA ASP A 493 5.49 22.28 -36.73
C ASP A 493 6.98 21.94 -36.94
N GLY A 494 7.26 20.69 -37.31
CA GLY A 494 8.64 20.28 -37.54
C GLY A 494 9.30 21.09 -38.64
N LEU A 495 8.59 21.31 -39.73
CA LEU A 495 9.16 22.07 -40.85
C LEU A 495 9.43 23.53 -40.46
N ALA A 496 8.52 24.12 -39.69
CA ALA A 496 8.72 25.49 -39.19
C ALA A 496 9.99 25.56 -38.31
N LEU A 497 10.10 24.62 -37.37
CA LEU A 497 11.25 24.59 -36.47
C LEU A 497 12.55 24.32 -37.23
N TRP A 498 12.49 23.38 -38.16
CA TRP A 498 13.66 23.08 -39.01
C TRP A 498 14.18 24.36 -39.68
N GLU A 499 13.28 25.10 -40.32
CA GLU A 499 13.67 26.34 -40.99
C GLU A 499 14.25 27.37 -40.02
N ALA A 500 13.70 27.44 -38.81
CA ALA A 500 14.22 28.39 -37.83
C ALA A 500 15.63 28.00 -37.40
N ILE A 501 15.85 26.71 -37.19
CA ILE A 501 17.16 26.23 -36.77
C ILE A 501 18.18 26.37 -37.90
N GLU A 502 17.76 26.02 -39.11
CA GLU A 502 18.63 26.12 -40.26
C GLU A 502 19.07 27.57 -40.48
N THR A 503 18.13 28.50 -40.35
CA THR A 503 18.42 29.90 -40.58
C THR A 503 19.43 30.39 -39.54
N PHE A 504 19.16 30.07 -38.28
CA PHE A 504 20.06 30.45 -37.20
C PHE A 504 21.47 29.92 -37.41
N ILE A 505 21.58 28.63 -37.70
CA ILE A 505 22.88 27.97 -37.88
C ILE A 505 23.63 28.58 -39.07
N GLY A 506 22.91 28.87 -40.15
CA GLY A 506 23.49 29.53 -41.30
C GLY A 506 24.08 30.89 -40.93
N GLU A 507 23.39 31.64 -40.09
CA GLU A 507 23.88 32.96 -39.70
C GLU A 507 25.12 32.84 -38.80
N ILE A 508 25.14 31.83 -37.94
CA ILE A 508 26.31 31.59 -37.10
C ILE A 508 27.53 31.24 -37.98
N ILE A 509 27.34 30.32 -38.92
CA ILE A 509 28.42 29.93 -39.81
C ILE A 509 29.01 31.12 -40.59
N ALA A 510 28.13 31.98 -41.09
CA ALA A 510 28.57 33.13 -41.90
C ALA A 510 29.41 34.13 -41.08
N ILE A 511 29.21 34.14 -39.77
CA ILE A 511 30.00 35.03 -38.91
C ILE A 511 31.45 34.58 -38.84
N PHE A 512 31.66 33.27 -38.72
CA PHE A 512 33.01 32.75 -38.50
C PHE A 512 33.66 32.18 -39.73
N TYR A 513 32.86 31.64 -40.64
CA TYR A 513 33.35 31.11 -41.92
C TYR A 513 32.97 32.06 -43.04
N LYS A 514 33.97 32.70 -43.66
CA LYS A 514 33.67 33.75 -44.63
C LYS A 514 33.47 33.21 -46.04
N ASN A 515 33.90 31.98 -46.26
CA ASN A 515 33.77 31.33 -47.55
C ASN A 515 34.01 29.85 -47.35
N ASP A 516 33.91 29.07 -48.43
CA ASP A 516 34.12 27.63 -48.37
C ASP A 516 35.55 27.25 -48.04
N ASP A 517 36.52 28.07 -48.46
CA ASP A 517 37.91 27.79 -48.14
CA ASP A 517 37.92 27.81 -48.15
C ASP A 517 38.13 27.78 -46.63
N ASP A 518 37.43 28.66 -45.93
CA ASP A 518 37.51 28.71 -44.46
C ASP A 518 37.06 27.38 -43.87
N VAL A 519 36.06 26.76 -44.52
CA VAL A 519 35.58 25.45 -44.05
C VAL A 519 36.63 24.37 -44.29
N LYS A 520 37.17 24.33 -45.51
CA LYS A 520 38.18 23.33 -45.86
C LYS A 520 39.42 23.42 -44.99
N ARG A 521 39.81 24.64 -44.62
CA ARG A 521 41.00 24.86 -43.82
C ARG A 521 40.82 24.61 -42.31
N ASP A 522 39.58 24.48 -41.86
CA ASP A 522 39.31 24.27 -40.43
C ASP A 522 39.58 22.81 -40.08
N ASN A 523 40.78 22.51 -39.59
CA ASN A 523 41.14 21.12 -39.31
C ASN A 523 40.30 20.48 -38.22
N GLU A 524 39.72 21.29 -37.34
CA GLU A 524 38.93 20.74 -36.23
C GLU A 524 37.56 20.25 -36.72
N ILE A 525 36.86 21.06 -37.50
CA ILE A 525 35.57 20.62 -38.04
C ILE A 525 35.79 19.48 -39.00
N GLN A 526 36.94 19.46 -39.69
CA GLN A 526 37.26 18.36 -40.60
C GLN A 526 37.48 17.09 -39.79
N SER A 527 38.25 17.20 -38.71
CA SER A 527 38.47 16.08 -37.80
C SER A 527 37.16 15.59 -37.14
N TRP A 528 36.31 16.55 -36.81
CA TRP A 528 35.00 16.29 -36.22
C TRP A 528 34.13 15.37 -37.10
N ILE A 529 33.93 15.73 -38.36
CA ILE A 529 33.07 14.91 -39.20
C ILE A 529 33.79 13.61 -39.58
N TYR A 530 35.12 13.66 -39.71
CA TYR A 530 35.86 12.45 -40.10
C TYR A 530 35.81 11.38 -39.01
N ASP A 531 35.99 11.80 -37.76
CA ASP A 531 35.87 10.93 -36.60
C ASP A 531 34.54 10.18 -36.62
N VAL A 532 33.44 10.88 -36.89
CA VAL A 532 32.15 10.18 -36.98
C VAL A 532 32.13 9.23 -38.18
N HIS A 533 32.64 9.70 -39.32
CA HIS A 533 32.66 8.92 -40.57
C HIS A 533 33.39 7.58 -40.39
N LYS A 534 34.54 7.64 -39.72
CA LYS A 534 35.43 6.49 -39.59
C LYS A 534 35.16 5.65 -38.35
N ASN A 535 34.88 6.32 -37.22
CA ASN A 535 34.80 5.63 -35.93
C ASN A 535 33.40 5.69 -35.28
N GLY A 536 32.51 6.50 -35.84
CA GLY A 536 31.20 6.71 -35.23
C GLY A 536 30.13 5.82 -35.83
N TRP A 537 29.74 6.15 -37.06
CA TRP A 537 28.76 5.34 -37.76
C TRP A 537 29.52 4.49 -38.76
N ARG A 538 30.14 3.42 -38.27
CA ARG A 538 31.09 2.66 -39.07
C ARG A 538 30.37 1.84 -40.13
N VAL A 539 30.80 2.00 -41.38
CA VAL A 539 30.26 1.18 -42.44
C VAL A 539 30.96 -0.18 -42.42
N ASN A 540 30.43 -1.10 -41.63
CA ASN A 540 31.05 -2.39 -41.40
C ASN A 540 30.42 -3.42 -42.32
N PRO A 541 30.96 -4.67 -42.35
CA PRO A 541 30.34 -5.66 -43.24
C PRO A 541 28.85 -5.80 -43.05
N GLY A 542 28.13 -5.78 -44.17
CA GLY A 542 26.69 -5.92 -44.17
C GLY A 542 25.94 -4.60 -44.01
N HIS A 543 26.66 -3.49 -43.87
CA HIS A 543 26.04 -2.17 -43.69
C HIS A 543 25.88 -1.43 -45.02
N GLN A 544 24.75 -0.74 -45.18
CA GLN A 544 24.66 0.26 -46.22
C GLN A 544 25.59 1.42 -45.85
N ASP A 545 25.88 2.28 -46.81
CA ASP A 545 26.56 3.54 -46.52
C ASP A 545 25.73 4.34 -45.52
N HIS A 546 26.39 4.99 -44.56
CA HIS A 546 25.62 5.71 -43.53
C HIS A 546 25.51 7.20 -43.83
N GLY A 547 26.02 7.61 -44.98
CA GLY A 547 25.83 8.97 -45.46
C GLY A 547 26.57 10.04 -44.68
N VAL A 548 27.55 9.64 -43.88
CA VAL A 548 28.39 10.60 -43.17
C VAL A 548 29.58 11.00 -44.06
N PRO A 549 29.70 12.30 -44.39
CA PRO A 549 30.82 12.77 -45.22
C PRO A 549 32.16 12.55 -44.51
N ALA A 550 33.23 12.35 -45.28
CA ALA A 550 34.56 12.18 -44.71
C ALA A 550 35.21 13.53 -44.46
N SER A 551 34.60 14.56 -45.04
CA SER A 551 35.12 15.92 -44.95
C SER A 551 34.02 16.91 -45.32
N PHE A 552 34.25 18.18 -45.03
CA PHE A 552 33.32 19.24 -45.41
C PHE A 552 33.96 20.07 -46.51
N GLU A 553 33.20 20.34 -47.58
CA GLU A 553 33.72 21.15 -48.68
C GLU A 553 33.11 22.55 -48.76
N SER A 554 31.98 22.76 -48.07
CA SER A 554 31.31 24.06 -48.18
C SER A 554 30.52 24.45 -46.94
N ARG A 555 30.23 25.74 -46.83
CA ARG A 555 29.40 26.26 -45.75
C ARG A 555 27.98 25.67 -45.80
N GLU A 556 27.43 25.48 -47.00
CA GLU A 556 26.07 24.95 -47.10
CA GLU A 556 26.06 24.95 -47.09
C GLU A 556 26.02 23.50 -46.61
N GLN A 557 27.06 22.73 -46.94
CA GLN A 557 27.14 21.36 -46.47
C GLN A 557 27.28 21.30 -44.95
N LEU A 558 28.11 22.17 -44.39
CA LEU A 558 28.26 22.26 -42.93
C LEU A 558 26.91 22.61 -42.26
N LYS A 559 26.22 23.58 -42.84
CA LYS A 559 24.90 23.94 -42.36
C LYS A 559 23.94 22.75 -42.34
N GLU A 560 23.91 22.00 -43.43
CA GLU A 560 22.96 20.89 -43.55
C GLU A 560 23.18 19.82 -42.48
N VAL A 561 24.42 19.47 -42.22
CA VAL A 561 24.71 18.47 -41.19
C VAL A 561 24.38 19.02 -39.80
N LEU A 562 24.82 20.24 -39.52
CA LEU A 562 24.58 20.80 -38.19
C LEU A 562 23.08 20.96 -37.91
N THR A 563 22.33 21.38 -38.92
CA THR A 563 20.88 21.52 -38.76
C THR A 563 20.23 20.16 -38.48
N SER A 564 20.61 19.16 -39.27
CA SER A 564 20.12 17.79 -39.07
C SER A 564 20.37 17.37 -37.62
N LEU A 565 21.58 17.64 -37.15
CA LEU A 565 22.00 17.20 -35.83
C LEU A 565 21.24 17.93 -34.70
N VAL A 566 21.21 19.26 -34.77
CA VAL A 566 20.58 20.04 -33.73
C VAL A 566 19.05 19.80 -33.69
N PHE A 567 18.43 19.74 -34.86
CA PHE A 567 17.02 19.40 -34.94
C PHE A 567 16.77 18.04 -34.28
N THR A 568 17.66 17.08 -34.50
CA THR A 568 17.44 15.74 -33.99
C THR A 568 17.60 15.72 -32.46
N PHE A 569 18.69 16.30 -31.95
CA PHE A 569 18.92 16.41 -30.51
C PHE A 569 17.72 17.00 -29.77
N SER A 570 17.10 18.02 -30.38
CA SER A 570 16.05 18.78 -29.72
C SER A 570 14.67 18.31 -30.17
N CYS A 571 14.26 18.79 -31.34
CA CYS A 571 12.91 18.58 -31.88
C CYS A 571 12.56 17.13 -32.15
N GLN A 572 13.40 16.39 -32.88
CA GLN A 572 13.00 15.03 -33.23
C GLN A 572 12.86 14.20 -31.98
N HIS A 573 13.84 14.29 -31.10
CA HIS A 573 13.77 13.54 -29.85
C HIS A 573 12.51 13.92 -29.06
N ALA A 574 12.21 15.21 -28.97
CA ALA A 574 11.00 15.65 -28.26
C ALA A 574 9.72 15.05 -28.86
N ALA A 575 9.60 15.11 -30.18
CA ALA A 575 8.40 14.62 -30.86
C ALA A 575 8.18 13.11 -30.64
N VAL A 576 9.25 12.31 -30.57
CA VAL A 576 9.07 10.86 -30.43
C VAL A 576 9.27 10.37 -28.99
N ASN A 577 9.58 11.28 -28.07
CA ASN A 577 9.72 10.90 -26.66
C ASN A 577 8.60 11.47 -25.76
N PHE A 578 8.38 12.77 -25.81
CA PHE A 578 7.43 13.34 -24.84
C PHE A 578 5.99 13.13 -25.29
N SER A 579 5.84 12.55 -26.47
CA SER A 579 4.54 12.09 -26.97
C SER A 579 4.11 10.77 -26.35
N GLN A 580 5.03 10.12 -25.64
CA GLN A 580 4.79 8.77 -25.15
C GLN A 580 3.71 8.63 -24.08
N LYS A 581 3.44 9.67 -23.32
CA LYS A 581 2.41 9.52 -22.29
C LYS A 581 1.03 9.40 -22.95
N ASP A 582 0.76 10.26 -23.92
CA ASP A 582 -0.53 10.23 -24.60
C ASP A 582 -0.69 8.93 -25.40
N HIS A 583 0.43 8.46 -25.92
CA HIS A 583 0.48 7.30 -26.80
C HIS A 583 0.35 5.98 -26.02
N TYR A 584 1.17 5.81 -24.99
CA TYR A 584 1.26 4.54 -24.27
C TYR A 584 0.51 4.49 -22.93
N GLY A 585 0.10 5.65 -22.44
CA GLY A 585 -0.52 5.73 -21.11
C GLY A 585 -1.70 4.80 -20.93
N PHE A 586 -2.58 4.78 -21.92
CA PHE A 586 -3.67 3.80 -21.94
C PHE A 586 -3.23 2.65 -22.83
N THR A 587 -2.92 1.52 -22.20
CA THR A 587 -2.20 0.45 -22.86
C THR A 587 -2.88 -0.10 -24.13
N PRO A 588 -4.20 -0.34 -24.10
CA PRO A 588 -4.80 -0.84 -25.35
C PRO A 588 -4.62 0.10 -26.53
N ASN A 589 -4.33 1.39 -26.30
CA ASN A 589 -4.05 2.29 -27.41
C ASN A 589 -2.77 1.94 -28.17
N ALA A 590 -1.83 1.30 -27.48
CA ALA A 590 -0.54 0.95 -28.06
C ALA A 590 0.18 -0.09 -27.23
N PRO A 591 -0.25 -1.36 -27.33
CA PRO A 591 0.43 -2.45 -26.61
C PRO A 591 1.87 -2.64 -27.10
N ALA A 592 2.78 -2.97 -26.19
CA ALA A 592 4.20 -3.14 -26.58
C ALA A 592 4.58 -4.60 -26.43
N ILE A 593 3.67 -5.37 -25.86
CA ILE A 593 3.81 -6.81 -25.72
C ILE A 593 2.51 -7.48 -26.12
N LEU A 594 2.57 -8.59 -26.86
CA LEU A 594 1.41 -9.45 -27.03
C LEU A 594 1.80 -10.87 -26.60
N ARG A 595 0.85 -11.60 -26.04
CA ARG A 595 1.17 -12.83 -25.32
C ARG A 595 0.76 -14.12 -26.04
N HIS A 596 0.07 -13.99 -27.17
CA HIS A 596 -0.27 -15.17 -27.97
C HIS A 596 0.04 -14.93 -29.44
N PRO A 597 0.24 -16.00 -30.22
CA PRO A 597 0.52 -15.83 -31.65
C PRO A 597 -0.70 -15.28 -32.42
N PRO A 598 -0.46 -14.74 -33.62
CA PRO A 598 -1.55 -14.22 -34.46
C PRO A 598 -2.47 -15.33 -34.95
N PRO A 599 -3.71 -14.99 -35.33
CA PRO A 599 -4.63 -16.04 -35.79
C PRO A 599 -4.22 -16.56 -37.16
N LYS A 600 -4.59 -17.80 -37.45
CA LYS A 600 -4.34 -18.39 -38.77
C LYS A 600 -5.65 -18.58 -39.55
N LYS A 601 -6.75 -18.03 -39.05
CA LYS A 601 -8.00 -17.99 -39.79
C LYS A 601 -8.92 -16.92 -39.20
N LYS A 602 -9.97 -16.56 -39.94
CA LYS A 602 -10.90 -15.57 -39.43
C LYS A 602 -11.93 -16.20 -38.49
N GLY A 603 -12.57 -15.38 -37.66
CA GLY A 603 -13.67 -15.82 -36.82
C GLY A 603 -13.31 -16.18 -35.38
N GLU A 604 -12.04 -16.26 -35.05
CA GLU A 604 -11.63 -16.77 -33.74
C GLU A 604 -11.67 -15.74 -32.60
N ALA A 605 -11.41 -14.48 -32.88
CA ALA A 605 -11.23 -13.49 -31.81
C ALA A 605 -12.51 -13.22 -31.01
N THR A 606 -12.35 -13.22 -29.69
CA THR A 606 -13.38 -12.77 -28.77
C THR A 606 -12.76 -11.74 -27.83
N LEU A 607 -13.58 -11.08 -27.03
CA LEU A 607 -13.06 -10.14 -26.05
C LEU A 607 -12.11 -10.88 -25.12
N GLN A 608 -12.47 -12.10 -24.75
CA GLN A 608 -11.66 -12.86 -23.80
C GLN A 608 -10.30 -13.27 -24.40
N SER A 609 -10.30 -13.68 -25.67
CA SER A 609 -9.05 -14.13 -26.28
C SER A 609 -8.14 -12.92 -26.52
N ILE A 610 -8.76 -11.79 -26.85
CA ILE A 610 -8.05 -10.52 -27.02
C ILE A 610 -7.39 -10.07 -25.71
N LEU A 611 -8.14 -10.12 -24.61
CA LEU A 611 -7.58 -9.70 -23.31
C LEU A 611 -6.45 -10.60 -22.86
N SER A 612 -6.53 -11.87 -23.23
CA SER A 612 -5.47 -12.83 -22.89
CA SER A 612 -5.47 -12.80 -22.87
C SER A 612 -4.25 -12.60 -23.78
N THR A 613 -4.45 -11.91 -24.90
CA THR A 613 -3.35 -11.64 -25.82
C THR A 613 -2.67 -10.30 -25.52
N LEU A 614 -3.47 -9.30 -25.14
CA LEU A 614 -2.97 -8.00 -24.72
C LEU A 614 -2.00 -8.12 -23.53
N PRO A 615 -1.20 -7.07 -23.25
CA PRO A 615 -0.30 -7.16 -22.11
C PRO A 615 -1.05 -7.46 -20.82
N SER A 616 -0.43 -8.22 -19.92
CA SER A 616 -0.98 -8.42 -18.59
C SER A 616 -1.01 -7.11 -17.82
N LYS A 617 -1.76 -7.11 -16.73
CA LYS A 617 -1.81 -5.99 -15.81
C LYS A 617 -0.41 -5.49 -15.44
N SER A 618 0.46 -6.41 -15.07
CA SER A 618 1.81 -6.07 -14.62
C SER A 618 2.69 -5.54 -15.77
N GLN A 619 2.57 -6.14 -16.95
CA GLN A 619 3.34 -5.67 -18.11
C GLN A 619 2.89 -4.27 -18.51
N ALA A 620 1.58 -4.02 -18.46
CA ALA A 620 1.04 -2.72 -18.81
C ALA A 620 1.48 -1.66 -17.80
N ALA A 621 1.41 -2.00 -16.51
CA ALA A 621 1.84 -1.10 -15.44
C ALA A 621 3.32 -0.74 -15.60
N LYS A 622 4.15 -1.71 -15.96
CA LYS A 622 5.57 -1.45 -16.12
C LYS A 622 5.84 -0.53 -17.31
N ALA A 623 5.05 -0.69 -18.37
CA ALA A 623 5.20 0.20 -19.53
C ALA A 623 4.86 1.65 -19.13
N ILE A 624 3.82 1.81 -18.33
CA ILE A 624 3.44 3.14 -17.88
C ILE A 624 4.52 3.76 -16.98
N ALA A 625 5.08 2.94 -16.10
CA ALA A 625 6.13 3.38 -15.19
C ALA A 625 7.33 3.87 -16.00
N THR A 626 7.68 3.10 -17.02
CA THR A 626 8.80 3.44 -17.90
C THR A 626 8.55 4.77 -18.61
N VAL A 627 7.34 4.92 -19.14
CA VAL A 627 6.95 6.14 -19.81
C VAL A 627 7.01 7.33 -18.85
N TYR A 628 6.55 7.13 -17.61
CA TYR A 628 6.62 8.18 -16.61
C TYR A 628 8.05 8.71 -16.47
N ILE A 629 9.00 7.78 -16.36
CA ILE A 629 10.41 8.11 -16.18
C ILE A 629 11.01 8.78 -17.42
N LEU A 630 10.74 8.22 -18.60
CA LEU A 630 11.35 8.72 -19.83
C LEU A 630 10.78 10.07 -20.27
N THR A 631 9.67 10.50 -19.68
CA THR A 631 9.08 11.76 -20.14
C THR A 631 9.10 12.84 -19.07
N LYS A 632 9.83 12.60 -17.99
CA LYS A 632 9.87 13.58 -16.89
C LYS A 632 10.87 14.69 -17.22
N PHE A 633 10.37 15.91 -17.40
CA PHE A 633 11.21 17.09 -17.53
C PHE A 633 11.88 17.42 -16.21
N SER A 634 13.16 17.76 -16.25
CA SER A 634 13.88 18.15 -15.05
CA SER A 634 13.88 18.15 -15.05
C SER A 634 13.54 19.58 -14.68
N GLU A 635 13.59 19.88 -13.39
CA GLU A 635 13.31 21.23 -12.94
C GLU A 635 14.35 22.22 -13.48
N ASP A 636 15.52 21.74 -13.89
CA ASP A 636 16.51 22.64 -14.49
C ASP A 636 16.61 22.54 -16.02
N GLU A 637 15.60 21.96 -16.66
CA GLU A 637 15.75 21.76 -18.11
CA GLU A 637 15.60 21.76 -18.12
C GLU A 637 15.78 23.09 -18.84
N ARG A 638 16.54 23.12 -19.93
CA ARG A 638 16.60 24.31 -20.77
C ARG A 638 15.95 23.96 -22.12
N TYR A 639 15.00 24.79 -22.54
CA TYR A 639 14.22 24.46 -23.72
C TYR A 639 14.78 25.21 -24.93
N LEU A 640 14.26 24.87 -26.11
CA LEU A 640 14.91 25.21 -27.38
C LEU A 640 15.24 26.68 -27.51
N GLY A 641 16.51 26.97 -27.75
CA GLY A 641 16.96 28.35 -27.89
C GLY A 641 17.32 29.05 -26.59
N ASN A 642 17.06 28.41 -25.46
CA ASN A 642 17.49 28.99 -24.19
C ASN A 642 19.00 28.79 -24.10
N TYR A 643 19.74 29.84 -24.39
CA TYR A 643 21.18 29.75 -24.46
C TYR A 643 21.81 30.53 -23.30
N SER A 644 21.12 30.52 -22.16
CA SER A 644 21.56 31.31 -21.03
C SER A 644 22.85 30.76 -20.45
N ALA A 645 23.13 29.47 -20.67
CA ALA A 645 24.37 28.86 -20.20
C ALA A 645 25.35 28.56 -21.33
N THR A 646 25.39 29.42 -22.34
CA THR A 646 26.33 29.21 -23.45
C THR A 646 27.48 30.21 -23.36
N ALA A 647 28.51 29.99 -24.17
CA ALA A 647 29.78 30.69 -24.00
C ALA A 647 30.07 31.73 -25.09
N TRP A 648 29.02 32.21 -25.76
CA TRP A 648 29.15 33.21 -26.82
C TRP A 648 29.62 34.58 -26.31
N GLU A 649 30.51 35.23 -27.06
CA GLU A 649 30.94 36.61 -26.74
C GLU A 649 30.73 37.53 -27.93
N ASP A 650 30.81 36.97 -29.13
CA ASP A 650 30.73 37.75 -30.36
C ASP A 650 29.36 38.42 -30.47
N LYS A 651 29.36 39.74 -30.66
CA LYS A 651 28.12 40.53 -30.71
C LYS A 651 27.21 40.11 -31.86
N ASP A 652 27.79 39.80 -33.01
CA ASP A 652 27.02 39.31 -34.15
C ASP A 652 26.37 37.98 -33.83
N ALA A 653 27.08 37.14 -33.09
CA ALA A 653 26.51 35.85 -32.66
C ALA A 653 25.35 36.08 -31.71
N LEU A 654 25.50 37.02 -30.78
CA LEU A 654 24.43 37.36 -29.86
C LEU A 654 23.19 37.86 -30.61
N ASP A 655 23.42 38.63 -31.67
CA ASP A 655 22.33 39.12 -32.53
C ASP A 655 21.61 37.96 -33.24
N ALA A 656 22.38 37.01 -33.74
CA ALA A 656 21.81 35.83 -34.40
C ALA A 656 20.90 35.08 -33.44
N ILE A 657 21.35 34.98 -32.20
CA ILE A 657 20.61 34.30 -31.15
C ILE A 657 19.30 35.04 -30.86
N ASN A 658 19.36 36.37 -30.74
CA ASN A 658 18.15 37.19 -30.58
C ASN A 658 17.11 36.90 -31.66
N ARG A 659 17.56 36.89 -32.92
CA ARG A 659 16.65 36.66 -34.04
C ARG A 659 16.05 35.26 -34.00
N PHE A 660 16.86 34.27 -33.64
CA PHE A 660 16.42 32.88 -33.52
C PHE A 660 15.33 32.77 -32.44
N GLN A 661 15.59 33.36 -31.27
CA GLN A 661 14.62 33.30 -30.17
C GLN A 661 13.32 34.00 -30.52
N ASP A 662 13.41 35.15 -31.21
CA ASP A 662 12.19 35.86 -31.61
C ASP A 662 11.40 35.04 -32.62
N LYS A 663 12.10 34.32 -33.50
CA LYS A 663 11.43 33.46 -34.47
C LYS A 663 10.73 32.27 -33.79
N LEU A 664 11.40 31.68 -32.81
CA LEU A 664 10.79 30.58 -32.04
C LEU A 664 9.54 31.05 -31.29
N GLU A 665 9.59 32.27 -30.78
CA GLU A 665 8.45 32.83 -30.09
C GLU A 665 7.26 32.98 -31.05
N ASP A 666 7.54 33.44 -32.27
CA ASP A 666 6.47 33.57 -33.26
C ASP A 666 5.92 32.19 -33.62
N ILE A 667 6.81 31.22 -33.81
CA ILE A 667 6.38 29.84 -34.09
C ILE A 667 5.50 29.30 -32.96
N SER A 668 5.90 29.59 -31.72
CA SER A 668 5.13 29.15 -30.57
CA SER A 668 5.13 29.20 -30.53
C SER A 668 3.70 29.73 -30.58
N LYS A 669 3.56 31.01 -30.87
CA LYS A 669 2.23 31.63 -30.88
C LYS A 669 1.34 31.02 -31.95
N LYS A 670 1.93 30.77 -33.12
CA LYS A 670 1.22 30.18 -34.24
C LYS A 670 0.77 28.76 -33.94
N ILE A 671 1.60 28.01 -33.24
CA ILE A 671 1.23 26.65 -32.86
C ILE A 671 0.07 26.69 -31.86
N LYS A 672 0.14 27.60 -30.88
CA LYS A 672 -0.93 27.70 -29.88
C LYS A 672 -2.25 28.12 -30.54
N GLN A 673 -2.16 29.06 -31.48
CA GLN A 673 -3.35 29.52 -32.19
C GLN A 673 -3.95 28.39 -33.02
N ARG A 674 -3.07 27.63 -33.68
CA ARG A 674 -3.47 26.44 -34.42
C ARG A 674 -4.21 25.47 -33.49
N ASN A 675 -3.59 25.20 -32.33
CA ASN A 675 -4.12 24.24 -31.37
C ASN A 675 -5.49 24.59 -30.79
N GLU A 676 -5.81 25.88 -30.73
CA GLU A 676 -7.12 26.31 -30.21
C GLU A 676 -8.28 25.76 -31.03
N ASN A 677 -8.04 25.52 -32.32
CA ASN A 677 -9.09 25.02 -33.20
C ASN A 677 -9.07 23.50 -33.39
N LEU A 678 -8.19 22.81 -32.67
CA LEU A 678 -8.07 21.36 -32.84
C LEU A 678 -8.85 20.60 -31.78
N GLU A 679 -9.41 19.45 -32.14
CA GLU A 679 -10.04 18.58 -31.15
C GLU A 679 -9.00 18.05 -30.18
N VAL A 680 -7.84 17.70 -30.71
CA VAL A 680 -6.73 17.23 -29.89
C VAL A 680 -5.48 18.04 -30.21
N PRO A 681 -5.21 19.09 -29.40
CA PRO A 681 -4.03 19.92 -29.62
C PRO A 681 -2.75 19.07 -29.77
N TYR A 682 -1.86 19.50 -30.65
CA TYR A 682 -0.56 18.86 -30.84
C TYR A 682 0.50 19.74 -30.21
N ILE A 683 1.03 19.34 -29.06
CA ILE A 683 1.87 20.26 -28.28
C ILE A 683 3.34 19.83 -28.16
N TYR A 684 3.73 18.70 -28.73
CA TYR A 684 5.06 18.18 -28.42
C TYR A 684 6.16 19.00 -29.09
N LEU A 685 5.80 19.80 -30.09
CA LEU A 685 6.80 20.62 -30.77
C LEU A 685 6.66 22.12 -30.48
N LEU A 686 5.99 22.47 -29.38
CA LEU A 686 6.08 23.84 -28.86
C LEU A 686 7.53 24.05 -28.39
N PRO A 687 8.16 25.16 -28.80
CA PRO A 687 9.53 25.42 -28.36
C PRO A 687 9.71 25.38 -26.83
N GLU A 688 8.70 25.79 -26.06
CA GLU A 688 8.80 25.80 -24.59
C GLU A 688 8.71 24.39 -24.00
N ARG A 689 8.46 23.40 -24.85
CA ARG A 689 8.39 22.01 -24.41
C ARG A 689 9.48 21.14 -25.07
N ILE A 690 10.31 21.76 -25.90
CA ILE A 690 11.38 21.03 -26.55
C ILE A 690 12.72 21.30 -25.85
N PRO A 691 13.28 20.30 -25.17
CA PRO A 691 14.61 20.51 -24.58
C PRO A 691 15.66 20.77 -25.67
N ASN A 692 16.66 21.58 -25.37
CA ASN A 692 17.80 21.74 -26.30
C ASN A 692 18.38 20.39 -26.67
N GLY A 693 18.36 19.46 -25.72
CA GLY A 693 19.11 18.22 -25.88
C GLY A 693 18.29 16.95 -25.73
N THR A 694 18.99 15.84 -25.89
CA THR A 694 18.41 14.51 -25.74
C THR A 694 18.96 13.98 -24.42
N ALA A 695 18.20 14.17 -23.35
CA ALA A 695 18.72 13.99 -21.99
C ALA A 695 17.89 13.04 -21.13
N ILE A 696 16.89 12.41 -21.73
CA ILE A 696 16.03 11.50 -20.97
C ILE A 696 15.41 10.53 -21.95
N HIS B 6 21.69 63.38 -28.69
CA HIS B 6 21.30 62.03 -28.27
C HIS B 6 22.46 61.30 -27.59
N ALA B 7 22.13 60.26 -26.85
CA ALA B 7 23.16 59.36 -26.32
C ALA B 7 22.83 57.93 -26.72
N ILE B 8 23.86 57.11 -26.84
CA ILE B 8 23.70 55.68 -27.04
C ILE B 8 23.92 54.97 -25.71
N TYR B 9 22.90 54.26 -25.26
CA TYR B 9 22.93 53.55 -23.99
C TYR B 9 23.13 52.04 -24.20
N ASN B 10 24.19 51.50 -23.61
CA ASN B 10 24.36 50.05 -23.57
C ASN B 10 23.77 49.50 -22.28
N VAL B 11 22.70 48.73 -22.42
CA VAL B 11 21.95 48.19 -21.29
C VAL B 11 22.13 46.68 -21.18
N GLU B 12 22.65 46.23 -20.05
CA GLU B 12 22.78 44.80 -19.80
C GLU B 12 21.88 44.43 -18.64
N VAL B 13 21.06 43.40 -18.83
CA VAL B 13 20.14 42.99 -17.79
C VAL B 13 20.42 41.55 -17.35
N GLU B 14 20.61 41.38 -16.06
CA GLU B 14 20.83 40.06 -15.49
CA GLU B 14 20.85 40.06 -15.49
C GLU B 14 19.58 39.58 -14.77
N THR B 15 19.00 38.51 -15.31
CA THR B 15 17.80 37.88 -14.76
C THR B 15 18.18 36.79 -13.76
N GLY B 16 17.47 36.74 -12.63
CA GLY B 16 17.78 35.75 -11.59
C GLY B 16 17.67 34.32 -12.09
N ASP B 17 18.34 33.39 -11.42
CA ASP B 17 18.31 31.99 -11.88
C ASP B 17 17.15 31.15 -11.35
N ARG B 18 16.38 31.69 -10.41
CA ARG B 18 15.31 30.93 -9.79
C ARG B 18 14.21 30.62 -10.78
N GLU B 19 13.42 29.59 -10.50
CA GLU B 19 12.34 29.16 -11.38
CA GLU B 19 12.38 29.18 -11.43
C GLU B 19 11.36 30.30 -11.62
N HIS B 20 10.92 30.45 -12.87
CA HIS B 20 9.98 31.50 -13.31
C HIS B 20 10.55 32.92 -13.24
N ALA B 21 11.86 33.04 -13.07
CA ALA B 21 12.47 34.37 -13.08
C ALA B 21 12.31 35.05 -14.44
N GLY B 22 12.28 34.27 -15.51
CA GLY B 22 12.21 34.82 -16.85
C GLY B 22 10.87 35.46 -17.15
N THR B 23 10.78 36.12 -18.30
CA THR B 23 9.53 36.75 -18.74
C THR B 23 9.50 36.81 -20.25
N ASP B 24 8.31 36.85 -20.83
CA ASP B 24 8.21 37.22 -22.24
C ASP B 24 7.33 38.45 -22.42
N ALA B 25 7.06 39.14 -21.32
CA ALA B 25 6.38 40.43 -21.40
C ALA B 25 7.22 41.39 -22.23
N THR B 26 6.59 42.42 -22.80
CA THR B 26 7.35 43.46 -23.49
C THR B 26 7.93 44.42 -22.47
N ILE B 27 9.25 44.60 -22.51
CA ILE B 27 9.98 45.40 -21.51
C ILE B 27 10.47 46.71 -22.09
N THR B 28 10.20 47.79 -21.38
CA THR B 28 10.75 49.08 -21.74
C THR B 28 11.56 49.64 -20.58
N ILE B 29 12.51 50.50 -20.88
CA ILE B 29 13.30 51.16 -19.85
C ILE B 29 13.30 52.66 -20.08
N ARG B 30 13.14 53.41 -19.00
CA ARG B 30 13.27 54.86 -19.08
C ARG B 30 14.42 55.29 -18.19
N ILE B 31 15.32 56.09 -18.75
CA ILE B 31 16.52 56.53 -18.04
C ILE B 31 16.46 58.00 -17.61
N THR B 32 16.78 58.25 -16.36
CA THR B 32 16.74 59.60 -15.80
C THR B 32 18.12 60.03 -15.34
N GLY B 33 18.50 61.26 -15.69
CA GLY B 33 19.78 61.77 -15.29
C GLY B 33 19.79 63.27 -15.03
N ALA B 34 20.99 63.80 -14.88
CA ALA B 34 21.20 65.22 -14.58
C ALA B 34 20.47 66.14 -15.55
N LYS B 35 20.58 65.86 -16.85
CA LYS B 35 20.04 66.74 -17.88
C LYS B 35 18.58 66.45 -18.25
N GLY B 36 18.02 65.39 -17.70
CA GLY B 36 16.63 65.07 -18.00
C GLY B 36 16.28 63.60 -18.01
N ARG B 37 15.35 63.22 -18.87
CA ARG B 37 14.76 61.88 -18.86
C ARG B 37 14.50 61.40 -20.29
N THR B 38 14.74 60.11 -20.56
CA THR B 38 14.49 59.54 -21.89
C THR B 38 13.02 59.18 -22.03
N ASP B 39 12.59 58.85 -23.24
CA ASP B 39 11.31 58.16 -23.42
C ASP B 39 11.45 56.75 -22.90
N TYR B 40 10.38 55.99 -22.87
CA TYR B 40 10.50 54.57 -22.59
C TYR B 40 11.07 53.91 -23.83
N LEU B 41 12.25 53.29 -23.66
CA LEU B 41 12.97 52.66 -24.74
C LEU B 41 12.78 51.15 -24.68
N LYS B 42 12.55 50.54 -25.83
CA LYS B 42 12.24 49.12 -25.91
C LYS B 42 13.47 48.25 -25.71
N LEU B 43 13.36 47.23 -24.86
CA LEU B 43 14.36 46.18 -24.78
C LEU B 43 13.72 44.93 -25.38
N ASP B 44 13.74 44.84 -26.71
CA ASP B 44 12.91 43.85 -27.38
C ASP B 44 13.62 43.20 -28.56
N LYS B 45 14.59 42.38 -28.23
CA LYS B 45 15.28 41.53 -29.20
C LYS B 45 15.84 40.38 -28.40
N GLY B 46 15.34 39.18 -28.66
CA GLY B 46 15.77 38.01 -27.91
C GLY B 46 14.91 37.81 -26.67
N SER B 47 15.23 36.77 -25.93
CA SER B 47 14.43 36.37 -24.78
C SER B 47 15.02 36.84 -23.45
N PHE B 48 14.22 36.78 -22.40
CA PHE B 48 14.70 36.98 -21.04
C PHE B 48 14.52 35.68 -20.24
N GLU B 49 15.42 34.72 -20.38
CA GLU B 49 15.32 33.48 -19.62
C GLU B 49 15.92 33.62 -18.23
N ALA B 50 15.53 32.71 -17.33
CA ALA B 50 16.14 32.66 -16.01
C ALA B 50 17.65 32.51 -16.17
N GLY B 51 18.41 33.30 -15.43
CA GLY B 51 19.85 33.17 -15.45
C GLY B 51 20.56 33.87 -16.58
N SER B 52 19.81 34.50 -17.48
CA SER B 52 20.41 35.12 -18.66
C SER B 52 21.03 36.47 -18.33
N LYS B 53 22.06 36.83 -19.10
CA LYS B 53 22.63 38.15 -19.11
C LYS B 53 22.45 38.67 -20.53
N GLU B 54 21.57 39.66 -20.70
CA GLU B 54 21.17 40.06 -22.03
C GLU B 54 21.53 41.52 -22.32
N GLN B 55 21.97 41.76 -23.56
CA GLN B 55 22.48 43.07 -23.94
C GLN B 55 21.57 43.75 -24.95
N TYR B 56 21.38 45.05 -24.73
CA TYR B 56 20.58 45.90 -25.58
C TYR B 56 21.34 47.18 -25.85
N THR B 57 21.11 47.74 -27.02
CA THR B 57 21.70 49.01 -27.38
C THR B 57 20.57 49.94 -27.81
N VAL B 58 20.31 50.97 -27.01
CA VAL B 58 19.22 51.88 -27.31
C VAL B 58 19.71 53.32 -27.38
N GLN B 59 18.95 54.14 -28.08
CA GLN B 59 19.30 55.53 -28.31
C GLN B 59 18.19 56.42 -27.78
N GLY B 60 18.59 57.51 -27.14
CA GLY B 60 17.62 58.50 -26.68
C GLY B 60 18.27 59.79 -26.23
N PHE B 61 17.46 60.68 -25.68
CA PHE B 61 17.92 61.91 -25.05
C PHE B 61 19.12 61.66 -24.14
N ASP B 62 20.16 62.47 -24.28
CA ASP B 62 21.33 62.38 -23.41
C ASP B 62 21.01 62.97 -22.04
N VAL B 63 20.91 62.12 -21.03
CA VAL B 63 20.50 62.60 -19.70
C VAL B 63 21.68 63.09 -18.88
N GLY B 64 22.87 63.07 -19.45
CA GLY B 64 24.06 63.37 -18.68
C GLY B 64 24.30 62.25 -17.67
N ASP B 65 24.75 62.62 -16.48
CA ASP B 65 25.01 61.63 -15.44
C ASP B 65 23.72 60.92 -15.08
N ILE B 66 23.71 59.59 -15.15
CA ILE B 66 22.50 58.84 -14.91
C ILE B 66 22.26 58.72 -13.41
N GLN B 67 21.01 58.93 -13.00
CA GLN B 67 20.65 59.01 -11.58
C GLN B 67 19.63 57.96 -11.14
N LEU B 68 18.76 57.54 -12.05
CA LEU B 68 17.90 56.39 -11.79
C LEU B 68 17.32 55.86 -13.08
N ILE B 69 16.75 54.66 -13.01
CA ILE B 69 16.04 54.09 -14.14
C ILE B 69 14.70 53.51 -13.71
N GLU B 70 13.82 53.35 -14.67
CA GLU B 70 12.54 52.71 -14.45
C GLU B 70 12.36 51.58 -15.44
N LEU B 71 12.06 50.38 -14.94
CA LEU B 71 11.69 49.28 -15.82
C LEU B 71 10.17 49.25 -15.90
N HIS B 72 9.65 49.05 -17.11
CA HIS B 72 8.22 48.82 -17.25
C HIS B 72 7.96 47.51 -17.98
N SER B 73 7.03 46.74 -17.45
CA SER B 73 6.58 45.51 -18.10
C SER B 73 5.12 45.66 -18.52
N ASP B 74 4.80 45.31 -19.77
CA ASP B 74 3.41 45.44 -20.24
C ASP B 74 2.53 44.32 -19.69
N GLY B 75 3.14 43.39 -18.96
CA GLY B 75 2.39 42.35 -18.27
C GLY B 75 2.14 41.10 -19.09
N GLY B 76 2.71 41.04 -20.28
CA GLY B 76 2.57 39.85 -21.12
C GLY B 76 1.31 39.90 -21.97
N GLY B 77 1.22 38.98 -22.93
CA GLY B 77 0.09 38.91 -23.81
C GLY B 77 -0.79 37.73 -23.47
N TYR B 78 -1.72 37.41 -24.37
CA TYR B 78 -2.68 36.35 -24.13
C TYR B 78 -1.98 35.03 -23.80
N TRP B 79 -0.87 34.77 -24.46
CA TRP B 79 -0.17 33.50 -24.32
C TRP B 79 0.89 33.48 -23.20
N SER B 80 1.08 34.61 -22.54
CA SER B 80 2.10 34.72 -21.50
C SER B 80 1.74 33.94 -20.24
N GLY B 81 2.60 33.01 -19.86
CA GLY B 81 2.35 32.16 -18.70
C GLY B 81 2.68 32.79 -17.36
N ASP B 82 3.83 33.44 -17.26
CA ASP B 82 4.24 34.06 -15.99
C ASP B 82 5.07 35.30 -16.22
N PRO B 83 4.39 36.43 -16.53
CA PRO B 83 5.06 37.67 -16.91
C PRO B 83 5.94 38.27 -15.81
N ASP B 84 5.68 37.95 -14.54
CA ASP B 84 6.53 38.47 -13.46
C ASP B 84 7.98 38.11 -13.70
N TRP B 85 8.88 39.05 -13.42
CA TRP B 85 10.26 38.98 -13.90
C TRP B 85 11.21 39.23 -12.74
N PHE B 86 12.05 38.25 -12.41
CA PHE B 86 12.96 38.47 -11.28
C PHE B 86 14.30 38.95 -11.80
N VAL B 87 14.59 40.22 -11.53
CA VAL B 87 15.79 40.86 -12.05
C VAL B 87 16.85 40.97 -10.99
N ASN B 88 18.03 40.42 -11.28
CA ASN B 88 19.18 40.60 -10.41
C ASN B 88 19.71 42.01 -10.45
N ARG B 89 20.09 42.45 -11.64
CA ARG B 89 20.58 43.80 -11.79
C ARG B 89 20.65 44.25 -13.24
N VAL B 90 20.80 45.56 -13.40
CA VAL B 90 20.89 46.18 -14.69
C VAL B 90 22.19 46.96 -14.70
N ILE B 91 22.95 46.85 -15.77
CA ILE B 91 24.16 47.64 -15.91
C ILE B 91 24.03 48.52 -17.14
N ILE B 92 24.33 49.81 -16.98
CA ILE B 92 24.22 50.75 -18.09
C ILE B 92 25.49 51.54 -18.29
N ILE B 93 25.87 51.67 -19.57
CA ILE B 93 26.94 52.56 -20.02
C ILE B 93 26.35 53.58 -20.99
N SER B 94 26.57 54.86 -20.72
CA SER B 94 26.17 55.92 -21.64
C SER B 94 27.37 56.34 -22.49
N SER B 95 27.14 56.58 -23.77
CA SER B 95 28.20 57.02 -24.67
C SER B 95 28.74 58.40 -24.31
N THR B 96 28.04 59.13 -23.45
CA THR B 96 28.46 60.48 -23.08
C THR B 96 29.08 60.56 -21.68
N GLN B 97 29.11 59.44 -20.97
CA GLN B 97 29.66 59.41 -19.61
C GLN B 97 30.74 58.34 -19.47
N ASP B 98 31.75 58.61 -18.65
CA ASP B 98 32.84 57.65 -18.46
CA ASP B 98 32.86 57.66 -18.44
C ASP B 98 32.60 56.75 -17.25
N ARG B 99 31.34 56.59 -16.87
CA ARG B 99 30.99 55.73 -15.73
C ARG B 99 30.27 54.47 -16.16
N VAL B 100 30.45 53.41 -15.38
CA VAL B 100 29.63 52.21 -15.49
C VAL B 100 28.56 52.27 -14.40
N TYR B 101 27.30 52.39 -14.80
CA TYR B 101 26.19 52.49 -13.83
C TYR B 101 25.61 51.12 -13.52
N SER B 102 25.63 50.76 -12.23
CA SER B 102 25.16 49.46 -11.78
C SER B 102 23.92 49.58 -10.89
N PHE B 103 22.83 48.91 -11.27
CA PHE B 103 21.56 48.99 -10.55
C PHE B 103 21.12 47.63 -10.01
N PRO B 104 21.49 47.32 -8.76
CA PRO B 104 21.07 46.06 -8.12
C PRO B 104 19.58 46.04 -7.89
N CYS B 105 18.96 44.86 -8.02
CA CYS B 105 17.53 44.75 -7.83
C CYS B 105 17.23 43.59 -6.88
N PHE B 106 17.32 42.37 -7.41
CA PHE B 106 17.04 41.15 -6.66
C PHE B 106 15.64 41.20 -6.05
N ARG B 107 14.69 41.66 -6.86
CA ARG B 107 13.28 41.70 -6.48
C ARG B 107 12.48 41.43 -7.73
N TRP B 108 11.21 41.11 -7.56
CA TRP B 108 10.36 40.84 -8.71
C TRP B 108 9.87 42.11 -9.39
N VAL B 109 9.94 42.12 -10.71
CA VAL B 109 9.37 43.20 -11.49
C VAL B 109 8.01 42.76 -11.97
N ILE B 110 6.96 43.44 -11.50
CA ILE B 110 5.59 43.08 -11.87
C ILE B 110 5.11 43.95 -13.01
N LYS B 111 4.88 45.23 -12.71
CA LYS B 111 4.53 46.20 -13.74
C LYS B 111 5.62 47.25 -13.90
N ASP B 112 5.94 47.94 -12.80
CA ASP B 112 6.97 48.99 -12.82
C ASP B 112 8.01 48.76 -11.74
N MET B 113 9.25 49.17 -12.01
CA MET B 113 10.32 49.06 -11.03
C MET B 113 11.30 50.21 -11.16
N VAL B 114 11.45 50.98 -10.09
CA VAL B 114 12.47 52.03 -10.05
C VAL B 114 13.74 51.48 -9.43
N LEU B 115 14.87 51.72 -10.06
CA LEU B 115 16.14 51.29 -9.49
C LEU B 115 17.10 52.47 -9.42
N PHE B 116 17.96 52.45 -8.39
CA PHE B 116 19.01 53.46 -8.20
C PHE B 116 20.38 52.85 -8.41
N PRO B 117 21.34 53.62 -8.96
CA PRO B 117 22.69 53.08 -9.21
C PRO B 117 23.63 53.26 -8.04
N GLY B 118 24.58 52.34 -7.91
CA GLY B 118 25.67 52.48 -6.95
C GLY B 118 25.38 52.04 -5.53
N GLU B 119 26.06 52.68 -4.58
CA GLU B 119 26.08 52.22 -3.21
C GLU B 119 24.78 52.48 -2.46
N ALA B 120 24.54 51.65 -1.45
CA ALA B 120 23.46 51.88 -0.52
C ALA B 120 23.62 53.25 0.12
N THR B 121 22.52 53.93 0.43
CA THR B 121 22.59 55.19 1.15
C THR B 121 21.59 55.26 2.28
N LEU B 122 21.91 56.09 3.27
CA LEU B 122 20.97 56.54 4.29
C LEU B 122 20.11 57.64 3.67
N PRO B 123 18.87 57.81 4.17
CA PRO B 123 17.96 58.77 3.51
C PRO B 123 18.43 60.21 3.53
N PHE B 124 19.23 60.63 4.52
CA PHE B 124 19.70 62.01 4.57
C PHE B 124 21.00 62.22 3.79
N ASN B 125 21.59 61.14 3.26
CA ASN B 125 22.79 61.29 2.42
C ASN B 125 22.43 62.07 1.15
N GLU B 126 23.34 62.91 0.68
CA GLU B 126 23.05 63.80 -0.44
C GLU B 126 22.85 63.02 -1.75
N VAL B 127 21.69 63.21 -2.38
CA VAL B 127 21.35 62.58 -3.65
C VAL B 127 20.51 63.56 -4.44
N PRO B 128 20.37 63.35 -5.76
CA PRO B 128 19.47 64.23 -6.52
C PRO B 128 18.05 64.22 -5.96
N ALA B 129 17.37 65.36 -6.10
CA ALA B 129 16.00 65.54 -5.64
C ALA B 129 15.07 64.43 -6.09
N ILE B 130 15.19 64.06 -7.36
CA ILE B 130 14.27 63.09 -7.95
C ILE B 130 14.52 61.70 -7.34
N VAL B 131 15.74 61.44 -6.89
CA VAL B 131 16.04 60.19 -6.22
C VAL B 131 15.34 60.13 -4.84
N SER B 132 15.45 61.23 -4.09
CA SER B 132 14.79 61.29 -2.79
C SER B 132 13.27 61.20 -2.91
N GLU B 133 12.72 61.84 -3.95
CA GLU B 133 11.30 61.76 -4.23
C GLU B 133 10.87 60.32 -4.49
N GLN B 134 11.62 59.63 -5.35
CA GLN B 134 11.31 58.24 -5.68
C GLN B 134 11.45 57.32 -4.48
N ARG B 135 12.41 57.61 -3.60
CA ARG B 135 12.60 56.80 -2.41
C ARG B 135 11.40 56.92 -1.47
N GLN B 136 10.94 58.15 -1.30
N GLN B 136 10.90 58.13 -1.30
CA GLN B 136 9.72 58.42 -0.53
CA GLN B 136 9.73 58.35 -0.47
C GLN B 136 8.55 57.64 -1.10
C GLN B 136 8.51 57.66 -1.10
N LYS B 137 8.38 57.75 -2.42
CA LYS B 137 7.31 57.04 -3.13
C LYS B 137 7.36 55.53 -2.85
N GLU B 138 8.56 54.96 -2.90
CA GLU B 138 8.72 53.52 -2.67
C GLU B 138 8.20 53.15 -1.29
N LEU B 139 8.56 53.96 -0.30
CA LEU B 139 8.18 53.70 1.08
C LEU B 139 6.67 53.84 1.29
N GLU B 140 6.04 54.84 0.66
CA GLU B 140 4.58 54.97 0.74
C GLU B 140 3.88 53.74 0.17
N GLN B 141 4.34 53.28 -0.98
CA GLN B 141 3.80 52.05 -1.54
C GLN B 141 4.01 50.84 -0.61
N ARG B 142 5.18 50.72 0.00
CA ARG B 142 5.45 49.61 0.92
C ARG B 142 4.41 49.53 2.05
N LYS B 143 3.99 50.68 2.56
CA LYS B 143 3.07 50.68 3.70
C LYS B 143 1.64 50.39 3.25
N LEU B 144 1.41 50.48 1.93
CA LEU B 144 0.14 50.01 1.38
C LEU B 144 0.18 48.49 1.16
N THR B 145 1.32 47.98 0.74
CA THR B 145 1.44 46.57 0.41
C THR B 145 1.61 45.70 1.65
N TYR B 146 2.38 46.19 2.61
CA TYR B 146 2.75 45.42 3.78
C TYR B 146 2.06 45.98 5.01
N GLN B 147 1.00 45.30 5.46
CA GLN B 147 0.18 45.81 6.54
C GLN B 147 0.22 44.86 7.72
N TRP B 148 0.10 45.44 8.92
CA TRP B 148 0.06 44.67 10.16
C TRP B 148 -1.25 43.90 10.27
N ASP B 149 -1.20 42.75 10.94
CA ASP B 149 -2.39 42.03 11.34
C ASP B 149 -2.02 41.24 12.58
N TYR B 150 -3.03 40.77 13.32
CA TYR B 150 -2.79 40.18 14.63
C TYR B 150 -3.68 38.97 14.86
N VAL B 151 -3.10 37.90 15.38
CA VAL B 151 -3.87 36.74 15.81
C VAL B 151 -4.76 37.16 16.98
N SER B 152 -4.19 37.96 17.89
CA SER B 152 -4.92 38.47 19.04
C SER B 152 -4.17 39.65 19.63
N ASP B 153 -4.69 40.21 20.73
CA ASP B 153 -4.03 41.33 21.40
C ASP B 153 -2.74 40.89 22.07
N ASP B 154 -2.59 39.58 22.26
CA ASP B 154 -1.45 39.06 23.00
C ASP B 154 -0.46 38.28 22.14
N MET B 155 -0.47 38.54 20.84
CA MET B 155 0.48 37.92 19.93
C MET B 155 1.25 38.98 19.13
N PRO B 156 2.50 38.68 18.76
CA PRO B 156 3.27 39.66 17.99
C PRO B 156 2.62 39.90 16.65
N GLY B 157 2.79 41.10 16.09
CA GLY B 157 2.20 41.41 14.80
C GLY B 157 2.74 40.54 13.67
N ASN B 158 1.86 40.24 12.72
CA ASN B 158 2.23 39.43 11.56
C ASN B 158 1.77 40.15 10.28
N ILE B 159 2.22 39.65 9.12
CA ILE B 159 1.83 40.28 7.87
C ILE B 159 0.36 39.99 7.60
N LYS B 160 -0.36 40.98 7.09
CA LYS B 160 -1.74 40.78 6.68
C LYS B 160 -1.77 40.01 5.36
N ALA B 161 -2.35 38.81 5.41
CA ALA B 161 -2.38 37.92 4.25
C ALA B 161 -3.25 36.71 4.56
N LYS B 162 -4.26 36.46 3.73
CA LYS B 162 -5.12 35.31 3.96
C LYS B 162 -4.33 34.02 3.66
N THR B 163 -3.75 33.95 2.47
CA THR B 163 -2.98 32.78 2.05
C THR B 163 -1.63 33.18 1.49
N HIS B 164 -0.76 32.19 1.34
CA HIS B 164 0.57 32.38 0.77
C HIS B 164 0.52 33.12 -0.55
N ASP B 165 -0.44 32.79 -1.40
CA ASP B 165 -0.50 33.42 -2.72
C ASP B 165 -1.08 34.85 -2.66
N ASP B 166 -1.60 35.25 -1.49
CA ASP B 166 -1.97 36.65 -1.24
C ASP B 166 -0.77 37.52 -0.91
N LEU B 167 0.38 36.88 -0.66
CA LEU B 167 1.58 37.62 -0.31
C LEU B 167 2.18 38.26 -1.56
N PRO B 168 2.80 39.44 -1.41
CA PRO B 168 3.65 39.98 -2.46
C PRO B 168 4.68 38.94 -2.86
N ARG B 169 4.96 38.81 -4.14
CA ARG B 169 5.85 37.76 -4.59
C ARG B 169 7.24 37.86 -3.95
N ASP B 170 7.66 39.08 -3.61
CA ASP B 170 8.97 39.29 -2.97
C ASP B 170 9.12 38.55 -1.63
N VAL B 171 8.00 38.26 -0.95
CA VAL B 171 8.10 37.55 0.31
C VAL B 171 7.43 36.17 0.27
N GLN B 172 7.06 35.72 -0.92
CA GLN B 172 6.61 34.34 -1.07
C GLN B 172 7.82 33.42 -1.06
N PHE B 173 7.58 32.14 -0.78
CA PHE B 173 8.58 31.11 -1.07
C PHE B 173 9.04 31.21 -2.52
N THR B 174 10.30 30.89 -2.80
CA THR B 174 10.67 30.58 -4.18
C THR B 174 9.84 29.38 -4.64
N ASP B 175 9.70 29.18 -5.94
CA ASP B 175 9.00 27.99 -6.44
C ASP B 175 9.72 26.72 -6.03
N GLU B 176 11.05 26.80 -5.98
CA GLU B 176 11.85 25.67 -5.52
C GLU B 176 11.45 25.28 -4.11
N LYS B 177 11.28 26.27 -3.23
CA LYS B 177 10.95 25.98 -1.84
C LYS B 177 9.47 25.60 -1.71
N SER B 178 8.60 26.23 -2.50
CA SER B 178 7.20 25.79 -2.54
C SER B 178 7.10 24.30 -2.89
N ARG B 179 7.88 23.87 -3.88
CA ARG B 179 7.87 22.47 -4.28
C ARG B 179 8.46 21.58 -3.20
N SER B 180 9.59 22.01 -2.64
CA SER B 180 10.18 21.24 -1.56
C SER B 180 9.16 21.05 -0.44
N TYR B 181 8.46 22.13 -0.09
CA TYR B 181 7.46 22.04 0.95
C TYR B 181 6.30 21.12 0.55
N GLN B 182 5.72 21.33 -0.63
CA GLN B 182 4.54 20.57 -1.01
C GLN B 182 4.89 19.09 -1.23
N GLU B 183 6.08 18.80 -1.74
CA GLU B 183 6.45 17.40 -1.93
C GLU B 183 6.70 16.71 -0.59
N SER B 184 7.19 17.45 0.40
CA SER B 184 7.38 16.87 1.74
C SER B 184 6.03 16.53 2.37
N ARG B 185 5.01 17.36 2.12
CA ARG B 185 3.66 17.07 2.62
C ARG B 185 3.14 15.79 1.99
N LYS B 186 3.31 15.67 0.68
CA LYS B 186 2.85 14.48 -0.04
C LYS B 186 3.60 13.23 0.44
N ALA B 187 4.92 13.33 0.51
CA ALA B 187 5.74 12.25 1.00
C ALA B 187 5.33 11.81 2.41
N ALA B 188 5.00 12.78 3.26
CA ALA B 188 4.60 12.46 4.63
C ALA B 188 3.29 11.68 4.64
N LEU B 189 2.34 12.11 3.82
CA LEU B 189 1.05 11.42 3.75
C LEU B 189 1.21 10.00 3.21
N VAL B 190 2.07 9.84 2.20
CA VAL B 190 2.33 8.51 1.67
C VAL B 190 3.02 7.62 2.72
N ASN B 191 4.05 8.15 3.37
CA ASN B 191 4.77 7.39 4.40
C ASN B 191 3.86 7.02 5.58
N LEU B 192 3.01 7.94 6.00
CA LEU B 192 2.02 7.62 7.04
C LEU B 192 1.07 6.51 6.56
N GLY B 193 0.60 6.61 5.31
CA GLY B 193 -0.32 5.63 4.76
C GLY B 193 0.28 4.22 4.71
N ILE B 194 1.52 4.15 4.25
CA ILE B 194 2.25 2.89 4.17
C ILE B 194 2.57 2.37 5.57
N GLY B 195 3.00 3.27 6.46
CA GLY B 195 3.26 2.89 7.85
C GLY B 195 2.00 2.38 8.54
N SER B 196 0.88 2.99 8.22
CA SER B 196 -0.41 2.61 8.82
C SER B 196 -0.82 1.20 8.40
N LEU B 197 -0.70 0.90 7.12
CA LEU B 197 -0.97 -0.46 6.63
C LEU B 197 -0.04 -1.49 7.26
N PHE B 198 1.24 -1.18 7.33
CA PHE B 198 2.22 -2.14 7.79
C PHE B 198 2.04 -2.49 9.25
N THR B 199 1.69 -1.52 10.08
CA THR B 199 1.60 -1.74 11.52
C THR B 199 0.16 -1.85 11.98
N MET B 200 -0.75 -2.04 11.02
CA MET B 200 -2.18 -1.92 11.27
C MET B 200 -2.68 -2.78 12.43
N PHE B 201 -2.25 -4.03 12.48
CA PHE B 201 -2.77 -4.94 13.49
C PHE B 201 -1.70 -5.32 14.50
N GLU B 202 -0.77 -4.40 14.74
CA GLU B 202 0.25 -4.61 15.75
C GLU B 202 -0.26 -4.20 17.13
N ASN B 203 -0.03 -5.06 18.11
CA ASN B 203 -0.28 -4.68 19.49
C ASN B 203 1.04 -4.26 20.11
N TRP B 204 1.09 -3.04 20.63
CA TRP B 204 2.35 -2.54 21.14
C TRP B 204 2.58 -2.88 22.60
N ASP B 205 3.65 -3.64 22.83
CA ASP B 205 3.95 -4.19 24.15
C ASP B 205 5.28 -3.68 24.71
N SER B 206 5.95 -2.79 23.99
CA SER B 206 7.27 -2.35 24.42
C SER B 206 7.68 -0.96 23.88
N TYR B 207 8.72 -0.41 24.49
CA TYR B 207 9.30 0.84 24.03
C TYR B 207 9.84 0.70 22.61
N ASP B 208 10.44 -0.46 22.32
CA ASP B 208 11.11 -0.68 21.05
C ASP B 208 10.16 -0.79 19.85
N ASP B 209 8.87 -0.91 20.11
CA ASP B 209 7.90 -0.93 19.03
C ASP B 209 7.85 0.42 18.34
N TYR B 210 8.26 1.47 19.05
CA TYR B 210 8.24 2.82 18.51
C TYR B 210 9.27 3.04 17.43
N HIS B 211 10.30 2.18 17.38
CA HIS B 211 11.39 2.33 16.42
C HIS B 211 10.90 2.22 14.98
N ILE B 212 9.79 1.52 14.77
CA ILE B 212 9.30 1.22 13.43
C ILE B 212 8.73 2.47 12.76
N LEU B 213 8.39 3.47 13.57
CA LEU B 213 7.68 4.64 13.05
C LEU B 213 8.58 5.59 12.27
N TYR B 214 9.89 5.45 12.41
CA TYR B 214 10.81 6.30 11.64
C TYR B 214 11.56 5.50 10.59
N ARG B 215 11.34 4.19 10.55
CA ARG B 215 12.08 3.32 9.65
C ARG B 215 11.83 3.61 8.15
N ASN B 216 10.58 3.82 7.75
CA ASN B 216 10.30 4.13 6.34
C ASN B 216 10.35 5.62 6.02
N TRP B 217 11.08 6.39 6.81
CA TRP B 217 11.22 7.84 6.56
C TRP B 217 12.65 8.19 6.15
N ILE B 218 12.79 9.15 5.25
CA ILE B 218 14.11 9.69 4.94
C ILE B 218 14.39 10.85 5.90
N LEU B 219 15.14 10.56 6.95
CA LEU B 219 15.40 11.55 7.98
C LEU B 219 16.86 11.98 7.99
N GLY B 220 17.68 11.30 7.22
CA GLY B 220 19.11 11.60 7.19
C GLY B 220 19.84 10.83 8.26
N GLY B 221 19.29 9.66 8.61
CA GLY B 221 19.91 8.80 9.61
C GLY B 221 19.01 8.55 10.81
N THR B 222 19.19 7.38 11.41
CA THR B 222 18.55 7.05 12.68
C THR B 222 18.73 8.18 13.68
N PRO B 223 17.65 8.56 14.39
CA PRO B 223 17.72 9.53 15.48
C PRO B 223 18.84 9.12 16.44
N ASN B 224 19.78 10.02 16.73
CA ASN B 224 20.99 9.60 17.44
C ASN B 224 20.76 9.28 18.92
N MET B 225 19.52 9.42 19.36
CA MET B 225 19.15 9.10 20.74
C MET B 225 18.34 7.80 20.81
N ALA B 226 18.13 7.17 19.66
CA ALA B 226 17.27 5.98 19.59
C ALA B 226 17.83 4.82 20.41
N ASP B 227 19.14 4.73 20.50
CA ASP B 227 19.81 3.64 21.23
C ASP B 227 20.22 3.99 22.65
N ARG B 228 19.86 5.17 23.13
CA ARG B 228 20.39 5.64 24.43
C ARG B 228 19.44 6.57 25.19
N TRP B 229 18.23 6.73 24.66
CA TRP B 229 17.22 7.60 25.24
C TRP B 229 16.93 7.30 26.72
N HIS B 230 17.09 6.02 27.09
CA HIS B 230 16.69 5.53 28.41
C HIS B 230 17.75 5.76 29.48
N GLU B 231 18.97 6.07 29.06
CA GLU B 231 20.06 6.30 29.99
C GLU B 231 20.03 7.73 30.54
N ASP B 232 20.06 7.84 31.88
CA ASP B 232 19.95 9.13 32.56
C ASP B 232 20.93 10.19 32.03
N ARG B 233 22.16 9.78 31.79
CA ARG B 233 23.17 10.69 31.28
C ARG B 233 22.81 11.33 29.93
N TRP B 234 22.25 10.53 29.03
CA TRP B 234 21.90 11.02 27.70
C TRP B 234 20.56 11.74 27.74
N PHE B 235 19.79 11.46 28.78
CA PHE B 235 18.59 12.21 29.06
C PHE B 235 18.97 13.63 29.50
N GLY B 236 19.95 13.72 30.40
CA GLY B 236 20.43 15.00 30.85
C GLY B 236 21.16 15.75 29.76
N TYR B 237 21.93 14.99 28.96
CA TYR B 237 22.73 15.54 27.87
C TYR B 237 21.92 16.47 26.95
N GLN B 238 20.68 16.09 26.69
CA GLN B 238 19.86 16.79 25.70
C GLN B 238 19.26 18.09 26.22
N PHE B 239 19.41 18.35 27.52
CA PHE B 239 19.03 19.65 28.05
C PHE B 239 20.10 20.70 27.70
N LEU B 240 21.27 20.19 27.30
CA LEU B 240 22.34 21.02 26.77
C LEU B 240 22.40 21.02 25.25
N ASN B 241 22.25 19.85 24.64
CA ASN B 241 22.58 19.69 23.23
C ASN B 241 21.43 19.16 22.37
N GLY B 242 20.24 19.09 22.96
CA GLY B 242 19.05 18.64 22.26
C GLY B 242 18.32 19.81 21.62
N ALA B 243 17.02 19.66 21.43
CA ALA B 243 16.23 20.65 20.70
C ALA B 243 15.88 21.89 21.53
N ASN B 244 15.94 21.77 22.84
CA ASN B 244 15.48 22.84 23.71
C ASN B 244 16.54 23.29 24.73
N PRO B 245 17.70 23.76 24.25
CA PRO B 245 18.81 24.07 25.17
C PRO B 245 18.71 25.46 25.83
N VAL B 246 17.49 25.91 26.11
CA VAL B 246 17.27 27.31 26.45
C VAL B 246 16.73 27.54 27.86
N ILE B 247 16.41 26.47 28.58
CA ILE B 247 15.70 26.65 29.85
C ILE B 247 16.55 26.26 31.07
N LEU B 248 17.50 25.35 30.88
CA LEU B 248 18.37 24.94 31.98
C LEU B 248 19.12 26.14 32.59
N THR B 249 18.98 26.29 33.91
CA THR B 249 19.54 27.41 34.65
C THR B 249 20.37 26.93 35.84
N ARG B 250 21.45 27.62 36.18
CA ARG B 250 22.22 27.30 37.37
C ARG B 250 21.36 27.48 38.62
N CYS B 251 21.39 26.47 39.50
CA CYS B 251 20.62 26.57 40.74
C CYS B 251 21.47 27.22 41.84
N ASP B 252 21.07 28.42 42.26
CA ASP B 252 21.76 29.09 43.34
C ASP B 252 21.01 28.89 44.65
N ALA B 253 19.72 28.59 44.53
CA ALA B 253 18.90 28.26 45.68
C ALA B 253 17.63 27.55 45.21
N LEU B 254 17.37 26.38 45.78
CA LEU B 254 16.18 25.60 45.45
C LEU B 254 14.94 26.42 45.79
N PRO B 255 14.01 26.55 44.82
CA PRO B 255 12.86 27.44 44.86
C PRO B 255 12.22 27.61 46.24
N SER B 256 11.48 26.60 46.69
CA SER B 256 10.82 26.51 48.01
C SER B 256 9.66 25.57 47.85
N ASN B 257 9.01 25.66 46.68
CA ASN B 257 7.97 24.71 46.28
C ASN B 257 8.62 23.48 45.65
N PHE B 258 9.94 23.41 45.73
CA PHE B 258 10.69 22.29 45.21
C PHE B 258 11.65 21.77 46.28
N PRO B 259 11.11 21.11 47.33
CA PRO B 259 11.82 20.65 48.54
C PRO B 259 13.23 20.16 48.27
N VAL B 260 13.36 18.90 47.88
CA VAL B 260 14.64 18.31 47.48
C VAL B 260 15.70 18.46 48.56
N THR B 261 15.94 17.37 49.28
CA THR B 261 16.87 17.35 50.39
C THR B 261 18.14 16.64 49.99
N ASN B 262 19.17 16.72 50.83
CA ASN B 262 20.40 15.98 50.59
C ASN B 262 20.10 14.48 50.70
N GLU B 263 19.04 14.16 51.46
CA GLU B 263 18.62 12.78 51.62
C GLU B 263 18.20 12.20 50.26
N HIS B 264 17.35 12.93 49.56
CA HIS B 264 16.86 12.56 48.24
C HIS B 264 17.98 12.20 47.26
N VAL B 265 18.95 13.09 47.14
CA VAL B 265 19.89 13.03 46.03
C VAL B 265 21.28 12.50 46.38
N ASN B 266 21.51 12.23 47.67
CA ASN B 266 22.85 11.86 48.17
C ASN B 266 23.49 10.76 47.35
N ALA B 267 22.68 9.77 46.96
CA ALA B 267 23.18 8.65 46.19
C ALA B 267 23.70 9.06 44.80
N SER B 268 23.31 10.25 44.33
CA SER B 268 23.68 10.68 42.98
C SER B 268 24.90 11.61 42.94
N LEU B 269 25.41 12.03 44.11
CA LEU B 269 26.62 12.86 44.15
C LEU B 269 27.88 11.99 44.14
N ASP B 270 29.00 12.55 43.70
CA ASP B 270 30.23 11.77 43.52
C ASP B 270 31.54 12.56 43.69
N ARG B 271 31.45 13.75 44.29
CA ARG B 271 32.64 14.57 44.50
C ARG B 271 33.06 14.55 45.96
N GLY B 272 32.09 14.38 46.85
CA GLY B 272 32.35 14.23 48.26
C GLY B 272 31.63 15.23 49.13
N LYS B 273 30.65 15.92 48.55
CA LYS B 273 29.97 17.01 49.26
C LYS B 273 28.45 16.84 49.31
N ASN B 274 27.80 17.68 50.12
CA ASN B 274 26.35 17.67 50.27
C ASN B 274 25.66 18.32 49.07
N LEU B 275 24.33 18.29 49.04
CA LEU B 275 23.59 18.97 47.98
C LEU B 275 23.80 20.47 48.09
N ASP B 276 23.58 21.00 49.30
CA ASP B 276 23.76 22.43 49.57
C ASP B 276 25.16 22.88 49.22
N GLU B 277 26.12 21.99 49.40
CA GLU B 277 27.50 22.26 49.04
C GLU B 277 27.65 22.37 47.53
N GLU B 278 27.05 21.42 46.80
CA GLU B 278 27.20 21.39 45.35
C GLU B 278 26.49 22.54 44.67
N ILE B 279 25.46 23.08 45.31
CA ILE B 279 24.80 24.27 44.81
C ILE B 279 25.73 25.49 44.93
N LYS B 280 26.51 25.54 46.00
CA LYS B 280 27.45 26.64 46.24
C LYS B 280 28.60 26.55 45.26
N ASP B 281 29.08 25.33 45.02
CA ASP B 281 29.94 25.07 43.88
C ASP B 281 29.06 25.16 42.63
N GLY B 282 29.63 25.12 41.44
CA GLY B 282 28.80 25.33 40.26
C GLY B 282 28.35 24.05 39.58
N HIS B 283 27.67 23.18 40.32
CA HIS B 283 27.42 21.84 39.81
C HIS B 283 25.96 21.40 39.82
N ILE B 284 25.06 22.23 40.31
CA ILE B 284 23.65 21.89 40.32
C ILE B 284 22.85 22.80 39.39
N TYR B 285 22.02 22.19 38.56
CA TYR B 285 21.25 22.94 37.59
C TYR B 285 19.78 22.56 37.66
N ILE B 286 18.90 23.42 37.14
CA ILE B 286 17.47 23.23 37.32
C ILE B 286 16.68 23.67 36.09
N VAL B 287 15.56 23.00 35.83
CA VAL B 287 14.57 23.49 34.90
C VAL B 287 13.28 23.67 35.66
N ASP B 288 12.52 24.69 35.30
CA ASP B 288 11.28 25.04 35.98
C ASP B 288 10.25 25.48 34.94
N PHE B 289 9.33 24.58 34.62
CA PHE B 289 8.33 24.83 33.60
C PHE B 289 7.08 25.47 34.15
N LYS B 290 7.25 26.39 35.09
CA LYS B 290 6.12 27.03 35.77
C LYS B 290 5.14 27.69 34.81
N VAL B 291 5.64 28.15 33.67
CA VAL B 291 4.80 28.89 32.73
C VAL B 291 3.67 28.01 32.20
N LEU B 292 3.83 26.70 32.29
CA LEU B 292 2.82 25.77 31.80
C LEU B 292 1.60 25.64 32.72
N VAL B 293 1.69 26.15 33.95
CA VAL B 293 0.52 26.13 34.83
C VAL B 293 -0.63 26.86 34.16
N GLY B 294 -1.81 26.24 34.16
CA GLY B 294 -2.97 26.86 33.56
C GLY B 294 -3.23 26.33 32.16
N ALA B 295 -2.32 25.54 31.65
CA ALA B 295 -2.41 25.05 30.27
C ALA B 295 -3.62 24.15 30.07
N LYS B 296 -4.45 24.49 29.09
CA LYS B 296 -5.60 23.68 28.73
C LYS B 296 -5.24 22.73 27.59
N SER B 297 -5.26 21.42 27.88
CA SER B 297 -4.89 20.42 26.89
C SER B 297 -6.09 19.93 26.09
N TYR B 298 -5.81 19.11 25.09
CA TYR B 298 -6.85 18.60 24.19
C TYR B 298 -7.86 17.76 24.95
N GLY B 299 -9.13 18.06 24.74
CA GLY B 299 -10.21 17.33 25.38
C GLY B 299 -10.64 17.86 26.75
N GLY B 300 -10.24 19.08 27.08
CA GLY B 300 -10.71 19.70 28.31
C GLY B 300 -9.79 19.99 29.50
N PRO B 301 -8.82 19.09 29.82
CA PRO B 301 -8.06 19.28 31.06
C PRO B 301 -7.38 20.64 31.19
N VAL B 302 -7.42 21.20 32.39
CA VAL B 302 -6.74 22.45 32.70
C VAL B 302 -5.74 22.24 33.83
N LEU B 303 -4.45 22.28 33.50
CA LEU B 303 -3.39 22.08 34.48
C LEU B 303 -3.41 23.14 35.58
N GLU B 304 -3.07 22.72 36.80
CA GLU B 304 -3.02 23.62 37.95
C GLU B 304 -1.71 23.43 38.72
N ASP B 305 -1.48 24.25 39.74
CA ASP B 305 -0.27 24.13 40.56
C ASP B 305 -0.10 22.70 41.09
N ILE B 306 -1.22 22.04 41.33
CA ILE B 306 -1.25 20.69 41.91
C ILE B 306 -1.35 19.59 40.85
N GLY B 307 -1.70 19.97 39.62
CA GLY B 307 -1.90 19.01 38.56
C GLY B 307 -3.33 19.02 38.01
N ALA B 319 -11.25 7.65 23.60
CA ALA B 319 -11.55 9.06 23.86
C ALA B 319 -10.28 9.89 23.96
N ASP B 320 -10.21 10.95 23.16
CA ASP B 320 -8.96 11.72 23.03
C ASP B 320 -8.84 12.79 24.11
N ILE B 321 -8.13 12.43 25.18
CA ILE B 321 -7.94 13.34 26.31
C ILE B 321 -6.47 13.37 26.69
N ARG B 322 -5.85 14.54 26.54
CA ARG B 322 -4.39 14.63 26.69
C ARG B 322 -4.01 15.44 27.92
N TYR B 323 -2.77 15.27 28.34
CA TYR B 323 -2.31 15.90 29.57
C TYR B 323 -0.91 16.48 29.43
N CYS B 324 -0.60 17.46 30.29
CA CYS B 324 0.71 18.06 30.33
C CYS B 324 1.06 18.37 31.79
N ALA B 325 2.20 19.00 32.01
CA ALA B 325 2.64 19.30 33.37
C ALA B 325 3.54 20.53 33.43
N ALA B 326 3.73 21.05 34.64
CA ALA B 326 4.65 22.17 34.87
C ALA B 326 5.72 21.80 35.89
N PRO B 327 6.63 20.89 35.51
CA PRO B 327 7.60 20.33 36.46
C PRO B 327 8.82 21.18 36.76
N LEU B 328 9.45 20.84 37.88
CA LEU B 328 10.79 21.28 38.21
C LEU B 328 11.64 20.04 38.19
N ALA B 329 12.91 20.19 37.88
CA ALA B 329 13.81 19.04 37.81
C ALA B 329 15.23 19.51 38.05
N LEU B 330 15.99 18.69 38.79
CA LEU B 330 17.30 19.11 39.25
C LEU B 330 18.37 18.25 38.60
N PHE B 331 19.47 18.89 38.22
CA PHE B 331 20.52 18.21 37.48
C PHE B 331 21.86 18.40 38.16
N TYR B 332 22.74 17.42 38.01
CA TYR B 332 24.03 17.46 38.67
C TYR B 332 25.15 17.09 37.71
N VAL B 333 26.16 17.96 37.64
CA VAL B 333 27.36 17.66 36.87
C VAL B 333 28.25 16.72 37.70
N ASN B 334 28.43 15.49 37.24
CA ASN B 334 29.21 14.53 38.01
C ASN B 334 30.70 14.69 37.75
N LYS B 335 31.51 13.79 38.30
CA LYS B 335 32.96 13.90 38.21
C LYS B 335 33.45 13.75 36.77
N LEU B 336 32.67 13.05 35.96
CA LEU B 336 33.06 12.82 34.57
C LEU B 336 32.61 13.97 33.66
N GLY B 337 31.87 14.92 34.23
CA GLY B 337 31.38 16.05 33.47
C GLY B 337 30.03 15.78 32.82
N HIS B 338 29.38 14.69 33.23
CA HIS B 338 28.06 14.36 32.72
C HIS B 338 26.99 15.13 33.49
N LEU B 339 26.01 15.66 32.75
CA LEU B 339 24.87 16.31 33.37
C LEU B 339 23.78 15.26 33.67
N MET B 340 23.61 14.94 34.95
CA MET B 340 22.69 13.87 35.35
C MET B 340 21.43 14.40 36.01
N PRO B 341 20.27 13.83 35.65
CA PRO B 341 19.01 14.14 36.33
C PRO B 341 18.96 13.48 37.70
N ILE B 342 18.69 14.24 38.76
CA ILE B 342 18.73 13.66 40.10
C ILE B 342 17.43 13.82 40.88
N ALA B 343 16.54 14.70 40.41
CA ALA B 343 15.24 14.86 41.05
C ALA B 343 14.22 15.49 40.12
N ILE B 344 13.00 14.96 40.16
CA ILE B 344 11.91 15.50 39.36
C ILE B 344 10.66 15.64 40.21
N GLN B 345 10.08 16.82 40.19
CA GLN B 345 8.75 17.05 40.73
C GLN B 345 7.83 17.43 39.56
N ILE B 346 6.82 16.61 39.32
CA ILE B 346 6.00 16.69 38.11
C ILE B 346 5.24 18.01 37.98
N ASN B 347 4.75 18.54 39.09
CA ASN B 347 4.05 19.81 39.06
C ASN B 347 4.56 20.78 40.10
N GLN B 348 3.94 21.95 40.20
CA GLN B 348 4.54 23.05 40.95
C GLN B 348 4.37 22.94 42.47
N GLU B 349 3.14 22.72 42.94
CA GLU B 349 2.87 22.71 44.38
C GLU B 349 3.17 21.36 45.03
N PRO B 350 4.27 21.29 45.81
CA PRO B 350 4.79 20.04 46.37
C PRO B 350 3.85 19.39 47.39
N GLY B 351 4.18 18.18 47.80
CA GLY B 351 3.34 17.48 48.76
C GLY B 351 3.30 15.98 48.54
N PRO B 352 2.31 15.31 49.15
CA PRO B 352 2.21 13.85 49.09
C PRO B 352 1.70 13.35 47.75
N GLU B 353 0.81 14.10 47.10
CA GLU B 353 0.26 13.67 45.83
C GLU B 353 1.08 14.23 44.66
N ASN B 354 1.96 15.17 44.96
CA ASN B 354 2.92 15.69 43.98
C ASN B 354 4.35 15.58 44.51
N PRO B 355 4.85 14.35 44.66
CA PRO B 355 6.12 14.08 45.35
C PRO B 355 7.38 14.31 44.52
N ILE B 356 8.50 13.86 45.07
CA ILE B 356 9.82 14.00 44.44
C ILE B 356 10.39 12.66 44.00
N TRP B 357 10.60 12.53 42.69
CA TRP B 357 11.12 11.29 42.12
C TRP B 357 12.59 11.45 41.85
N THR B 358 13.33 10.35 41.98
CA THR B 358 14.78 10.34 41.77
C THR B 358 15.13 9.08 41.01
N PRO B 359 16.38 8.96 40.51
CA PRO B 359 16.80 7.72 39.86
C PRO B 359 16.73 6.48 40.76
N HIS B 360 16.53 6.67 42.06
CA HIS B 360 16.62 5.56 43.00
C HIS B 360 15.26 5.14 43.55
N GLU B 361 14.21 5.37 42.77
CA GLU B 361 12.91 4.78 43.07
C GLU B 361 13.06 3.27 43.18
N GLU B 362 12.39 2.68 44.17
CA GLU B 362 12.38 1.22 44.29
C GLU B 362 11.75 0.63 43.03
N ASN B 363 10.69 1.28 42.57
CA ASN B 363 10.06 0.95 41.30
C ASN B 363 10.74 1.70 40.15
N GLU B 364 11.48 0.98 39.31
CA GLU B 364 12.22 1.60 38.23
C GLU B 364 11.30 2.34 37.27
N HIS B 365 10.09 1.82 37.11
CA HIS B 365 9.10 2.40 36.20
C HIS B 365 8.60 3.75 36.67
N ASP B 366 8.72 4.01 37.97
CA ASP B 366 8.29 5.28 38.54
C ASP B 366 9.22 6.41 38.10
N TRP B 367 10.51 6.09 37.98
CA TRP B 367 11.50 7.06 37.55
C TRP B 367 11.33 7.37 36.07
N MET B 368 11.12 6.33 35.28
CA MET B 368 10.85 6.47 33.85
C MET B 368 9.67 7.38 33.59
N MET B 369 8.60 7.16 34.32
CA MET B 369 7.39 7.94 34.12
C MET B 369 7.66 9.41 34.44
N ALA B 370 8.44 9.65 35.49
CA ALA B 370 8.77 11.00 35.89
C ALA B 370 9.48 11.73 34.76
N LYS B 371 10.46 11.06 34.16
CA LYS B 371 11.21 11.61 33.05
C LYS B 371 10.31 11.87 31.83
N PHE B 372 9.30 11.03 31.63
CA PHE B 372 8.37 11.21 30.51
C PHE B 372 7.51 12.44 30.74
N TRP B 373 7.19 12.71 32.02
CA TRP B 373 6.37 13.86 32.37
C TRP B 373 7.15 15.15 32.21
N LEU B 374 8.45 15.08 32.49
CA LEU B 374 9.35 16.17 32.19
C LEU B 374 9.37 16.36 30.67
N GLY B 375 9.45 15.24 29.96
CA GLY B 375 9.52 15.23 28.52
C GLY B 375 8.34 15.90 27.83
N VAL B 376 7.13 15.63 28.30
CA VAL B 376 5.95 16.15 27.62
C VAL B 376 5.84 17.65 27.83
N ALA B 377 6.28 18.12 28.99
CA ALA B 377 6.35 19.54 29.30
C ALA B 377 7.36 20.20 28.38
N GLU B 378 8.57 19.65 28.31
CA GLU B 378 9.61 20.17 27.46
C GLU B 378 9.17 20.27 26.01
N SER B 379 8.50 19.22 25.53
CA SER B 379 8.05 19.13 24.13
C SER B 379 7.10 20.27 23.75
N ASN B 380 6.14 20.53 24.62
CA ASN B 380 5.13 21.56 24.37
C ASN B 380 5.69 22.96 24.54
N PHE B 381 6.50 23.13 25.57
CA PHE B 381 7.26 24.36 25.79
C PHE B 381 8.15 24.62 24.58
N HIS B 382 8.92 23.62 24.17
CA HIS B 382 9.86 23.77 23.07
C HIS B 382 9.18 24.20 21.79
N GLN B 383 8.18 23.43 21.37
CA GLN B 383 7.57 23.64 20.06
C GLN B 383 6.79 24.93 19.97
N LEU B 384 6.10 25.28 21.06
CA LEU B 384 5.23 26.46 21.04
C LEU B 384 5.95 27.75 21.45
N ASN B 385 6.84 27.66 22.42
CA ASN B 385 7.51 28.84 22.98
C ASN B 385 8.90 29.03 22.36
N THR B 386 9.79 28.09 22.60
CA THR B 386 11.16 28.18 22.10
C THR B 386 11.24 28.29 20.58
N HIS B 387 10.36 27.59 19.89
CA HIS B 387 10.44 27.48 18.45
C HIS B 387 9.44 28.41 17.73
N LEU B 388 8.16 28.10 17.82
CA LEU B 388 7.15 28.83 17.07
C LEU B 388 7.11 30.31 17.47
N LEU B 389 6.96 30.56 18.76
CA LEU B 389 6.85 31.93 19.23
C LEU B 389 8.17 32.68 19.13
N ARG B 390 9.23 32.09 19.69
CA ARG B 390 10.45 32.87 19.89
C ARG B 390 11.41 32.85 18.71
N THR B 391 11.10 32.12 17.66
CA THR B 391 11.82 32.37 16.42
C THR B 391 10.78 32.94 15.46
N HIS B 392 10.09 32.07 14.73
CA HIS B 392 9.05 32.45 13.77
C HIS B 392 8.24 33.72 14.06
N LEU B 393 7.30 33.63 15.00
CA LEU B 393 6.25 34.62 15.06
C LEU B 393 6.72 35.97 15.60
N THR B 394 7.68 35.96 16.52
CA THR B 394 8.23 37.22 17.01
C THR B 394 9.17 37.87 15.98
N THR B 395 10.06 37.11 15.34
CA THR B 395 10.94 37.72 14.36
C THR B 395 10.19 38.18 13.11
N GLU B 396 9.03 37.57 12.88
CA GLU B 396 8.19 37.94 11.74
C GLU B 396 7.85 39.42 11.80
N SER B 397 7.64 39.93 13.02
CA SER B 397 7.36 41.35 13.21
C SER B 397 8.51 42.21 12.65
N PHE B 398 9.74 41.83 12.94
CA PHE B 398 10.89 42.57 12.41
C PHE B 398 10.98 42.41 10.90
N ALA B 399 10.65 41.24 10.40
CA ALA B 399 10.68 41.02 8.96
C ALA B 399 9.69 41.96 8.28
N LEU B 400 8.49 42.08 8.86
CA LEU B 400 7.50 42.95 8.24
C LEU B 400 7.94 44.42 8.30
N SER B 401 8.50 44.83 9.44
CA SER B 401 8.94 46.22 9.59
C SER B 401 10.03 46.59 8.57
N THR B 402 10.88 45.61 8.27
CA THR B 402 11.93 45.79 7.27
C THR B 402 11.32 46.19 5.94
N TRP B 403 10.29 45.45 5.50
CA TRP B 403 9.62 45.78 4.24
C TRP B 403 8.85 47.09 4.35
N ARG B 404 8.31 47.38 5.53
CA ARG B 404 7.47 48.57 5.65
C ARG B 404 8.32 49.85 5.67
N ASN B 405 9.53 49.76 6.23
CA ASN B 405 10.24 50.97 6.67
C ASN B 405 11.62 51.23 6.10
N LEU B 406 12.28 50.20 5.59
CA LEU B 406 13.61 50.39 5.00
C LEU B 406 13.54 50.37 3.47
N ALA B 407 13.99 51.44 2.82
CA ALA B 407 14.00 51.53 1.37
C ALA B 407 14.95 50.49 0.79
N SER B 408 14.75 50.12 -0.47
CA SER B 408 15.62 49.14 -1.15
CA SER B 408 15.61 49.13 -1.13
C SER B 408 17.07 49.61 -1.16
N ALA B 409 17.26 50.92 -1.14
CA ALA B 409 18.61 51.50 -1.17
C ALA B 409 19.28 51.56 0.20
N HIS B 410 18.55 51.20 1.25
CA HIS B 410 19.11 51.26 2.60
C HIS B 410 20.08 50.11 2.85
N PRO B 411 21.26 50.40 3.42
CA PRO B 411 22.25 49.34 3.70
C PRO B 411 21.69 48.27 4.61
N ILE B 412 20.79 48.66 5.51
CA ILE B 412 20.25 47.71 6.47
C ILE B 412 19.13 46.88 5.81
N PHE B 413 18.46 47.44 4.81
CA PHE B 413 17.57 46.60 4.00
C PHE B 413 18.42 45.51 3.29
N LYS B 414 19.52 45.92 2.68
CA LYS B 414 20.39 44.96 1.98
C LYS B 414 20.96 43.90 2.95
N LEU B 415 21.33 44.33 4.15
CA LEU B 415 21.78 43.42 5.21
C LEU B 415 20.74 42.37 5.60
N LEU B 416 19.51 42.83 5.78
CA LEU B 416 18.50 41.96 6.31
C LEU B 416 17.86 41.07 5.24
N GLN B 417 17.86 41.53 3.99
CA GLN B 417 17.13 40.84 2.92
C GLN B 417 17.38 39.31 2.92
N PRO B 418 18.66 38.85 2.99
CA PRO B 418 18.82 37.39 2.96
C PRO B 418 18.33 36.65 4.21
N HIS B 419 18.20 37.39 5.31
CA HIS B 419 17.88 36.78 6.60
C HIS B 419 16.38 36.85 6.93
N ILE B 420 15.65 37.77 6.28
CA ILE B 420 14.21 37.83 6.52
C ILE B 420 13.44 36.98 5.52
N TYR B 421 14.14 36.42 4.54
CA TYR B 421 13.49 35.54 3.56
C TYR B 421 12.79 34.38 4.24
N GLY B 422 11.58 34.07 3.78
CA GLY B 422 10.91 32.86 4.16
C GLY B 422 9.98 32.93 5.37
N VAL B 423 10.30 33.78 6.34
CA VAL B 423 9.54 33.74 7.59
C VAL B 423 8.10 34.21 7.37
N LEU B 424 7.90 35.21 6.51
CA LEU B 424 6.55 35.69 6.22
C LEU B 424 5.75 34.60 5.49
N ALA B 425 6.43 33.86 4.61
CA ALA B 425 5.75 32.83 3.84
C ALA B 425 5.38 31.63 4.70
N ILE B 426 6.34 31.06 5.40
CA ILE B 426 6.07 29.87 6.20
C ILE B 426 5.08 30.17 7.33
N ASP B 427 5.13 31.39 7.89
CA ASP B 427 4.20 31.73 8.97
C ASP B 427 2.79 31.95 8.43
N THR B 428 2.68 32.48 7.22
CA THR B 428 1.35 32.64 6.62
C THR B 428 0.76 31.27 6.33
N ILE B 429 1.59 30.36 5.83
CA ILE B 429 1.15 28.97 5.64
C ILE B 429 0.80 28.35 6.99
N GLY B 430 1.66 28.57 7.97
CA GLY B 430 1.53 27.94 9.28
C GLY B 430 0.37 28.41 10.14
N ARG B 431 -0.14 29.61 9.87
CA ARG B 431 -1.21 30.14 10.70
C ARG B 431 -2.50 29.38 10.43
N LYS B 432 -2.60 28.80 9.24
CA LYS B 432 -3.68 27.86 8.96
C LYS B 432 -3.24 26.44 9.32
N GLU B 433 -2.19 25.99 8.64
CA GLU B 433 -1.77 24.58 8.63
C GLU B 433 -1.29 24.02 9.97
N LEU B 434 -0.62 24.85 10.77
CA LEU B 434 0.00 24.38 12.00
C LEU B 434 -0.85 24.64 13.25
N ILE B 435 -1.38 25.84 13.38
CA ILE B 435 -2.09 26.19 14.61
C ILE B 435 -3.56 26.55 14.42
N GLY B 436 -4.06 26.43 13.20
CA GLY B 436 -5.47 26.62 12.94
C GLY B 436 -6.28 25.46 13.49
N SER B 437 -7.59 25.63 13.60
CA SER B 437 -8.46 24.57 14.12
C SER B 437 -8.32 23.29 13.28
N GLY B 438 -7.95 22.19 13.94
CA GLY B 438 -7.76 20.92 13.26
C GLY B 438 -6.36 20.76 12.68
N GLY B 439 -5.50 21.74 12.91
CA GLY B 439 -4.15 21.73 12.37
C GLY B 439 -3.22 20.70 12.95
N ILE B 440 -1.95 20.75 12.57
CA ILE B 440 -0.97 19.77 13.02
C ILE B 440 -0.82 19.76 14.54
N VAL B 441 -0.78 20.93 15.17
CA VAL B 441 -0.68 21.02 16.62
C VAL B 441 -1.88 20.34 17.27
N ASP B 442 -3.06 20.60 16.74
CA ASP B 442 -4.29 19.96 17.23
C ASP B 442 -4.16 18.44 17.21
N GLN B 443 -3.30 17.91 16.34
CA GLN B 443 -3.18 16.46 16.18
C GLN B 443 -2.03 15.81 16.93
N SER B 444 -1.05 16.60 17.37
CA SER B 444 0.19 15.98 17.83
C SER B 444 0.74 16.50 19.16
N LEU B 445 0.16 17.57 19.72
CA LEU B 445 0.59 18.06 21.01
C LEU B 445 -0.51 17.92 22.05
N SER B 446 -0.13 17.75 23.32
CA SER B 446 -1.11 17.78 24.41
C SER B 446 -1.87 19.10 24.39
N LEU B 447 -1.17 20.18 24.12
CA LEU B 447 -1.78 21.52 24.17
C LEU B 447 -2.58 21.87 22.91
N GLY B 448 -2.62 20.97 21.92
CA GLY B 448 -3.45 21.19 20.74
C GLY B 448 -4.93 21.28 21.11
N GLY B 449 -5.74 21.84 20.21
CA GLY B 449 -7.16 22.00 20.48
C GLY B 449 -7.59 23.42 20.83
N GLY B 450 -6.61 24.32 20.97
CA GLY B 450 -6.90 25.71 21.24
C GLY B 450 -6.05 26.29 22.35
N GLY B 451 -5.64 25.42 23.29
CA GLY B 451 -4.86 25.84 24.42
C GLY B 451 -3.46 26.27 24.01
N HIS B 452 -3.02 25.80 22.85
CA HIS B 452 -1.69 26.11 22.37
C HIS B 452 -1.57 27.61 22.08
N VAL B 453 -2.62 28.21 21.54
CA VAL B 453 -2.61 29.64 21.26
C VAL B 453 -2.58 30.45 22.55
N THR B 454 -3.40 30.03 23.51
CA THR B 454 -3.45 30.65 24.82
C THR B 454 -2.09 30.59 25.51
N PHE B 455 -1.44 29.45 25.40
CA PHE B 455 -0.12 29.27 26.00
C PHE B 455 0.91 30.18 25.36
N MET B 456 0.88 30.28 24.03
CA MET B 456 1.82 31.17 23.32
C MET B 456 1.58 32.62 23.72
N GLU B 457 0.31 32.99 23.86
CA GLU B 457 -0.05 34.31 24.38
C GLU B 457 0.57 34.55 25.75
N LYS B 458 0.44 33.56 26.64
CA LYS B 458 0.96 33.69 27.99
C LYS B 458 2.47 33.89 27.94
N CYS B 459 3.11 33.11 27.08
CA CYS B 459 4.57 33.15 26.95
C CYS B 459 5.03 34.50 26.41
N PHE B 460 4.28 35.04 25.45
CA PHE B 460 4.70 36.27 24.78
C PHE B 460 4.64 37.49 25.70
N LYS B 461 3.72 37.45 26.67
CA LYS B 461 3.61 38.51 27.67
C LYS B 461 4.91 38.71 28.43
N GLU B 462 5.68 37.64 28.58
CA GLU B 462 6.96 37.70 29.27
C GLU B 462 8.17 37.86 28.31
N VAL B 463 7.92 37.85 27.00
CA VAL B 463 9.02 37.91 26.04
C VAL B 463 9.73 39.27 26.04
N ASN B 464 11.06 39.23 26.11
CA ASN B 464 11.87 40.45 26.07
C ASN B 464 12.98 40.34 25.01
N LEU B 465 13.21 41.43 24.28
CA LEU B 465 14.26 41.46 23.25
C LEU B 465 15.63 41.02 23.79
N GLN B 466 15.88 41.24 25.08
CA GLN B 466 17.16 40.84 25.66
C GLN B 466 17.33 39.33 25.74
N ASP B 467 16.21 38.59 25.71
CA ASP B 467 16.25 37.14 25.66
C ASP B 467 17.02 36.64 24.43
N TYR B 468 17.05 37.48 23.41
CA TYR B 468 17.59 37.09 22.10
C TYR B 468 19.08 37.38 21.99
N HIS B 469 19.64 37.99 23.03
CA HIS B 469 21.07 38.28 23.13
C HIS B 469 21.77 37.07 23.74
N LEU B 470 22.44 36.25 22.92
CA LEU B 470 22.91 34.96 23.43
C LEU B 470 23.93 35.06 24.57
N PRO B 471 24.98 35.90 24.42
CA PRO B 471 25.89 35.99 25.57
C PRO B 471 25.21 36.43 26.86
N ASN B 472 24.33 37.43 26.81
CA ASN B 472 23.66 37.92 28.01
C ASN B 472 22.68 36.90 28.58
N ALA B 473 21.99 36.21 27.68
CA ALA B 473 21.10 35.12 28.08
C ALA B 473 21.84 34.00 28.78
N LEU B 474 22.99 33.60 28.24
CA LEU B 474 23.73 32.49 28.83
C LEU B 474 24.33 32.90 30.19
N LYS B 475 24.74 34.16 30.30
CA LYS B 475 25.31 34.65 31.56
C LYS B 475 24.22 34.72 32.62
N LYS B 476 23.06 35.24 32.22
CA LYS B 476 21.92 35.38 33.11
C LYS B 476 21.43 34.01 33.61
N ARG B 477 21.51 32.99 32.75
CA ARG B 477 21.15 31.63 33.16
C ARG B 477 22.25 30.99 34.01
N GLY B 478 23.43 31.59 34.00
CA GLY B 478 24.55 31.04 34.73
C GLY B 478 25.03 29.74 34.16
N VAL B 479 24.99 29.62 32.83
CA VAL B 479 25.42 28.39 32.18
C VAL B 479 26.59 28.60 31.24
N ASP B 480 27.23 29.76 31.33
CA ASP B 480 28.31 30.08 30.39
C ASP B 480 29.70 29.81 30.95
N ASP B 481 29.79 29.02 32.01
CA ASP B 481 31.07 28.67 32.61
C ASP B 481 31.42 27.21 32.31
N PRO B 482 32.34 26.98 31.36
CA PRO B 482 32.69 25.62 30.90
C PRO B 482 33.47 24.79 31.92
N SER B 483 33.98 25.42 32.98
CA SER B 483 34.67 24.68 34.02
C SER B 483 33.67 24.15 35.06
N LYS B 484 32.47 24.71 35.05
CA LYS B 484 31.41 24.26 35.94
C LYS B 484 30.35 23.44 35.18
N LEU B 485 30.17 23.76 33.91
CA LEU B 485 29.20 23.07 33.06
C LEU B 485 29.83 22.74 31.70
N PRO B 486 30.44 21.56 31.58
CA PRO B 486 31.12 21.18 30.35
C PRO B 486 30.19 20.49 29.35
N GLY B 487 30.67 20.26 28.14
CA GLY B 487 29.90 19.54 27.13
C GLY B 487 28.61 20.24 26.76
N PHE B 488 28.68 21.56 26.62
CA PHE B 488 27.54 22.39 26.24
C PHE B 488 27.85 22.98 24.86
N TYR B 489 27.50 22.25 23.79
CA TYR B 489 28.02 22.59 22.47
C TYR B 489 27.18 23.65 21.76
N TYR B 490 25.89 23.68 22.08
CA TYR B 490 25.04 24.80 21.67
C TYR B 490 25.65 26.11 22.13
N ARG B 491 26.08 26.13 23.38
CA ARG B 491 26.76 27.30 23.94
C ARG B 491 28.01 27.63 23.15
N ASP B 492 28.91 26.66 23.02
CA ASP B 492 30.22 26.90 22.44
C ASP B 492 30.11 27.34 20.98
N ASP B 493 29.31 26.62 20.21
CA ASP B 493 29.12 26.95 18.80
C ASP B 493 28.34 28.25 18.67
N GLY B 494 27.28 28.38 19.48
CA GLY B 494 26.43 29.56 19.41
C GLY B 494 27.20 30.84 19.68
N LEU B 495 28.11 30.79 20.65
CA LEU B 495 28.89 31.96 21.03
C LEU B 495 29.89 32.33 19.95
N ALA B 496 30.47 31.33 19.29
CA ALA B 496 31.39 31.62 18.20
C ALA B 496 30.64 32.29 17.04
N LEU B 497 29.45 31.78 16.75
CA LEU B 497 28.65 32.34 15.66
C LEU B 497 28.14 33.73 15.99
N TRP B 498 27.73 33.93 17.24
CA TRP B 498 27.28 35.25 17.68
C TRP B 498 28.36 36.29 17.43
N GLU B 499 29.58 35.98 17.86
CA GLU B 499 30.72 36.89 17.69
CA GLU B 499 30.72 36.91 17.69
C GLU B 499 31.01 37.21 16.22
N ALA B 500 30.94 36.17 15.38
CA ALA B 500 31.21 36.35 13.95
C ALA B 500 30.17 37.29 13.34
N ILE B 501 28.90 37.06 13.68
CA ILE B 501 27.82 37.90 13.16
C ILE B 501 27.94 39.34 13.66
N GLU B 502 28.14 39.49 14.97
CA GLU B 502 28.29 40.81 15.58
C GLU B 502 29.41 41.63 14.93
N THR B 503 30.55 40.98 14.72
CA THR B 503 31.69 41.60 14.06
C THR B 503 31.35 42.11 12.66
N PHE B 504 30.78 41.22 11.85
CA PHE B 504 30.33 41.55 10.51
C PHE B 504 29.36 42.74 10.52
N ILE B 505 28.32 42.65 11.35
CA ILE B 505 27.29 43.70 11.37
C ILE B 505 27.87 45.05 11.85
N GLY B 506 28.74 45.02 12.84
CA GLY B 506 29.42 46.23 13.28
C GLY B 506 30.22 46.89 12.17
N GLU B 507 30.90 46.08 11.36
CA GLU B 507 31.72 46.63 10.26
C GLU B 507 30.82 47.21 9.18
N ILE B 508 29.71 46.54 8.87
CA ILE B 508 28.73 47.08 7.92
C ILE B 508 28.18 48.42 8.41
N ILE B 509 27.79 48.48 9.68
CA ILE B 509 27.28 49.71 10.27
C ILE B 509 28.29 50.85 10.14
N ALA B 510 29.56 50.58 10.46
CA ALA B 510 30.59 51.62 10.41
C ALA B 510 30.82 52.16 9.00
N ILE B 511 30.52 51.35 8.00
CA ILE B 511 30.68 51.82 6.63
C ILE B 511 29.69 52.94 6.33
N PHE B 512 28.46 52.80 6.82
CA PHE B 512 27.39 53.70 6.39
C PHE B 512 27.01 54.75 7.45
N TYR B 513 27.22 54.41 8.72
CA TYR B 513 26.96 55.33 9.81
C TYR B 513 28.30 55.76 10.41
N LYS B 514 28.64 57.04 10.29
CA LYS B 514 29.97 57.49 10.73
C LYS B 514 30.02 57.81 12.21
N ASN B 515 28.86 57.99 12.84
CA ASN B 515 28.78 58.34 14.25
C ASN B 515 27.37 58.11 14.77
N ASP B 516 27.13 58.39 16.04
CA ASP B 516 25.81 58.11 16.61
C ASP B 516 24.73 59.06 16.05
N ASP B 517 25.15 60.26 15.64
CA ASP B 517 24.21 61.20 15.06
C ASP B 517 23.65 60.70 13.71
N ASP B 518 24.46 59.98 12.94
CA ASP B 518 23.98 59.39 11.69
C ASP B 518 22.86 58.40 11.96
N VAL B 519 22.97 57.69 13.08
CA VAL B 519 21.93 56.75 13.47
C VAL B 519 20.64 57.48 13.86
N LYS B 520 20.80 58.54 14.66
CA LYS B 520 19.66 59.31 15.14
C LYS B 520 18.90 60.02 14.02
N ARG B 521 19.61 60.49 13.00
CA ARG B 521 18.98 61.22 11.89
C ARG B 521 18.34 60.33 10.82
N ASP B 522 18.63 59.03 10.88
CA ASP B 522 18.13 58.10 9.86
C ASP B 522 16.66 57.77 10.14
N ASN B 523 15.73 58.42 9.44
CA ASN B 523 14.32 58.22 9.68
CA ASN B 523 14.33 58.20 9.73
C ASN B 523 13.85 56.79 9.41
N GLU B 524 14.53 56.11 8.49
CA GLU B 524 14.09 54.78 8.11
C GLU B 524 14.40 53.75 9.19
N ILE B 525 15.62 53.76 9.72
CA ILE B 525 15.95 52.81 10.77
C ILE B 525 15.20 53.16 12.06
N GLN B 526 14.89 54.45 12.26
CA GLN B 526 14.14 54.84 13.46
C GLN B 526 12.69 54.39 13.30
N SER B 527 12.11 54.65 12.14
CA SER B 527 10.76 54.14 11.82
C SER B 527 10.71 52.62 11.94
N TRP B 528 11.79 51.97 11.50
CA TRP B 528 11.89 50.51 11.54
C TRP B 528 11.72 49.95 12.95
N ILE B 529 12.50 50.47 13.89
CA ILE B 529 12.43 49.93 15.25
C ILE B 529 11.14 50.42 15.96
N TYR B 530 10.70 51.65 15.67
CA TYR B 530 9.50 52.17 16.32
C TYR B 530 8.25 51.36 15.90
N ASP B 531 8.17 51.01 14.62
CA ASP B 531 7.05 50.21 14.12
C ASP B 531 6.95 48.90 14.92
N VAL B 532 8.08 48.24 15.15
CA VAL B 532 8.06 47.03 15.96
C VAL B 532 7.70 47.36 17.41
N HIS B 533 8.27 48.46 17.91
CA HIS B 533 8.04 48.85 19.30
C HIS B 533 6.56 49.13 19.54
N LYS B 534 5.94 49.86 18.61
CA LYS B 534 4.57 50.33 18.76
C LYS B 534 3.55 49.32 18.23
N ASN B 535 3.84 48.72 17.08
CA ASN B 535 2.86 47.89 16.37
C ASN B 535 3.21 46.42 16.24
N GLY B 536 4.42 46.06 16.62
CA GLY B 536 4.89 44.70 16.44
C GLY B 536 4.82 43.86 17.69
N TRP B 537 5.68 44.16 18.66
CA TRP B 537 5.61 43.50 19.97
C TRP B 537 4.89 44.42 20.95
N ARG B 538 3.55 44.48 20.86
CA ARG B 538 2.77 45.49 21.58
C ARG B 538 2.70 45.23 23.07
N VAL B 539 3.08 46.23 23.87
CA VAL B 539 2.92 46.14 25.31
C VAL B 539 1.45 46.44 25.67
N ASN B 540 0.60 45.43 25.52
CA ASN B 540 -0.83 45.57 25.75
C ASN B 540 -1.15 45.23 27.21
N PRO B 541 -2.42 45.38 27.64
CA PRO B 541 -2.69 45.10 29.06
C PRO B 541 -2.27 43.70 29.52
N GLY B 542 -1.51 43.64 30.60
CA GLY B 542 -1.06 42.37 31.14
C GLY B 542 0.33 41.95 30.69
N HIS B 543 0.94 42.75 29.83
CA HIS B 543 2.25 42.43 29.28
C HIS B 543 3.39 43.08 30.04
N GLN B 544 4.50 42.36 30.16
CA GLN B 544 5.76 42.97 30.58
C GLN B 544 6.27 43.85 29.45
N ASP B 545 7.26 44.70 29.75
CA ASP B 545 7.92 45.43 28.68
C ASP B 545 8.65 44.42 27.80
N HIS B 546 8.55 44.59 26.49
CA HIS B 546 9.14 43.59 25.60
C HIS B 546 10.56 43.93 25.20
N GLY B 547 11.08 45.02 25.74
CA GLY B 547 12.47 45.37 25.56
C GLY B 547 12.80 45.89 24.18
N VAL B 548 11.77 46.29 23.44
CA VAL B 548 12.00 46.92 22.16
C VAL B 548 12.12 48.43 22.34
N PRO B 549 13.28 48.99 21.97
CA PRO B 549 13.45 50.44 22.09
C PRO B 549 12.55 51.18 21.10
N ALA B 550 12.09 52.35 21.53
CA ALA B 550 11.28 53.22 20.67
C ALA B 550 12.15 53.93 19.65
N SER B 551 13.45 53.96 19.91
CA SER B 551 14.39 54.57 18.96
C SER B 551 15.79 54.03 19.18
N PHE B 552 16.68 54.29 18.23
CA PHE B 552 18.11 53.98 18.39
C PHE B 552 18.88 55.25 18.70
N GLU B 553 19.71 55.18 19.74
CA GLU B 553 20.53 56.32 20.16
C GLU B 553 21.98 56.21 19.68
N SER B 554 22.41 55.00 19.32
CA SER B 554 23.82 54.80 18.96
C SER B 554 24.09 53.65 17.99
N ARG B 555 25.27 53.66 17.39
CA ARG B 555 25.69 52.57 16.51
C ARG B 555 25.79 51.27 17.29
N GLU B 556 26.22 51.34 18.55
CA GLU B 556 26.37 50.14 19.36
CA GLU B 556 26.37 50.15 19.38
C GLU B 556 25.03 49.47 19.63
N GLN B 557 24.02 50.26 19.90
CA GLN B 557 22.68 49.73 20.16
C GLN B 557 22.08 49.09 18.90
N LEU B 558 22.29 49.74 17.76
CA LEU B 558 21.81 49.20 16.49
C LEU B 558 22.49 47.87 16.20
N LYS B 559 23.79 47.80 16.46
CA LYS B 559 24.54 46.55 16.29
C LYS B 559 23.98 45.44 17.15
N GLU B 560 23.67 45.76 18.39
CA GLU B 560 23.18 44.75 19.30
C GLU B 560 21.83 44.17 18.85
N VAL B 561 20.91 45.04 18.45
CA VAL B 561 19.59 44.57 18.02
C VAL B 561 19.70 43.79 16.70
N LEU B 562 20.48 44.30 15.75
CA LEU B 562 20.63 43.62 14.47
C LEU B 562 21.31 42.27 14.66
N THR B 563 22.27 42.20 15.57
CA THR B 563 22.91 40.92 15.84
C THR B 563 21.92 39.96 16.47
N SER B 564 21.14 40.45 17.42
CA SER B 564 20.11 39.62 18.05
C SER B 564 19.16 39.06 16.98
N LEU B 565 18.70 39.92 16.09
CA LEU B 565 17.76 39.51 15.05
C LEU B 565 18.35 38.51 14.05
N VAL B 566 19.53 38.81 13.52
CA VAL B 566 20.14 37.95 12.50
C VAL B 566 20.55 36.60 13.10
N PHE B 567 21.09 36.63 14.30
CA PHE B 567 21.40 35.37 14.97
C PHE B 567 20.12 34.55 15.17
N THR B 568 19.02 35.20 15.48
CA THR B 568 17.79 34.43 15.73
C THR B 568 17.27 33.81 14.42
N PHE B 569 17.23 34.61 13.35
CA PHE B 569 16.71 34.18 12.04
C PHE B 569 17.41 32.92 11.58
N SER B 570 18.73 32.89 11.78
CA SER B 570 19.58 31.83 11.26
C SER B 570 19.92 30.81 12.36
N CYS B 571 20.90 31.14 13.20
CA CYS B 571 21.48 30.19 14.15
C CYS B 571 20.49 29.66 15.19
N GLN B 572 19.75 30.54 15.85
CA GLN B 572 18.85 30.08 16.92
C GLN B 572 17.75 29.21 16.35
N HIS B 573 17.16 29.64 15.26
CA HIS B 573 16.14 28.82 14.65
C HIS B 573 16.70 27.47 14.22
N ALA B 574 17.90 27.46 13.65
CA ALA B 574 18.50 26.19 13.23
C ALA B 574 18.70 25.25 14.43
N ALA B 575 19.25 25.78 15.51
CA ALA B 575 19.52 24.98 16.69
C ALA B 575 18.25 24.36 17.30
N VAL B 576 17.13 25.08 17.25
CA VAL B 576 15.92 24.55 17.87
C VAL B 576 15.00 23.84 16.87
N ASN B 577 15.30 23.96 15.57
CA ASN B 577 14.47 23.32 14.54
C ASN B 577 15.10 22.05 13.93
N PHE B 578 16.32 22.15 13.41
CA PHE B 578 16.86 21.00 12.67
C PHE B 578 17.38 19.93 13.59
N SER B 579 17.34 20.22 14.89
CA SER B 579 17.65 19.24 15.92
C SER B 579 16.47 18.29 16.19
N GLN B 580 15.34 18.55 15.55
CA GLN B 580 14.11 17.83 15.92
C GLN B 580 14.09 16.36 15.53
N LYS B 581 14.81 16.01 14.49
CA LYS B 581 14.84 14.63 14.03
C LYS B 581 15.47 13.72 15.09
N ASP B 582 16.68 14.07 15.52
CA ASP B 582 17.39 13.35 16.57
C ASP B 582 16.61 13.35 17.89
N HIS B 583 15.85 14.42 18.09
CA HIS B 583 15.16 14.65 19.35
C HIS B 583 13.81 13.93 19.42
N TYR B 584 12.97 14.12 18.41
CA TYR B 584 11.60 13.62 18.45
C TYR B 584 11.40 12.32 17.65
N GLY B 585 12.39 11.96 16.85
CA GLY B 585 12.29 10.85 15.91
C GLY B 585 11.88 9.53 16.54
N PHE B 586 12.52 9.19 17.65
CA PHE B 586 12.09 8.08 18.49
C PHE B 586 11.23 8.66 19.61
N THR B 587 9.93 8.45 19.51
CA THR B 587 8.98 9.14 20.37
C THR B 587 9.25 9.01 21.89
N PRO B 588 9.66 7.82 22.39
CA PRO B 588 9.84 7.79 23.85
C PRO B 588 10.95 8.71 24.37
N ASN B 589 11.90 9.07 23.50
CA ASN B 589 12.91 10.04 23.89
C ASN B 589 12.31 11.41 24.20
N ALA B 590 11.16 11.72 23.60
CA ALA B 590 10.53 13.02 23.82
C ALA B 590 9.06 13.04 23.45
N PRO B 591 8.22 12.42 24.29
CA PRO B 591 6.77 12.44 24.04
C PRO B 591 6.21 13.85 24.04
N ALA B 592 5.25 14.11 23.15
CA ALA B 592 4.63 15.43 23.05
C ALA B 592 3.17 15.33 23.46
N ILE B 593 2.73 14.11 23.71
CA ILE B 593 1.38 13.83 24.19
C ILE B 593 1.42 12.76 25.27
N LEU B 594 0.75 13.00 26.39
CA LEU B 594 0.52 11.92 27.34
C LEU B 594 -0.99 11.76 27.49
N ARG B 595 -1.44 10.51 27.64
CA ARG B 595 -2.86 10.19 27.54
C ARG B 595 -3.52 9.85 28.89
N HIS B 596 -2.75 9.98 29.97
CA HIS B 596 -3.27 9.74 31.32
C HIS B 596 -2.67 10.75 32.29
N PRO B 597 -3.43 11.11 33.33
CA PRO B 597 -2.93 12.04 34.37
C PRO B 597 -1.69 11.51 35.08
N PRO B 598 -1.00 12.40 35.82
CA PRO B 598 0.18 11.97 36.58
C PRO B 598 -0.19 11.21 37.85
N PRO B 599 0.75 10.40 38.37
CA PRO B 599 0.51 9.58 39.56
C PRO B 599 0.22 10.44 40.79
N LYS B 600 -0.63 9.95 41.68
CA LYS B 600 -0.87 10.63 42.95
C LYS B 600 -0.20 9.87 44.09
N LYS B 601 0.50 8.80 43.75
CA LYS B 601 1.19 7.95 44.73
C LYS B 601 2.32 7.18 44.06
N LYS B 602 3.29 6.75 44.84
CA LYS B 602 4.41 5.96 44.32
C LYS B 602 4.11 4.45 44.43
N GLU B 604 3.07 2.21 41.67
CA GLU B 604 1.98 2.23 40.68
C GLU B 604 2.44 1.88 39.26
N ALA B 605 3.53 2.51 38.80
CA ALA B 605 3.95 2.43 37.40
C ALA B 605 4.39 1.05 36.94
N THR B 606 3.75 0.57 35.88
CA THR B 606 4.17 -0.66 35.20
C THR B 606 4.49 -0.31 33.75
N LEU B 607 5.20 -1.21 33.06
CA LEU B 607 5.51 -1.01 31.65
C LEU B 607 4.23 -0.82 30.85
N GLN B 608 3.15 -1.45 31.32
CA GLN B 608 1.88 -1.38 30.61
C GLN B 608 1.13 -0.08 30.91
N SER B 609 1.28 0.44 32.12
CA SER B 609 0.65 1.72 32.44
C SER B 609 1.38 2.87 31.72
N ILE B 610 2.69 2.71 31.56
CA ILE B 610 3.48 3.70 30.85
C ILE B 610 3.06 3.74 29.39
N LEU B 611 3.17 2.61 28.72
CA LEU B 611 2.81 2.48 27.30
C LEU B 611 1.38 2.94 27.00
N SER B 612 0.50 2.83 27.99
CA SER B 612 -0.86 3.30 27.84
C SER B 612 -0.94 4.82 27.99
N THR B 613 0.11 5.39 28.58
CA THR B 613 0.13 6.81 28.90
C THR B 613 0.91 7.58 27.84
N LEU B 614 1.97 6.96 27.34
CA LEU B 614 2.74 7.46 26.20
C LEU B 614 1.86 7.68 24.96
N PRO B 615 2.36 8.45 23.97
CA PRO B 615 1.58 8.68 22.74
C PRO B 615 1.13 7.38 22.08
N SER B 616 -0.09 7.36 21.57
CA SER B 616 -0.55 6.25 20.74
C SER B 616 0.28 6.15 19.46
N LYS B 617 0.09 5.06 18.75
CA LYS B 617 0.78 4.82 17.49
C LYS B 617 0.58 5.96 16.51
N SER B 618 -0.68 6.32 16.28
CA SER B 618 -1.00 7.33 15.28
C SER B 618 -0.49 8.70 15.73
N GLN B 619 -0.63 9.00 17.02
CA GLN B 619 -0.14 10.26 17.57
C GLN B 619 1.36 10.39 17.35
N ALA B 620 2.08 9.31 17.61
CA ALA B 620 3.53 9.30 17.44
C ALA B 620 3.93 9.38 15.97
N ALA B 621 3.24 8.65 15.10
CA ALA B 621 3.52 8.70 13.68
C ALA B 621 3.36 10.12 13.15
N LYS B 622 2.32 10.82 13.63
CA LYS B 622 2.02 12.17 13.20
C LYS B 622 3.09 13.17 13.62
N ALA B 623 3.68 12.95 14.80
CA ALA B 623 4.75 13.81 15.28
C ALA B 623 5.99 13.63 14.43
N ILE B 624 6.29 12.39 14.08
CA ILE B 624 7.43 12.12 13.22
C ILE B 624 7.20 12.76 11.84
N ALA B 625 5.99 12.61 11.31
CA ALA B 625 5.63 13.22 10.03
C ALA B 625 5.84 14.75 10.04
N THR B 626 5.42 15.38 11.12
CA THR B 626 5.57 16.83 11.28
C THR B 626 7.03 17.24 11.29
N VAL B 627 7.84 16.48 12.02
CA VAL B 627 9.26 16.74 12.13
C VAL B 627 9.94 16.59 10.76
N TYR B 628 9.53 15.59 9.99
CA TYR B 628 10.04 15.40 8.63
C TYR B 628 9.86 16.67 7.79
N ILE B 629 8.64 17.21 7.83
CA ILE B 629 8.29 18.40 7.05
C ILE B 629 9.00 19.65 7.56
N LEU B 630 9.08 19.80 8.88
CA LEU B 630 9.66 21.02 9.46
C LEU B 630 11.18 21.03 9.39
N THR B 631 11.81 19.89 9.16
CA THR B 631 13.27 19.86 9.12
C THR B 631 13.84 19.60 7.71
N LYS B 632 13.00 19.70 6.69
CA LYS B 632 13.44 19.43 5.31
C LYS B 632 14.12 20.66 4.70
N PHE B 633 15.42 20.56 4.45
CA PHE B 633 16.15 21.61 3.74
C PHE B 633 15.72 21.64 2.29
N SER B 634 15.57 22.85 1.75
CA SER B 634 15.21 23.02 0.34
CA SER B 634 15.21 23.02 0.34
C SER B 634 16.43 22.86 -0.55
N GLU B 635 16.19 22.41 -1.77
CA GLU B 635 17.25 22.25 -2.74
C GLU B 635 17.89 23.60 -3.07
N ASP B 636 17.16 24.70 -2.88
CA ASP B 636 17.70 26.03 -3.18
C ASP B 636 18.03 26.81 -1.90
N GLU B 637 18.19 26.10 -0.79
CA GLU B 637 18.52 26.75 0.48
C GLU B 637 19.84 27.51 0.39
N ARG B 638 19.87 28.72 0.93
CA ARG B 638 21.13 29.45 1.11
C ARG B 638 21.52 29.44 2.58
N TYR B 639 22.73 28.96 2.88
CA TYR B 639 23.15 28.82 4.27
C TYR B 639 23.94 30.04 4.75
N LEU B 640 24.30 30.05 6.02
CA LEU B 640 24.78 31.26 6.70
C LEU B 640 25.92 31.96 5.97
N GLY B 641 25.68 33.21 5.61
CA GLY B 641 26.69 34.03 4.97
C GLY B 641 26.78 33.88 3.47
N ASN B 642 25.98 32.98 2.91
CA ASN B 642 25.89 32.88 1.45
C ASN B 642 25.09 34.08 0.96
N TYR B 643 25.79 35.09 0.47
CA TYR B 643 25.13 36.32 0.09
C TYR B 643 25.16 36.50 -1.43
N SER B 644 25.10 35.40 -2.16
CA SER B 644 25.19 35.45 -3.61
C SER B 644 23.95 36.08 -4.25
N ALA B 645 22.86 36.19 -3.50
CA ALA B 645 21.67 36.86 -4.02
C ALA B 645 21.37 38.16 -3.29
N THR B 646 22.40 38.90 -2.93
CA THR B 646 22.20 40.18 -2.24
C THR B 646 22.54 41.35 -3.15
N ALA B 647 22.12 42.55 -2.75
CA ALA B 647 22.17 43.72 -3.62
C ALA B 647 23.35 44.64 -3.28
N TRP B 648 24.35 44.14 -2.58
CA TRP B 648 25.48 44.99 -2.20
C TRP B 648 26.29 45.42 -3.42
N GLU B 649 26.71 46.69 -3.42
CA GLU B 649 27.64 47.20 -4.44
C GLU B 649 28.90 47.82 -3.81
N ASP B 650 28.75 48.39 -2.61
CA ASP B 650 29.86 49.07 -1.94
C ASP B 650 31.06 48.15 -1.73
N LYS B 651 32.22 48.55 -2.21
CA LYS B 651 33.44 47.73 -2.11
C LYS B 651 33.81 47.37 -0.68
N ASP B 652 33.65 48.31 0.25
CA ASP B 652 33.95 48.05 1.66
C ASP B 652 32.99 47.02 2.26
N ALA B 653 31.73 47.08 1.86
CA ALA B 653 30.73 46.11 2.30
C ALA B 653 31.09 44.72 1.77
N LEU B 654 31.48 44.66 0.50
CA LEU B 654 31.93 43.39 -0.11
C LEU B 654 33.15 42.85 0.64
N ASP B 655 34.07 43.72 1.06
CA ASP B 655 35.22 43.28 1.86
C ASP B 655 34.79 42.74 3.23
N ALA B 656 33.85 43.43 3.86
CA ALA B 656 33.30 42.99 5.13
C ALA B 656 32.68 41.59 4.99
N ILE B 657 31.96 41.39 3.91
CA ILE B 657 31.35 40.09 3.67
C ILE B 657 32.43 39.02 3.53
N ASN B 658 33.49 39.33 2.78
CA ASN B 658 34.60 38.38 2.62
C ASN B 658 35.13 37.88 3.97
N ARG B 659 35.29 38.81 4.91
CA ARG B 659 35.90 38.51 6.20
C ARG B 659 34.96 37.67 7.02
N PHE B 660 33.68 38.00 6.90
CA PHE B 660 32.64 37.26 7.60
C PHE B 660 32.64 35.82 7.10
N GLN B 661 32.67 35.66 5.78
CA GLN B 661 32.66 34.34 5.18
C GLN B 661 33.91 33.54 5.55
N ASP B 662 35.05 34.22 5.57
CA ASP B 662 36.29 33.52 5.97
C ASP B 662 36.21 33.13 7.44
N LYS B 663 35.63 34.01 8.28
CA LYS B 663 35.48 33.67 9.70
C LYS B 663 34.57 32.45 9.90
N LEU B 664 33.43 32.42 9.22
CA LEU B 664 32.52 31.28 9.30
C LEU B 664 33.17 29.95 8.90
N GLU B 665 34.03 30.01 7.90
CA GLU B 665 34.71 28.81 7.42
C GLU B 665 35.64 28.28 8.50
N ASP B 666 36.30 29.19 9.22
CA ASP B 666 37.17 28.79 10.31
CA ASP B 666 37.18 28.77 10.31
C ASP B 666 36.38 28.15 11.44
N ILE B 667 35.21 28.72 11.72
CA ILE B 667 34.35 28.19 12.77
C ILE B 667 33.89 26.78 12.39
N SER B 668 33.59 26.56 11.11
CA SER B 668 33.10 25.26 10.67
C SER B 668 34.15 24.17 10.85
N LYS B 669 35.38 24.46 10.44
CA LYS B 669 36.51 23.54 10.63
C LYS B 669 36.68 23.18 12.10
N LYS B 670 36.62 24.18 12.97
CA LYS B 670 36.80 23.96 14.40
C LYS B 670 35.66 23.11 14.98
N ILE B 671 34.43 23.35 14.54
CA ILE B 671 33.31 22.54 14.99
C ILE B 671 33.49 21.09 14.51
N LYS B 672 33.90 20.89 13.26
CA LYS B 672 34.09 19.55 12.71
C LYS B 672 35.25 18.81 13.42
N GLN B 673 36.32 19.51 13.75
CA GLN B 673 37.42 18.91 14.52
C GLN B 673 36.96 18.51 15.93
N ARG B 674 36.24 19.43 16.57
CA ARG B 674 35.61 19.18 17.86
C ARG B 674 34.77 17.92 17.80
N ASN B 675 33.94 17.81 16.78
CA ASN B 675 32.97 16.73 16.66
C ASN B 675 33.62 15.35 16.50
N GLU B 676 34.82 15.32 15.94
CA GLU B 676 35.56 14.08 15.74
C GLU B 676 35.87 13.37 17.05
N ASN B 677 35.96 14.16 18.12
CA ASN B 677 36.27 13.63 19.44
C ASN B 677 35.03 13.36 20.28
N LEU B 678 33.86 13.51 19.69
CA LEU B 678 32.61 13.38 20.44
C LEU B 678 31.92 12.05 20.19
N GLU B 679 31.29 11.51 21.23
CA GLU B 679 30.49 10.30 21.07
C GLU B 679 29.29 10.60 20.18
N VAL B 680 28.65 11.73 20.44
CA VAL B 680 27.51 12.19 19.67
C VAL B 680 27.78 13.60 19.19
N PRO B 681 28.26 13.73 17.95
CA PRO B 681 28.60 15.03 17.36
C PRO B 681 27.42 15.99 17.38
N TYR B 682 27.73 17.26 17.59
CA TYR B 682 26.74 18.31 17.56
C TYR B 682 26.93 19.06 16.22
N ILE B 683 25.96 18.93 15.32
CA ILE B 683 26.14 19.43 13.95
C ILE B 683 25.16 20.54 13.59
N TYR B 684 24.22 20.84 14.47
CA TYR B 684 23.13 21.77 14.12
C TYR B 684 23.61 23.19 13.89
N LEU B 685 24.79 23.55 14.39
CA LEU B 685 25.26 24.91 14.23
C LEU B 685 26.47 25.00 13.30
N LEU B 686 26.66 24.00 12.45
CA LEU B 686 27.61 24.13 11.36
C LEU B 686 27.08 25.21 10.42
N PRO B 687 27.92 26.19 10.05
CA PRO B 687 27.47 27.23 9.11
C PRO B 687 26.82 26.65 7.84
N GLU B 688 27.33 25.52 7.35
CA GLU B 688 26.79 24.86 6.14
C GLU B 688 25.43 24.22 6.35
N ARG B 689 24.95 24.16 7.59
CA ARG B 689 23.64 23.59 7.91
C ARG B 689 22.69 24.62 8.51
N ILE B 690 23.15 25.86 8.58
CA ILE B 690 22.36 26.96 9.09
C ILE B 690 21.85 27.82 7.95
N PRO B 691 20.52 27.78 7.69
CA PRO B 691 19.93 28.66 6.67
C PRO B 691 20.06 30.13 7.07
N ASN B 692 20.24 31.02 6.11
CA ASN B 692 20.30 32.45 6.41
C ASN B 692 19.06 32.89 7.19
N GLY B 693 17.92 32.24 6.92
CA GLY B 693 16.66 32.67 7.47
C GLY B 693 15.83 31.59 8.17
N THR B 694 14.63 31.97 8.57
CA THR B 694 13.69 31.07 9.20
C THR B 694 12.58 30.78 8.19
N ALA B 695 12.69 29.67 7.49
CA ALA B 695 11.88 29.46 6.28
C ALA B 695 11.12 28.14 6.27
N ILE B 696 11.21 27.41 7.36
CA ILE B 696 10.52 26.12 7.45
C ILE B 696 10.25 25.84 8.92
N HIS C 4 -48.97 -58.76 2.57
CA HIS C 4 -49.04 -58.48 1.13
C HIS C 4 -47.65 -58.55 0.50
N HIS C 5 -47.56 -58.05 -0.72
CA HIS C 5 -46.30 -57.99 -1.45
C HIS C 5 -45.60 -56.65 -1.21
N HIS C 6 -46.18 -55.80 -0.38
CA HIS C 6 -45.62 -54.47 -0.14
C HIS C 6 -44.99 -54.36 1.25
N ALA C 7 -44.04 -53.44 1.38
CA ALA C 7 -43.49 -53.08 2.67
C ALA C 7 -43.49 -51.57 2.81
N ILE C 8 -43.47 -51.11 4.05
CA ILE C 8 -43.27 -49.70 4.33
C ILE C 8 -41.84 -49.54 4.82
N TYR C 9 -41.09 -48.66 4.16
CA TYR C 9 -39.71 -48.41 4.54
C TYR C 9 -39.56 -47.05 5.18
N ASN C 10 -39.09 -47.01 6.42
CA ASN C 10 -38.72 -45.75 7.06
C ASN C 10 -37.25 -45.46 6.75
N VAL C 11 -37.02 -44.38 6.03
CA VAL C 11 -35.68 -44.04 5.56
C VAL C 11 -35.27 -42.74 6.24
N GLU C 12 -34.14 -42.79 6.92
CA GLU C 12 -33.57 -41.58 7.51
C GLU C 12 -32.20 -41.37 6.87
N VAL C 13 -31.99 -40.16 6.36
CA VAL C 13 -30.72 -39.82 5.72
C VAL C 13 -30.02 -38.70 6.49
N GLU C 14 -28.78 -38.95 6.84
CA GLU C 14 -27.97 -37.94 7.51
CA GLU C 14 -27.97 -37.96 7.53
C GLU C 14 -26.98 -37.34 6.54
N THR C 15 -27.18 -36.06 6.24
CA THR C 15 -26.32 -35.31 5.34
C THR C 15 -25.17 -34.67 6.13
N GLY C 16 -23.96 -34.73 5.59
CA GLY C 16 -22.80 -34.18 6.27
C GLY C 16 -22.93 -32.69 6.53
N ASP C 17 -22.30 -32.18 7.58
CA ASP C 17 -22.42 -30.75 7.88
C ASP C 17 -21.43 -29.87 7.13
N ARG C 18 -20.62 -30.43 6.25
CA ARG C 18 -19.62 -29.63 5.55
C ARG C 18 -20.25 -28.75 4.47
N GLU C 19 -19.50 -27.74 4.04
CA GLU C 19 -20.03 -26.76 3.09
CA GLU C 19 -19.99 -26.76 3.06
C GLU C 19 -20.39 -27.42 1.76
N HIS C 20 -21.53 -27.02 1.22
CA HIS C 20 -22.12 -27.56 -0.01
C HIS C 20 -22.53 -29.04 0.07
N ALA C 21 -22.55 -29.60 1.28
CA ALA C 21 -22.98 -30.98 1.46
C ALA C 21 -24.41 -31.23 1.01
N GLY C 22 -25.25 -30.20 1.12
CA GLY C 22 -26.67 -30.33 0.81
C GLY C 22 -26.96 -30.43 -0.67
N THR C 23 -28.21 -30.70 -1.04
CA THR C 23 -28.57 -30.77 -2.45
C THR C 23 -30.02 -30.37 -2.67
N ASP C 24 -30.32 -29.79 -3.83
CA ASP C 24 -31.73 -29.65 -4.22
C ASP C 24 -32.02 -30.47 -5.47
N ALA C 25 -31.16 -31.45 -5.76
CA ALA C 25 -31.46 -32.42 -6.81
C ALA C 25 -32.62 -33.31 -6.37
N THR C 26 -33.32 -33.90 -7.33
CA THR C 26 -34.33 -34.88 -7.01
C THR C 26 -33.65 -36.19 -6.66
N ILE C 27 -33.94 -36.71 -5.47
CA ILE C 27 -33.26 -37.89 -4.98
C ILE C 27 -34.21 -39.08 -4.96
N THR C 28 -33.73 -40.23 -5.43
CA THR C 28 -34.49 -41.48 -5.29
C THR C 28 -33.61 -42.55 -4.67
N ILE C 29 -34.26 -43.56 -4.10
CA ILE C 29 -33.55 -44.67 -3.51
C ILE C 29 -34.08 -46.00 -4.01
N ARG C 30 -33.16 -46.93 -4.27
CA ARG C 30 -33.56 -48.31 -4.51
C ARG C 30 -33.06 -49.18 -3.38
N ILE C 31 -33.95 -49.97 -2.84
CA ILE C 31 -33.65 -50.91 -1.77
C ILE C 31 -33.61 -52.32 -2.34
N THR C 32 -32.51 -53.03 -2.07
CA THR C 32 -32.32 -54.38 -2.60
C THR C 32 -32.29 -55.41 -1.48
N GLY C 33 -32.97 -56.52 -1.69
CA GLY C 33 -33.05 -57.55 -0.66
C GLY C 33 -33.16 -58.96 -1.22
N ALA C 34 -33.36 -59.92 -0.32
CA ALA C 34 -33.41 -61.33 -0.69
C ALA C 34 -34.53 -61.65 -1.69
N LYS C 35 -35.64 -60.91 -1.63
CA LYS C 35 -36.82 -61.24 -2.43
C LYS C 35 -36.98 -60.38 -3.69
N GLY C 36 -36.07 -59.43 -3.90
CA GLY C 36 -36.15 -58.56 -5.05
C GLY C 36 -35.55 -57.19 -4.81
N ARG C 37 -35.88 -56.24 -5.69
CA ARG C 37 -35.49 -54.84 -5.55
C ARG C 37 -36.71 -53.95 -5.76
N THR C 38 -36.81 -52.88 -4.97
CA THR C 38 -37.88 -51.91 -5.21
C THR C 38 -37.56 -51.18 -6.49
N ASP C 39 -38.52 -50.44 -7.02
CA ASP C 39 -38.23 -49.41 -7.99
C ASP C 39 -37.44 -48.31 -7.29
N TYR C 40 -36.96 -47.33 -8.05
CA TYR C 40 -36.36 -46.15 -7.43
C TYR C 40 -37.48 -45.30 -6.87
N LEU C 41 -37.48 -45.13 -5.56
CA LEU C 41 -38.53 -44.42 -4.82
C LEU C 41 -38.11 -42.99 -4.44
N LYS C 42 -39.00 -42.04 -4.64
CA LYS C 42 -38.69 -40.64 -4.36
C LYS C 42 -38.54 -40.36 -2.86
N LEU C 43 -37.45 -39.67 -2.52
CA LEU C 43 -37.31 -39.00 -1.23
C LEU C 43 -37.45 -37.51 -1.51
N ASP C 44 -38.68 -37.02 -1.51
CA ASP C 44 -39.01 -35.73 -2.11
C ASP C 44 -40.02 -34.98 -1.26
N LYS C 45 -39.70 -34.82 0.02
CA LYS C 45 -40.54 -34.06 0.95
C LYS C 45 -39.60 -33.35 1.90
N GLY C 46 -39.51 -32.04 1.75
CA GLY C 46 -38.60 -31.24 2.56
C GLY C 46 -37.25 -31.12 1.87
N SER C 47 -36.33 -30.38 2.49
CA SER C 47 -35.01 -30.14 1.91
C SER C 47 -33.95 -31.12 2.42
N PHE C 48 -32.80 -31.12 1.75
CA PHE C 48 -31.61 -31.82 2.23
C PHE C 48 -30.49 -30.79 2.47
N GLU C 49 -30.51 -30.11 3.61
CA GLU C 49 -29.48 -29.13 3.96
C GLU C 49 -28.27 -29.82 4.59
N ALA C 50 -27.13 -29.15 4.58
CA ALA C 50 -25.96 -29.64 5.28
C ALA C 50 -26.27 -29.84 6.76
N GLY C 51 -25.85 -30.98 7.31
CA GLY C 51 -26.07 -31.29 8.71
C GLY C 51 -27.44 -31.86 9.02
N SER C 52 -28.34 -31.92 8.04
CA SER C 52 -29.71 -32.35 8.33
C SER C 52 -29.83 -33.86 8.55
N LYS C 53 -30.79 -34.24 9.39
CA LYS C 53 -31.24 -35.63 9.53
C LYS C 53 -32.69 -35.65 9.11
N GLU C 54 -32.97 -36.25 7.96
CA GLU C 54 -34.29 -36.18 7.35
C GLU C 54 -34.96 -37.56 7.24
N GLN C 55 -36.27 -37.60 7.48
CA GLN C 55 -37.01 -38.85 7.53
CA GLN C 55 -37.01 -38.84 7.52
C GLN C 55 -38.01 -38.95 6.38
N TYR C 56 -38.13 -40.15 5.83
CA TYR C 56 -39.05 -40.42 4.73
C TYR C 56 -39.73 -41.73 5.00
N THR C 57 -40.98 -41.83 4.59
CA THR C 57 -41.75 -43.04 4.72
C THR C 57 -42.23 -43.40 3.34
N VAL C 58 -41.71 -44.49 2.79
CA VAL C 58 -42.05 -44.87 1.42
C VAL C 58 -42.55 -46.31 1.36
N GLN C 59 -43.49 -46.54 0.44
CA GLN C 59 -44.02 -47.88 0.24
C GLN C 59 -43.40 -48.45 -1.01
N GLY C 60 -43.12 -49.76 -1.00
CA GLY C 60 -42.57 -50.40 -2.18
C GLY C 60 -42.70 -51.90 -2.10
N PHE C 61 -42.24 -52.58 -3.15
CA PHE C 61 -42.19 -54.04 -3.15
C PHE C 61 -41.41 -54.51 -1.92
N ASP C 62 -41.94 -55.50 -1.21
CA ASP C 62 -41.24 -56.07 -0.05
C ASP C 62 -40.06 -56.91 -0.52
N VAL C 63 -38.84 -56.46 -0.26
CA VAL C 63 -37.66 -57.19 -0.73
C VAL C 63 -37.14 -58.20 0.31
N GLY C 64 -37.88 -58.38 1.38
CA GLY C 64 -37.43 -59.23 2.47
C GLY C 64 -36.24 -58.60 3.19
N ASP C 65 -35.30 -59.44 3.62
CA ASP C 65 -34.10 -58.97 4.31
C ASP C 65 -33.31 -58.02 3.41
N ILE C 66 -33.13 -56.79 3.86
CA ILE C 66 -32.45 -55.79 3.05
C ILE C 66 -30.94 -56.08 2.99
N GLN C 67 -30.38 -56.07 1.79
CA GLN C 67 -28.97 -56.41 1.61
C GLN C 67 -28.12 -55.26 1.12
N LEU C 68 -28.74 -54.27 0.49
CA LEU C 68 -28.02 -53.23 -0.23
C LEU C 68 -28.98 -52.10 -0.59
N ILE C 69 -28.48 -50.86 -0.66
CA ILE C 69 -29.30 -49.78 -1.19
C ILE C 69 -28.49 -48.94 -2.18
N GLU C 70 -29.22 -48.16 -2.97
CA GLU C 70 -28.63 -47.26 -3.94
C GLU C 70 -29.30 -45.91 -3.87
N LEU C 71 -28.51 -44.83 -3.91
CA LEU C 71 -29.08 -43.50 -4.02
C LEU C 71 -28.89 -43.03 -5.44
N HIS C 72 -29.89 -42.36 -5.99
CA HIS C 72 -29.75 -41.75 -7.31
C HIS C 72 -30.12 -40.28 -7.23
N SER C 73 -29.28 -39.44 -7.85
CA SER C 73 -29.56 -38.02 -7.95
C SER C 73 -29.72 -37.63 -9.40
N ASP C 74 -30.73 -36.83 -9.73
CA ASP C 74 -30.94 -36.43 -11.12
C ASP C 74 -30.00 -35.29 -11.51
N GLY C 75 -29.10 -34.92 -10.58
CA GLY C 75 -28.10 -33.91 -10.86
C GLY C 75 -28.63 -32.48 -10.91
N GLY C 76 -29.83 -32.27 -10.38
CA GLY C 76 -30.39 -30.93 -10.28
C GLY C 76 -31.14 -30.45 -11.51
N GLY C 77 -31.90 -29.37 -11.35
CA GLY C 77 -32.57 -28.77 -12.48
C GLY C 77 -31.81 -27.56 -12.97
N TYR C 78 -32.46 -26.78 -13.84
CA TYR C 78 -31.87 -25.58 -14.41
C TYR C 78 -31.34 -24.61 -13.34
N TRP C 79 -32.09 -24.44 -12.26
CA TRP C 79 -31.73 -23.47 -11.23
C TRP C 79 -30.85 -24.04 -10.10
N SER C 80 -30.23 -25.19 -10.34
CA SER C 80 -29.43 -25.83 -9.30
C SER C 80 -27.96 -25.43 -9.36
N GLY C 81 -27.43 -24.99 -8.23
CA GLY C 81 -26.06 -24.52 -8.15
C GLY C 81 -25.04 -25.61 -7.84
N ASP C 82 -25.31 -26.44 -6.83
CA ASP C 82 -24.37 -27.50 -6.46
C ASP C 82 -25.09 -28.79 -6.08
N PRO C 83 -25.55 -29.55 -7.08
CA PRO C 83 -26.37 -30.74 -6.82
C PRO C 83 -25.60 -31.85 -6.09
N ASP C 84 -24.27 -31.87 -6.17
CA ASP C 84 -23.49 -32.89 -5.45
C ASP C 84 -23.88 -32.91 -3.97
N TRP C 85 -23.90 -34.11 -3.39
CA TRP C 85 -24.55 -34.32 -2.10
C TRP C 85 -23.67 -35.18 -1.20
N PHE C 86 -23.27 -34.65 -0.05
CA PHE C 86 -22.40 -35.43 0.84
C PHE C 86 -23.20 -36.14 1.91
N VAL C 87 -23.27 -37.46 1.81
CA VAL C 87 -24.09 -38.25 2.72
C VAL C 87 -23.25 -38.92 3.78
N ASN C 88 -23.60 -38.69 5.05
CA ASN C 88 -22.93 -39.38 6.14
C ASN C 88 -23.40 -40.82 6.23
N ARG C 89 -24.70 -41.02 6.43
CA ARG C 89 -25.24 -42.36 6.45
C ARG C 89 -26.75 -42.38 6.19
N VAL C 90 -27.25 -43.58 5.92
CA VAL C 90 -28.66 -43.81 5.70
C VAL C 90 -29.09 -44.93 6.64
N ILE C 91 -30.22 -44.75 7.30
CA ILE C 91 -30.74 -45.78 8.17
C ILE C 91 -32.13 -46.21 7.69
N ILE C 92 -32.37 -47.51 7.56
CA ILE C 92 -33.62 -48.00 7.03
C ILE C 92 -34.27 -49.00 7.96
N ILE C 93 -35.57 -48.84 8.17
CA ILE C 93 -36.39 -49.86 8.81
C ILE C 93 -37.45 -50.34 7.83
N SER C 94 -37.53 -51.66 7.65
CA SER C 94 -38.59 -52.29 6.88
C SER C 94 -39.70 -52.80 7.79
N SER C 95 -40.94 -52.55 7.40
CA SER C 95 -42.10 -53.03 8.16
C SER C 95 -42.18 -54.56 8.23
N THR C 96 -41.46 -55.27 7.36
CA THR C 96 -41.51 -56.74 7.37
C THR C 96 -40.30 -57.38 8.03
N GLN C 97 -39.37 -56.56 8.51
CA GLN C 97 -38.15 -57.09 9.10
C GLN C 97 -37.91 -56.52 10.50
N ASP C 98 -37.53 -57.36 11.43
CA ASP C 98 -37.28 -56.91 12.80
C ASP C 98 -35.80 -56.58 12.96
N ARG C 99 -35.39 -55.51 12.29
CA ARG C 99 -33.99 -55.09 12.24
C ARG C 99 -33.91 -53.59 11.99
N VAL C 100 -32.75 -53.03 12.31
CA VAL C 100 -32.41 -51.69 11.88
C VAL C 100 -31.20 -51.81 10.96
N TYR C 101 -31.36 -51.41 9.70
CA TYR C 101 -30.24 -51.47 8.76
C TYR C 101 -29.51 -50.15 8.69
N SER C 102 -28.18 -50.19 8.82
CA SER C 102 -27.37 -48.97 8.83
C SER C 102 -26.40 -48.97 7.66
N PHE C 103 -26.41 -47.90 6.87
CA PHE C 103 -25.56 -47.76 5.70
C PHE C 103 -24.65 -46.52 5.76
N PRO C 104 -23.45 -46.67 6.34
CA PRO C 104 -22.50 -45.54 6.34
C PRO C 104 -22.02 -45.22 4.93
N CYS C 105 -21.77 -43.93 4.67
CA CYS C 105 -21.29 -43.52 3.36
C CYS C 105 -20.05 -42.65 3.54
N PHE C 106 -20.26 -41.39 3.94
CA PHE C 106 -19.17 -40.43 4.13
C PHE C 106 -18.38 -40.23 2.84
N ARG C 107 -19.12 -40.16 1.74
CA ARG C 107 -18.59 -39.85 0.41
C ARG C 107 -19.60 -38.95 -0.29
N TRP C 108 -19.20 -38.40 -1.43
CA TRP C 108 -20.08 -37.51 -2.20
C TRP C 108 -20.96 -38.29 -3.14
N VAL C 109 -22.26 -37.99 -3.13
CA VAL C 109 -23.17 -38.61 -4.10
C VAL C 109 -23.28 -37.67 -5.29
N ILE C 110 -22.81 -38.15 -6.44
CA ILE C 110 -22.80 -37.34 -7.65
C ILE C 110 -24.03 -37.70 -8.48
N LYS C 111 -24.09 -38.93 -8.97
CA LYS C 111 -25.25 -39.39 -9.71
C LYS C 111 -25.83 -40.64 -9.06
N ASP C 112 -25.00 -41.68 -8.94
CA ASP C 112 -25.41 -42.94 -8.34
C ASP C 112 -24.43 -43.30 -7.25
N MET C 113 -24.95 -43.92 -6.19
CA MET C 113 -24.12 -44.40 -5.10
C MET C 113 -24.72 -45.68 -4.52
N VAL C 114 -23.92 -46.75 -4.52
CA VAL C 114 -24.26 -48.01 -3.88
C VAL C 114 -23.76 -47.99 -2.43
N LEU C 115 -24.64 -48.25 -1.48
CA LEU C 115 -24.21 -48.33 -0.07
C LEU C 115 -24.40 -49.71 0.50
N PHE C 116 -23.37 -50.18 1.18
CA PHE C 116 -23.32 -51.50 1.78
C PHE C 116 -23.68 -51.36 3.26
N PRO C 117 -24.25 -52.43 3.85
CA PRO C 117 -24.93 -52.39 5.16
C PRO C 117 -24.13 -52.98 6.31
N GLY C 118 -23.96 -52.24 7.40
CA GLY C 118 -23.40 -52.78 8.63
C GLY C 118 -21.88 -52.79 8.71
N GLU C 119 -21.36 -53.90 9.24
CA GLU C 119 -19.95 -54.06 9.52
C GLU C 119 -19.07 -54.09 8.28
N ALA C 120 -17.84 -53.63 8.43
CA ALA C 120 -16.83 -53.78 7.39
C ALA C 120 -16.60 -55.26 7.13
N THR C 121 -16.25 -55.61 5.90
CA THR C 121 -15.96 -56.99 5.56
C THR C 121 -14.75 -57.14 4.65
N LEU C 122 -14.04 -58.25 4.79
CA LEU C 122 -13.05 -58.66 3.81
C LEU C 122 -13.79 -59.25 2.61
N PRO C 123 -13.16 -59.22 1.42
CA PRO C 123 -13.87 -59.63 0.21
C PRO C 123 -14.31 -61.09 0.19
N PHE C 124 -13.72 -61.95 1.02
CA PHE C 124 -14.08 -63.36 1.00
C PHE C 124 -15.11 -63.72 2.07
N ASN C 125 -15.45 -62.76 2.93
CA ASN C 125 -16.48 -62.99 3.95
C ASN C 125 -17.81 -63.32 3.28
N GLU C 126 -18.59 -64.22 3.88
CA GLU C 126 -19.81 -64.72 3.25
C GLU C 126 -20.83 -63.60 3.06
N VAL C 127 -21.28 -63.43 1.83
CA VAL C 127 -22.11 -62.29 1.47
C VAL C 127 -23.03 -62.64 0.29
N PRO C 128 -24.22 -62.01 0.21
CA PRO C 128 -25.08 -62.29 -0.94
C PRO C 128 -24.40 -61.97 -2.27
N ALA C 129 -24.83 -62.66 -3.32
CA ALA C 129 -24.18 -62.54 -4.63
C ALA C 129 -24.25 -61.13 -5.19
N ILE C 130 -25.39 -60.47 -5.02
CA ILE C 130 -25.54 -59.11 -5.52
C ILE C 130 -24.53 -58.18 -4.82
N VAL C 131 -24.26 -58.44 -3.54
CA VAL C 131 -23.30 -57.63 -2.77
C VAL C 131 -21.88 -57.81 -3.28
N SER C 132 -21.47 -59.06 -3.49
CA SER C 132 -20.15 -59.35 -4.05
C SER C 132 -19.99 -58.75 -5.43
N GLU C 133 -21.02 -58.88 -6.25
CA GLU C 133 -20.98 -58.36 -7.61
C GLU C 133 -20.84 -56.85 -7.59
N GLN C 134 -21.58 -56.20 -6.70
CA GLN C 134 -21.54 -54.74 -6.64
C GLN C 134 -20.18 -54.25 -6.07
N ARG C 135 -19.61 -55.04 -5.16
CA ARG C 135 -18.29 -54.73 -4.61
C ARG C 135 -17.27 -54.78 -5.73
N GLN C 136 -17.37 -55.82 -6.54
CA GLN C 136 -16.48 -55.99 -7.67
C GLN C 136 -16.66 -54.83 -8.65
N LYS C 137 -17.91 -54.42 -8.87
CA LYS C 137 -18.17 -53.35 -9.83
C LYS C 137 -17.65 -52.01 -9.30
N GLU C 138 -17.74 -51.81 -7.99
CA GLU C 138 -17.21 -50.60 -7.37
C GLU C 138 -15.71 -50.49 -7.66
N LEU C 139 -14.99 -51.59 -7.48
CA LEU C 139 -13.53 -51.58 -7.66
C LEU C 139 -13.12 -51.40 -9.11
N GLU C 140 -13.92 -51.92 -10.03
CA GLU C 140 -13.67 -51.71 -11.45
C GLU C 140 -13.84 -50.23 -11.75
N GLN C 141 -14.87 -49.61 -11.19
CA GLN C 141 -15.09 -48.20 -11.43
C GLN C 141 -13.95 -47.35 -10.81
N ARG C 142 -13.43 -47.78 -9.66
CA ARG C 142 -12.31 -47.06 -9.03
C ARG C 142 -11.08 -46.97 -9.93
N LYS C 143 -10.72 -48.07 -10.58
CA LYS C 143 -9.53 -48.12 -11.42
C LYS C 143 -9.64 -47.16 -12.61
N LEU C 144 -10.87 -46.91 -13.06
CA LEU C 144 -11.11 -46.00 -14.17
C LEU C 144 -10.98 -44.56 -13.70
N THR C 145 -11.46 -44.31 -12.50
CA THR C 145 -11.47 -42.97 -11.93
C THR C 145 -10.09 -42.57 -11.39
N TYR C 146 -9.46 -43.52 -10.70
CA TYR C 146 -8.18 -43.28 -10.01
C TYR C 146 -7.02 -43.94 -10.77
N GLN C 147 -6.38 -43.18 -11.65
CA GLN C 147 -5.33 -43.72 -12.51
C GLN C 147 -3.94 -43.20 -12.16
N TRP C 148 -2.91 -44.02 -12.40
CA TRP C 148 -1.52 -43.64 -12.16
C TRP C 148 -1.06 -42.60 -13.18
N ASP C 149 -0.14 -41.76 -12.75
CA ASP C 149 0.62 -40.86 -13.62
C ASP C 149 1.97 -40.62 -12.97
N TYR C 150 2.92 -40.07 -13.73
CA TYR C 150 4.30 -39.97 -13.27
C TYR C 150 4.96 -38.70 -13.75
N VAL C 151 5.65 -38.01 -12.86
CA VAL C 151 6.42 -36.83 -13.23
C VAL C 151 7.60 -37.28 -14.11
N SER C 152 8.13 -38.47 -13.81
CA SER C 152 9.26 -39.06 -14.53
C SER C 152 9.45 -40.52 -14.12
N ASP C 153 10.41 -41.19 -14.73
CA ASP C 153 10.71 -42.59 -14.40
C ASP C 153 11.29 -42.73 -12.99
N ASP C 154 11.78 -41.63 -12.47
CA ASP C 154 12.48 -41.63 -11.20
C ASP C 154 11.69 -40.93 -10.09
N MET C 155 10.37 -40.89 -10.23
CA MET C 155 9.50 -40.30 -9.20
C MET C 155 8.38 -41.28 -8.85
N PRO C 156 7.89 -41.23 -7.62
CA PRO C 156 6.81 -42.12 -7.20
C PRO C 156 5.51 -41.78 -7.93
N GLY C 157 4.65 -42.78 -8.15
CA GLY C 157 3.42 -42.57 -8.89
C GLY C 157 2.51 -41.57 -8.19
N ASN C 158 1.81 -40.76 -8.97
CA ASN C 158 0.82 -39.84 -8.42
C ASN C 158 -0.52 -40.01 -9.13
N ILE C 159 -1.56 -39.33 -8.64
CA ILE C 159 -2.88 -39.43 -9.28
C ILE C 159 -2.87 -38.67 -10.61
N LYS C 160 -3.52 -39.25 -11.62
CA LYS C 160 -3.67 -38.57 -12.91
C LYS C 160 -4.73 -37.47 -12.81
N ALA C 161 -4.32 -36.22 -12.99
CA ALA C 161 -5.22 -35.06 -12.87
C ALA C 161 -4.50 -33.78 -13.23
N LYS C 162 -5.07 -33.00 -14.13
CA LYS C 162 -4.41 -31.78 -14.59
C LYS C 162 -4.48 -30.70 -13.50
N THR C 163 -5.67 -30.51 -12.94
CA THR C 163 -5.89 -29.52 -11.88
C THR C 163 -6.71 -30.12 -10.73
N HIS C 164 -6.80 -29.39 -9.63
CA HIS C 164 -7.56 -29.82 -8.46
C HIS C 164 -9.03 -30.08 -8.78
N ASP C 165 -9.62 -29.26 -9.63
CA ASP C 165 -11.02 -29.45 -10.00
C ASP C 165 -11.22 -30.64 -10.98
N ASP C 166 -10.13 -31.16 -11.55
CA ASP C 166 -10.20 -32.41 -12.31
C ASP C 166 -10.24 -33.63 -11.41
N LEU C 167 -10.03 -33.44 -10.12
CA LEU C 167 -10.03 -34.57 -9.18
C LEU C 167 -11.46 -34.97 -8.86
N PRO C 168 -11.69 -36.25 -8.56
CA PRO C 168 -12.97 -36.67 -7.97
C PRO C 168 -13.25 -35.88 -6.70
N ARG C 169 -14.50 -35.48 -6.48
CA ARG C 169 -14.80 -34.64 -5.34
C ARG C 169 -14.40 -35.30 -4.03
N ASP C 170 -14.41 -36.63 -4.00
CA ASP C 170 -14.01 -37.39 -2.82
C ASP C 170 -12.56 -37.12 -2.37
N VAL C 171 -11.69 -36.71 -3.29
CA VAL C 171 -10.30 -36.47 -2.89
C VAL C 171 -9.89 -35.02 -3.13
N GLN C 172 -10.87 -34.18 -3.41
CA GLN C 172 -10.63 -32.73 -3.43
C GLN C 172 -10.57 -32.23 -2.00
N PHE C 173 -9.98 -31.06 -1.80
CA PHE C 173 -10.16 -30.32 -0.54
C PHE C 173 -11.64 -30.17 -0.22
N THR C 174 -12.00 -30.19 1.06
CA THR C 174 -13.28 -29.60 1.46
C THR C 174 -13.32 -28.15 0.95
N ASP C 175 -14.52 -27.60 0.79
CA ASP C 175 -14.62 -26.19 0.43
C ASP C 175 -14.04 -25.32 1.53
N GLU C 176 -14.15 -25.78 2.76
CA GLU C 176 -13.52 -25.07 3.87
C GLU C 176 -12.01 -24.98 3.67
N LYS C 177 -11.39 -26.08 3.26
CA LYS C 177 -9.93 -26.08 3.09
C LYS C 177 -9.53 -25.27 1.86
N SER C 178 -10.32 -25.37 0.80
CA SER C 178 -10.04 -24.60 -0.40
C SER C 178 -10.05 -23.11 -0.08
N ARG C 179 -10.98 -22.69 0.76
CA ARG C 179 -11.04 -21.28 1.14
C ARG C 179 -9.87 -20.93 2.06
N SER C 180 -9.56 -21.81 3.01
CA SER C 180 -8.40 -21.58 3.87
C SER C 180 -7.15 -21.38 3.03
N TYR C 181 -6.94 -22.29 2.09
CA TYR C 181 -5.78 -22.22 1.21
C TYR C 181 -5.79 -20.96 0.35
N GLN C 182 -6.90 -20.70 -0.34
CA GLN C 182 -6.95 -19.53 -1.22
C GLN C 182 -6.88 -18.22 -0.44
N GLU C 183 -7.54 -18.14 0.71
CA GLU C 183 -7.43 -16.94 1.53
C GLU C 183 -5.97 -16.71 1.98
N SER C 184 -5.23 -17.79 2.24
CA SER C 184 -3.87 -17.63 2.71
C SER C 184 -2.99 -17.14 1.55
N ARG C 185 -3.28 -17.57 0.33
CA ARG C 185 -2.54 -17.04 -0.80
C ARG C 185 -2.82 -15.55 -0.94
N LYS C 186 -4.08 -15.15 -0.77
CA LYS C 186 -4.42 -13.74 -0.91
C LYS C 186 -3.74 -12.91 0.17
N ALA C 187 -3.84 -13.37 1.42
CA ALA C 187 -3.20 -12.67 2.54
C ALA C 187 -1.71 -12.52 2.31
N ALA C 188 -1.08 -13.58 1.82
CA ALA C 188 0.36 -13.57 1.61
C ALA C 188 0.75 -12.48 0.60
N LEU C 189 0.02 -12.42 -0.51
CA LEU C 189 0.27 -11.39 -1.53
C LEU C 189 0.07 -9.98 -0.97
N VAL C 190 -0.94 -9.81 -0.13
CA VAL C 190 -1.19 -8.49 0.46
C VAL C 190 -0.08 -8.11 1.44
N ASN C 191 0.27 -9.03 2.34
CA ASN C 191 1.37 -8.78 3.28
C ASN C 191 2.68 -8.52 2.55
N LEU C 192 2.93 -9.26 1.46
CA LEU C 192 4.14 -9.05 0.67
C LEU C 192 4.13 -7.66 0.02
N GLY C 193 2.98 -7.24 -0.50
CA GLY C 193 2.88 -5.94 -1.13
C GLY C 193 3.03 -4.80 -0.14
N ILE C 194 2.49 -4.98 1.06
CA ILE C 194 2.59 -3.94 2.07
C ILE C 194 4.02 -3.88 2.60
N GLY C 195 4.61 -5.05 2.87
CA GLY C 195 5.98 -5.12 3.32
C GLY C 195 6.94 -4.54 2.30
N SER C 196 6.68 -4.82 1.02
CA SER C 196 7.47 -4.28 -0.08
C SER C 196 7.48 -2.74 -0.08
N LEU C 197 6.30 -2.14 0.05
CA LEU C 197 6.22 -0.68 0.17
C LEU C 197 6.95 -0.17 1.42
N PHE C 198 6.75 -0.82 2.55
CA PHE C 198 7.33 -0.30 3.79
C PHE C 198 8.86 -0.32 3.76
N THR C 199 9.44 -1.39 3.23
CA THR C 199 10.89 -1.59 3.25
C THR C 199 11.56 -1.21 1.94
N MET C 200 10.80 -0.56 1.06
CA MET C 200 11.19 -0.39 -0.35
C MET C 200 12.60 0.17 -0.55
N PHE C 201 12.95 1.20 0.23
CA PHE C 201 14.21 1.87 0.02
C PHE C 201 15.23 1.61 1.14
N GLU C 202 14.99 0.57 1.94
CA GLU C 202 15.94 0.23 3.00
C GLU C 202 17.16 -0.47 2.42
N ASN C 203 18.33 -0.13 2.93
CA ASN C 203 19.51 -0.93 2.62
C ASN C 203 19.88 -1.67 3.89
N TRP C 204 20.03 -2.97 3.79
CA TRP C 204 20.26 -3.76 4.98
C TRP C 204 21.74 -3.89 5.30
N ASP C 205 22.07 -3.58 6.54
CA ASP C 205 23.45 -3.62 7.02
C ASP C 205 23.53 -4.41 8.31
N SER C 206 22.50 -5.21 8.56
CA SER C 206 22.32 -5.88 9.84
C SER C 206 21.52 -7.17 9.71
N TYR C 207 21.84 -8.16 10.53
CA TYR C 207 21.00 -9.36 10.62
C TYR C 207 19.61 -8.99 11.14
N ASP C 208 19.58 -8.04 12.06
CA ASP C 208 18.34 -7.65 12.70
C ASP C 208 17.34 -7.04 11.71
N ASP C 209 17.81 -6.60 10.55
CA ASP C 209 16.89 -6.07 9.55
C ASP C 209 15.90 -7.10 9.08
N TYR C 210 16.27 -8.38 9.17
CA TYR C 210 15.40 -9.45 8.72
C TYR C 210 14.19 -9.64 9.62
N HIS C 211 14.24 -9.09 10.83
CA HIS C 211 13.13 -9.24 11.75
C HIS C 211 11.86 -8.58 11.21
N ILE C 212 12.01 -7.59 10.34
CA ILE C 212 10.86 -6.84 9.86
C ILE C 212 9.96 -7.70 8.95
N LEU C 213 10.53 -8.73 8.36
CA LEU C 213 9.83 -9.50 7.34
C LEU C 213 8.74 -10.40 7.90
N TYR C 214 8.79 -10.70 9.20
CA TYR C 214 7.70 -11.48 9.78
C TYR C 214 6.78 -10.63 10.65
N ARG C 215 7.09 -9.34 10.78
CA ARG C 215 6.37 -8.48 11.70
C ARG C 215 4.90 -8.28 11.31
N ASN C 216 4.64 -8.00 10.04
CA ASN C 216 3.26 -7.80 9.59
C ASN C 216 2.57 -9.09 9.18
N TRP C 217 2.98 -10.21 9.78
CA TRP C 217 2.35 -11.50 9.47
C TRP C 217 1.74 -12.15 10.71
N ILE C 218 0.61 -12.81 10.51
CA ILE C 218 -0.01 -13.58 11.58
C ILE C 218 0.52 -15.00 11.52
N LEU C 219 1.53 -15.28 12.33
CA LEU C 219 2.19 -16.57 12.29
C LEU C 219 1.91 -17.38 13.55
N GLY C 220 1.12 -16.81 14.45
CA GLY C 220 0.87 -17.44 15.74
C GLY C 220 1.97 -17.14 16.74
N GLY C 221 2.69 -16.05 16.51
CA GLY C 221 3.78 -15.66 17.39
C GLY C 221 5.13 -15.55 16.68
N THR C 222 6.00 -14.74 17.26
CA THR C 222 7.37 -14.58 16.77
C THR C 222 8.05 -15.95 16.63
N PRO C 223 8.75 -16.19 15.52
CA PRO C 223 9.55 -17.42 15.37
C PRO C 223 10.39 -17.64 16.62
N ASN C 224 10.34 -18.83 17.23
CA ASN C 224 10.90 -18.94 18.59
C ASN C 224 12.44 -19.01 18.58
N MET C 225 13.04 -19.00 17.40
CA MET C 225 14.49 -18.91 17.26
C MET C 225 14.99 -17.48 16.93
N ALA C 226 14.05 -16.55 16.74
CA ALA C 226 14.40 -15.18 16.36
C ALA C 226 15.37 -14.51 17.34
N ASP C 227 15.25 -14.83 18.61
CA ASP C 227 16.10 -14.22 19.62
C ASP C 227 17.37 -15.01 19.92
N ARG C 228 17.58 -16.15 19.27
CA ARG C 228 18.66 -17.01 19.73
C ARG C 228 19.34 -17.79 18.62
N TRP C 229 18.96 -17.49 17.38
CA TRP C 229 19.49 -18.14 16.20
C TRP C 229 21.01 -18.12 16.15
N HIS C 230 21.62 -17.08 16.73
CA HIS C 230 23.06 -16.85 16.58
C HIS C 230 23.89 -17.67 17.55
N GLU C 231 23.25 -18.22 18.58
CA GLU C 231 23.95 -18.99 19.60
C GLU C 231 24.17 -20.44 19.14
N ASP C 232 25.41 -20.92 19.25
CA ASP C 232 25.77 -22.28 18.88
C ASP C 232 24.84 -23.33 19.49
N ARG C 233 24.52 -23.17 20.78
CA ARG C 233 23.63 -24.09 21.50
C ARG C 233 22.31 -24.26 20.74
N TRP C 234 21.76 -23.15 20.29
CA TRP C 234 20.41 -23.17 19.70
C TRP C 234 20.47 -23.51 18.22
N PHE C 235 21.60 -23.22 17.59
CA PHE C 235 21.88 -23.74 16.27
C PHE C 235 21.89 -25.28 16.31
N GLY C 236 22.60 -25.85 17.27
CA GLY C 236 22.66 -27.31 17.39
C GLY C 236 21.32 -27.92 17.77
N TYR C 237 20.61 -27.23 18.66
CA TYR C 237 19.32 -27.68 19.18
C TYR C 237 18.36 -28.08 18.06
N GLN C 238 18.43 -27.32 16.98
CA GLN C 238 17.46 -27.48 15.90
C GLN C 238 17.73 -28.69 15.01
N PHE C 239 18.88 -29.34 15.19
CA PHE C 239 19.12 -30.58 14.44
C PHE C 239 18.37 -31.72 15.11
N LEU C 240 17.89 -31.48 16.32
CA LEU C 240 17.05 -32.43 17.05
C LEU C 240 15.58 -32.03 17.00
N ASN C 241 15.32 -30.75 17.16
CA ASN C 241 13.94 -30.31 17.44
C ASN C 241 13.41 -29.27 16.48
N GLY C 242 14.17 -29.01 15.41
CA GLY C 242 13.77 -28.07 14.39
C GLY C 242 13.01 -28.78 13.29
N ALA C 243 13.04 -28.21 12.10
CA ALA C 243 12.18 -28.68 11.02
C ALA C 243 12.71 -29.96 10.37
N ASN C 244 14.00 -30.22 10.50
CA ASN C 244 14.65 -31.35 9.80
C ASN C 244 15.38 -32.32 10.72
N PRO C 245 14.66 -32.93 11.68
CA PRO C 245 15.35 -33.77 12.69
C PRO C 245 15.69 -35.17 12.16
N VAL C 246 15.92 -35.32 10.87
CA VAL C 246 15.99 -36.65 10.30
C VAL C 246 17.38 -37.06 9.83
N ILE C 247 18.34 -36.15 9.86
CA ILE C 247 19.63 -36.49 9.23
C ILE C 247 20.78 -36.71 10.22
N LEU C 248 20.70 -36.08 11.38
CA LEU C 248 21.72 -36.28 12.41
C LEU C 248 21.88 -37.75 12.73
N THR C 249 23.13 -38.24 12.72
CA THR C 249 23.40 -39.62 13.13
C THR C 249 24.58 -39.68 14.08
N ARG C 250 24.67 -40.75 14.87
CA ARG C 250 25.81 -40.95 15.76
CA ARG C 250 25.81 -40.94 15.75
C ARG C 250 27.08 -41.18 14.95
N CYS C 251 28.14 -40.47 15.29
CA CYS C 251 29.41 -40.65 14.61
C CYS C 251 30.22 -41.74 15.28
N ASP C 252 30.48 -42.83 14.55
CA ASP C 252 31.26 -43.97 15.03
C ASP C 252 32.72 -43.82 14.64
N ALA C 253 32.98 -42.95 13.66
CA ALA C 253 34.33 -42.61 13.23
C ALA C 253 34.21 -41.44 12.28
N LEU C 254 35.20 -40.55 12.25
CA LEU C 254 35.16 -39.46 11.27
C LEU C 254 35.25 -40.04 9.86
N PRO C 255 34.45 -39.50 8.94
CA PRO C 255 34.60 -39.88 7.55
C PRO C 255 35.98 -39.54 7.03
N SER C 256 36.51 -40.37 6.13
CA SER C 256 37.83 -40.16 5.56
C SER C 256 37.99 -38.77 4.94
N ASN C 257 36.90 -38.23 4.40
CA ASN C 257 36.95 -36.95 3.71
C ASN C 257 36.58 -35.76 4.62
N PHE C 258 36.52 -35.99 5.92
CA PHE C 258 36.18 -34.98 6.91
C PHE C 258 37.23 -35.08 8.01
N PRO C 259 38.45 -34.57 7.73
CA PRO C 259 39.59 -34.88 8.61
C PRO C 259 39.60 -34.02 9.88
N VAL C 260 38.59 -34.20 10.72
CA VAL C 260 38.56 -33.46 11.97
C VAL C 260 39.49 -34.15 12.97
N THR C 261 40.33 -33.38 13.66
CA THR C 261 41.22 -33.96 14.65
C THR C 261 40.89 -33.48 16.05
N ASN C 262 41.49 -34.11 17.05
CA ASN C 262 41.31 -33.62 18.42
C ASN C 262 41.77 -32.17 18.53
N GLU C 263 42.81 -31.80 17.80
CA GLU C 263 43.34 -30.43 17.90
C GLU C 263 42.31 -29.40 17.42
N HIS C 264 41.56 -29.77 16.38
CA HIS C 264 40.51 -28.89 15.86
C HIS C 264 39.45 -28.53 16.89
N VAL C 265 39.01 -29.52 17.67
CA VAL C 265 37.79 -29.36 18.45
C VAL C 265 38.01 -29.49 19.96
N ASN C 266 39.26 -29.62 20.41
CA ASN C 266 39.53 -29.87 21.81
C ASN C 266 38.93 -28.81 22.71
N ALA C 267 39.01 -27.56 22.29
CA ALA C 267 38.45 -26.45 23.05
C ALA C 267 36.94 -26.54 23.24
N SER C 268 36.25 -27.34 22.43
CA SER C 268 34.78 -27.48 22.57
C SER C 268 34.38 -28.64 23.48
N LEU C 269 35.31 -29.56 23.74
CA LEU C 269 35.00 -30.73 24.55
C LEU C 269 35.10 -30.37 26.03
N ASP C 270 34.22 -30.91 26.87
CA ASP C 270 34.19 -30.46 28.27
C ASP C 270 33.83 -31.54 29.26
N ARG C 271 33.98 -32.79 28.88
CA ARG C 271 33.68 -33.89 29.81
C ARG C 271 34.95 -34.56 30.31
N GLY C 272 36.11 -33.99 29.99
CA GLY C 272 37.38 -34.55 30.39
C GLY C 272 38.00 -35.58 29.45
N LYS C 273 37.43 -35.75 28.25
CA LYS C 273 37.95 -36.72 27.29
C LYS C 273 38.28 -36.10 25.93
N ASN C 274 39.12 -36.76 25.16
CA ASN C 274 39.47 -36.28 23.83
CA ASN C 274 39.45 -36.23 23.84
C ASN C 274 38.41 -36.71 22.81
N LEU C 275 38.54 -36.25 21.58
CA LEU C 275 37.57 -36.54 20.53
C LEU C 275 37.35 -38.03 20.32
N ASP C 276 38.43 -38.81 20.21
CA ASP C 276 38.28 -40.22 19.95
CA ASP C 276 38.32 -40.24 19.97
C ASP C 276 37.55 -40.92 21.09
N GLU C 277 37.77 -40.45 22.31
CA GLU C 277 37.09 -41.03 23.46
C GLU C 277 35.61 -40.66 23.45
N GLU C 278 35.30 -39.42 23.04
CA GLU C 278 33.89 -39.01 23.02
C GLU C 278 33.11 -39.73 21.92
N ILE C 279 33.78 -40.01 20.80
CA ILE C 279 33.18 -40.81 19.74
C ILE C 279 32.76 -42.16 20.31
N LYS C 280 33.69 -42.81 20.99
CA LYS C 280 33.42 -44.11 21.57
C LYS C 280 32.33 -44.02 22.64
N ASP C 281 32.28 -42.90 23.36
CA ASP C 281 31.28 -42.69 24.42
C ASP C 281 29.89 -42.34 23.87
N GLY C 282 29.78 -42.10 22.57
CA GLY C 282 28.47 -41.86 21.99
C GLY C 282 27.98 -40.43 22.17
N HIS C 283 28.91 -39.48 22.27
CA HIS C 283 28.55 -38.08 22.44
C HIS C 283 28.84 -37.26 21.19
N ILE C 284 29.31 -37.92 20.15
CA ILE C 284 29.63 -37.24 18.89
C ILE C 284 28.65 -37.64 17.79
N TYR C 285 28.05 -36.63 17.17
CA TYR C 285 27.03 -36.83 16.15
C TYR C 285 27.44 -36.07 14.89
N ILE C 286 26.86 -36.42 13.75
CA ILE C 286 27.32 -35.89 12.47
C ILE C 286 26.15 -35.73 11.49
N VAL C 287 26.24 -34.72 10.62
CA VAL C 287 25.36 -34.63 9.46
C VAL C 287 26.24 -34.63 8.23
N ASP C 288 25.83 -35.39 7.22
CA ASP C 288 26.56 -35.49 5.95
C ASP C 288 25.58 -35.24 4.80
N PHE C 289 25.73 -34.10 4.13
CA PHE C 289 24.82 -33.71 3.06
C PHE C 289 25.32 -34.09 1.68
N LYS C 290 26.02 -35.23 1.63
CA LYS C 290 26.62 -35.77 0.40
C LYS C 290 25.63 -35.84 -0.76
N VAL C 291 24.38 -36.20 -0.49
CA VAL C 291 23.39 -36.35 -1.55
C VAL C 291 23.24 -35.08 -2.40
N LEU C 292 23.62 -33.92 -1.85
CA LEU C 292 23.50 -32.67 -2.61
C LEU C 292 24.61 -32.45 -3.65
N VAL C 293 25.66 -33.27 -3.64
CA VAL C 293 26.70 -33.16 -4.66
C VAL C 293 26.07 -33.32 -6.05
N GLY C 294 26.44 -32.43 -6.98
CA GLY C 294 25.94 -32.50 -8.34
C GLY C 294 24.66 -31.69 -8.53
N ALA C 295 24.17 -31.08 -7.46
CA ALA C 295 22.93 -30.31 -7.54
C ALA C 295 23.09 -29.07 -8.39
N LYS C 296 22.12 -28.83 -9.26
CA LYS C 296 22.12 -27.64 -10.10
C LYS C 296 21.21 -26.57 -9.51
N SER C 297 21.78 -25.40 -9.27
CA SER C 297 21.05 -24.32 -8.66
C SER C 297 20.64 -23.26 -9.67
N TYR C 298 19.72 -22.39 -9.27
CA TYR C 298 19.20 -21.36 -10.15
C TYR C 298 20.29 -20.48 -10.74
N GLY C 299 20.29 -20.34 -12.06
CA GLY C 299 21.25 -19.49 -12.72
C GLY C 299 22.43 -20.22 -13.34
N GLY C 300 22.49 -21.53 -13.11
CA GLY C 300 23.53 -22.34 -13.73
C GLY C 300 24.56 -23.10 -12.89
N PRO C 301 24.90 -22.62 -11.67
CA PRO C 301 25.93 -23.37 -10.91
C PRO C 301 25.61 -24.84 -10.66
N VAL C 302 26.63 -25.67 -10.79
CA VAL C 302 26.52 -27.10 -10.52
C VAL C 302 27.53 -27.50 -9.45
N LEU C 303 27.03 -27.97 -8.31
CA LEU C 303 27.86 -28.30 -7.15
C LEU C 303 28.79 -29.49 -7.37
N GLU C 304 30.08 -29.31 -7.09
CA GLU C 304 31.02 -30.42 -7.16
C GLU C 304 31.46 -30.83 -5.77
N ASP C 305 32.21 -31.92 -5.70
CA ASP C 305 32.79 -32.36 -4.43
CA ASP C 305 32.79 -32.36 -4.44
C ASP C 305 33.66 -31.28 -3.82
N ILE C 306 34.35 -30.50 -4.66
CA ILE C 306 35.23 -29.43 -4.18
C ILE C 306 34.49 -28.10 -3.95
N GLY C 307 33.22 -28.06 -4.30
CA GLY C 307 32.46 -26.83 -4.27
C GLY C 307 32.13 -26.35 -5.67
N TYR C 308 32.51 -25.11 -6.00
CA TYR C 308 32.21 -24.55 -7.32
C TYR C 308 33.44 -24.05 -8.05
N LYS C 309 33.44 -24.22 -9.37
CA LYS C 309 34.52 -23.74 -10.22
C LYS C 309 34.33 -22.26 -10.56
N ALA C 319 22.04 -10.15 -11.45
CA ALA C 319 21.84 -11.51 -11.98
C ALA C 319 21.50 -12.49 -10.87
N ASP C 320 20.43 -13.26 -11.07
CA ASP C 320 19.93 -14.20 -10.07
C ASP C 320 20.71 -15.51 -10.22
N ILE C 321 21.82 -15.61 -9.49
CA ILE C 321 22.64 -16.82 -9.48
C ILE C 321 22.71 -17.33 -8.04
N ARG C 322 22.33 -18.59 -7.82
CA ARG C 322 22.23 -19.15 -6.47
C ARG C 322 23.16 -20.33 -6.27
N TYR C 323 23.49 -20.59 -5.00
CA TYR C 323 24.46 -21.62 -4.63
C TYR C 323 23.95 -22.50 -3.51
N CYS C 324 24.37 -23.76 -3.51
CA CYS C 324 24.10 -24.65 -2.39
C CYS C 324 25.41 -25.25 -1.90
N ALA C 325 25.34 -26.32 -1.14
CA ALA C 325 26.54 -26.95 -0.62
C ALA C 325 26.23 -28.37 -0.23
N ALA C 326 27.26 -29.21 -0.10
CA ALA C 326 27.11 -30.56 0.43
C ALA C 326 28.03 -30.76 1.64
N PRO C 327 27.72 -30.07 2.75
CA PRO C 327 28.64 -30.05 3.90
C PRO C 327 28.63 -31.28 4.76
N LEU C 328 29.67 -31.40 5.57
CA LEU C 328 29.64 -32.25 6.73
C LEU C 328 29.73 -31.37 7.97
N ALA C 329 29.02 -31.74 9.02
CA ALA C 329 29.14 -31.01 10.28
C ALA C 329 29.19 -31.97 11.42
N LEU C 330 30.03 -31.64 12.40
CA LEU C 330 30.26 -32.45 13.59
C LEU C 330 29.64 -31.80 14.81
N PHE C 331 28.98 -32.60 15.64
CA PHE C 331 28.31 -32.08 16.84
C PHE C 331 28.72 -32.86 18.07
N TYR C 332 28.66 -32.20 19.21
CA TYR C 332 29.07 -32.79 20.48
C TYR C 332 28.03 -32.55 21.55
N VAL C 333 27.66 -33.59 22.28
CA VAL C 333 26.77 -33.43 23.43
C VAL C 333 27.61 -33.03 24.65
N ASN C 334 27.52 -31.77 25.07
CA ASN C 334 28.40 -31.29 26.14
C ASN C 334 27.89 -31.75 27.51
N LYS C 335 28.59 -31.39 28.58
CA LYS C 335 28.26 -31.96 29.88
C LYS C 335 26.92 -31.49 30.44
N LEU C 336 26.38 -30.41 29.90
CA LEU C 336 25.03 -29.96 30.28
C LEU C 336 23.95 -30.59 29.39
N GLY C 337 24.36 -31.48 28.49
CA GLY C 337 23.39 -32.16 27.66
C GLY C 337 23.01 -31.38 26.40
N HIS C 338 23.76 -30.33 26.07
CA HIS C 338 23.49 -29.56 24.86
C HIS C 338 24.23 -30.08 23.63
N LEU C 339 23.52 -30.19 22.51
CA LEU C 339 24.17 -30.59 21.27
C LEU C 339 24.84 -29.38 20.62
N MET C 340 26.16 -29.39 20.58
CA MET C 340 26.94 -28.23 20.12
C MET C 340 27.61 -28.49 18.78
N PRO C 341 27.51 -27.52 17.86
CA PRO C 341 28.23 -27.64 16.59
C PRO C 341 29.73 -27.42 16.84
N ILE C 342 30.58 -28.35 16.44
CA ILE C 342 32.00 -28.19 16.77
C ILE C 342 32.92 -28.17 15.55
N ALA C 343 32.39 -28.58 14.40
CA ALA C 343 33.17 -28.46 13.16
C ALA C 343 32.27 -28.50 11.97
N ILE C 344 32.60 -27.69 10.96
CA ILE C 344 31.89 -27.72 9.69
C ILE C 344 32.89 -27.73 8.52
N GLN C 345 32.63 -28.59 7.55
CA GLN C 345 33.34 -28.54 6.28
C GLN C 345 32.29 -28.26 5.21
N ILE C 346 32.45 -27.18 4.44
CA ILE C 346 31.33 -26.69 3.64
C ILE C 346 31.04 -27.61 2.46
N ASN C 347 32.07 -28.24 1.90
CA ASN C 347 31.83 -29.23 0.86
C ASN C 347 32.55 -30.54 1.09
N GLN C 348 32.39 -31.49 0.16
CA GLN C 348 32.75 -32.89 0.43
C GLN C 348 34.24 -33.24 0.36
N GLU C 349 34.99 -32.57 -0.51
CA GLU C 349 36.40 -32.90 -0.73
C GLU C 349 37.31 -31.94 0.03
N PRO C 350 38.02 -32.46 1.04
CA PRO C 350 38.72 -31.57 1.97
C PRO C 350 39.99 -30.98 1.36
N GLY C 351 40.47 -29.86 1.90
CA GLY C 351 41.70 -29.25 1.43
C GLY C 351 41.75 -27.80 1.88
N PRO C 352 42.86 -27.10 1.59
CA PRO C 352 43.00 -25.69 2.00
C PRO C 352 41.94 -24.76 1.43
N GLU C 353 41.34 -25.11 0.29
CA GLU C 353 40.30 -24.26 -0.27
C GLU C 353 38.90 -24.70 0.19
N ASN C 354 38.86 -25.79 0.94
CA ASN C 354 37.62 -26.29 1.55
C ASN C 354 37.95 -26.78 2.95
N PRO C 355 38.28 -25.85 3.87
CA PRO C 355 38.89 -26.28 5.13
C PRO C 355 37.88 -26.62 6.19
N ILE C 356 38.37 -26.95 7.38
CA ILE C 356 37.51 -27.22 8.51
C ILE C 356 37.31 -25.95 9.32
N TRP C 357 36.04 -25.59 9.55
CA TRP C 357 35.71 -24.40 10.32
C TRP C 357 35.23 -24.82 11.70
N THR C 358 35.56 -24.03 12.73
CA THR C 358 35.11 -24.34 14.09
C THR C 358 34.63 -23.05 14.78
N PRO C 359 33.93 -23.21 15.91
CA PRO C 359 33.48 -21.99 16.60
C PRO C 359 34.64 -21.12 17.12
N HIS C 360 35.86 -21.66 17.06
CA HIS C 360 37.03 -20.92 17.52
C HIS C 360 37.79 -20.21 16.41
N GLU C 361 37.13 -20.01 15.25
CA GLU C 361 37.73 -19.26 14.16
C GLU C 361 38.28 -17.91 14.62
N GLU C 362 39.48 -17.57 14.17
CA GLU C 362 40.08 -16.26 14.46
C GLU C 362 39.15 -15.14 13.99
N ASN C 363 38.61 -15.30 12.79
CA ASN C 363 37.59 -14.39 12.28
C ASN C 363 36.20 -14.96 12.58
N GLU C 364 35.52 -14.38 13.58
CA GLU C 364 34.22 -14.86 14.02
C GLU C 364 33.21 -14.94 12.88
N HIS C 365 33.38 -14.08 11.88
CA HIS C 365 32.48 -14.05 10.73
C HIS C 365 32.62 -15.31 9.88
N ASP C 366 33.81 -15.90 9.89
CA ASP C 366 34.03 -17.12 9.12
C ASP C 366 33.23 -18.27 9.70
N TRP C 367 33.05 -18.27 11.02
CA TRP C 367 32.29 -19.33 11.67
C TRP C 367 30.80 -19.13 11.39
N MET C 368 30.34 -17.89 11.46
CA MET C 368 28.95 -17.59 11.13
C MET C 368 28.62 -18.01 9.70
N MET C 369 29.50 -17.67 8.76
CA MET C 369 29.29 -17.98 7.36
C MET C 369 29.25 -19.48 7.12
N ALA C 370 30.12 -20.22 7.81
CA ALA C 370 30.10 -21.68 7.72
C ALA C 370 28.75 -22.24 8.19
N LYS C 371 28.19 -21.65 9.23
CA LYS C 371 26.90 -22.10 9.73
C LYS C 371 25.80 -21.78 8.71
N PHE C 372 25.97 -20.71 7.94
CA PHE C 372 24.97 -20.35 6.93
C PHE C 372 25.02 -21.33 5.77
N TRP C 373 26.22 -21.80 5.43
CA TRP C 373 26.36 -22.77 4.34
C TRP C 373 25.71 -24.09 4.72
N LEU C 374 25.86 -24.46 5.99
CA LEU C 374 25.22 -25.66 6.53
C LEU C 374 23.70 -25.49 6.46
N GLY C 375 23.26 -24.28 6.78
CA GLY C 375 21.85 -23.93 6.72
C GLY C 375 21.23 -24.01 5.35
N VAL C 376 21.91 -23.51 4.32
CA VAL C 376 21.29 -23.52 3.00
C VAL C 376 21.19 -24.96 2.50
N ALA C 377 22.16 -25.80 2.88
CA ALA C 377 22.12 -27.22 2.50
C ALA C 377 20.94 -27.88 3.19
N GLU C 378 20.81 -27.63 4.49
CA GLU C 378 19.72 -28.21 5.26
C GLU C 378 18.35 -27.80 4.69
N SER C 379 18.20 -26.52 4.36
CA SER C 379 16.92 -26.02 3.85
C SER C 379 16.49 -26.71 2.55
N ASN C 380 17.42 -26.84 1.62
CA ASN C 380 17.08 -27.46 0.33
C ASN C 380 16.84 -28.94 0.50
N PHE C 381 17.63 -29.58 1.34
CA PHE C 381 17.45 -30.98 1.73
C PHE C 381 16.12 -31.18 2.44
N HIS C 382 15.81 -30.29 3.38
CA HIS C 382 14.60 -30.46 4.18
C HIS C 382 13.36 -30.34 3.31
N GLN C 383 13.32 -29.29 2.50
CA GLN C 383 12.08 -29.02 1.78
C GLN C 383 11.83 -30.01 0.66
N LEU C 384 12.88 -30.42 -0.04
CA LEU C 384 12.69 -31.25 -1.22
C LEU C 384 12.68 -32.73 -0.87
N ASN C 385 13.57 -33.13 0.03
CA ASN C 385 13.71 -34.55 0.36
C ASN C 385 12.82 -34.92 1.56
N THR C 386 13.13 -34.36 2.72
CA THR C 386 12.45 -34.72 3.95
C THR C 386 10.96 -34.43 3.91
N HIS C 387 10.61 -33.27 3.37
CA HIS C 387 9.24 -32.81 3.35
C HIS C 387 8.49 -33.23 2.08
N LEU C 388 8.80 -32.62 0.95
CA LEU C 388 8.00 -32.85 -0.26
C LEU C 388 8.08 -34.29 -0.74
N LEU C 389 9.28 -34.86 -0.84
CA LEU C 389 9.40 -36.23 -1.36
C LEU C 389 8.93 -37.25 -0.34
N ARG C 390 9.48 -37.21 0.86
CA ARG C 390 9.30 -38.31 1.79
C ARG C 390 8.03 -38.22 2.63
N THR C 391 7.24 -37.16 2.50
CA THR C 391 5.90 -37.23 3.07
C THR C 391 4.94 -37.18 1.87
N HIS C 392 4.53 -36.00 1.45
CA HIS C 392 3.68 -35.81 0.26
C HIS C 392 3.80 -36.83 -0.90
N LEU C 393 4.82 -36.69 -1.72
CA LEU C 393 4.83 -37.39 -3.02
C LEU C 393 4.92 -38.91 -2.88
N THR C 394 5.67 -39.42 -1.90
CA THR C 394 5.81 -40.86 -1.77
C THR C 394 4.56 -41.50 -1.14
N THR C 395 3.99 -40.88 -0.11
CA THR C 395 2.79 -41.43 0.53
C THR C 395 1.58 -41.27 -0.39
N GLU C 396 1.63 -40.30 -1.30
CA GLU C 396 0.54 -40.10 -2.25
C GLU C 396 0.27 -41.40 -3.04
N SER C 397 1.33 -42.16 -3.32
CA SER C 397 1.19 -43.44 -4.03
C SER C 397 0.29 -44.40 -3.23
N PHE C 398 0.49 -44.43 -1.93
CA PHE C 398 -0.36 -45.29 -1.10
C PHE C 398 -1.81 -44.80 -1.08
N ALA C 399 -1.99 -43.47 -1.06
CA ALA C 399 -3.35 -42.93 -1.01
C ALA C 399 -4.10 -43.33 -2.28
N LEU C 400 -3.42 -43.22 -3.42
CA LEU C 400 -4.02 -43.59 -4.70
C LEU C 400 -4.36 -45.08 -4.71
N SER C 401 -3.44 -45.91 -4.21
CA SER C 401 -3.69 -47.34 -4.21
C SER C 401 -4.87 -47.71 -3.30
N THR C 402 -5.09 -46.92 -2.25
CA THR C 402 -6.22 -47.16 -1.37
C THR C 402 -7.52 -46.99 -2.14
N TRP C 403 -7.60 -45.92 -2.93
CA TRP C 403 -8.79 -45.66 -3.73
C TRP C 403 -8.94 -46.70 -4.85
N ARG C 404 -7.82 -47.15 -5.40
CA ARG C 404 -7.87 -48.09 -6.52
C ARG C 404 -8.30 -49.50 -6.10
N ASN C 405 -7.94 -49.89 -4.89
CA ASN C 405 -7.91 -51.32 -4.55
C ASN C 405 -8.73 -51.77 -3.36
N LEU C 406 -9.03 -50.85 -2.45
CA LEU C 406 -9.79 -51.24 -1.28
C LEU C 406 -11.24 -50.77 -1.41
N ALA C 407 -12.18 -51.70 -1.29
CA ALA C 407 -13.60 -51.38 -1.39
C ALA C 407 -14.04 -50.52 -0.21
N SER C 408 -15.13 -49.78 -0.37
CA SER C 408 -15.64 -48.93 0.70
CA SER C 408 -15.60 -48.92 0.71
C SER C 408 -16.03 -49.75 1.93
N ALA C 409 -16.39 -51.01 1.70
CA ALA C 409 -16.76 -51.93 2.79
C ALA C 409 -15.53 -52.49 3.51
N HIS C 410 -14.36 -52.30 2.92
CA HIS C 410 -13.14 -52.88 3.49
C HIS C 410 -12.73 -52.15 4.78
N PRO C 411 -12.44 -52.91 5.86
CA PRO C 411 -12.06 -52.25 7.11
C PRO C 411 -10.81 -51.37 6.99
N ILE C 412 -9.90 -51.75 6.09
CA ILE C 412 -8.66 -50.99 5.95
C ILE C 412 -8.91 -49.74 5.09
N PHE C 413 -9.91 -49.76 4.22
CA PHE C 413 -10.35 -48.53 3.58
C PHE C 413 -10.88 -47.58 4.65
N LYS C 414 -11.70 -48.10 5.57
CA LYS C 414 -12.29 -47.28 6.62
C LYS C 414 -11.20 -46.70 7.54
N LEU C 415 -10.19 -47.52 7.83
CA LEU C 415 -9.07 -47.10 8.65
C LEU C 415 -8.28 -45.96 8.00
N LEU C 416 -8.00 -46.11 6.72
CA LEU C 416 -7.12 -45.16 6.01
C LEU C 416 -7.82 -43.90 5.52
N GLN C 417 -9.14 -43.95 5.36
CA GLN C 417 -9.88 -42.82 4.78
C GLN C 417 -9.53 -41.47 5.45
N PRO C 418 -9.56 -41.41 6.79
CA PRO C 418 -9.25 -40.07 7.35
C PRO C 418 -7.78 -39.65 7.17
N HIS C 419 -6.89 -40.60 6.91
CA HIS C 419 -5.46 -40.32 6.90
C HIS C 419 -4.94 -40.03 5.51
N ILE C 420 -5.67 -40.48 4.50
CA ILE C 420 -5.32 -40.20 3.11
C ILE C 420 -5.96 -38.92 2.56
N TYR C 421 -6.89 -38.35 3.31
CA TYR C 421 -7.52 -37.10 2.88
C TYR C 421 -6.45 -36.02 2.66
N GLY C 422 -6.63 -35.22 1.60
CA GLY C 422 -5.79 -34.06 1.40
C GLY C 422 -4.57 -34.22 0.52
N VAL C 423 -3.91 -35.38 0.55
CA VAL C 423 -2.58 -35.49 -0.07
C VAL C 423 -2.71 -35.45 -1.60
N LEU C 424 -3.76 -36.07 -2.14
CA LEU C 424 -3.99 -36.05 -3.57
C LEU C 424 -4.30 -34.61 -4.01
N ALA C 425 -5.10 -33.92 -3.21
CA ALA C 425 -5.48 -32.55 -3.53
C ALA C 425 -4.29 -31.57 -3.49
N ILE C 426 -3.55 -31.54 -2.39
CA ILE C 426 -2.47 -30.57 -2.26
C ILE C 426 -1.35 -30.89 -3.23
N ASP C 427 -1.12 -32.18 -3.49
CA ASP C 427 -0.07 -32.55 -4.43
C ASP C 427 -0.44 -32.18 -5.87
N THR C 428 -1.72 -32.28 -6.21
CA THR C 428 -2.16 -31.90 -7.55
C THR C 428 -1.98 -30.39 -7.73
N ILE C 429 -2.39 -29.63 -6.72
CA ILE C 429 -2.09 -28.21 -6.70
C ILE C 429 -0.59 -27.95 -6.78
N GLY C 430 0.17 -28.64 -5.93
CA GLY C 430 1.61 -28.49 -5.88
C GLY C 430 2.38 -28.78 -7.16
N ARG C 431 1.93 -29.76 -7.93
CA ARG C 431 2.67 -30.15 -9.13
C ARG C 431 2.69 -29.00 -10.13
N LYS C 432 1.71 -28.10 -10.00
CA LYS C 432 1.67 -26.86 -10.76
C LYS C 432 2.33 -25.71 -9.98
N GLU C 433 1.73 -25.34 -8.86
CA GLU C 433 2.10 -24.12 -8.14
C GLU C 433 3.46 -24.18 -7.43
N LEU C 434 3.86 -25.36 -6.97
CA LEU C 434 5.06 -25.45 -6.13
C LEU C 434 6.34 -25.75 -6.92
N ILE C 435 6.34 -26.86 -7.66
CA ILE C 435 7.54 -27.27 -8.36
C ILE C 435 7.49 -27.02 -9.86
N GLY C 436 6.34 -26.55 -10.36
CA GLY C 436 6.23 -26.20 -11.77
C GLY C 436 7.15 -25.05 -12.12
N SER C 437 7.50 -24.90 -13.40
CA SER C 437 8.33 -23.79 -13.86
C SER C 437 7.82 -22.44 -13.37
N GLY C 438 8.72 -21.64 -12.79
CA GLY C 438 8.37 -20.33 -12.29
C GLY C 438 7.57 -20.39 -10.99
N GLY C 439 7.37 -21.59 -10.47
CA GLY C 439 6.60 -21.75 -9.24
C GLY C 439 7.37 -21.35 -8.00
N ILE C 440 6.86 -21.71 -6.83
CA ILE C 440 7.41 -21.28 -5.56
C ILE C 440 8.87 -21.70 -5.36
N VAL C 441 9.16 -22.98 -5.59
CA VAL C 441 10.52 -23.49 -5.46
C VAL C 441 11.49 -22.66 -6.29
N ASP C 442 11.10 -22.34 -7.52
CA ASP C 442 11.94 -21.53 -8.40
C ASP C 442 12.22 -20.16 -7.79
N GLN C 443 11.28 -19.68 -6.98
CA GLN C 443 11.45 -18.36 -6.39
C GLN C 443 12.17 -18.36 -5.04
N SER C 444 12.10 -19.46 -4.31
CA SER C 444 12.50 -19.43 -2.90
C SER C 444 13.71 -20.31 -2.50
N LEU C 445 14.05 -21.32 -3.32
CA LEU C 445 15.19 -22.19 -3.01
C LEU C 445 16.37 -22.04 -3.97
N SER C 446 17.58 -22.29 -3.48
CA SER C 446 18.76 -22.33 -4.36
C SER C 446 18.57 -23.32 -5.49
N LEU C 447 18.01 -24.50 -5.19
CA LEU C 447 17.87 -25.55 -6.20
C LEU C 447 16.68 -25.31 -7.12
N GLY C 448 15.99 -24.18 -6.94
CA GLY C 448 14.91 -23.81 -7.85
C GLY C 448 15.43 -23.68 -9.27
N GLY C 449 14.54 -23.79 -10.24
CA GLY C 449 14.91 -23.61 -11.63
C GLY C 449 15.01 -24.91 -12.42
N GLY C 450 14.74 -26.04 -11.77
CA GLY C 450 14.80 -27.32 -12.44
C GLY C 450 15.65 -28.35 -11.72
N GLY C 451 16.70 -27.88 -11.06
CA GLY C 451 17.56 -28.78 -10.30
C GLY C 451 16.84 -29.45 -9.15
N HIS C 452 15.75 -28.84 -8.69
CA HIS C 452 14.96 -29.41 -7.60
C HIS C 452 14.33 -30.73 -7.99
N VAL C 453 13.84 -30.83 -9.22
CA VAL C 453 13.25 -32.08 -9.67
C VAL C 453 14.31 -33.17 -9.76
N THR C 454 15.44 -32.85 -10.38
CA THR C 454 16.53 -33.81 -10.48
C THR C 454 17.02 -34.24 -9.10
N PHE C 455 17.04 -33.29 -8.15
CA PHE C 455 17.47 -33.63 -6.79
C PHE C 455 16.51 -34.61 -6.14
N MET C 456 15.21 -34.35 -6.25
CA MET C 456 14.22 -35.26 -5.67
C MET C 456 14.27 -36.66 -6.29
N GLU C 457 14.52 -36.70 -7.59
CA GLU C 457 14.76 -37.97 -8.29
C GLU C 457 15.96 -38.70 -7.71
N LYS C 458 17.06 -37.98 -7.51
CA LYS C 458 18.24 -38.58 -6.92
C LYS C 458 17.89 -39.20 -5.57
N CYS C 459 17.21 -38.43 -4.72
CA CYS C 459 16.83 -38.89 -3.39
C CYS C 459 15.88 -40.09 -3.44
N PHE C 460 14.95 -40.09 -4.40
CA PHE C 460 13.95 -41.16 -4.44
C PHE C 460 14.57 -42.51 -4.79
N LYS C 461 15.63 -42.50 -5.59
CA LYS C 461 16.34 -43.74 -5.90
C LYS C 461 16.83 -44.46 -4.65
N GLU C 462 17.03 -43.72 -3.57
CA GLU C 462 17.48 -44.29 -2.30
C GLU C 462 16.36 -44.57 -1.30
N VAL C 463 15.15 -44.10 -1.58
CA VAL C 463 14.04 -44.30 -0.65
C VAL C 463 13.70 -45.77 -0.40
N ASN C 464 13.57 -46.14 0.87
CA ASN C 464 13.12 -47.47 1.28
C ASN C 464 11.96 -47.36 2.28
N LEU C 465 10.98 -48.27 2.20
CA LEU C 465 9.82 -48.21 3.08
C LEU C 465 10.23 -48.30 4.55
N GLN C 466 11.36 -48.96 4.79
CA GLN C 466 11.90 -49.06 6.14
C GLN C 466 12.33 -47.71 6.73
N ASP C 467 12.64 -46.74 5.88
CA ASP C 467 12.93 -45.38 6.34
C ASP C 467 11.76 -44.76 7.12
N TYR C 468 10.56 -45.28 6.86
CA TYR C 468 9.32 -44.70 7.41
C TYR C 468 8.99 -45.36 8.74
N HIS C 469 9.82 -46.30 9.17
CA HIS C 469 9.64 -47.00 10.43
C HIS C 469 10.43 -46.24 11.51
N LEU C 470 9.75 -45.45 12.33
CA LEU C 470 10.45 -44.50 13.21
C LEU C 470 11.39 -45.19 14.21
N PRO C 471 10.90 -46.20 14.96
CA PRO C 471 11.84 -46.79 15.92
C PRO C 471 13.07 -47.41 15.24
N ASN C 472 12.86 -48.10 14.12
CA ASN C 472 13.97 -48.70 13.38
C ASN C 472 14.92 -47.65 12.81
N ALA C 473 14.37 -46.55 12.28
CA ALA C 473 15.19 -45.51 11.70
C ALA C 473 16.02 -44.79 12.77
N LEU C 474 15.40 -44.54 13.93
CA LEU C 474 16.14 -43.88 15.02
C LEU C 474 17.26 -44.77 15.54
N LYS C 475 16.96 -46.06 15.65
CA LYS C 475 17.97 -47.02 16.09
C LYS C 475 19.12 -47.10 15.09
N LYS C 476 18.77 -47.23 13.81
CA LYS C 476 19.75 -47.23 12.74
C LYS C 476 20.66 -46.01 12.75
N ARG C 477 20.10 -44.83 13.00
CA ARG C 477 20.87 -43.59 13.07
C ARG C 477 21.68 -43.46 14.36
N GLY C 478 21.38 -44.30 15.36
CA GLY C 478 22.12 -44.25 16.61
C GLY C 478 21.73 -43.09 17.51
N VAL C 479 20.51 -42.59 17.35
CA VAL C 479 20.05 -41.43 18.10
C VAL C 479 18.91 -41.73 19.07
N ASP C 480 18.68 -43.01 19.38
CA ASP C 480 17.54 -43.36 20.23
C ASP C 480 17.91 -43.65 21.68
N ASP C 481 19.13 -43.29 22.07
CA ASP C 481 19.56 -43.48 23.46
C ASP C 481 19.56 -42.13 24.18
N PRO C 482 18.56 -41.92 25.06
CA PRO C 482 18.41 -40.64 25.75
C PRO C 482 19.54 -40.37 26.75
N SER C 483 20.30 -41.39 27.16
CA SER C 483 21.38 -41.14 28.12
C SER C 483 22.60 -40.57 27.39
N LYS C 484 22.69 -40.82 26.08
CA LYS C 484 23.79 -40.30 25.27
C LYS C 484 23.38 -39.06 24.47
N LEU C 485 22.12 -39.03 24.05
CA LEU C 485 21.59 -37.92 23.29
C LEU C 485 20.28 -37.42 23.93
N PRO C 486 20.39 -36.53 24.92
CA PRO C 486 19.21 -35.99 25.62
C PRO C 486 18.61 -34.78 24.89
N GLY C 487 17.46 -34.33 25.36
CA GLY C 487 16.82 -33.15 24.78
C GLY C 487 16.41 -33.33 23.32
N PHE C 488 15.93 -34.51 22.98
CA PHE C 488 15.52 -34.86 21.62
C PHE C 488 14.03 -35.16 21.64
N TYR C 489 13.19 -34.12 21.48
CA TYR C 489 11.75 -34.26 21.72
C TYR C 489 10.96 -34.79 20.52
N TYR C 490 11.47 -34.57 19.32
CA TYR C 490 10.95 -35.24 18.14
C TYR C 490 10.99 -36.76 18.37
N ARG C 491 12.14 -37.25 18.84
CA ARG C 491 12.27 -38.66 19.19
C ARG C 491 11.28 -39.11 20.26
N ASP C 492 11.27 -38.42 21.40
CA ASP C 492 10.45 -38.84 22.53
C ASP C 492 8.96 -38.86 22.19
N ASP C 493 8.47 -37.74 21.67
CA ASP C 493 7.06 -37.61 21.28
C ASP C 493 6.72 -38.54 20.12
N GLY C 494 7.55 -38.54 19.08
CA GLY C 494 7.35 -39.45 17.95
C GLY C 494 7.23 -40.92 18.33
N LEU C 495 8.14 -41.41 19.18
CA LEU C 495 8.07 -42.81 19.59
C LEU C 495 6.79 -43.13 20.39
N ALA C 496 6.38 -42.22 21.26
CA ALA C 496 5.12 -42.40 22.00
C ALA C 496 3.93 -42.49 21.04
N LEU C 497 3.88 -41.58 20.08
CA LEU C 497 2.81 -41.56 19.09
C LEU C 497 2.88 -42.80 18.19
N TRP C 498 4.09 -43.22 17.83
CA TRP C 498 4.24 -44.43 17.02
C TRP C 498 3.59 -45.62 17.71
N GLU C 499 3.95 -45.80 18.98
CA GLU C 499 3.41 -46.89 19.78
CA GLU C 499 3.42 -46.88 19.80
C GLU C 499 1.89 -46.86 19.82
N ALA C 500 1.32 -45.68 20.04
CA ALA C 500 -0.13 -45.51 20.14
C ALA C 500 -0.81 -45.88 18.83
N ILE C 501 -0.22 -45.46 17.72
CA ILE C 501 -0.82 -45.77 16.43
C ILE C 501 -0.68 -47.27 16.15
N GLU C 502 0.49 -47.84 16.46
CA GLU C 502 0.72 -49.25 16.17
C GLU C 502 -0.25 -50.14 16.93
N THR C 503 -0.44 -49.84 18.21
CA THR C 503 -1.35 -50.58 19.07
C THR C 503 -2.77 -50.55 18.52
N PHE C 504 -3.21 -49.36 18.13
CA PHE C 504 -4.56 -49.18 17.58
C PHE C 504 -4.73 -49.98 16.29
N ILE C 505 -3.78 -49.84 15.39
CA ILE C 505 -3.88 -50.55 14.11
C ILE C 505 -3.82 -52.07 14.33
N GLY C 506 -3.00 -52.51 15.29
CA GLY C 506 -2.97 -53.91 15.68
C GLY C 506 -4.34 -54.41 16.13
N GLU C 507 -5.02 -53.60 16.93
CA GLU C 507 -6.33 -54.01 17.44
C GLU C 507 -7.38 -53.95 16.35
N ILE C 508 -7.27 -53.00 15.42
CA ILE C 508 -8.20 -52.97 14.30
C ILE C 508 -8.03 -54.24 13.46
N ILE C 509 -6.78 -54.56 13.14
CA ILE C 509 -6.47 -55.73 12.32
C ILE C 509 -6.99 -57.04 12.95
N ALA C 510 -6.83 -57.20 14.25
CA ALA C 510 -7.24 -58.42 14.92
C ALA C 510 -8.76 -58.62 14.89
N ILE C 511 -9.50 -57.54 14.71
CA ILE C 511 -10.96 -57.63 14.65
C ILE C 511 -11.39 -58.30 13.36
N PHE C 512 -10.72 -58.01 12.25
CA PHE C 512 -11.17 -58.46 10.93
C PHE C 512 -10.32 -59.56 10.33
N TYR C 513 -9.09 -59.67 10.80
CA TYR C 513 -8.18 -60.74 10.38
C TYR C 513 -7.89 -61.64 11.56
N LYS C 514 -8.41 -62.87 11.54
CA LYS C 514 -8.27 -63.75 12.69
C LYS C 514 -6.92 -64.44 12.77
N ASN C 515 -6.19 -64.42 11.65
CA ASN C 515 -4.95 -65.15 11.51
C ASN C 515 -4.24 -64.70 10.25
N ASP C 516 -3.09 -65.28 9.96
CA ASP C 516 -2.35 -64.89 8.76
C ASP C 516 -3.02 -65.35 7.46
N ASP C 517 -3.74 -66.46 7.51
CA ASP C 517 -4.43 -66.95 6.32
CA ASP C 517 -4.45 -66.96 6.33
C ASP C 517 -5.46 -65.94 5.84
N ASP C 518 -6.11 -65.25 6.79
CA ASP C 518 -7.08 -64.20 6.46
C ASP C 518 -6.43 -63.07 5.67
N VAL C 519 -5.18 -62.78 6.01
CA VAL C 519 -4.45 -61.77 5.26
C VAL C 519 -4.10 -62.24 3.85
N LYS C 520 -3.59 -63.47 3.74
CA LYS C 520 -3.22 -64.02 2.44
C LYS C 520 -4.43 -64.10 1.51
N ARG C 521 -5.61 -64.40 2.07
CA ARG C 521 -6.81 -64.57 1.24
C ARG C 521 -7.48 -63.26 0.86
N ASP C 522 -7.07 -62.17 1.49
CA ASP C 522 -7.68 -60.88 1.18
C ASP C 522 -7.13 -60.34 -0.12
N ASN C 523 -7.81 -60.60 -1.23
CA ASN C 523 -7.32 -60.15 -2.54
C ASN C 523 -7.20 -58.64 -2.65
N GLU C 524 -7.99 -57.92 -1.86
CA GLU C 524 -7.98 -56.45 -1.94
C GLU C 524 -6.73 -55.87 -1.26
N ILE C 525 -6.39 -56.33 -0.05
CA ILE C 525 -5.17 -55.82 0.59
C ILE C 525 -3.94 -56.28 -0.19
N GLN C 526 -4.03 -57.45 -0.84
CA GLN C 526 -2.93 -57.93 -1.67
C GLN C 526 -2.76 -57.06 -2.92
N SER C 527 -3.86 -56.68 -3.56
CA SER C 527 -3.75 -55.81 -4.73
C SER C 527 -3.31 -54.41 -4.33
N TRP C 528 -3.73 -53.99 -3.15
CA TRP C 528 -3.32 -52.70 -2.59
C TRP C 528 -1.80 -52.57 -2.52
N ILE C 529 -1.12 -53.52 -1.89
CA ILE C 529 0.31 -53.39 -1.69
C ILE C 529 1.06 -53.70 -2.99
N TYR C 530 0.54 -54.59 -3.82
CA TYR C 530 1.18 -54.92 -5.10
C TYR C 530 1.15 -53.73 -6.04
N ASP C 531 0.04 -53.01 -6.02
CA ASP C 531 -0.11 -51.83 -6.86
C ASP C 531 0.99 -50.82 -6.53
N VAL C 532 1.24 -50.60 -5.24
CA VAL C 532 2.32 -49.67 -4.87
C VAL C 532 3.67 -50.26 -5.26
N HIS C 533 3.87 -51.54 -4.94
CA HIS C 533 5.10 -52.26 -5.29
C HIS C 533 5.45 -52.14 -6.78
N LYS C 534 4.45 -52.36 -7.62
CA LYS C 534 4.66 -52.44 -9.07
C LYS C 534 4.55 -51.10 -9.75
N ASN C 535 3.58 -50.30 -9.32
CA ASN C 535 3.25 -49.07 -10.04
C ASN C 535 3.43 -47.77 -9.26
N GLY C 536 3.66 -47.88 -7.95
CA GLY C 536 3.80 -46.71 -7.10
C GLY C 536 5.25 -46.30 -6.89
N TRP C 537 6.00 -47.11 -6.15
CA TRP C 537 7.42 -46.84 -5.95
C TRP C 537 8.23 -47.77 -6.85
N ARG C 538 8.25 -47.45 -8.14
CA ARG C 538 8.82 -48.33 -9.14
C ARG C 538 10.34 -48.44 -9.00
N VAL C 539 10.81 -49.66 -8.85
CA VAL C 539 12.24 -49.91 -8.81
C VAL C 539 12.75 -49.90 -10.25
N ASN C 540 13.01 -48.70 -10.77
CA ASN C 540 13.44 -48.54 -12.15
C ASN C 540 14.98 -48.60 -12.23
N PRO C 541 15.55 -48.55 -13.44
CA PRO C 541 17.01 -48.62 -13.51
C PRO C 541 17.72 -47.58 -12.65
N GLY C 542 18.71 -48.02 -11.90
CA GLY C 542 19.52 -47.13 -11.08
C GLY C 542 18.93 -46.91 -9.70
N HIS C 543 17.78 -47.56 -9.42
CA HIS C 543 17.11 -47.44 -8.12
C HIS C 543 17.56 -48.53 -7.18
N GLN C 544 17.74 -48.19 -5.90
CA GLN C 544 17.81 -49.24 -4.88
C GLN C 544 16.43 -49.86 -4.78
N ASP C 545 16.34 -51.03 -4.15
CA ASP C 545 15.04 -51.59 -3.80
C ASP C 545 14.32 -50.61 -2.86
N HIS C 546 13.01 -50.45 -3.02
CA HIS C 546 12.29 -49.44 -2.24
C HIS C 546 11.56 -50.05 -1.05
N GLY C 547 11.72 -51.36 -0.87
CA GLY C 547 11.31 -52.01 0.36
C GLY C 547 9.81 -52.20 0.44
N VAL C 548 9.14 -52.05 -0.69
CA VAL C 548 7.71 -52.31 -0.74
C VAL C 548 7.45 -53.77 -1.07
N PRO C 549 6.84 -54.52 -0.14
CA PRO C 549 6.57 -55.94 -0.41
C PRO C 549 5.62 -56.13 -1.57
N ALA C 550 5.73 -57.26 -2.26
CA ALA C 550 4.83 -57.56 -3.36
C ALA C 550 3.52 -58.18 -2.86
N SER C 551 3.51 -58.57 -1.59
CA SER C 551 2.35 -59.22 -1.00
C SER C 551 2.44 -59.15 0.51
N PHE C 552 1.33 -59.44 1.20
CA PHE C 552 1.35 -59.56 2.66
C PHE C 552 1.18 -61.01 3.07
N GLU C 553 2.03 -61.46 3.99
CA GLU C 553 1.98 -62.85 4.43
C GLU C 553 1.48 -62.97 5.85
N SER C 554 1.44 -61.85 6.58
CA SER C 554 1.08 -61.90 7.98
C SER C 554 0.41 -60.63 8.48
N ARG C 555 -0.30 -60.76 9.60
CA ARG C 555 -0.93 -59.63 10.26
C ARG C 555 0.13 -58.68 10.79
N GLU C 556 1.24 -59.25 11.23
CA GLU C 556 2.31 -58.47 11.84
C GLU C 556 2.92 -57.57 10.77
N GLN C 557 3.09 -58.10 9.56
CA GLN C 557 3.65 -57.36 8.44
C GLN C 557 2.69 -56.26 7.97
N LEU C 558 1.40 -56.56 7.97
CA LEU C 558 0.40 -55.58 7.55
C LEU C 558 0.33 -54.44 8.57
N LYS C 559 0.41 -54.78 9.85
CA LYS C 559 0.45 -53.77 10.90
C LYS C 559 1.65 -52.81 10.74
N GLU C 560 2.81 -53.36 10.45
CA GLU C 560 4.01 -52.54 10.30
C GLU C 560 3.88 -51.57 9.15
N VAL C 561 3.43 -52.03 7.99
CA VAL C 561 3.30 -51.14 6.84
C VAL C 561 2.24 -50.07 7.10
N LEU C 562 1.11 -50.46 7.69
CA LEU C 562 0.04 -49.50 7.95
C LEU C 562 0.45 -48.47 9.00
N THR C 563 1.17 -48.89 10.02
CA THR C 563 1.68 -47.96 11.05
C THR C 563 2.65 -46.95 10.42
N SER C 564 3.59 -47.47 9.63
CA SER C 564 4.50 -46.62 8.87
C SER C 564 3.75 -45.55 8.06
N LEU C 565 2.73 -45.99 7.34
CA LEU C 565 1.97 -45.11 6.49
C LEU C 565 1.20 -44.06 7.30
N VAL C 566 0.42 -44.52 8.26
CA VAL C 566 -0.42 -43.62 9.05
C VAL C 566 0.44 -42.66 9.86
N PHE C 567 1.53 -43.14 10.44
CA PHE C 567 2.43 -42.24 11.17
C PHE C 567 2.99 -41.16 10.25
N THR C 568 3.31 -41.53 9.01
CA THR C 568 3.91 -40.58 8.10
C THR C 568 2.90 -39.51 7.65
N PHE C 569 1.72 -39.95 7.21
CA PHE C 569 0.60 -39.05 6.87
C PHE C 569 0.31 -37.97 7.93
N SER C 570 0.33 -38.39 9.19
CA SER C 570 -0.04 -37.48 10.27
C SER C 570 1.20 -36.89 10.94
N CYS C 571 1.83 -37.68 11.81
CA CYS C 571 2.91 -37.19 12.68
C CYS C 571 4.16 -36.72 11.97
N GLN C 572 4.72 -37.56 11.10
CA GLN C 572 5.97 -37.18 10.42
C GLN C 572 5.77 -35.92 9.60
N HIS C 573 4.69 -35.87 8.83
CA HIS C 573 4.45 -34.66 8.08
C HIS C 573 4.25 -33.44 9.02
N ALA C 574 3.53 -33.60 10.12
CA ALA C 574 3.34 -32.49 11.06
C ALA C 574 4.70 -32.00 11.60
N ALA C 575 5.52 -32.94 12.05
CA ALA C 575 6.83 -32.62 12.61
C ALA C 575 7.73 -31.84 11.64
N VAL C 576 7.69 -32.17 10.34
CA VAL C 576 8.59 -31.50 9.40
C VAL C 576 7.91 -30.36 8.62
N ASN C 577 6.62 -30.15 8.85
CA ASN C 577 5.87 -29.08 8.19
C ASN C 577 5.51 -27.89 9.11
N PHE C 578 4.79 -28.14 10.20
CA PHE C 578 4.31 -27.02 11.01
C PHE C 578 5.39 -26.42 11.88
N SER C 579 6.53 -27.10 11.92
CA SER C 579 7.75 -26.58 12.52
C SER C 579 8.40 -25.48 11.68
N GLN C 580 7.84 -25.22 10.49
CA GLN C 580 8.54 -24.35 9.53
C GLN C 580 8.52 -22.88 9.88
N LYS C 581 7.52 -22.44 10.62
CA LYS C 581 7.47 -21.03 10.96
C LYS C 581 8.56 -20.65 11.97
N ASP C 582 8.75 -21.46 13.01
CA ASP C 582 9.83 -21.25 13.98
C ASP C 582 11.19 -21.37 13.30
N HIS C 583 11.26 -22.25 12.31
CA HIS C 583 12.52 -22.57 11.66
C HIS C 583 12.92 -21.49 10.66
N TYR C 584 12.00 -21.16 9.77
CA TYR C 584 12.30 -20.31 8.62
C TYR C 584 11.81 -18.88 8.77
N GLY C 585 10.99 -18.62 9.78
CA GLY C 585 10.39 -17.30 9.97
C GLY C 585 11.41 -16.17 10.02
N PHE C 586 12.47 -16.37 10.79
CA PHE C 586 13.60 -15.45 10.80
C PHE C 586 14.68 -16.02 9.89
N THR C 587 14.87 -15.40 8.74
CA THR C 587 15.64 -16.00 7.65
C THR C 587 17.11 -16.36 7.98
N PRO C 588 17.82 -15.50 8.72
CA PRO C 588 19.21 -15.90 9.01
C PRO C 588 19.28 -17.19 9.84
N ASN C 589 18.21 -17.56 10.53
CA ASN C 589 18.21 -18.83 11.24
C ASN C 589 18.31 -20.01 10.30
N ALA C 590 17.82 -19.83 9.07
CA ALA C 590 17.79 -20.93 8.11
C ALA C 590 17.60 -20.42 6.70
N PRO C 591 18.67 -19.87 6.11
CA PRO C 591 18.58 -19.37 4.74
C PRO C 591 18.31 -20.51 3.76
N ALA C 592 17.56 -20.25 2.71
CA ALA C 592 17.23 -21.27 1.72
C ALA C 592 17.85 -20.95 0.36
N ILE C 593 18.42 -19.75 0.27
CA ILE C 593 19.15 -19.32 -0.92
C ILE C 593 20.44 -18.69 -0.42
N LEU C 594 21.55 -18.94 -1.10
CA LEU C 594 22.75 -18.10 -0.91
C LEU C 594 23.21 -17.60 -2.26
N ARG C 595 23.74 -16.38 -2.28
CA ARG C 595 23.94 -15.66 -3.54
C ARG C 595 25.38 -15.54 -4.03
N HIS C 596 26.35 -16.00 -3.23
CA HIS C 596 27.75 -16.04 -3.66
C HIS C 596 28.34 -17.41 -3.36
N PRO C 597 29.43 -17.80 -4.06
CA PRO C 597 30.00 -19.13 -3.82
C PRO C 597 30.72 -19.14 -2.47
N PRO C 598 31.06 -20.33 -1.96
CA PRO C 598 31.74 -20.40 -0.65
C PRO C 598 33.18 -19.91 -0.74
N PRO C 599 33.78 -19.53 0.40
CA PRO C 599 35.15 -19.05 0.36
C PRO C 599 36.13 -20.16 0.00
N LYS C 600 37.29 -19.78 -0.51
CA LYS C 600 38.34 -20.73 -0.81
C LYS C 600 39.54 -20.51 0.10
N LYS C 601 39.34 -19.70 1.14
CA LYS C 601 40.35 -19.45 2.16
C LYS C 601 39.73 -18.77 3.38
N LYS C 602 40.47 -18.77 4.49
CA LYS C 602 39.97 -18.19 5.73
C LYS C 602 40.26 -16.67 5.82
N GLY C 603 39.53 -15.99 6.69
CA GLY C 603 39.82 -14.60 7.03
C GLY C 603 39.15 -13.58 6.13
N GLU C 604 38.28 -14.05 5.23
CA GLU C 604 37.66 -13.19 4.23
C GLU C 604 36.32 -12.59 4.68
N ALA C 605 35.52 -13.38 5.38
CA ALA C 605 34.14 -12.99 5.68
C ALA C 605 34.07 -11.72 6.51
N THR C 606 33.11 -10.88 6.18
CA THR C 606 32.75 -9.71 6.97
C THR C 606 31.23 -9.68 7.12
N LEU C 607 30.70 -8.81 7.97
CA LEU C 607 29.25 -8.64 8.06
C LEU C 607 28.68 -8.28 6.69
N GLN C 608 29.41 -7.43 5.96
CA GLN C 608 28.96 -7.00 4.64
C GLN C 608 28.93 -8.14 3.62
N SER C 609 29.99 -8.94 3.55
CA SER C 609 30.04 -10.04 2.58
C SER C 609 29.00 -11.09 2.92
N ILE C 610 28.78 -11.31 4.22
CA ILE C 610 27.74 -12.23 4.67
C ILE C 610 26.36 -11.76 4.22
N LEU C 611 26.04 -10.49 4.45
CA LEU C 611 24.72 -9.98 4.07
C LEU C 611 24.51 -10.01 2.56
N SER C 612 25.57 -9.84 1.79
CA SER C 612 25.45 -9.92 0.34
C SER C 612 25.29 -11.37 -0.11
N THR C 613 25.63 -12.31 0.77
CA THR C 613 25.51 -13.72 0.42
C THR C 613 24.18 -14.32 0.88
N LEU C 614 23.70 -13.89 2.04
CA LEU C 614 22.38 -14.30 2.54
C LEU C 614 21.29 -13.91 1.53
N PRO C 615 20.07 -14.49 1.66
CA PRO C 615 18.97 -14.15 0.73
C PRO C 615 18.68 -12.65 0.67
N SER C 616 18.32 -12.15 -0.51
CA SER C 616 17.87 -10.77 -0.63
C SER C 616 16.57 -10.56 0.16
N LYS C 617 16.23 -9.30 0.43
CA LYS C 617 14.96 -8.96 1.07
C LYS C 617 13.76 -9.67 0.44
N SER C 618 13.70 -9.72 -0.88
CA SER C 618 12.54 -10.30 -1.56
C SER C 618 12.57 -11.82 -1.59
N GLN C 619 13.78 -12.39 -1.59
CA GLN C 619 13.88 -13.83 -1.54
C GLN C 619 13.44 -14.29 -0.16
N ALA C 620 13.94 -13.61 0.86
CA ALA C 620 13.60 -13.95 2.24
C ALA C 620 12.10 -13.77 2.48
N ALA C 621 11.54 -12.68 1.96
CA ALA C 621 10.11 -12.40 2.14
C ALA C 621 9.24 -13.46 1.47
N LYS C 622 9.67 -13.94 0.31
CA LYS C 622 8.92 -14.98 -0.40
C LYS C 622 8.98 -16.29 0.37
N ALA C 623 10.11 -16.56 1.02
CA ALA C 623 10.24 -17.77 1.84
C ALA C 623 9.24 -17.72 2.99
N ILE C 624 9.12 -16.55 3.61
CA ILE C 624 8.23 -16.41 4.75
C ILE C 624 6.78 -16.56 4.30
N ALA C 625 6.47 -15.98 3.15
CA ALA C 625 5.13 -16.07 2.58
C ALA C 625 4.75 -17.53 2.34
N THR C 626 5.67 -18.27 1.75
CA THR C 626 5.46 -19.69 1.49
C THR C 626 5.20 -20.46 2.78
N VAL C 627 6.03 -20.19 3.78
CA VAL C 627 5.89 -20.85 5.06
C VAL C 627 4.53 -20.53 5.72
N TYR C 628 4.11 -19.26 5.64
CA TYR C 628 2.78 -18.88 6.12
C TYR C 628 1.70 -19.76 5.50
N ILE C 629 1.75 -19.89 4.17
CA ILE C 629 0.77 -20.71 3.46
C ILE C 629 0.85 -22.20 3.82
N LEU C 630 2.06 -22.74 3.88
CA LEU C 630 2.24 -24.16 4.10
C LEU C 630 1.91 -24.60 5.53
N THR C 631 1.89 -23.65 6.47
CA THR C 631 1.69 -24.03 7.87
C THR C 631 0.30 -23.62 8.38
N LYS C 632 -0.56 -23.21 7.46
CA LYS C 632 -1.88 -22.69 7.84
C LYS C 632 -2.88 -23.83 8.03
N PHE C 633 -3.26 -24.07 9.29
CA PHE C 633 -4.32 -25.03 9.62
C PHE C 633 -5.67 -24.55 9.11
N SER C 634 -6.47 -25.48 8.63
CA SER C 634 -7.83 -25.11 8.23
C SER C 634 -8.78 -25.03 9.42
N GLU C 635 -9.81 -24.20 9.29
CA GLU C 635 -10.85 -24.12 10.30
C GLU C 635 -11.57 -25.47 10.49
N ASP C 636 -11.58 -26.29 9.44
CA ASP C 636 -12.20 -27.61 9.52
C ASP C 636 -11.19 -28.75 9.67
N GLU C 637 -9.97 -28.44 10.08
CA GLU C 637 -8.94 -29.46 10.25
C GLU C 637 -9.39 -30.54 11.23
N ARG C 638 -9.07 -31.79 10.93
CA ARG C 638 -9.33 -32.86 11.89
C ARG C 638 -8.01 -33.44 12.36
N TYR C 639 -7.79 -33.42 13.67
CA TYR C 639 -6.49 -33.77 14.21
C TYR C 639 -6.45 -35.24 14.61
N LEU C 640 -5.26 -35.71 14.98
CA LEU C 640 -4.98 -37.14 15.05
C LEU C 640 -5.99 -37.91 15.92
N GLY C 641 -6.62 -38.91 15.32
CA GLY C 641 -7.61 -39.69 16.05
C GLY C 641 -9.02 -39.12 16.06
N ASN C 642 -9.22 -37.94 15.47
CA ASN C 642 -10.57 -37.43 15.29
C ASN C 642 -11.20 -38.20 14.16
N TYR C 643 -12.03 -39.18 14.53
CA TYR C 643 -12.64 -40.06 13.56
C TYR C 643 -14.15 -39.82 13.45
N SER C 644 -14.55 -38.57 13.67
CA SER C 644 -15.97 -38.22 13.67
C SER C 644 -16.58 -38.30 12.28
N ALA C 645 -15.73 -38.24 11.25
CA ALA C 645 -16.22 -38.36 9.88
C ALA C 645 -15.84 -39.70 9.22
N THR C 646 -15.71 -40.74 10.04
CA THR C 646 -15.35 -42.06 9.50
C THR C 646 -16.57 -42.98 9.43
N ALA C 647 -16.44 -44.07 8.68
CA ALA C 647 -17.58 -44.93 8.36
C ALA C 647 -17.64 -46.19 9.21
N TRP C 648 -17.00 -46.14 10.37
CA TRP C 648 -16.98 -47.27 11.30
C TRP C 648 -18.31 -47.52 12.00
N GLU C 649 -18.74 -48.78 12.02
CA GLU C 649 -19.94 -49.18 12.75
C GLU C 649 -19.71 -50.34 13.72
N ASP C 650 -18.78 -51.23 13.40
N ASP C 650 -18.78 -51.23 13.39
CA ASP C 650 -18.48 -52.37 14.28
CA ASP C 650 -18.42 -52.35 14.27
C ASP C 650 -18.14 -51.90 15.69
C ASP C 650 -18.14 -51.89 15.70
N LYS C 651 -18.83 -52.48 16.67
CA LYS C 651 -18.65 -52.08 18.06
C LYS C 651 -17.23 -52.31 18.56
N ASP C 652 -16.57 -53.38 18.11
CA ASP C 652 -15.21 -53.65 18.54
C ASP C 652 -14.26 -52.59 17.98
N ALA C 653 -14.48 -52.17 16.75
CA ALA C 653 -13.66 -51.13 16.14
C ALA C 653 -13.89 -49.80 16.86
N LEU C 654 -15.13 -49.53 17.24
CA LEU C 654 -15.44 -48.34 18.00
C LEU C 654 -14.74 -48.36 19.37
N ASP C 655 -14.71 -49.53 20.01
CA ASP C 655 -14.00 -49.65 21.30
C ASP C 655 -12.51 -49.41 21.14
N ALA C 656 -11.94 -49.91 20.04
CA ALA C 656 -10.52 -49.72 19.75
C ALA C 656 -10.20 -48.24 19.54
N ILE C 657 -11.13 -47.55 18.89
CA ILE C 657 -10.98 -46.12 18.66
C ILE C 657 -10.98 -45.39 20.00
N ASN C 658 -11.90 -45.76 20.89
CA ASN C 658 -11.92 -45.18 22.24
C ASN C 658 -10.59 -45.29 22.96
N ARG C 659 -10.00 -46.47 22.92
CA ARG C 659 -8.75 -46.71 23.62
C ARG C 659 -7.64 -45.88 22.99
N PHE C 660 -7.67 -45.78 21.67
CA PHE C 660 -6.70 -44.98 20.93
C PHE C 660 -6.79 -43.52 21.37
N GLN C 661 -8.01 -42.99 21.36
CA GLN C 661 -8.19 -41.58 21.68
C GLN C 661 -7.81 -41.29 23.11
N ASP C 662 -8.11 -42.21 24.04
CA ASP C 662 -7.72 -41.98 25.44
C ASP C 662 -6.20 -42.04 25.60
N LYS C 663 -5.54 -42.88 24.81
CA LYS C 663 -4.09 -42.98 24.88
C LYS C 663 -3.48 -41.69 24.35
N LEU C 664 -4.07 -41.14 23.29
CA LEU C 664 -3.57 -39.89 22.72
C LEU C 664 -3.73 -38.74 23.70
N GLU C 665 -4.82 -38.76 24.46
CA GLU C 665 -5.06 -37.74 25.47
C GLU C 665 -3.99 -37.81 26.56
N ASP C 666 -3.58 -39.02 26.94
CA ASP C 666 -2.56 -39.15 27.96
CA ASP C 666 -2.55 -39.18 27.95
C ASP C 666 -1.21 -38.68 27.42
N ILE C 667 -0.95 -38.96 26.15
CA ILE C 667 0.29 -38.49 25.52
C ILE C 667 0.31 -36.96 25.50
N SER C 668 -0.84 -36.36 25.16
CA SER C 668 -0.97 -34.90 25.13
CA SER C 668 -0.98 -34.90 25.13
C SER C 668 -0.61 -34.26 26.46
N LYS C 669 -1.19 -34.77 27.54
CA LYS C 669 -0.92 -34.24 28.88
C LYS C 669 0.56 -34.32 29.23
N LYS C 670 1.15 -35.49 28.97
CA LYS C 670 2.57 -35.68 29.28
C LYS C 670 3.51 -34.78 28.47
N ILE C 671 3.15 -34.50 27.22
CA ILE C 671 3.95 -33.56 26.43
C ILE C 671 3.83 -32.17 27.04
N LYS C 672 2.62 -31.80 27.44
CA LYS C 672 2.39 -30.46 27.97
C LYS C 672 3.14 -30.26 29.29
N GLN C 673 3.12 -31.29 30.14
CA GLN C 673 3.85 -31.26 31.41
C GLN C 673 5.35 -31.19 31.14
N ARG C 674 5.81 -31.96 30.16
CA ARG C 674 7.20 -31.91 29.69
C ARG C 674 7.56 -30.48 29.26
N ASN C 675 6.72 -29.90 28.41
CA ASN C 675 6.99 -28.58 27.85
C ASN C 675 7.03 -27.46 28.92
N GLU C 676 6.37 -27.66 30.04
CA GLU C 676 6.32 -26.62 31.08
C GLU C 676 7.71 -26.33 31.63
N ASN C 677 8.59 -27.32 31.58
CA ASN C 677 9.93 -27.17 32.11
C ASN C 677 11.00 -26.89 31.04
N LEU C 678 10.58 -26.73 29.79
CA LEU C 678 11.55 -26.45 28.71
C LEU C 678 11.73 -24.96 28.48
N GLU C 679 12.94 -24.55 28.12
CA GLU C 679 13.15 -23.18 27.69
C GLU C 679 12.37 -22.90 26.41
N VAL C 680 12.32 -23.89 25.53
CA VAL C 680 11.61 -23.74 24.25
C VAL C 680 10.75 -24.97 24.07
N PRO C 681 9.45 -24.86 24.43
CA PRO C 681 8.51 -25.97 24.29
C PRO C 681 8.53 -26.56 22.89
N TYR C 682 8.42 -27.88 22.83
CA TYR C 682 8.33 -28.59 21.55
C TYR C 682 6.87 -29.02 21.38
N ILE C 683 6.15 -28.34 20.50
CA ILE C 683 4.72 -28.55 20.42
C ILE C 683 4.23 -29.22 19.14
N TYR C 684 5.13 -29.44 18.16
CA TYR C 684 4.67 -29.89 16.83
C TYR C 684 4.03 -31.28 16.85
N LEU C 685 4.29 -32.06 17.88
CA LEU C 685 3.76 -33.42 17.93
C LEU C 685 2.72 -33.60 19.04
N LEU C 686 2.14 -32.49 19.49
CA LEU C 686 0.90 -32.55 20.28
C LEU C 686 -0.20 -33.12 19.38
N PRO C 687 -0.92 -34.15 19.85
CA PRO C 687 -2.01 -34.73 19.03
C PRO C 687 -3.01 -33.71 18.53
N GLU C 688 -3.34 -32.69 19.34
CA GLU C 688 -4.27 -31.63 18.93
CA GLU C 688 -4.29 -31.66 18.89
C GLU C 688 -3.71 -30.72 17.84
N ARG C 689 -2.43 -30.90 17.50
CA ARG C 689 -1.80 -30.09 16.45
C ARG C 689 -1.31 -30.95 15.28
N ILE C 690 -1.58 -32.26 15.34
CA ILE C 690 -1.26 -33.15 14.23
C ILE C 690 -2.50 -33.49 13.39
N PRO C 691 -2.58 -32.98 12.16
CA PRO C 691 -3.70 -33.39 11.30
C PRO C 691 -3.70 -34.90 11.06
N ASN C 692 -4.86 -35.51 10.89
CA ASN C 692 -4.91 -36.92 10.48
C ASN C 692 -4.11 -37.16 9.21
N GLY C 693 -4.10 -36.17 8.33
CA GLY C 693 -3.53 -36.35 7.01
C GLY C 693 -2.48 -35.33 6.63
N THR C 694 -1.95 -35.51 5.42
CA THR C 694 -0.98 -34.60 4.81
C THR C 694 -1.72 -33.76 3.77
N ALA C 695 -2.08 -32.54 4.15
CA ALA C 695 -3.09 -31.80 3.39
C ALA C 695 -2.68 -30.39 3.07
N ILE C 696 -1.45 -30.04 3.44
CA ILE C 696 -0.95 -28.69 3.19
C ILE C 696 0.55 -28.79 3.11
N HIS D 6 -30.88 -53.73 38.61
CA HIS D 6 -30.19 -52.74 37.79
C HIS D 6 -30.64 -52.79 36.33
N ALA D 7 -30.40 -51.69 35.61
CA ALA D 7 -30.61 -51.66 34.17
C ALA D 7 -29.33 -51.24 33.47
N ILE D 8 -29.17 -51.65 32.22
CA ILE D 8 -28.03 -51.19 31.44
C ILE D 8 -28.54 -50.19 30.41
N TYR D 9 -27.93 -49.02 30.40
CA TYR D 9 -28.37 -47.94 29.52
C TYR D 9 -27.42 -47.73 28.36
N ASN D 10 -27.92 -47.85 27.14
CA ASN D 10 -27.15 -47.47 25.96
C ASN D 10 -27.36 -46.00 25.70
N VAL D 11 -26.29 -45.22 25.85
CA VAL D 11 -26.35 -43.77 25.70
C VAL D 11 -25.58 -43.33 24.46
N GLU D 12 -26.26 -42.62 23.58
CA GLU D 12 -25.61 -42.08 22.40
C GLU D 12 -25.70 -40.58 22.43
N VAL D 13 -24.54 -39.93 22.33
CA VAL D 13 -24.49 -38.48 22.32
C VAL D 13 -24.03 -37.93 20.99
N GLU D 14 -24.85 -37.06 20.40
CA GLU D 14 -24.43 -36.35 19.20
CA GLU D 14 -24.47 -36.35 19.19
C GLU D 14 -24.00 -34.94 19.52
N THR D 15 -22.74 -34.63 19.19
CA THR D 15 -22.14 -33.32 19.42
C THR D 15 -22.26 -32.51 18.13
N GLY D 16 -22.70 -31.25 18.26
CA GLY D 16 -22.84 -30.37 17.11
C GLY D 16 -21.53 -30.23 16.34
N ASP D 17 -21.63 -29.87 15.06
CA ASP D 17 -20.46 -29.80 14.19
C ASP D 17 -19.77 -28.42 14.17
N ARG D 18 -20.30 -27.46 14.93
CA ARG D 18 -19.77 -26.10 14.90
C ARG D 18 -18.44 -25.98 15.66
N GLU D 19 -17.64 -24.98 15.30
CA GLU D 19 -16.31 -24.81 15.91
CA GLU D 19 -16.31 -24.87 15.91
C GLU D 19 -16.40 -24.78 17.43
N HIS D 20 -15.50 -25.51 18.08
CA HIS D 20 -15.40 -25.60 19.55
C HIS D 20 -16.59 -26.29 20.21
N ALA D 21 -17.42 -26.97 19.42
CA ALA D 21 -18.52 -27.75 20.00
C ALA D 21 -18.04 -28.90 20.90
N GLY D 22 -16.85 -29.43 20.60
CA GLY D 22 -16.29 -30.55 21.35
C GLY D 22 -15.80 -30.20 22.74
N THR D 23 -15.47 -31.21 23.53
CA THR D 23 -15.01 -30.99 24.90
C THR D 23 -14.07 -32.10 25.32
N ASP D 24 -13.16 -31.80 26.24
CA ASP D 24 -12.38 -32.86 26.87
C ASP D 24 -12.62 -32.90 28.38
N ALA D 25 -13.66 -32.18 28.81
CA ALA D 25 -14.10 -32.26 30.21
C ALA D 25 -14.62 -33.66 30.55
N THR D 26 -14.57 -34.01 31.83
CA THR D 26 -15.18 -35.25 32.28
C THR D 26 -16.70 -35.08 32.31
N ILE D 27 -17.39 -35.91 31.55
CA ILE D 27 -18.85 -35.88 31.44
C ILE D 27 -19.49 -37.02 32.24
N THR D 28 -20.47 -36.67 33.06
CA THR D 28 -21.28 -37.69 33.72
C THR D 28 -22.73 -37.45 33.38
N ILE D 29 -23.53 -38.50 33.52
CA ILE D 29 -24.95 -38.39 33.23
C ILE D 29 -25.75 -39.00 34.37
N ARG D 30 -26.81 -38.32 34.76
CA ARG D 30 -27.72 -38.85 35.75
C ARG D 30 -29.09 -39.04 35.15
N ILE D 31 -29.63 -40.25 35.26
CA ILE D 31 -30.91 -40.60 34.63
C ILE D 31 -32.05 -40.72 35.65
N THR D 32 -33.14 -40.00 35.40
CA THR D 32 -34.29 -39.99 36.30
C THR D 32 -35.51 -40.57 35.62
N GLY D 33 -36.25 -41.42 36.34
CA GLY D 33 -37.45 -42.02 35.82
C GLY D 33 -38.49 -42.31 36.90
N ALA D 34 -39.53 -43.06 36.52
CA ALA D 34 -40.67 -43.32 37.41
C ALA D 34 -40.27 -43.97 38.73
N LYS D 35 -39.21 -44.78 38.71
CA LYS D 35 -38.84 -45.56 39.89
C LYS D 35 -37.72 -44.93 40.70
N GLY D 36 -37.23 -43.77 40.26
CA GLY D 36 -36.15 -43.10 40.96
C GLY D 36 -35.09 -42.55 40.01
N ARG D 37 -33.85 -42.41 40.50
CA ARG D 37 -32.77 -41.97 39.62
C ARG D 37 -31.44 -42.64 39.91
N THR D 38 -30.61 -42.74 38.87
CA THR D 38 -29.26 -43.30 39.00
C THR D 38 -28.33 -42.33 39.72
N ASP D 39 -27.12 -42.79 39.99
CA ASP D 39 -26.03 -41.88 40.34
C ASP D 39 -25.55 -41.19 39.07
N TYR D 40 -24.63 -40.25 39.21
CA TYR D 40 -23.96 -39.71 38.04
C TYR D 40 -23.06 -40.79 37.43
N LEU D 41 -23.37 -41.19 36.20
CA LEU D 41 -22.64 -42.25 35.52
C LEU D 41 -21.63 -41.67 34.53
N LYS D 42 -20.44 -42.25 34.48
CA LYS D 42 -19.36 -41.72 33.66
C LYS D 42 -19.53 -42.01 32.18
N LEU D 43 -19.40 -40.97 31.36
CA LEU D 43 -19.26 -41.13 29.91
C LEU D 43 -17.83 -40.75 29.53
N ASP D 44 -16.88 -41.65 29.74
CA ASP D 44 -15.47 -41.29 29.69
C ASP D 44 -14.58 -42.30 28.98
N LYS D 45 -15.09 -42.89 27.91
CA LYS D 45 -14.26 -43.69 27.02
C LYS D 45 -14.28 -43.06 25.63
N GLY D 46 -13.12 -42.62 25.15
CA GLY D 46 -13.03 -41.96 23.85
C GLY D 46 -13.23 -40.45 23.92
N SER D 47 -13.18 -39.77 22.78
CA SER D 47 -13.28 -38.32 22.76
C SER D 47 -14.68 -37.82 22.42
N PHE D 48 -14.93 -36.53 22.63
CA PHE D 48 -16.14 -35.86 22.17
C PHE D 48 -15.77 -34.78 21.16
N GLU D 49 -15.56 -35.15 19.90
CA GLU D 49 -15.19 -34.13 18.92
C GLU D 49 -16.45 -33.53 18.32
N ALA D 50 -16.31 -32.33 17.76
CA ALA D 50 -17.40 -31.70 17.04
C ALA D 50 -17.88 -32.64 15.93
N GLY D 51 -19.20 -32.81 15.82
CA GLY D 51 -19.76 -33.64 14.77
C GLY D 51 -19.85 -35.12 15.12
N SER D 52 -19.35 -35.48 16.30
CA SER D 52 -19.24 -36.89 16.66
C SER D 52 -20.58 -37.46 17.15
N LYS D 53 -20.75 -38.76 16.94
CA LYS D 53 -21.85 -39.50 17.51
C LYS D 53 -21.23 -40.61 18.31
N GLU D 54 -21.30 -40.49 19.63
CA GLU D 54 -20.51 -41.34 20.50
C GLU D 54 -21.39 -42.22 21.39
N GLN D 55 -20.98 -43.47 21.53
CA GLN D 55 -21.79 -44.49 22.18
C GLN D 55 -21.19 -44.93 23.50
N TYR D 56 -22.04 -45.18 24.50
CA TYR D 56 -21.60 -45.53 25.84
C TYR D 56 -22.54 -46.56 26.43
N THR D 57 -21.99 -47.43 27.25
CA THR D 57 -22.80 -48.41 27.97
C THR D 57 -22.51 -48.26 29.45
N VAL D 58 -23.54 -47.90 30.21
CA VAL D 58 -23.36 -47.68 31.63
C VAL D 58 -24.42 -48.45 32.40
N GLN D 59 -24.13 -48.73 33.67
CA GLN D 59 -25.00 -49.55 34.48
C GLN D 59 -25.46 -48.78 35.71
N GLY D 60 -26.73 -48.90 36.05
CA GLY D 60 -27.25 -48.25 37.24
C GLY D 60 -28.60 -48.75 37.69
N PHE D 61 -29.15 -48.07 38.68
CA PHE D 61 -30.51 -48.30 39.15
C PHE D 61 -31.49 -48.29 37.98
N ASP D 62 -32.40 -49.26 37.94
CA ASP D 62 -33.48 -49.24 36.96
C ASP D 62 -34.52 -48.19 37.34
N VAL D 63 -34.62 -47.13 36.55
CA VAL D 63 -35.53 -46.03 36.85
C VAL D 63 -36.89 -46.23 36.22
N GLY D 64 -37.09 -47.38 35.60
CA GLY D 64 -38.32 -47.65 34.88
C GLY D 64 -38.43 -46.75 33.66
N ASP D 65 -39.60 -46.14 33.48
CA ASP D 65 -39.82 -45.21 32.38
C ASP D 65 -38.94 -43.99 32.59
N ILE D 66 -38.02 -43.73 31.66
CA ILE D 66 -37.11 -42.60 31.81
C ILE D 66 -37.85 -41.29 31.59
N GLN D 67 -37.66 -40.32 32.48
CA GLN D 67 -38.43 -39.09 32.42
C GLN D 67 -37.58 -37.85 32.17
N LEU D 68 -36.36 -37.83 32.68
CA LEU D 68 -35.43 -36.76 32.33
C LEU D 68 -33.99 -37.20 32.60
N ILE D 69 -33.05 -36.45 32.05
CA ILE D 69 -31.64 -36.72 32.28
C ILE D 69 -30.91 -35.43 32.60
N GLU D 70 -29.78 -35.59 33.28
CA GLU D 70 -28.92 -34.46 33.61
C GLU D 70 -27.52 -34.74 33.15
N LEU D 71 -26.99 -33.86 32.31
CA LEU D 71 -25.61 -33.95 31.89
C LEU D 71 -24.79 -33.09 32.81
N HIS D 72 -23.65 -33.60 33.23
CA HIS D 72 -22.74 -32.80 34.05
C HIS D 72 -21.32 -32.77 33.51
N SER D 73 -20.74 -31.58 33.50
CA SER D 73 -19.37 -31.39 33.04
C SER D 73 -18.51 -30.83 34.16
N ASP D 74 -17.35 -31.43 34.39
CA ASP D 74 -16.47 -30.95 35.45
C ASP D 74 -15.76 -29.67 35.04
N GLY D 75 -16.02 -29.21 33.82
CA GLY D 75 -15.42 -27.99 33.30
C GLY D 75 -13.98 -28.14 32.86
N GLY D 76 -13.49 -29.38 32.84
CA GLY D 76 -12.18 -29.66 32.31
C GLY D 76 -11.06 -29.51 33.32
N GLY D 77 -9.88 -30.01 32.96
CA GLY D 77 -8.73 -29.94 33.84
C GLY D 77 -7.86 -28.75 33.57
N TYR D 78 -6.64 -28.79 34.11
CA TYR D 78 -5.67 -27.71 33.97
C TYR D 78 -5.40 -27.35 32.51
N TRP D 79 -5.40 -28.36 31.64
CA TRP D 79 -5.09 -28.18 30.23
C TRP D 79 -6.28 -27.94 29.29
N SER D 80 -7.50 -28.12 29.80
CA SER D 80 -8.69 -28.00 28.95
C SER D 80 -8.89 -26.59 28.39
N GLY D 81 -8.82 -26.46 27.07
CA GLY D 81 -8.90 -25.18 26.40
C GLY D 81 -10.31 -24.61 26.20
N ASP D 82 -11.27 -25.47 25.89
CA ASP D 82 -12.65 -25.01 25.73
C ASP D 82 -13.63 -26.10 26.16
N PRO D 83 -13.78 -26.28 27.49
CA PRO D 83 -14.65 -27.33 28.03
C PRO D 83 -16.12 -27.22 27.64
N ASP D 84 -16.61 -26.01 27.30
CA ASP D 84 -17.99 -25.85 26.87
C ASP D 84 -18.29 -26.79 25.73
N TRP D 85 -19.50 -27.34 25.74
CA TRP D 85 -19.80 -28.51 24.93
C TRP D 85 -21.13 -28.33 24.20
N PHE D 86 -21.12 -28.20 22.89
CA PHE D 86 -22.40 -28.04 22.20
C PHE D 86 -22.99 -29.38 21.82
N VAL D 87 -24.10 -29.73 22.48
CA VAL D 87 -24.74 -31.01 22.28
C VAL D 87 -25.98 -30.84 21.41
N ASN D 88 -26.04 -31.60 20.32
CA ASN D 88 -27.22 -31.68 19.48
C ASN D 88 -28.32 -32.50 20.15
N ARG D 89 -27.98 -33.73 20.52
CA ARG D 89 -28.99 -34.68 20.98
C ARG D 89 -28.38 -35.81 21.79
N VAL D 90 -29.14 -36.31 22.76
CA VAL D 90 -28.78 -37.52 23.48
C VAL D 90 -29.88 -38.55 23.23
N ILE D 91 -29.48 -39.79 22.99
CA ILE D 91 -30.43 -40.87 22.79
C ILE D 91 -30.14 -41.99 23.78
N ILE D 92 -31.17 -42.46 24.46
CA ILE D 92 -30.98 -43.50 25.46
C ILE D 92 -31.94 -44.67 25.26
N ILE D 93 -31.39 -45.87 25.40
CA ILE D 93 -32.16 -47.10 25.46
C ILE D 93 -31.89 -47.80 26.79
N SER D 94 -32.96 -48.04 27.56
CA SER D 94 -32.85 -48.80 28.80
C SER D 94 -33.08 -50.27 28.51
N SER D 95 -32.39 -51.15 29.23
CA SER D 95 -32.56 -52.59 29.03
C SER D 95 -33.93 -53.05 29.50
N THR D 96 -34.58 -52.23 30.33
CA THR D 96 -35.85 -52.63 30.94
C THR D 96 -37.05 -51.92 30.33
N GLN D 97 -36.84 -51.19 29.24
CA GLN D 97 -37.93 -50.45 28.60
C GLN D 97 -37.91 -50.66 27.10
N ASP D 98 -39.08 -50.91 26.51
CA ASP D 98 -39.17 -51.13 25.07
C ASP D 98 -39.42 -49.80 24.37
N ARG D 99 -38.49 -48.87 24.54
CA ARG D 99 -38.65 -47.53 24.00
C ARG D 99 -37.31 -46.91 23.66
N VAL D 100 -37.32 -46.03 22.66
CA VAL D 100 -36.16 -45.21 22.37
C VAL D 100 -36.42 -43.77 22.81
N TYR D 101 -35.70 -43.34 23.84
CA TYR D 101 -35.82 -42.00 24.40
C TYR D 101 -34.89 -41.02 23.69
N SER D 102 -35.46 -39.95 23.16
CA SER D 102 -34.70 -38.95 22.41
C SER D 102 -34.73 -37.61 23.13
N PHE D 103 -33.56 -37.05 23.40
CA PHE D 103 -33.42 -35.79 24.15
C PHE D 103 -32.76 -34.72 23.30
N PRO D 104 -33.57 -33.94 22.57
CA PRO D 104 -32.99 -32.86 21.76
C PRO D 104 -32.43 -31.75 22.64
N CYS D 105 -31.32 -31.16 22.23
CA CYS D 105 -30.70 -30.12 23.04
C CYS D 105 -30.41 -28.89 22.19
N PHE D 106 -29.39 -28.97 21.35
CA PHE D 106 -29.00 -27.88 20.46
C PHE D 106 -28.74 -26.60 21.25
N ARG D 107 -28.04 -26.77 22.36
CA ARG D 107 -27.59 -25.67 23.21
C ARG D 107 -26.23 -26.01 23.80
N TRP D 108 -25.60 -25.04 24.43
CA TRP D 108 -24.29 -25.27 25.04
C TRP D 108 -24.42 -25.84 26.46
N VAL D 109 -23.67 -26.90 26.72
CA VAL D 109 -23.51 -27.44 28.07
C VAL D 109 -22.30 -26.79 28.73
N ILE D 110 -22.53 -26.03 29.80
CA ILE D 110 -21.41 -25.38 30.48
C ILE D 110 -20.95 -26.26 31.65
N LYS D 111 -21.76 -26.34 32.70
CA LYS D 111 -21.50 -27.26 33.80
C LYS D 111 -22.64 -28.28 33.95
N ASP D 112 -23.89 -27.81 33.89
CA ASP D 112 -25.05 -28.69 34.07
C ASP D 112 -26.13 -28.44 33.03
N MET D 113 -26.78 -29.51 32.57
CA MET D 113 -27.85 -29.39 31.61
C MET D 113 -28.94 -30.42 31.89
N VAL D 114 -30.17 -29.95 32.09
CA VAL D 114 -31.32 -30.85 32.19
C VAL D 114 -31.98 -31.02 30.83
N LEU D 115 -32.28 -32.25 30.45
CA LEU D 115 -32.98 -32.48 29.18
C LEU D 115 -34.22 -33.35 29.36
N PHE D 116 -35.25 -33.07 28.57
CA PHE D 116 -36.48 -33.87 28.58
C PHE D 116 -36.59 -34.65 27.28
N PRO D 117 -37.20 -35.86 27.33
CA PRO D 117 -37.39 -36.70 26.16
C PRO D 117 -38.69 -36.41 25.44
N GLY D 118 -38.72 -36.72 24.14
CA GLY D 118 -39.93 -36.64 23.36
C GLY D 118 -40.25 -35.26 22.81
N GLU D 119 -41.52 -35.07 22.50
CA GLU D 119 -41.98 -33.92 21.76
C GLU D 119 -42.12 -32.69 22.64
N ALA D 120 -42.14 -31.51 22.01
CA ALA D 120 -42.37 -30.26 22.72
C ALA D 120 -43.70 -30.29 23.46
N THR D 121 -43.79 -29.56 24.56
CA THR D 121 -45.03 -29.50 25.34
C THR D 121 -45.36 -28.10 25.78
N LEU D 122 -46.66 -27.81 25.87
CA LEU D 122 -47.15 -26.66 26.61
C LEU D 122 -47.00 -26.95 28.11
N PRO D 123 -46.80 -25.91 28.93
CA PRO D 123 -46.51 -26.13 30.36
C PRO D 123 -47.61 -26.84 31.13
N PHE D 124 -48.86 -26.73 30.70
CA PHE D 124 -49.96 -27.40 31.39
C PHE D 124 -50.20 -28.83 30.90
N ASN D 125 -49.58 -29.22 29.78
CA ASN D 125 -49.71 -30.60 29.30
C ASN D 125 -49.24 -31.58 30.39
N GLU D 126 -49.91 -32.71 30.50
CA GLU D 126 -49.65 -33.68 31.57
C GLU D 126 -48.24 -34.28 31.48
N VAL D 127 -47.52 -34.23 32.59
CA VAL D 127 -46.13 -34.59 32.63
C VAL D 127 -45.78 -34.94 34.08
N PRO D 128 -44.77 -35.80 34.31
CA PRO D 128 -44.38 -36.07 35.70
C PRO D 128 -44.03 -34.80 36.48
N ALA D 129 -44.28 -34.83 37.79
CA ALA D 129 -44.03 -33.69 38.66
C ALA D 129 -42.60 -33.18 38.54
N ILE D 130 -41.65 -34.11 38.48
CA ILE D 130 -40.24 -33.72 38.48
C ILE D 130 -39.91 -32.94 37.21
N VAL D 131 -40.60 -33.24 36.12
CA VAL D 131 -40.39 -32.54 34.87
C VAL D 131 -40.91 -31.10 34.99
N SER D 132 -42.13 -30.94 35.50
CA SER D 132 -42.69 -29.61 35.75
C SER D 132 -41.78 -28.81 36.69
N GLU D 133 -41.25 -29.46 37.71
CA GLU D 133 -40.37 -28.77 38.65
C GLU D 133 -39.12 -28.24 37.95
N GLN D 134 -38.50 -29.10 37.14
CA GLN D 134 -37.28 -28.72 36.43
C GLN D 134 -37.55 -27.66 35.38
N ARG D 135 -38.71 -27.76 34.73
CA ARG D 135 -39.11 -26.77 33.76
C ARG D 135 -39.20 -25.40 34.46
N GLN D 136 -39.86 -25.37 35.60
CA GLN D 136 -39.99 -24.12 36.36
C GLN D 136 -38.60 -23.59 36.77
N LYS D 137 -37.74 -24.49 37.24
CA LYS D 137 -36.39 -24.09 37.64
C LYS D 137 -35.60 -23.51 36.46
N GLU D 138 -35.75 -24.12 35.28
CA GLU D 138 -35.07 -23.61 34.09
C GLU D 138 -35.45 -22.16 33.86
N LEU D 139 -36.74 -21.87 33.97
CA LEU D 139 -37.26 -20.54 33.71
C LEU D 139 -36.81 -19.52 34.75
N GLU D 140 -36.69 -19.96 36.00
CA GLU D 140 -36.15 -19.08 37.05
C GLU D 140 -34.70 -18.71 36.74
N GLN D 141 -33.90 -19.66 36.30
CA GLN D 141 -32.51 -19.41 35.91
CA GLN D 141 -32.52 -19.35 35.96
C GLN D 141 -32.44 -18.44 34.73
N ARG D 142 -33.33 -18.64 33.75
CA ARG D 142 -33.34 -17.80 32.53
C ARG D 142 -33.47 -16.31 32.88
N LYS D 143 -34.32 -16.02 33.86
CA LYS D 143 -34.60 -14.66 34.29
C LYS D 143 -33.43 -13.99 35.00
N LEU D 144 -32.51 -14.81 35.52
CA LEU D 144 -31.30 -14.27 36.11
C LEU D 144 -30.26 -14.05 35.02
N THR D 145 -30.25 -14.95 34.05
CA THR D 145 -29.26 -14.94 32.98
C THR D 145 -29.56 -13.88 31.93
N TYR D 146 -30.86 -13.70 31.65
CA TYR D 146 -31.30 -12.87 30.55
C TYR D 146 -32.07 -11.68 31.08
N GLN D 147 -31.39 -10.55 31.19
CA GLN D 147 -32.00 -9.38 31.83
C GLN D 147 -32.16 -8.19 30.89
N TRP D 148 -33.21 -7.41 31.16
CA TRP D 148 -33.52 -6.21 30.39
C TRP D 148 -32.51 -5.11 30.65
N ASP D 149 -32.20 -4.33 29.63
CA ASP D 149 -31.40 -3.13 29.77
C ASP D 149 -31.93 -2.14 28.73
N TYR D 150 -31.60 -0.87 28.89
CA TYR D 150 -32.21 0.16 28.04
C TYR D 150 -31.21 1.24 27.71
N VAL D 151 -31.17 1.64 26.44
CA VAL D 151 -30.33 2.75 26.03
C VAL D 151 -30.89 4.03 26.64
N SER D 152 -32.20 4.07 26.78
CA SER D 152 -32.90 5.25 27.28
C SER D 152 -34.36 4.90 27.47
N ASP D 153 -35.13 5.85 27.99
CA ASP D 153 -36.55 5.68 28.22
C ASP D 153 -37.33 5.58 26.91
N ASP D 154 -36.68 5.98 25.82
CA ASP D 154 -37.38 6.04 24.53
C ASP D 154 -36.87 5.01 23.53
N MET D 155 -36.25 3.95 24.02
CA MET D 155 -35.73 2.90 23.14
C MET D 155 -36.26 1.55 23.59
N PRO D 156 -36.43 0.61 22.64
CA PRO D 156 -36.92 -0.72 23.03
C PRO D 156 -35.90 -1.43 23.88
N GLY D 157 -36.37 -2.30 24.77
CA GLY D 157 -35.47 -3.01 25.65
C GLY D 157 -34.50 -3.93 24.91
N ASN D 158 -33.29 -4.01 25.45
CA ASN D 158 -32.25 -4.90 24.92
C ASN D 158 -31.70 -5.79 26.03
N ILE D 159 -30.85 -6.73 25.66
CA ILE D 159 -30.25 -7.63 26.63
C ILE D 159 -29.14 -6.91 27.40
N LYS D 160 -29.04 -7.17 28.69
CA LYS D 160 -27.99 -6.56 29.50
C LYS D 160 -26.69 -7.29 29.25
N ALA D 161 -25.71 -6.58 28.70
CA ALA D 161 -24.40 -7.13 28.35
C ALA D 161 -23.45 -6.01 27.92
N LYS D 162 -22.33 -5.88 28.62
CA LYS D 162 -21.36 -4.85 28.24
C LYS D 162 -20.72 -5.18 26.90
N THR D 163 -20.25 -6.40 26.73
CA THR D 163 -19.62 -6.81 25.49
C THR D 163 -20.15 -8.15 25.01
N HIS D 164 -19.76 -8.53 23.80
CA HIS D 164 -20.17 -9.80 23.21
C HIS D 164 -19.85 -10.98 24.14
N ASP D 165 -18.64 -11.01 24.66
CA ASP D 165 -18.21 -12.16 25.46
C ASP D 165 -18.86 -12.17 26.86
N ASP D 166 -19.58 -11.11 27.21
CA ASP D 166 -20.42 -11.12 28.41
C ASP D 166 -21.75 -11.84 28.17
N LEU D 167 -22.12 -12.05 26.91
CA LEU D 167 -23.35 -12.78 26.60
C LEU D 167 -23.24 -14.26 26.95
N PRO D 168 -24.36 -14.86 27.36
CA PRO D 168 -24.45 -16.32 27.42
C PRO D 168 -24.06 -16.91 26.08
N ARG D 169 -23.34 -18.02 26.09
CA ARG D 169 -22.81 -18.58 24.87
C ARG D 169 -23.92 -18.97 23.88
N ASP D 170 -25.08 -19.35 24.42
CA ASP D 170 -26.24 -19.68 23.60
C ASP D 170 -26.69 -18.55 22.69
N VAL D 171 -26.42 -17.30 23.07
CA VAL D 171 -26.82 -16.17 22.22
C VAL D 171 -25.62 -15.40 21.66
N GLN D 172 -24.42 -15.91 21.86
CA GLN D 172 -23.25 -15.34 21.17
C GLN D 172 -23.27 -15.75 19.70
N PHE D 173 -22.49 -15.05 18.89
CA PHE D 173 -22.17 -15.52 17.53
C PHE D 173 -21.57 -16.91 17.63
N THR D 174 -21.80 -17.77 16.65
CA THR D 174 -20.94 -18.94 16.48
C THR D 174 -19.52 -18.44 16.30
N ASP D 175 -18.50 -19.28 16.52
CA ASP D 175 -17.13 -18.84 16.28
C ASP D 175 -16.92 -18.56 14.80
N GLU D 176 -17.62 -19.32 13.95
CA GLU D 176 -17.55 -19.09 12.51
C GLU D 176 -18.03 -17.67 12.14
N LYS D 177 -19.11 -17.22 12.76
CA LYS D 177 -19.61 -15.87 12.46
C LYS D 177 -18.76 -14.79 13.14
N SER D 178 -18.25 -15.07 14.34
CA SER D 178 -17.33 -14.13 14.98
C SER D 178 -16.12 -13.88 14.08
N ARG D 179 -15.58 -14.95 13.50
CA ARG D 179 -14.48 -14.80 12.56
C ARG D 179 -14.87 -14.05 11.30
N SER D 180 -16.02 -14.41 10.73
CA SER D 180 -16.52 -13.74 9.54
C SER D 180 -16.62 -12.24 9.80
N TYR D 181 -17.23 -11.88 10.92
CA TYR D 181 -17.34 -10.48 11.30
C TYR D 181 -15.97 -9.82 11.53
N GLN D 182 -15.10 -10.44 12.32
N GLN D 182 -15.13 -10.47 12.34
CA GLN D 182 -13.82 -9.81 12.65
CA GLN D 182 -13.81 -9.94 12.69
C GLN D 182 -12.90 -9.69 11.44
C GLN D 182 -12.94 -9.71 11.46
N GLU D 183 -12.91 -10.70 10.58
CA GLU D 183 -12.14 -10.62 9.34
CA GLU D 183 -12.13 -10.61 9.34
C GLU D 183 -12.67 -9.52 8.43
N SER D 184 -13.99 -9.29 8.45
CA SER D 184 -14.57 -8.25 7.59
C SER D 184 -14.11 -6.90 8.09
N ARG D 185 -13.98 -6.73 9.41
CA ARG D 185 -13.49 -5.48 9.98
C ARG D 185 -12.05 -5.25 9.54
N LYS D 186 -11.25 -6.30 9.51
CA LYS D 186 -9.84 -6.17 9.18
C LYS D 186 -9.67 -5.83 7.70
N ALA D 187 -10.39 -6.58 6.85
CA ALA D 187 -10.35 -6.38 5.41
C ALA D 187 -10.76 -4.95 5.03
N ALA D 188 -11.80 -4.46 5.69
CA ALA D 188 -12.27 -3.08 5.47
C ALA D 188 -11.18 -2.06 5.82
N LEU D 189 -10.53 -2.24 6.97
CA LEU D 189 -9.44 -1.35 7.35
C LEU D 189 -8.33 -1.38 6.32
N VAL D 190 -8.01 -2.57 5.82
CA VAL D 190 -6.96 -2.71 4.82
C VAL D 190 -7.40 -2.10 3.50
N ASN D 191 -8.62 -2.39 3.06
CA ASN D 191 -9.15 -1.86 1.79
C ASN D 191 -9.25 -0.33 1.80
N LEU D 192 -9.69 0.24 2.92
CA LEU D 192 -9.67 1.70 3.09
C LEU D 192 -8.26 2.27 2.98
N GLY D 193 -7.30 1.62 3.63
CA GLY D 193 -5.94 2.13 3.64
C GLY D 193 -5.30 2.05 2.26
N ILE D 194 -5.56 0.96 1.55
CA ILE D 194 -5.05 0.80 0.19
C ILE D 194 -5.76 1.82 -0.73
N GLY D 195 -7.08 1.89 -0.62
CA GLY D 195 -7.86 2.88 -1.34
C GLY D 195 -7.41 4.30 -1.06
N SER D 196 -7.07 4.57 0.20
CA SER D 196 -6.59 5.88 0.59
C SER D 196 -5.27 6.23 -0.10
N LEU D 197 -4.32 5.31 -0.07
CA LEU D 197 -3.05 5.51 -0.77
C LEU D 197 -3.24 5.71 -2.28
N PHE D 198 -4.12 4.92 -2.89
CA PHE D 198 -4.25 4.96 -4.35
C PHE D 198 -4.88 6.26 -4.85
N THR D 199 -5.84 6.78 -4.09
CA THR D 199 -6.58 7.96 -4.53
C THR D 199 -6.11 9.21 -3.82
N MET D 200 -4.95 9.11 -3.15
CA MET D 200 -4.51 10.12 -2.20
C MET D 200 -4.53 11.52 -2.78
N PHE D 201 -4.05 11.66 -4.01
CA PHE D 201 -3.88 13.00 -4.57
C PHE D 201 -4.79 13.26 -5.75
N GLU D 202 -5.88 12.51 -5.83
CA GLU D 202 -6.86 12.77 -6.86
C GLU D 202 -7.69 13.97 -6.51
N ASN D 203 -7.90 14.87 -7.47
N ASN D 203 -7.87 14.86 -7.48
CA ASN D 203 -8.81 15.98 -7.26
CA ASN D 203 -8.81 15.96 -7.31
C ASN D 203 -10.16 15.65 -7.89
C ASN D 203 -10.15 15.51 -7.87
N TRP D 204 -11.18 15.54 -7.05
CA TRP D 204 -12.48 15.06 -7.49
C TRP D 204 -13.35 16.16 -8.08
N ASP D 205 -13.66 15.94 -9.36
CA ASP D 205 -14.35 16.93 -10.17
C ASP D 205 -15.46 16.31 -11.03
N SER D 206 -15.80 15.05 -10.77
CA SER D 206 -16.88 14.39 -11.52
C SER D 206 -17.64 13.37 -10.68
N TYR D 207 -18.85 13.01 -11.11
CA TYR D 207 -19.63 11.98 -10.42
C TYR D 207 -18.93 10.65 -10.54
N ASP D 208 -18.31 10.43 -11.70
CA ASP D 208 -17.73 9.13 -12.02
C ASP D 208 -16.49 8.82 -11.19
N ASP D 209 -15.92 9.84 -10.54
CA ASP D 209 -14.78 9.62 -9.64
C ASP D 209 -15.14 8.64 -8.53
N TYR D 210 -16.41 8.68 -8.11
CA TYR D 210 -16.88 7.83 -7.03
C TYR D 210 -16.84 6.33 -7.32
N HIS D 211 -16.77 5.94 -8.60
CA HIS D 211 -16.76 4.52 -8.96
C HIS D 211 -15.54 3.79 -8.39
N ILE D 212 -14.44 4.50 -8.29
CA ILE D 212 -13.17 3.92 -7.81
C ILE D 212 -13.29 3.38 -6.38
N LEU D 213 -14.22 3.92 -5.60
CA LEU D 213 -14.31 3.60 -4.18
C LEU D 213 -14.81 2.19 -3.90
N TYR D 214 -15.47 1.57 -4.87
CA TYR D 214 -15.94 0.21 -4.65
C TYR D 214 -15.11 -0.81 -5.43
N ARG D 215 -14.13 -0.36 -6.19
CA ARG D 215 -13.40 -1.24 -7.09
C ARG D 215 -12.53 -2.25 -6.33
N ASN D 216 -11.92 -1.85 -5.21
CA ASN D 216 -11.05 -2.76 -4.48
C ASN D 216 -11.79 -3.47 -3.34
N TRP D 217 -13.09 -3.67 -3.52
CA TRP D 217 -13.90 -4.38 -2.54
C TRP D 217 -14.57 -5.60 -3.17
N ILE D 218 -14.64 -6.67 -2.41
CA ILE D 218 -15.44 -7.82 -2.78
C ILE D 218 -16.86 -7.58 -2.32
N LEU D 219 -17.73 -7.20 -3.26
CA LEU D 219 -19.11 -6.84 -2.91
C LEU D 219 -20.11 -7.75 -3.62
N GLY D 220 -19.63 -8.69 -4.43
CA GLY D 220 -20.50 -9.60 -5.13
C GLY D 220 -20.92 -9.07 -6.50
N GLY D 221 -20.14 -8.12 -7.03
CA GLY D 221 -20.44 -7.51 -8.31
C GLY D 221 -20.63 -6.00 -8.19
N THR D 222 -20.41 -5.30 -9.28
CA THR D 222 -20.67 -3.86 -9.35
C THR D 222 -22.10 -3.54 -8.89
N PRO D 223 -22.28 -2.48 -8.09
CA PRO D 223 -23.63 -2.04 -7.71
C PRO D 223 -24.53 -1.88 -8.93
N ASN D 224 -25.71 -2.51 -8.94
CA ASN D 224 -26.49 -2.56 -10.18
C ASN D 224 -27.09 -1.21 -10.55
N MET D 225 -26.90 -0.19 -9.72
CA MET D 225 -27.36 1.16 -10.03
C MET D 225 -26.21 2.06 -10.49
N ALA D 226 -25.00 1.53 -10.48
CA ALA D 226 -23.82 2.32 -10.84
C ALA D 226 -23.93 2.94 -12.24
N ASP D 227 -24.54 2.22 -13.17
CA ASP D 227 -24.58 2.69 -14.55
C ASP D 227 -25.82 3.52 -14.91
N ARG D 228 -26.77 3.63 -13.99
CA ARG D 228 -28.07 4.21 -14.31
C ARG D 228 -28.66 5.08 -13.21
N TRP D 229 -27.86 5.36 -12.18
CA TRP D 229 -28.29 6.11 -11.01
C TRP D 229 -28.90 7.47 -11.34
N HIS D 230 -28.47 8.05 -12.46
CA HIS D 230 -28.78 9.42 -12.79
C HIS D 230 -30.08 9.55 -13.55
N GLU D 231 -30.65 8.42 -13.98
CA GLU D 231 -31.87 8.45 -14.76
C GLU D 231 -33.09 8.44 -13.83
N ASP D 232 -34.03 9.37 -14.09
CA ASP D 232 -35.22 9.53 -13.25
C ASP D 232 -35.92 8.21 -12.98
N ARG D 233 -36.08 7.43 -14.04
CA ARG D 233 -36.80 6.18 -13.97
C ARG D 233 -36.17 5.19 -12.98
N TRP D 234 -34.85 5.12 -12.99
CA TRP D 234 -34.15 4.21 -12.07
C TRP D 234 -34.04 4.82 -10.68
N PHE D 235 -34.10 6.15 -10.63
CA PHE D 235 -34.21 6.85 -9.36
C PHE D 235 -35.55 6.51 -8.72
N GLY D 236 -36.62 6.55 -9.50
CA GLY D 236 -37.94 6.26 -8.98
C GLY D 236 -38.07 4.79 -8.64
N TYR D 237 -37.46 3.97 -9.47
CA TYR D 237 -37.47 2.51 -9.31
C TYR D 237 -37.06 2.04 -7.92
N GLN D 238 -36.12 2.74 -7.30
CA GLN D 238 -35.54 2.25 -6.05
C GLN D 238 -36.43 2.54 -4.84
N PHE D 239 -37.48 3.32 -5.05
CA PHE D 239 -38.45 3.52 -3.98
C PHE D 239 -39.36 2.31 -3.87
N LEU D 240 -39.30 1.44 -4.89
CA LEU D 240 -40.04 0.18 -4.87
C LEU D 240 -39.11 -1.00 -4.57
N ASN D 241 -37.94 -1.00 -5.17
CA ASN D 241 -37.11 -2.21 -5.17
C ASN D 241 -35.69 -1.97 -4.67
N GLY D 242 -35.49 -0.83 -4.01
CA GLY D 242 -34.22 -0.47 -3.44
C GLY D 242 -34.17 -0.87 -1.97
N ALA D 243 -33.28 -0.23 -1.22
CA ALA D 243 -33.04 -0.61 0.18
C ALA D 243 -34.14 -0.15 1.13
N ASN D 244 -34.95 0.83 0.71
CA ASN D 244 -35.94 1.43 1.60
C ASN D 244 -37.35 1.47 0.99
N PRO D 245 -37.92 0.29 0.69
CA PRO D 245 -39.20 0.23 -0.01
C PRO D 245 -40.42 0.40 0.90
N VAL D 246 -40.27 1.16 1.97
CA VAL D 246 -41.28 1.12 3.03
C VAL D 246 -42.06 2.41 3.20
N ILE D 247 -41.68 3.47 2.49
CA ILE D 247 -42.28 4.77 2.79
C ILE D 247 -43.19 5.30 1.67
N LEU D 248 -42.99 4.81 0.45
CA LEU D 248 -43.84 5.21 -0.67
C LEU D 248 -45.30 4.87 -0.39
N THR D 249 -46.18 5.85 -0.56
CA THR D 249 -47.61 5.70 -0.26
C THR D 249 -48.45 6.21 -1.44
N ARG D 250 -49.65 5.64 -1.63
CA ARG D 250 -50.56 6.17 -2.64
C ARG D 250 -51.06 7.56 -2.21
N CYS D 251 -50.97 8.52 -3.13
CA CYS D 251 -51.50 9.87 -2.88
C CYS D 251 -52.96 9.94 -3.31
N ASP D 252 -53.86 10.16 -2.36
CA ASP D 252 -55.28 10.34 -2.68
C ASP D 252 -55.65 11.82 -2.67
N ALA D 253 -54.80 12.61 -2.03
CA ALA D 253 -54.90 14.06 -2.02
C ALA D 253 -53.56 14.63 -1.56
N LEU D 254 -53.12 15.71 -2.19
CA LEU D 254 -51.86 16.34 -1.80
C LEU D 254 -51.94 16.99 -0.43
N PRO D 255 -50.87 16.87 0.36
CA PRO D 255 -50.71 17.61 1.61
C PRO D 255 -50.81 19.11 1.34
N SER D 256 -51.38 19.86 2.29
CA SER D 256 -51.54 21.31 2.10
C SER D 256 -50.21 22.01 2.01
N ASN D 257 -49.21 21.49 2.71
CA ASN D 257 -47.88 22.08 2.72
C ASN D 257 -47.02 21.59 1.56
N PHE D 258 -47.65 20.91 0.60
CA PHE D 258 -46.95 20.40 -0.57
C PHE D 258 -47.77 20.79 -1.79
N PRO D 259 -47.69 22.09 -2.17
CA PRO D 259 -48.63 22.69 -3.13
C PRO D 259 -48.28 22.43 -4.58
N VAL D 260 -48.30 21.17 -4.99
CA VAL D 260 -48.00 20.83 -6.38
C VAL D 260 -49.22 20.99 -7.28
N THR D 261 -49.03 21.63 -8.43
CA THR D 261 -50.13 21.92 -9.35
C THR D 261 -49.96 21.15 -10.64
N ASN D 262 -51.01 21.11 -11.46
CA ASN D 262 -50.90 20.44 -12.75
C ASN D 262 -49.87 21.14 -13.62
N GLU D 263 -49.76 22.45 -13.48
CA GLU D 263 -48.83 23.24 -14.28
C GLU D 263 -47.40 22.82 -13.97
N HIS D 264 -47.12 22.57 -12.70
CA HIS D 264 -45.82 22.08 -12.25
C HIS D 264 -45.35 20.83 -13.01
N VAL D 265 -46.26 19.89 -13.21
CA VAL D 265 -45.89 18.53 -13.55
C VAL D 265 -46.56 18.02 -14.82
N ASN D 266 -47.35 18.87 -15.47
CA ASN D 266 -48.07 18.47 -16.67
C ASN D 266 -47.18 17.82 -17.72
N ALA D 267 -45.96 18.33 -17.85
CA ALA D 267 -45.03 17.82 -18.85
C ALA D 267 -44.61 16.36 -18.61
N SER D 268 -44.78 15.87 -17.39
CA SER D 268 -44.37 14.50 -17.05
C SER D 268 -45.47 13.49 -17.29
N LEU D 269 -46.71 13.98 -17.36
CA LEU D 269 -47.86 13.09 -17.52
C LEU D 269 -48.02 12.67 -18.97
N ASP D 270 -48.47 11.45 -19.20
CA ASP D 270 -48.60 10.92 -20.56
C ASP D 270 -49.74 9.91 -20.72
N ARG D 271 -50.82 10.10 -19.96
CA ARG D 271 -51.96 9.20 -20.09
C ARG D 271 -53.21 9.95 -20.53
N GLY D 272 -53.05 11.22 -20.84
CA GLY D 272 -54.16 12.03 -21.32
C GLY D 272 -54.94 12.69 -20.19
N LYS D 273 -54.40 12.61 -18.98
CA LYS D 273 -55.08 13.14 -17.80
C LYS D 273 -54.20 14.17 -17.09
N ASN D 274 -54.84 15.07 -16.34
CA ASN D 274 -54.07 16.03 -15.57
C ASN D 274 -53.73 15.43 -14.20
N LEU D 275 -53.14 16.23 -13.32
CA LEU D 275 -52.66 15.69 -12.04
C LEU D 275 -53.82 15.16 -11.21
N ASP D 276 -54.85 15.99 -11.03
CA ASP D 276 -55.95 15.62 -10.15
C ASP D 276 -56.63 14.34 -10.63
N GLU D 277 -56.74 14.19 -11.95
CA GLU D 277 -57.31 12.98 -12.51
C GLU D 277 -56.38 11.78 -12.27
N GLU D 278 -55.07 12.01 -12.30
CA GLU D 278 -54.12 10.92 -12.11
C GLU D 278 -54.10 10.47 -10.66
N ILE D 279 -54.21 11.45 -9.76
CA ILE D 279 -54.39 11.16 -8.34
C ILE D 279 -55.58 10.24 -8.13
N LYS D 280 -56.72 10.62 -8.70
CA LYS D 280 -57.95 9.83 -8.57
C LYS D 280 -57.78 8.45 -9.21
N ASP D 281 -57.04 8.40 -10.31
CA ASP D 281 -56.85 7.16 -11.05
C ASP D 281 -55.80 6.24 -10.39
N GLY D 282 -55.23 6.69 -9.27
CA GLY D 282 -54.31 5.86 -8.50
C GLY D 282 -52.93 5.68 -9.11
N HIS D 283 -52.47 6.68 -9.86
CA HIS D 283 -51.16 6.60 -10.50
C HIS D 283 -50.17 7.59 -9.87
N ILE D 284 -50.59 8.22 -8.79
CA ILE D 284 -49.72 9.19 -8.12
C ILE D 284 -49.36 8.69 -6.73
N TYR D 285 -48.06 8.67 -6.43
CA TYR D 285 -47.58 8.16 -5.15
C TYR D 285 -46.70 9.21 -4.50
N ILE D 286 -46.59 9.15 -3.17
CA ILE D 286 -45.86 10.20 -2.46
C ILE D 286 -44.95 9.62 -1.38
N VAL D 287 -43.85 10.30 -1.10
CA VAL D 287 -43.09 10.03 0.12
C VAL D 287 -43.00 11.31 0.94
N ASP D 288 -43.06 11.15 2.25
CA ASP D 288 -43.08 12.28 3.16
C ASP D 288 -42.13 12.02 4.30
N PHE D 289 -40.99 12.70 4.29
CA PHE D 289 -39.97 12.47 5.31
C PHE D 289 -40.11 13.43 6.48
N LYS D 290 -41.36 13.75 6.82
CA LYS D 290 -41.69 14.66 7.91
C LYS D 290 -41.00 14.34 9.24
N VAL D 291 -40.86 13.05 9.53
CA VAL D 291 -40.31 12.61 10.82
C VAL D 291 -38.90 13.17 11.06
N LEU D 292 -38.19 13.52 9.99
CA LEU D 292 -36.84 14.03 10.14
C LEU D 292 -36.80 15.48 10.61
N VAL D 293 -37.95 16.15 10.67
CA VAL D 293 -37.96 17.52 11.18
C VAL D 293 -37.43 17.52 12.61
N GLY D 294 -36.47 18.39 12.88
CA GLY D 294 -35.90 18.52 14.21
C GLY D 294 -34.60 17.76 14.33
N ALA D 295 -34.28 16.94 13.34
CA ALA D 295 -33.10 16.10 13.42
C ALA D 295 -31.86 16.96 13.58
N LYS D 296 -31.00 16.58 14.51
CA LYS D 296 -29.74 17.29 14.72
C LYS D 296 -28.60 16.56 14.01
N SER D 297 -27.91 17.26 13.12
CA SER D 297 -26.84 16.64 12.34
C SER D 297 -25.47 16.97 12.92
N TYR D 298 -24.48 16.20 12.50
CA TYR D 298 -23.10 16.37 12.96
C TYR D 298 -22.60 17.78 12.76
N GLY D 299 -22.02 18.36 13.81
CA GLY D 299 -21.45 19.69 13.72
C GLY D 299 -22.38 20.79 14.21
N GLY D 300 -23.64 20.45 14.48
CA GLY D 300 -24.55 21.44 15.00
C GLY D 300 -25.91 21.69 14.38
N PRO D 301 -26.03 21.65 13.03
CA PRO D 301 -27.30 22.04 12.42
C PRO D 301 -28.53 21.30 12.97
N VAL D 302 -29.58 22.05 13.23
CA VAL D 302 -30.86 21.48 13.65
C VAL D 302 -31.91 21.83 12.61
N LEU D 303 -32.44 20.80 11.94
CA LEU D 303 -33.38 20.98 10.84
C LEU D 303 -34.75 21.49 11.29
N GLU D 304 -35.26 22.52 10.63
CA GLU D 304 -36.60 23.04 10.92
C GLU D 304 -37.55 22.75 9.76
N ASP D 305 -38.82 23.07 9.93
CA ASP D 305 -39.79 22.84 8.86
C ASP D 305 -39.50 23.75 7.66
N ILE D 306 -38.92 24.91 7.94
CA ILE D 306 -38.55 25.89 6.91
C ILE D 306 -37.18 25.53 6.33
N GLY D 307 -36.56 24.51 6.91
CA GLY D 307 -35.23 24.10 6.51
C GLY D 307 -34.21 24.45 7.58
N TYR D 308 -33.24 25.29 7.23
CA TYR D 308 -32.23 25.73 8.18
C TYR D 308 -32.20 27.25 8.34
N ALA D 319 -13.86 21.98 8.36
CA ALA D 319 -14.92 21.90 9.37
C ALA D 319 -15.99 20.88 8.98
N ASP D 320 -16.11 19.83 9.78
CA ASP D 320 -17.04 18.74 9.52
C ASP D 320 -18.45 19.13 10.00
N ILE D 321 -19.23 19.69 9.09
CA ILE D 321 -20.60 20.11 9.39
C ILE D 321 -21.54 19.50 8.37
N ARG D 322 -22.53 18.75 8.83
CA ARG D 322 -23.36 17.95 7.94
C ARG D 322 -24.81 18.41 7.95
N TYR D 323 -25.56 18.03 6.93
CA TYR D 323 -26.94 18.48 6.80
C TYR D 323 -27.84 17.35 6.38
N CYS D 324 -29.10 17.45 6.72
CA CYS D 324 -30.11 16.51 6.26
C CYS D 324 -31.31 17.34 5.78
N ALA D 325 -32.47 16.71 5.62
CA ALA D 325 -33.68 17.42 5.21
C ALA D 325 -34.92 16.58 5.51
N ALA D 326 -36.09 17.21 5.42
CA ALA D 326 -37.36 16.50 5.56
C ALA D 326 -38.27 16.78 4.37
N PRO D 327 -37.97 16.15 3.23
CA PRO D 327 -38.67 16.47 1.97
C PRO D 327 -39.98 15.73 1.73
N LEU D 328 -40.74 16.27 0.78
CA LEU D 328 -41.82 15.52 0.18
C LEU D 328 -41.44 15.30 -1.27
N ALA D 329 -41.90 14.21 -1.84
CA ALA D 329 -41.61 13.93 -3.23
C ALA D 329 -42.80 13.23 -3.83
N LEU D 330 -43.10 13.59 -5.08
CA LEU D 330 -44.25 13.05 -5.75
C LEU D 330 -43.81 12.20 -6.93
N PHE D 331 -44.49 11.09 -7.14
CA PHE D 331 -44.11 10.15 -8.18
C PHE D 331 -45.30 9.81 -9.04
N TYR D 332 -45.02 9.44 -10.29
CA TYR D 332 -46.06 9.11 -11.25
C TYR D 332 -45.74 7.81 -11.97
N VAL D 333 -46.71 6.91 -12.02
CA VAL D 333 -46.62 5.71 -12.85
C VAL D 333 -47.01 6.06 -14.29
N ASN D 334 -46.03 6.17 -15.17
CA ASN D 334 -46.31 6.58 -16.55
C ASN D 334 -46.91 5.46 -17.36
N LYS D 335 -47.12 5.71 -18.66
CA LYS D 335 -47.83 4.76 -19.51
C LYS D 335 -47.09 3.42 -19.57
N LEU D 336 -45.76 3.47 -19.49
CA LEU D 336 -44.96 2.26 -19.60
C LEU D 336 -44.86 1.53 -18.27
N GLY D 337 -45.48 2.09 -17.24
CA GLY D 337 -45.52 1.46 -15.93
C GLY D 337 -44.32 1.78 -15.07
N HIS D 338 -43.57 2.81 -15.46
CA HIS D 338 -42.40 3.24 -14.73
C HIS D 338 -42.77 4.28 -13.68
N LEU D 339 -42.25 4.12 -12.47
CA LEU D 339 -42.50 5.08 -11.40
C LEU D 339 -41.54 6.24 -11.56
N MET D 340 -42.06 7.39 -11.98
CA MET D 340 -41.21 8.53 -12.29
C MET D 340 -41.31 9.62 -11.24
N PRO D 341 -40.16 10.16 -10.82
CA PRO D 341 -40.10 11.32 -9.94
C PRO D 341 -40.57 12.59 -10.67
N ILE D 342 -41.62 13.25 -10.16
CA ILE D 342 -42.15 14.42 -10.88
C ILE D 342 -42.12 15.72 -10.08
N ALA D 343 -41.95 15.63 -8.77
CA ALA D 343 -41.84 16.83 -7.95
C ALA D 343 -41.19 16.58 -6.59
N ILE D 344 -40.29 17.48 -6.21
CA ILE D 344 -39.63 17.41 -4.91
C ILE D 344 -39.69 18.75 -4.20
N GLN D 345 -40.11 18.71 -2.94
CA GLN D 345 -39.96 19.84 -2.06
C GLN D 345 -38.97 19.42 -0.99
N ILE D 346 -37.87 20.15 -0.87
CA ILE D 346 -36.74 19.72 -0.07
C ILE D 346 -37.06 19.70 1.43
N ASN D 347 -37.89 20.64 1.88
CA ASN D 347 -38.35 20.60 3.26
C ASN D 347 -39.86 20.80 3.41
N GLN D 348 -40.34 20.79 4.65
CA GLN D 348 -41.77 20.61 4.91
C GLN D 348 -42.64 21.86 4.69
N GLU D 349 -42.11 23.03 5.00
CA GLU D 349 -42.88 24.27 4.90
C GLU D 349 -42.67 25.00 3.58
N PRO D 350 -43.69 24.99 2.70
CA PRO D 350 -43.57 25.53 1.35
C PRO D 350 -43.35 27.04 1.34
N GLY D 351 -42.57 27.52 0.38
CA GLY D 351 -42.23 28.92 0.30
C GLY D 351 -41.33 29.17 -0.90
N PRO D 352 -40.87 30.42 -1.06
CA PRO D 352 -40.00 30.76 -2.19
C PRO D 352 -38.57 30.27 -1.97
N GLU D 353 -38.18 30.14 -0.71
CA GLU D 353 -36.85 29.64 -0.38
C GLU D 353 -36.88 28.13 -0.12
N ASN D 354 -38.05 27.54 -0.37
CA ASN D 354 -38.25 26.10 -0.31
C ASN D 354 -39.25 25.70 -1.39
N PRO D 355 -38.88 25.90 -2.66
CA PRO D 355 -39.85 25.75 -3.76
C PRO D 355 -40.07 24.31 -4.17
N ILE D 356 -40.79 24.13 -5.27
CA ILE D 356 -41.04 22.82 -5.83
C ILE D 356 -40.15 22.59 -7.05
N TRP D 357 -39.29 21.58 -6.98
CA TRP D 357 -38.39 21.25 -8.07
C TRP D 357 -38.99 20.14 -8.92
N THR D 358 -38.73 20.16 -10.23
CA THR D 358 -39.25 19.14 -11.14
C THR D 358 -38.17 18.69 -12.12
N PRO D 359 -38.40 17.57 -12.83
CA PRO D 359 -37.37 17.20 -13.82
C PRO D 359 -37.16 18.26 -14.91
N HIS D 360 -38.09 19.21 -15.03
CA HIS D 360 -38.04 20.18 -16.13
C HIS D 360 -37.41 21.51 -15.74
N GLU D 361 -36.66 21.51 -14.63
CA GLU D 361 -35.89 22.69 -14.23
C GLU D 361 -35.07 23.21 -15.39
N GLU D 362 -34.99 24.52 -15.53
CA GLU D 362 -34.17 25.13 -16.56
C GLU D 362 -32.70 24.82 -16.29
N ASN D 363 -32.32 24.93 -15.02
CA ASN D 363 -30.99 24.48 -14.58
C ASN D 363 -31.05 23.01 -14.17
N GLU D 364 -30.58 22.13 -15.06
CA GLU D 364 -30.62 20.69 -14.82
C GLU D 364 -29.94 20.27 -13.51
N HIS D 365 -28.92 21.01 -13.08
CA HIS D 365 -28.22 20.70 -11.83
C HIS D 365 -29.12 20.94 -10.62
N ASP D 366 -30.10 21.84 -10.76
CA ASP D 366 -31.06 22.10 -9.71
C ASP D 366 -31.89 20.85 -9.41
N TRP D 367 -32.32 20.17 -10.46
CA TRP D 367 -33.10 18.95 -10.30
C TRP D 367 -32.26 17.81 -9.71
N MET D 368 -31.03 17.68 -10.21
CA MET D 368 -30.09 16.69 -9.68
C MET D 368 -29.87 16.88 -8.18
N MET D 369 -29.58 18.12 -7.78
CA MET D 369 -29.38 18.46 -6.38
C MET D 369 -30.62 18.18 -5.53
N ALA D 370 -31.80 18.44 -6.09
CA ALA D 370 -33.04 18.16 -5.37
C ALA D 370 -33.14 16.66 -5.09
N LYS D 371 -32.73 15.86 -6.07
CA LYS D 371 -32.77 14.42 -5.92
C LYS D 371 -31.74 13.96 -4.85
N PHE D 372 -30.62 14.67 -4.75
CA PHE D 372 -29.63 14.33 -3.75
C PHE D 372 -30.16 14.61 -2.33
N TRP D 373 -30.87 15.72 -2.18
CA TRP D 373 -31.47 16.07 -0.91
C TRP D 373 -32.52 15.04 -0.51
N LEU D 374 -33.27 14.55 -1.48
CA LEU D 374 -34.23 13.50 -1.21
C LEU D 374 -33.47 12.27 -0.71
N GLY D 375 -32.40 11.96 -1.43
CA GLY D 375 -31.54 10.83 -1.11
C GLY D 375 -30.92 10.84 0.28
N VAL D 376 -30.42 11.98 0.74
CA VAL D 376 -29.79 12.00 2.05
C VAL D 376 -30.86 11.84 3.13
N ALA D 377 -32.07 12.30 2.86
CA ALA D 377 -33.17 12.07 3.79
C ALA D 377 -33.45 10.58 3.84
N GLU D 378 -33.56 9.98 2.66
CA GLU D 378 -33.83 8.56 2.55
C GLU D 378 -32.77 7.73 3.27
N SER D 379 -31.50 8.10 3.10
CA SER D 379 -30.40 7.31 3.61
C SER D 379 -30.41 7.27 5.13
N ASN D 380 -30.64 8.43 5.74
CA ASN D 380 -30.65 8.51 7.18
C ASN D 380 -31.90 7.82 7.76
N PHE D 381 -33.04 8.07 7.13
CA PHE D 381 -34.29 7.38 7.49
C PHE D 381 -34.09 5.86 7.37
N HIS D 382 -33.57 5.42 6.24
CA HIS D 382 -33.40 3.99 5.99
C HIS D 382 -32.52 3.28 7.01
N GLN D 383 -31.34 3.82 7.26
CA GLN D 383 -30.39 3.13 8.13
CA GLN D 383 -30.39 3.14 8.12
C GLN D 383 -30.82 3.16 9.59
N LEU D 384 -31.30 4.30 10.05
CA LEU D 384 -31.61 4.46 11.47
C LEU D 384 -33.00 3.94 11.83
N ASN D 385 -33.98 4.20 10.98
CA ASN D 385 -35.35 3.82 11.28
C ASN D 385 -35.73 2.47 10.68
N THR D 386 -35.71 2.39 9.35
CA THR D 386 -36.14 1.18 8.64
C THR D 386 -35.29 -0.02 9.04
N HIS D 387 -34.00 0.21 9.17
CA HIS D 387 -33.04 -0.87 9.37
C HIS D 387 -32.74 -1.08 10.85
N LEU D 388 -31.95 -0.19 11.44
CA LEU D 388 -31.48 -0.40 12.81
C LEU D 388 -32.62 -0.52 13.82
N LEU D 389 -33.55 0.42 13.79
CA LEU D 389 -34.63 0.39 14.78
C LEU D 389 -35.66 -0.70 14.48
N ARG D 390 -36.22 -0.70 13.27
CA ARG D 390 -37.40 -1.49 13.02
C ARG D 390 -37.10 -2.94 12.63
N THR D 391 -35.83 -3.32 12.54
CA THR D 391 -35.54 -4.75 12.50
C THR D 391 -34.73 -5.07 13.77
N HIS D 392 -33.41 -4.90 13.71
CA HIS D 392 -32.53 -5.12 14.87
C HIS D 392 -33.09 -4.80 16.26
N LEU D 393 -33.23 -3.53 16.58
CA LEU D 393 -33.40 -3.14 17.99
C LEU D 393 -34.78 -3.46 18.54
N THR D 394 -35.81 -3.30 17.73
CA THR D 394 -37.15 -3.64 18.19
C THR D 394 -37.38 -5.16 18.25
N THR D 395 -36.88 -5.92 17.28
CA THR D 395 -37.06 -7.38 17.35
C THR D 395 -36.18 -7.97 18.43
N GLU D 396 -35.09 -7.28 18.77
CA GLU D 396 -34.25 -7.76 19.85
C GLU D 396 -35.06 -7.98 21.15
N SER D 397 -36.06 -7.12 21.39
CA SER D 397 -36.90 -7.26 22.57
C SER D 397 -37.63 -8.61 22.57
N PHE D 398 -38.13 -9.01 21.40
CA PHE D 398 -38.83 -10.28 21.31
C PHE D 398 -37.85 -11.44 21.48
N ALA D 399 -36.63 -11.27 20.98
CA ALA D 399 -35.63 -12.32 21.09
C ALA D 399 -35.27 -12.54 22.55
N LEU D 400 -35.11 -11.45 23.28
CA LEU D 400 -34.79 -11.53 24.70
C LEU D 400 -35.95 -12.19 25.46
N SER D 401 -37.17 -11.77 25.16
CA SER D 401 -38.33 -12.34 25.83
C SER D 401 -38.45 -13.84 25.62
N THR D 402 -38.08 -14.30 24.43
CA THR D 402 -38.07 -15.75 24.15
C THR D 402 -37.18 -16.50 25.14
N TRP D 403 -35.96 -16.01 25.35
CA TRP D 403 -35.05 -16.68 26.28
C TRP D 403 -35.51 -16.55 27.73
N ARG D 404 -36.08 -15.40 28.08
CA ARG D 404 -36.60 -15.19 29.45
C ARG D 404 -37.80 -16.07 29.78
N ASN D 405 -38.68 -16.27 28.79
CA ASN D 405 -40.03 -16.76 29.12
C ASN D 405 -40.48 -18.11 28.55
N LEU D 406 -39.83 -18.58 27.49
CA LEU D 406 -40.23 -19.86 26.88
C LEU D 406 -39.26 -20.96 27.26
N ALA D 407 -39.77 -22.05 27.82
CA ALA D 407 -38.90 -23.14 28.23
C ALA D 407 -38.35 -23.81 26.98
N SER D 408 -37.23 -24.51 27.11
CA SER D 408 -36.63 -25.15 25.95
C SER D 408 -37.55 -26.22 25.39
N ALA D 409 -38.41 -26.77 26.22
CA ALA D 409 -39.38 -27.77 25.79
C ALA D 409 -40.60 -27.17 25.09
N HIS D 410 -40.73 -25.84 25.09
CA HIS D 410 -41.89 -25.19 24.49
C HIS D 410 -41.82 -25.19 22.96
N PRO D 411 -42.92 -25.58 22.28
CA PRO D 411 -42.85 -25.63 20.81
C PRO D 411 -42.52 -24.28 20.18
N ILE D 412 -42.92 -23.19 20.83
CA ILE D 412 -42.69 -21.87 20.24
C ILE D 412 -41.24 -21.44 20.50
N PHE D 413 -40.62 -21.95 21.57
CA PHE D 413 -39.17 -21.79 21.72
C PHE D 413 -38.48 -22.46 20.53
N LYS D 414 -38.82 -23.73 20.31
CA LYS D 414 -38.24 -24.49 19.21
CA LYS D 414 -38.25 -24.49 19.20
C LYS D 414 -38.48 -23.78 17.88
N LEU D 415 -39.69 -23.24 17.70
CA LEU D 415 -40.02 -22.49 16.48
C LEU D 415 -39.14 -21.26 16.31
N LEU D 416 -38.95 -20.51 17.40
CA LEU D 416 -38.24 -19.23 17.29
C LEU D 416 -36.73 -19.38 17.29
N GLN D 417 -36.22 -20.44 17.90
CA GLN D 417 -34.76 -20.58 18.09
C GLN D 417 -33.95 -20.23 16.83
N PRO D 418 -34.27 -20.84 15.66
CA PRO D 418 -33.45 -20.47 14.48
C PRO D 418 -33.55 -19.00 14.02
N HIS D 419 -34.67 -18.35 14.29
CA HIS D 419 -34.91 -16.98 13.81
C HIS D 419 -34.44 -15.87 14.75
N ILE D 420 -34.31 -16.18 16.04
CA ILE D 420 -33.77 -15.23 17.02
C ILE D 420 -32.24 -15.24 17.10
N TYR D 421 -31.59 -16.24 16.52
CA TYR D 421 -30.13 -16.30 16.55
C TYR D 421 -29.51 -15.03 15.99
N GLY D 422 -28.49 -14.54 16.65
CA GLY D 422 -27.66 -13.48 16.10
C GLY D 422 -28.01 -12.06 16.51
N VAL D 423 -29.30 -11.79 16.73
CA VAL D 423 -29.70 -10.40 16.94
C VAL D 423 -29.17 -9.87 18.29
N LEU D 424 -29.12 -10.72 19.31
CA LEU D 424 -28.59 -10.30 20.61
C LEU D 424 -27.10 -10.04 20.50
N ALA D 425 -26.42 -10.86 19.71
CA ALA D 425 -24.98 -10.74 19.52
C ALA D 425 -24.60 -9.50 18.71
N ILE D 426 -25.24 -9.30 17.55
CA ILE D 426 -24.84 -8.21 16.67
C ILE D 426 -25.22 -6.86 17.28
N ASP D 427 -26.34 -6.84 18.00
CA ASP D 427 -26.79 -5.61 18.66
C ASP D 427 -25.92 -5.23 19.85
N THR D 428 -25.44 -6.22 20.59
CA THR D 428 -24.54 -5.96 21.70
C THR D 428 -23.24 -5.36 21.16
N ILE D 429 -22.73 -5.95 20.08
CA ILE D 429 -21.58 -5.39 19.37
C ILE D 429 -21.87 -3.99 18.86
N GLY D 430 -23.00 -3.83 18.17
CA GLY D 430 -23.34 -2.58 17.51
C GLY D 430 -23.61 -1.39 18.43
N ARG D 431 -24.08 -1.65 19.64
CA ARG D 431 -24.36 -0.57 20.59
C ARG D 431 -23.09 0.17 20.98
N LYS D 432 -21.94 -0.50 20.82
CA LYS D 432 -20.65 0.16 20.95
C LYS D 432 -20.16 0.66 19.60
N GLU D 433 -19.90 -0.27 18.68
CA GLU D 433 -19.19 0.01 17.43
C GLU D 433 -19.96 0.85 16.42
N LEU D 434 -21.28 0.69 16.38
CA LEU D 434 -22.07 1.31 15.31
C LEU D 434 -22.60 2.69 15.70
N ILE D 435 -23.32 2.75 16.82
CA ILE D 435 -23.96 3.99 17.23
C ILE D 435 -23.37 4.57 18.50
N GLY D 436 -22.29 3.96 19.00
CA GLY D 436 -21.56 4.52 20.12
C GLY D 436 -20.83 5.78 19.72
N SER D 437 -20.46 6.60 20.71
CA SER D 437 -19.75 7.84 20.44
C SER D 437 -18.46 7.58 19.66
N GLY D 438 -18.35 8.21 18.49
CA GLY D 438 -17.20 8.04 17.62
C GLY D 438 -17.26 6.80 16.75
N GLY D 439 -18.40 6.12 16.74
CA GLY D 439 -18.57 4.91 15.96
C GLY D 439 -18.91 5.15 14.50
N ILE D 440 -19.25 4.07 13.81
CA ILE D 440 -19.51 4.08 12.37
C ILE D 440 -20.52 5.15 11.93
N VAL D 441 -21.65 5.23 12.64
CA VAL D 441 -22.68 6.22 12.32
C VAL D 441 -22.12 7.63 12.45
N ASP D 442 -21.33 7.87 13.49
CA ASP D 442 -20.74 9.20 13.70
C ASP D 442 -19.89 9.61 12.50
N GLN D 443 -19.41 8.63 11.74
CA GLN D 443 -18.47 8.90 10.67
C GLN D 443 -19.11 8.92 9.29
N SER D 444 -20.24 8.23 9.13
CA SER D 444 -20.80 7.97 7.80
C SER D 444 -22.17 8.62 7.53
N LEU D 445 -22.84 9.09 8.59
CA LEU D 445 -24.21 9.60 8.48
C LEU D 445 -24.30 11.08 8.82
N SER D 446 -25.15 11.82 8.10
CA SER D 446 -25.42 13.21 8.47
C SER D 446 -25.87 13.32 9.93
N LEU D 447 -26.73 12.40 10.37
CA LEU D 447 -27.27 12.43 11.72
C LEU D 447 -26.30 11.87 12.77
N GLY D 448 -25.09 11.53 12.33
CA GLY D 448 -24.05 11.09 13.25
C GLY D 448 -23.69 12.18 14.25
N GLY D 449 -23.13 11.77 15.39
CA GLY D 449 -22.70 12.71 16.42
C GLY D 449 -23.63 12.80 17.63
N GLY D 450 -24.72 12.04 17.59
CA GLY D 450 -25.63 11.99 18.71
C GLY D 450 -27.07 12.14 18.30
N GLY D 451 -27.29 12.94 17.25
CA GLY D 451 -28.62 13.14 16.71
C GLY D 451 -29.26 11.86 16.21
N HIS D 452 -28.44 10.87 15.90
CA HIS D 452 -28.96 9.60 15.40
C HIS D 452 -29.76 8.87 16.46
N VAL D 453 -29.31 8.94 17.70
CA VAL D 453 -30.04 8.30 18.80
C VAL D 453 -31.37 9.00 19.01
N THR D 454 -31.33 10.33 19.10
CA THR D 454 -32.55 11.12 19.29
C THR D 454 -33.56 10.80 18.18
N PHE D 455 -33.07 10.73 16.95
CA PHE D 455 -33.94 10.43 15.81
C PHE D 455 -34.60 9.08 15.97
N MET D 456 -33.82 8.08 16.38
CA MET D 456 -34.39 6.74 16.58
C MET D 456 -35.44 6.72 17.69
N GLU D 457 -35.19 7.46 18.76
CA GLU D 457 -36.16 7.59 19.83
C GLU D 457 -37.43 8.22 19.32
N LYS D 458 -37.30 9.26 18.51
CA LYS D 458 -38.48 9.91 17.95
C LYS D 458 -39.26 8.92 17.09
N CYS D 459 -38.52 8.14 16.30
CA CYS D 459 -39.14 7.14 15.46
C CYS D 459 -39.85 6.07 16.28
N PHE D 460 -39.20 5.58 17.32
CA PHE D 460 -39.75 4.50 18.13
C PHE D 460 -41.08 4.89 18.79
N LYS D 461 -41.21 6.15 19.19
CA LYS D 461 -42.44 6.65 19.79
C LYS D 461 -43.66 6.37 18.92
N GLU D 462 -43.45 6.34 17.60
CA GLU D 462 -44.51 6.06 16.65
C GLU D 462 -44.62 4.58 16.25
N VAL D 463 -43.66 3.75 16.65
CA VAL D 463 -43.68 2.35 16.22
C VAL D 463 -44.87 1.58 16.76
N ASN D 464 -45.55 0.85 15.86
CA ASN D 464 -46.65 -0.01 16.24
C ASN D 464 -46.40 -1.42 15.68
N LEU D 465 -46.75 -2.45 16.46
CA LEU D 465 -46.51 -3.83 16.03
C LEU D 465 -47.26 -4.16 14.72
N GLN D 466 -48.32 -3.41 14.44
CA GLN D 466 -49.08 -3.62 13.20
C GLN D 466 -48.28 -3.17 11.99
N ASP D 467 -47.28 -2.32 12.19
CA ASP D 467 -46.37 -1.94 11.10
C ASP D 467 -45.64 -3.14 10.52
N TYR D 468 -45.53 -4.19 11.31
CA TYR D 468 -44.75 -5.37 10.96
C TYR D 468 -45.57 -6.41 10.21
N HIS D 469 -46.83 -6.09 9.96
CA HIS D 469 -47.73 -7.01 9.27
C HIS D 469 -47.72 -6.59 7.81
N LEU D 470 -47.00 -7.34 6.97
CA LEU D 470 -46.76 -6.85 5.59
C LEU D 470 -48.02 -6.66 4.75
N PRO D 471 -48.92 -7.67 4.68
CA PRO D 471 -50.17 -7.43 3.94
C PRO D 471 -50.93 -6.18 4.39
N ASN D 472 -51.05 -5.97 5.70
CA ASN D 472 -51.81 -4.84 6.19
C ASN D 472 -51.07 -3.53 5.96
N ALA D 473 -49.74 -3.57 6.08
CA ALA D 473 -48.94 -2.38 5.89
C ALA D 473 -49.06 -1.91 4.44
N LEU D 474 -48.96 -2.83 3.50
CA LEU D 474 -49.00 -2.46 2.08
C LEU D 474 -50.40 -1.98 1.71
N LYS D 475 -51.43 -2.59 2.30
CA LYS D 475 -52.80 -2.18 2.07
C LYS D 475 -52.99 -0.75 2.57
N LYS D 476 -52.52 -0.48 3.78
CA LYS D 476 -52.63 0.85 4.38
C LYS D 476 -51.89 1.91 3.55
N ARG D 477 -50.77 1.53 2.95
CA ARG D 477 -49.97 2.47 2.18
C ARG D 477 -50.60 2.70 0.80
N GLY D 478 -51.51 1.80 0.43
CA GLY D 478 -52.19 1.86 -0.84
C GLY D 478 -51.30 1.45 -2.00
N VAL D 479 -50.39 0.53 -1.75
CA VAL D 479 -49.42 0.14 -2.77
C VAL D 479 -49.50 -1.34 -3.07
N ASP D 480 -50.64 -1.95 -2.78
CA ASP D 480 -50.77 -3.39 -2.97
C ASP D 480 -51.54 -3.75 -4.25
N ASP D 481 -51.84 -2.76 -5.08
CA ASP D 481 -52.55 -3.01 -6.33
C ASP D 481 -51.60 -2.99 -7.53
N PRO D 482 -51.30 -4.18 -8.09
CA PRO D 482 -50.31 -4.31 -9.17
C PRO D 482 -50.77 -3.65 -10.48
N SER D 483 -52.09 -3.54 -10.69
CA SER D 483 -52.61 -2.94 -11.91
C SER D 483 -52.39 -1.43 -11.93
N LYS D 484 -52.23 -0.85 -10.76
CA LYS D 484 -51.99 0.59 -10.64
C LYS D 484 -50.52 0.90 -10.30
N LEU D 485 -49.86 -0.04 -9.60
CA LEU D 485 -48.46 0.14 -9.23
C LEU D 485 -47.69 -1.14 -9.58
N PRO D 486 -47.21 -1.21 -10.82
CA PRO D 486 -46.54 -2.43 -11.33
C PRO D 486 -45.03 -2.43 -11.04
N GLY D 487 -44.40 -3.59 -11.21
CA GLY D 487 -42.96 -3.70 -11.01
C GLY D 487 -42.53 -3.39 -9.58
N PHE D 488 -43.27 -3.95 -8.62
CA PHE D 488 -42.99 -3.76 -7.19
C PHE D 488 -42.63 -5.12 -6.61
N TYR D 489 -41.35 -5.51 -6.71
CA TYR D 489 -40.99 -6.91 -6.45
C TYR D 489 -40.77 -7.18 -4.96
N TYR D 490 -40.40 -6.16 -4.19
CA TYR D 490 -40.44 -6.28 -2.72
C TYR D 490 -41.83 -6.71 -2.28
N ARG D 491 -42.85 -6.05 -2.83
CA ARG D 491 -44.25 -6.44 -2.61
C ARG D 491 -44.52 -7.89 -3.00
N ASP D 492 -44.27 -8.22 -4.27
CA ASP D 492 -44.67 -9.50 -4.80
C ASP D 492 -43.95 -10.62 -4.06
N ASP D 493 -42.63 -10.49 -3.95
CA ASP D 493 -41.85 -11.51 -3.27
C ASP D 493 -42.22 -11.54 -1.77
N GLY D 494 -42.24 -10.37 -1.14
CA GLY D 494 -42.59 -10.26 0.26
C GLY D 494 -43.90 -10.94 0.59
N LEU D 495 -44.95 -10.66 -0.19
CA LEU D 495 -46.27 -11.25 0.08
C LEU D 495 -46.27 -12.75 -0.08
N ALA D 496 -45.50 -13.26 -1.04
CA ALA D 496 -45.41 -14.69 -1.24
C ALA D 496 -44.74 -15.35 -0.04
N LEU D 497 -43.64 -14.74 0.43
CA LEU D 497 -42.94 -15.27 1.61
C LEU D 497 -43.80 -15.15 2.86
N TRP D 498 -44.51 -14.03 2.98
CA TRP D 498 -45.38 -13.84 4.13
C TRP D 498 -46.39 -14.99 4.24
N GLU D 499 -47.03 -15.35 3.12
CA GLU D 499 -48.04 -16.40 3.12
C GLU D 499 -47.47 -17.78 3.49
N ALA D 500 -46.27 -18.07 2.99
CA ALA D 500 -45.56 -19.31 3.31
C ALA D 500 -45.27 -19.45 4.81
N ILE D 501 -44.71 -18.39 5.38
CA ILE D 501 -44.39 -18.37 6.80
C ILE D 501 -45.67 -18.45 7.63
N GLU D 502 -46.67 -17.65 7.28
CA GLU D 502 -47.93 -17.67 8.02
C GLU D 502 -48.56 -19.06 8.03
N THR D 503 -48.57 -19.70 6.86
CA THR D 503 -49.14 -21.04 6.75
C THR D 503 -48.39 -22.06 7.62
N PHE D 504 -47.07 -21.99 7.57
CA PHE D 504 -46.23 -22.88 8.36
C PHE D 504 -46.50 -22.70 9.86
N ILE D 505 -46.49 -21.45 10.29
CA ILE D 505 -46.66 -21.14 11.70
C ILE D 505 -48.07 -21.56 12.19
N GLY D 506 -49.09 -21.34 11.37
CA GLY D 506 -50.42 -21.79 11.71
C GLY D 506 -50.48 -23.28 11.89
N GLU D 507 -49.79 -24.02 11.03
CA GLU D 507 -49.78 -25.48 11.16
C GLU D 507 -49.02 -25.91 12.42
N ILE D 508 -47.89 -25.27 12.70
CA ILE D 508 -47.17 -25.58 13.94
C ILE D 508 -48.07 -25.32 15.15
N ILE D 509 -48.75 -24.17 15.17
CA ILE D 509 -49.59 -23.81 16.31
C ILE D 509 -50.69 -24.85 16.53
N ALA D 510 -51.31 -25.32 15.44
CA ALA D 510 -52.46 -26.22 15.52
C ALA D 510 -52.07 -27.59 16.05
N ILE D 511 -50.81 -27.96 15.91
CA ILE D 511 -50.32 -29.23 16.44
C ILE D 511 -50.34 -29.23 17.97
N PHE D 512 -49.99 -28.09 18.56
CA PHE D 512 -49.74 -28.06 20.00
C PHE D 512 -50.84 -27.34 20.78
N TYR D 513 -51.52 -26.40 20.11
CA TYR D 513 -52.65 -25.68 20.70
C TYR D 513 -53.93 -26.16 20.05
N LYS D 514 -54.76 -26.90 20.77
CA LYS D 514 -55.90 -27.50 20.09
C LYS D 514 -57.08 -26.53 19.98
N ASN D 515 -57.02 -25.43 20.73
CA ASN D 515 -58.06 -24.39 20.66
C ASN D 515 -57.54 -23.11 21.28
N ASP D 516 -58.41 -22.11 21.42
CA ASP D 516 -58.01 -20.83 21.99
C ASP D 516 -57.74 -20.95 23.47
N ASP D 517 -58.48 -21.82 24.16
CA ASP D 517 -58.26 -21.95 25.60
C ASP D 517 -56.85 -22.42 25.89
N ASP D 518 -56.32 -23.25 24.99
CA ASP D 518 -54.94 -23.73 25.13
C ASP D 518 -53.97 -22.55 25.10
N VAL D 519 -54.29 -21.54 24.31
CA VAL D 519 -53.45 -20.36 24.23
C VAL D 519 -53.54 -19.57 25.53
N LYS D 520 -54.78 -19.37 26.00
CA LYS D 520 -54.99 -18.54 27.20
C LYS D 520 -54.33 -19.16 28.43
N ARG D 521 -54.38 -20.49 28.53
CA ARG D 521 -53.82 -21.20 29.68
C ARG D 521 -52.28 -21.34 29.68
N ASP D 522 -51.64 -21.00 28.58
CA ASP D 522 -50.20 -21.21 28.45
C ASP D 522 -49.45 -20.04 29.08
N ASN D 523 -49.01 -20.21 30.33
CA ASN D 523 -48.35 -19.14 31.07
CA ASN D 523 -48.38 -19.09 31.05
C ASN D 523 -47.07 -18.67 30.40
N GLU D 524 -46.42 -19.58 29.69
CA GLU D 524 -45.15 -19.22 29.05
C GLU D 524 -45.39 -18.29 27.86
N ILE D 525 -46.30 -18.63 26.95
CA ILE D 525 -46.52 -17.74 25.80
C ILE D 525 -47.18 -16.42 26.28
N GLN D 526 -47.96 -16.48 27.34
CA GLN D 526 -48.56 -15.24 27.88
C GLN D 526 -47.48 -14.34 28.51
N SER D 527 -46.59 -14.94 29.29
CA SER D 527 -45.48 -14.19 29.89
C SER D 527 -44.59 -13.60 28.80
N TRP D 528 -44.35 -14.39 27.76
CA TRP D 528 -43.59 -13.97 26.60
C TRP D 528 -44.09 -12.64 26.03
N ILE D 529 -45.38 -12.58 25.71
CA ILE D 529 -45.88 -11.38 25.06
C ILE D 529 -46.01 -10.25 26.08
N TYR D 530 -46.36 -10.60 27.33
CA TYR D 530 -46.53 -9.56 28.35
C TYR D 530 -45.18 -8.90 28.69
N ASP D 531 -44.12 -9.69 28.73
CA ASP D 531 -42.79 -9.15 29.00
C ASP D 531 -42.43 -8.08 27.95
N VAL D 532 -42.74 -8.34 26.68
CA VAL D 532 -42.47 -7.34 25.65
C VAL D 532 -43.39 -6.14 25.83
N HIS D 533 -44.66 -6.43 26.08
CA HIS D 533 -45.67 -5.38 26.25
C HIS D 533 -45.27 -4.39 27.34
N LYS D 534 -44.80 -4.93 28.46
CA LYS D 534 -44.58 -4.14 29.67
C LYS D 534 -43.12 -3.65 29.78
N ASN D 535 -42.18 -4.50 29.37
CA ASN D 535 -40.76 -4.23 29.58
C ASN D 535 -39.92 -4.06 28.31
N GLY D 536 -40.49 -4.40 27.16
CA GLY D 536 -39.74 -4.35 25.91
C GLY D 536 -39.98 -3.10 25.09
N TRP D 537 -41.20 -2.96 24.58
CA TRP D 537 -41.58 -1.77 23.85
C TRP D 537 -42.41 -0.86 24.77
N ARG D 538 -41.74 -0.25 25.74
CA ARG D 538 -42.46 0.44 26.81
C ARG D 538 -43.21 1.67 26.30
N VAL D 539 -44.49 1.75 26.62
CA VAL D 539 -45.27 2.92 26.26
C VAL D 539 -45.03 4.00 27.33
N ASN D 540 -43.92 4.71 27.17
CA ASN D 540 -43.48 5.73 28.12
C ASN D 540 -44.08 7.11 27.74
N PRO D 541 -43.88 8.14 28.59
CA PRO D 541 -44.47 9.44 28.24
C PRO D 541 -44.04 9.96 26.86
N GLY D 542 -45.02 10.39 26.06
CA GLY D 542 -44.73 10.89 24.72
C GLY D 542 -44.84 9.83 23.64
N HIS D 543 -45.04 8.58 24.04
CA HIS D 543 -45.15 7.45 23.11
C HIS D 543 -46.58 7.18 22.69
N GLN D 544 -46.77 6.80 21.43
CA GLN D 544 -48.03 6.20 21.02
C GLN D 544 -48.09 4.80 21.60
N ASP D 545 -49.27 4.20 21.62
CA ASP D 545 -49.38 2.79 21.94
C ASP D 545 -48.60 2.01 20.90
N HIS D 546 -47.92 0.96 21.33
CA HIS D 546 -47.05 0.23 20.42
C HIS D 546 -47.66 -1.04 19.84
N GLY D 547 -48.96 -1.23 20.06
CA GLY D 547 -49.68 -2.36 19.50
C GLY D 547 -49.25 -3.73 20.02
N VAL D 548 -48.44 -3.76 21.07
CA VAL D 548 -48.13 -5.06 21.69
C VAL D 548 -49.21 -5.42 22.69
N PRO D 549 -49.94 -6.51 22.43
CA PRO D 549 -51.01 -6.95 23.34
C PRO D 549 -50.44 -7.38 24.68
N ALA D 550 -51.24 -7.27 25.73
CA ALA D 550 -50.84 -7.67 27.06
C ALA D 550 -50.98 -9.18 27.22
N SER D 551 -51.73 -9.80 26.32
CA SER D 551 -51.95 -11.24 26.35
C SER D 551 -52.42 -11.72 24.97
N PHE D 552 -52.40 -13.04 24.78
CA PHE D 552 -52.98 -13.65 23.59
C PHE D 552 -54.34 -14.26 23.92
N GLU D 553 -55.34 -13.97 23.11
CA GLU D 553 -56.65 -14.58 23.37
C GLU D 553 -57.00 -15.67 22.37
N SER D 554 -56.28 -15.77 21.26
CA SER D 554 -56.61 -16.77 20.23
C SER D 554 -55.41 -17.35 19.51
N ARG D 555 -55.63 -18.48 18.85
CA ARG D 555 -54.61 -19.05 17.99
C ARG D 555 -54.31 -18.09 16.82
N GLU D 556 -55.34 -17.44 16.29
CA GLU D 556 -55.15 -16.57 15.13
CA GLU D 556 -55.15 -16.56 15.15
C GLU D 556 -54.28 -15.37 15.52
N GLN D 557 -54.50 -14.84 16.71
CA GLN D 557 -53.69 -13.72 17.17
C GLN D 557 -52.23 -14.16 17.37
N LEU D 558 -52.05 -15.33 17.97
CA LEU D 558 -50.70 -15.86 18.15
C LEU D 558 -50.00 -16.00 16.79
N LYS D 559 -50.71 -16.55 15.81
CA LYS D 559 -50.17 -16.72 14.47
C LYS D 559 -49.73 -15.40 13.85
N GLU D 560 -50.61 -14.40 13.94
CA GLU D 560 -50.29 -13.10 13.38
C GLU D 560 -49.03 -12.48 13.98
N VAL D 561 -48.86 -12.57 15.30
CA VAL D 561 -47.69 -11.95 15.94
C VAL D 561 -46.41 -12.71 15.60
N LEU D 562 -46.46 -14.03 15.68
CA LEU D 562 -45.29 -14.86 15.34
C LEU D 562 -44.90 -14.69 13.87
N THR D 563 -45.90 -14.62 13.00
CA THR D 563 -45.62 -14.43 11.57
C THR D 563 -44.94 -13.08 11.39
N SER D 564 -45.48 -12.03 12.00
CA SER D 564 -44.87 -10.70 11.92
C SER D 564 -43.41 -10.74 12.38
N LEU D 565 -43.17 -11.45 13.46
CA LEU D 565 -41.85 -11.50 14.07
C LEU D 565 -40.86 -12.29 13.19
N VAL D 566 -41.26 -13.50 12.79
CA VAL D 566 -40.39 -14.34 11.99
C VAL D 566 -40.14 -13.72 10.61
N PHE D 567 -41.17 -13.11 10.02
CA PHE D 567 -40.98 -12.41 8.75
C PHE D 567 -39.98 -11.26 8.89
N THR D 568 -40.05 -10.55 10.02
CA THR D 568 -39.15 -9.42 10.23
C THR D 568 -37.70 -9.89 10.44
N PHE D 569 -37.49 -10.88 11.31
CA PHE D 569 -36.16 -11.45 11.55
C PHE D 569 -35.45 -11.88 10.27
N SER D 570 -36.18 -12.56 9.40
CA SER D 570 -35.62 -13.10 8.17
C SER D 570 -35.79 -12.15 6.99
N CYS D 571 -36.99 -12.14 6.42
CA CYS D 571 -37.27 -11.45 5.15
C CYS D 571 -37.12 -9.93 5.18
N GLN D 572 -37.76 -9.28 6.15
CA GLN D 572 -37.73 -7.81 6.16
C GLN D 572 -36.29 -7.32 6.32
N HIS D 573 -35.58 -7.91 7.27
CA HIS D 573 -34.21 -7.51 7.47
C HIS D 573 -33.39 -7.76 6.20
N ALA D 574 -33.56 -8.92 5.59
CA ALA D 574 -32.85 -9.20 4.35
C ALA D 574 -33.13 -8.14 3.29
N ALA D 575 -34.41 -7.80 3.08
CA ALA D 575 -34.77 -6.82 2.05
C ALA D 575 -34.16 -5.44 2.30
N VAL D 576 -34.03 -5.05 3.55
CA VAL D 576 -33.52 -3.69 3.81
C VAL D 576 -32.04 -3.69 4.15
N ASN D 577 -31.46 -4.88 4.30
CA ASN D 577 -30.02 -4.97 4.61
C ASN D 577 -29.14 -5.39 3.43
N PHE D 578 -29.41 -6.53 2.81
CA PHE D 578 -28.49 -7.05 1.81
C PHE D 578 -28.67 -6.34 0.47
N SER D 579 -29.67 -5.46 0.44
CA SER D 579 -29.91 -4.54 -0.69
C SER D 579 -28.92 -3.38 -0.72
N GLN D 580 -28.16 -3.20 0.35
CA GLN D 580 -27.35 -1.99 0.51
C GLN D 580 -26.15 -1.86 -0.42
N LYS D 581 -25.60 -2.97 -0.89
CA LYS D 581 -24.49 -2.90 -1.82
C LYS D 581 -24.92 -2.19 -3.09
N ASP D 582 -26.05 -2.61 -3.65
CA ASP D 582 -26.57 -2.03 -4.88
C ASP D 582 -26.97 -0.58 -4.64
N HIS D 583 -27.46 -0.32 -3.43
CA HIS D 583 -28.04 0.97 -3.10
C HIS D 583 -26.96 2.01 -2.77
N TYR D 584 -26.02 1.66 -1.91
CA TYR D 584 -25.03 2.64 -1.44
C TYR D 584 -23.65 2.50 -2.09
N GLY D 585 -23.44 1.40 -2.81
CA GLY D 585 -22.16 1.10 -3.42
C GLY D 585 -21.56 2.28 -4.20
N PHE D 586 -22.34 2.81 -5.12
CA PHE D 586 -21.97 4.02 -5.83
C PHE D 586 -22.59 5.21 -5.10
N THR D 587 -21.76 6.01 -4.45
CA THR D 587 -22.28 6.96 -3.48
C THR D 587 -23.29 7.98 -4.04
N PRO D 588 -23.06 8.53 -5.25
CA PRO D 588 -24.07 9.50 -5.73
C PRO D 588 -25.47 8.91 -5.89
N ASN D 589 -25.59 7.59 -5.99
CA ASN D 589 -26.92 6.98 -6.03
C ASN D 589 -27.70 7.15 -4.72
N ALA D 590 -26.98 7.29 -3.62
CA ALA D 590 -27.61 7.43 -2.31
C ALA D 590 -26.62 7.97 -1.27
N PRO D 591 -26.34 9.29 -1.34
CA PRO D 591 -25.48 9.94 -0.35
C PRO D 591 -26.11 9.88 1.04
N ALA D 592 -25.27 9.74 2.06
CA ALA D 592 -25.79 9.66 3.42
C ALA D 592 -25.32 10.86 4.22
N ILE D 593 -24.44 11.64 3.60
CA ILE D 593 -24.02 12.92 4.15
C ILE D 593 -24.14 14.01 3.08
N LEU D 594 -24.57 15.21 3.45
CA LEU D 594 -24.42 16.38 2.57
C LEU D 594 -23.71 17.49 3.35
N ARG D 595 -22.82 18.21 2.68
CA ARG D 595 -21.90 19.09 3.38
C ARG D 595 -22.26 20.57 3.30
N HIS D 596 -23.36 20.89 2.64
CA HIS D 596 -23.85 22.26 2.58
C HIS D 596 -25.37 22.30 2.71
N PRO D 597 -25.90 23.44 3.20
CA PRO D 597 -27.35 23.59 3.36
C PRO D 597 -28.07 23.62 2.01
N PRO D 598 -29.40 23.40 2.02
CA PRO D 598 -30.16 23.43 0.77
C PRO D 598 -30.19 24.84 0.17
N PRO D 599 -30.47 24.95 -1.14
CA PRO D 599 -30.52 26.26 -1.80
C PRO D 599 -31.76 27.04 -1.41
N LYS D 600 -31.62 28.36 -1.27
CA LYS D 600 -32.76 29.21 -0.98
C LYS D 600 -33.36 29.80 -2.26
N LYS D 601 -32.74 29.50 -3.40
CA LYS D 601 -33.20 30.01 -4.68
C LYS D 601 -32.86 29.05 -5.82
N LYS D 602 -33.50 29.23 -6.97
CA LYS D 602 -33.21 28.41 -8.14
C LYS D 602 -32.07 29.01 -8.98
N GLY D 603 -31.44 28.16 -9.78
CA GLY D 603 -30.48 28.61 -10.78
C GLY D 603 -29.05 28.77 -10.31
N GLU D 604 -28.75 28.31 -9.11
CA GLU D 604 -27.41 28.49 -8.54
C GLU D 604 -26.59 27.21 -8.51
N ALA D 605 -27.22 26.07 -8.76
CA ALA D 605 -26.50 24.80 -8.71
C ALA D 605 -25.61 24.63 -9.92
N THR D 606 -24.39 24.14 -9.67
CA THR D 606 -23.46 23.75 -10.72
C THR D 606 -22.93 22.38 -10.36
N LEU D 607 -22.19 21.76 -11.27
CA LEU D 607 -21.56 20.49 -10.95
C LEU D 607 -20.57 20.69 -9.80
N GLN D 608 -19.87 21.82 -9.82
CA GLN D 608 -18.90 22.13 -8.78
C GLN D 608 -19.56 22.30 -7.42
N SER D 609 -20.65 23.05 -7.36
CA SER D 609 -21.35 23.23 -6.09
C SER D 609 -21.88 21.89 -5.63
N ILE D 610 -22.43 21.11 -6.57
CA ILE D 610 -22.98 19.81 -6.23
C ILE D 610 -21.89 18.91 -5.63
N LEU D 611 -20.74 18.83 -6.28
CA LEU D 611 -19.65 18.00 -5.78
C LEU D 611 -19.13 18.47 -4.41
N SER D 612 -19.28 19.76 -4.11
CA SER D 612 -18.85 20.24 -2.81
C SER D 612 -19.87 19.89 -1.74
N THR D 613 -21.05 19.45 -2.18
CA THR D 613 -22.13 19.16 -1.24
C THR D 613 -22.24 17.66 -0.99
N LEU D 614 -22.06 16.86 -2.04
CA LEU D 614 -21.96 15.41 -1.90
C LEU D 614 -20.90 15.02 -0.87
N PRO D 615 -20.99 13.80 -0.32
CA PRO D 615 -19.98 13.42 0.68
C PRO D 615 -18.56 13.46 0.13
N SER D 616 -17.60 13.74 1.01
CA SER D 616 -16.21 13.73 0.63
C SER D 616 -15.77 12.32 0.26
N LYS D 617 -14.55 12.23 -0.25
CA LYS D 617 -13.96 10.98 -0.65
C LYS D 617 -13.90 10.02 0.55
N SER D 618 -13.40 10.52 1.67
CA SER D 618 -13.24 9.69 2.87
C SER D 618 -14.60 9.27 3.43
N GLN D 619 -15.56 10.19 3.41
CA GLN D 619 -16.89 9.91 3.91
C GLN D 619 -17.58 8.84 3.08
N ALA D 620 -17.44 8.95 1.77
CA ALA D 620 -18.02 7.97 0.87
C ALA D 620 -17.34 6.61 1.06
N ALA D 621 -16.01 6.60 1.13
CA ALA D 621 -15.27 5.33 1.33
C ALA D 621 -15.71 4.63 2.62
N LYS D 622 -15.91 5.40 3.68
CA LYS D 622 -16.38 4.84 4.96
C LYS D 622 -17.77 4.21 4.84
N ALA D 623 -18.64 4.82 4.03
CA ALA D 623 -19.98 4.29 3.85
C ALA D 623 -19.92 2.92 3.19
N ILE D 624 -19.04 2.79 2.20
CA ILE D 624 -18.90 1.54 1.47
C ILE D 624 -18.29 0.46 2.36
N ALA D 625 -17.32 0.85 3.17
CA ALA D 625 -16.72 -0.06 4.13
C ALA D 625 -17.79 -0.62 5.07
N THR D 626 -18.67 0.27 5.53
CA THR D 626 -19.77 -0.11 6.40
C THR D 626 -20.71 -1.09 5.72
N VAL D 627 -21.05 -0.80 4.46
CA VAL D 627 -21.93 -1.68 3.71
C VAL D 627 -21.27 -3.05 3.51
N TYR D 628 -19.96 -3.08 3.30
CA TYR D 628 -19.25 -4.34 3.15
C TYR D 628 -19.42 -5.21 4.39
N ILE D 629 -19.20 -4.60 5.55
CA ILE D 629 -19.29 -5.30 6.82
C ILE D 629 -20.73 -5.75 7.11
N LEU D 630 -21.69 -4.86 6.86
CA LEU D 630 -23.08 -5.17 7.21
C LEU D 630 -23.77 -6.15 6.26
N THR D 631 -23.20 -6.38 5.07
CA THR D 631 -23.85 -7.24 4.10
C THR D 631 -23.11 -8.57 3.90
N LYS D 632 -22.09 -8.84 4.71
CA LYS D 632 -21.29 -10.06 4.53
C LYS D 632 -21.98 -11.29 5.12
N PHE D 633 -22.39 -12.20 4.24
CA PHE D 633 -22.92 -13.49 4.69
C PHE D 633 -21.81 -14.34 5.32
N SER D 634 -22.11 -14.97 6.44
CA SER D 634 -21.15 -15.86 7.08
C SER D 634 -21.10 -17.18 6.33
N GLU D 635 -19.96 -17.85 6.39
CA GLU D 635 -19.79 -19.15 5.78
C GLU D 635 -20.71 -20.20 6.43
N ASP D 636 -21.16 -19.94 7.66
CA ASP D 636 -22.04 -20.89 8.33
C ASP D 636 -23.48 -20.39 8.40
N GLU D 637 -23.80 -19.41 7.56
CA GLU D 637 -25.16 -18.85 7.50
CA GLU D 637 -25.16 -18.85 7.54
C GLU D 637 -26.18 -19.94 7.22
N ARG D 638 -27.31 -19.91 7.94
CA ARG D 638 -28.43 -20.78 7.65
C ARG D 638 -29.54 -19.91 7.07
N TYR D 639 -30.04 -20.28 5.89
CA TYR D 639 -31.01 -19.44 5.20
C TYR D 639 -32.44 -19.94 5.45
N LEU D 640 -33.41 -19.17 4.96
CA LEU D 640 -34.81 -19.34 5.34
C LEU D 640 -35.33 -20.76 5.24
N GLY D 641 -35.74 -21.31 6.37
CA GLY D 641 -36.34 -22.63 6.36
C GLY D 641 -35.33 -23.74 6.62
N ASN D 642 -34.05 -23.41 6.62
CA ASN D 642 -33.03 -24.38 6.97
C ASN D 642 -33.12 -24.65 8.45
N TYR D 643 -33.72 -25.76 8.81
CA TYR D 643 -33.94 -26.06 10.20
C TYR D 643 -33.11 -27.27 10.62
N SER D 644 -31.93 -27.44 10.01
CA SER D 644 -31.06 -28.58 10.35
C SER D 644 -30.58 -28.54 11.80
N ALA D 645 -30.54 -27.36 12.40
CA ALA D 645 -30.09 -27.22 13.78
C ALA D 645 -31.21 -26.86 14.74
N THR D 646 -32.42 -27.37 14.49
CA THR D 646 -33.55 -27.14 15.39
C THR D 646 -33.85 -28.39 16.19
N ALA D 647 -34.67 -28.25 17.23
CA ALA D 647 -34.84 -29.31 18.22
C ALA D 647 -36.16 -30.09 18.05
N TRP D 648 -36.80 -29.95 16.91
CA TRP D 648 -38.08 -30.61 16.65
C TRP D 648 -37.97 -32.13 16.67
N GLU D 649 -38.93 -32.78 17.32
CA GLU D 649 -39.05 -34.24 17.33
C GLU D 649 -40.42 -34.74 16.86
N ASP D 650 -41.45 -33.92 17.05
CA ASP D 650 -42.83 -34.30 16.65
C ASP D 650 -42.95 -34.52 15.15
N LYS D 651 -43.47 -35.68 14.74
CA LYS D 651 -43.58 -36.01 13.32
C LYS D 651 -44.46 -35.05 12.54
N ASP D 652 -45.58 -34.64 13.14
CA ASP D 652 -46.44 -33.65 12.53
C ASP D 652 -45.71 -32.33 12.29
N ALA D 653 -44.90 -31.93 13.25
CA ALA D 653 -44.07 -30.75 13.10
C ALA D 653 -43.06 -30.95 11.97
N LEU D 654 -42.46 -32.14 11.89
CA LEU D 654 -41.50 -32.42 10.81
C LEU D 654 -42.20 -32.37 9.44
N ASP D 655 -43.44 -32.86 9.37
CA ASP D 655 -44.21 -32.77 8.12
C ASP D 655 -44.53 -31.31 7.75
N ALA D 656 -44.89 -30.50 8.75
CA ALA D 656 -45.15 -29.09 8.51
C ALA D 656 -43.91 -28.41 7.93
N ILE D 657 -42.76 -28.74 8.51
CA ILE D 657 -41.50 -28.20 8.02
C ILE D 657 -41.26 -28.62 6.57
N ASN D 658 -41.51 -29.89 6.26
CA ASN D 658 -41.35 -30.36 4.86
C ASN D 658 -42.16 -29.52 3.90
N ARG D 659 -43.41 -29.24 4.26
CA ARG D 659 -44.32 -28.52 3.35
C ARG D 659 -43.86 -27.08 3.20
N PHE D 660 -43.37 -26.51 4.29
CA PHE D 660 -42.85 -25.15 4.30
C PHE D 660 -41.64 -25.04 3.36
N GLN D 661 -40.69 -25.94 3.55
CA GLN D 661 -39.50 -25.97 2.72
C GLN D 661 -39.84 -26.16 1.24
N ASP D 662 -40.79 -27.04 0.97
CA ASP D 662 -41.26 -27.28 -0.40
C ASP D 662 -41.89 -26.01 -1.00
N LYS D 663 -42.67 -25.29 -0.21
CA LYS D 663 -43.24 -24.04 -0.72
C LYS D 663 -42.17 -22.99 -1.02
N LEU D 664 -41.22 -22.81 -0.10
CA LEU D 664 -40.08 -21.91 -0.34
C LEU D 664 -39.31 -22.27 -1.61
N GLU D 665 -39.17 -23.58 -1.86
CA GLU D 665 -38.48 -24.01 -3.07
C GLU D 665 -39.25 -23.56 -4.31
N ASP D 666 -40.57 -23.66 -4.24
CA ASP D 666 -41.43 -23.20 -5.34
CA ASP D 666 -41.42 -23.21 -5.35
C ASP D 666 -41.33 -21.69 -5.52
N ILE D 667 -41.32 -20.97 -4.41
CA ILE D 667 -41.22 -19.51 -4.47
C ILE D 667 -39.89 -19.11 -5.08
N SER D 668 -38.82 -19.82 -4.71
CA SER D 668 -37.49 -19.55 -5.25
CA SER D 668 -37.49 -19.58 -5.26
C SER D 668 -37.48 -19.69 -6.77
N LYS D 669 -38.03 -20.80 -7.28
CA LYS D 669 -38.10 -21.02 -8.72
C LYS D 669 -38.84 -19.88 -9.43
N LYS D 670 -40.00 -19.50 -8.89
CA LYS D 670 -40.84 -18.47 -9.52
C LYS D 670 -40.17 -17.11 -9.53
N ILE D 671 -39.45 -16.79 -8.46
CA ILE D 671 -38.74 -15.53 -8.41
C ILE D 671 -37.67 -15.50 -9.50
N LYS D 672 -36.97 -16.62 -9.64
CA LYS D 672 -35.88 -16.72 -10.61
C LYS D 672 -36.43 -16.63 -12.03
N GLN D 673 -37.56 -17.31 -12.29
CA GLN D 673 -38.24 -17.20 -13.58
C GLN D 673 -38.63 -15.76 -13.85
N ARG D 674 -39.19 -15.11 -12.83
CA ARG D 674 -39.56 -13.69 -12.91
C ARG D 674 -38.35 -12.82 -13.22
N ASN D 675 -37.24 -13.09 -12.53
CA ASN D 675 -36.05 -12.25 -12.66
C ASN D 675 -35.39 -12.28 -14.04
N GLU D 676 -35.48 -13.41 -14.74
CA GLU D 676 -34.73 -13.52 -16.00
C GLU D 676 -35.40 -12.72 -17.10
N ASN D 677 -36.57 -12.16 -16.81
CA ASN D 677 -37.24 -11.24 -17.73
C ASN D 677 -37.17 -9.78 -17.27
N LEU D 678 -36.32 -9.48 -16.30
CA LEU D 678 -36.18 -8.10 -15.82
C LEU D 678 -34.84 -7.51 -16.23
N GLU D 679 -34.82 -6.19 -16.44
CA GLU D 679 -33.57 -5.48 -16.68
C GLU D 679 -32.64 -5.56 -15.46
N VAL D 680 -33.23 -5.41 -14.28
CA VAL D 680 -32.46 -5.52 -13.04
C VAL D 680 -33.19 -6.49 -12.13
N PRO D 681 -32.72 -7.74 -12.08
CA PRO D 681 -33.32 -8.76 -11.22
C PRO D 681 -33.42 -8.29 -9.77
N TYR D 682 -34.50 -8.68 -9.10
CA TYR D 682 -34.68 -8.44 -7.67
C TYR D 682 -34.40 -9.74 -6.93
N ILE D 683 -33.25 -9.82 -6.24
CA ILE D 683 -32.82 -11.08 -5.67
C ILE D 683 -32.79 -11.11 -4.13
N TYR D 684 -33.03 -9.97 -3.48
CA TYR D 684 -32.86 -9.90 -2.03
C TYR D 684 -33.82 -10.80 -1.26
N LEU D 685 -34.94 -11.17 -1.89
CA LEU D 685 -35.92 -12.00 -1.20
C LEU D 685 -35.98 -13.43 -1.76
N LEU D 686 -34.89 -13.87 -2.39
CA LEU D 686 -34.74 -15.30 -2.66
C LEU D 686 -34.53 -16.01 -1.34
N PRO D 687 -35.30 -17.08 -1.08
CA PRO D 687 -35.13 -17.88 0.13
C PRO D 687 -33.69 -18.30 0.38
N GLU D 688 -32.93 -18.59 -0.68
CA GLU D 688 -31.53 -19.01 -0.53
C GLU D 688 -30.62 -17.85 -0.12
N ARG D 689 -31.15 -16.62 -0.13
CA ARG D 689 -30.38 -15.44 0.24
C ARG D 689 -30.92 -14.73 1.49
N ILE D 690 -31.98 -15.30 2.08
CA ILE D 690 -32.58 -14.76 3.30
C ILE D 690 -32.11 -15.55 4.50
N PRO D 691 -31.28 -14.93 5.37
CA PRO D 691 -30.94 -15.62 6.61
C PRO D 691 -32.15 -15.87 7.50
N ASN D 692 -32.17 -16.98 8.24
CA ASN D 692 -33.22 -17.23 9.21
C ASN D 692 -33.39 -16.06 10.18
N GLY D 693 -32.28 -15.41 10.52
CA GLY D 693 -32.30 -14.38 11.55
C GLY D 693 -31.65 -13.07 11.16
N THR D 694 -31.59 -12.16 12.11
CA THR D 694 -31.02 -10.82 11.93
C THR D 694 -29.70 -10.82 12.67
N ALA D 695 -28.62 -11.11 11.95
CA ALA D 695 -27.36 -11.47 12.58
C ALA D 695 -26.20 -10.60 12.11
N ILE D 696 -26.50 -9.62 11.28
CA ILE D 696 -25.44 -8.76 10.75
C ILE D 696 -26.10 -7.45 10.38
#